data_6TZ9
#
_entry.id   6TZ9
#
_cell.length_a   1.00
_cell.length_b   1.00
_cell.length_c   1.00
_cell.angle_alpha   90.00
_cell.angle_beta   90.00
_cell.angle_gamma   90.00
#
_symmetry.space_group_name_H-M   'P 1'
#
_entity_poly.entity_id   1
_entity_poly.type   'polypeptide(L)'
_entity_poly.pdbx_seq_one_letter_code
;MSNMEKHLFNLKFAAKELSRSAKKCDKEEKAEKAKIEKAIQKGNMEVARIHAENAIRQKNQAVNFLRMSARVDAVAARVQ
TAVTMGKVTKSMAGVVKSMDATLKTMNLEKISALMDKFEHQFETLDVQTQQMEDTMSSTTTLTTPQNQVDMLLQEMADEA
GLDLNMELPQGQTGSVGTSVASAEQDELSQRLARLRDQV
;
_entity_poly.pdbx_strand_id   A,B,C,D,E,F,G,H,I,J,K,L,M,N,O,P,Q,R,S,T,V,W,X,Y,Z,AA
#
# COMPACT_ATOMS: atom_id res chain seq x y z
N SER A 2 -40.50 -34.25 100.46
CA SER A 2 -40.80 -34.58 101.85
C SER A 2 -39.57 -34.44 102.70
N ASN A 3 -39.77 -34.49 104.02
CA ASN A 3 -38.62 -34.55 104.91
C ASN A 3 -37.76 -35.74 104.57
N MET A 4 -38.37 -36.84 104.12
CA MET A 4 -37.59 -38.01 103.76
C MET A 4 -36.63 -37.70 102.64
N GLU A 5 -37.10 -36.99 101.62
CA GLU A 5 -36.26 -36.70 100.47
C GLU A 5 -35.15 -35.73 100.83
N LYS A 6 -35.48 -34.69 101.59
CA LYS A 6 -34.46 -33.76 102.05
C LYS A 6 -33.41 -34.47 102.87
N HIS A 7 -33.84 -35.38 103.73
CA HIS A 7 -32.91 -36.09 104.58
C HIS A 7 -32.07 -37.05 103.76
N LEU A 8 -32.64 -37.64 102.71
CA LEU A 8 -31.87 -38.49 101.83
C LEU A 8 -30.79 -37.71 101.11
N PHE A 9 -31.16 -36.54 100.61
CA PHE A 9 -30.16 -35.66 100.00
C PHE A 9 -29.08 -35.31 101.00
N ASN A 10 -29.48 -35.01 102.23
CA ASN A 10 -28.51 -34.67 103.26
C ASN A 10 -27.57 -35.82 103.52
N LEU A 11 -28.10 -37.03 103.56
CA LEU A 11 -27.29 -38.21 103.82
C LEU A 11 -26.34 -38.49 102.68
N LYS A 12 -26.81 -38.33 101.45
CA LYS A 12 -25.94 -38.51 100.30
C LYS A 12 -24.81 -37.49 100.32
N PHE A 13 -25.15 -36.23 100.59
CA PHE A 13 -24.14 -35.21 100.72
C PHE A 13 -23.13 -35.57 101.79
N ALA A 14 -23.61 -36.06 102.93
CA ALA A 14 -22.73 -36.42 104.02
C ALA A 14 -21.80 -37.55 103.63
N ALA A 15 -22.33 -38.56 102.97
CA ALA A 15 -21.52 -39.69 102.54
C ALA A 15 -20.45 -39.24 101.55
N LYS A 16 -20.85 -38.41 100.59
CA LYS A 16 -19.89 -37.91 99.62
C LYS A 16 -18.82 -37.07 100.29
N GLU A 17 -19.21 -36.29 101.29
CA GLU A 17 -18.27 -35.46 102.01
C GLU A 17 -17.28 -36.32 102.79
N LEU A 18 -17.77 -37.39 103.40
CA LEU A 18 -16.90 -38.29 104.13
C LEU A 18 -15.93 -38.97 103.19
N SER A 19 -16.42 -39.39 102.03
CA SER A 19 -15.55 -40.01 101.05
C SER A 19 -14.47 -39.05 100.60
N ARG A 20 -14.84 -37.80 100.35
CA ARG A 20 -13.87 -36.81 99.92
C ARG A 20 -12.88 -36.51 101.02
N SER A 21 -13.33 -36.49 102.26
CA SER A 21 -12.43 -36.25 103.38
C SER A 21 -11.44 -37.38 103.52
N ALA A 22 -11.91 -38.61 103.36
CA ALA A 22 -11.03 -39.76 103.37
C ALA A 22 -10.01 -39.67 102.24
N LYS A 23 -10.47 -39.25 101.06
CA LYS A 23 -9.56 -39.09 99.94
C LYS A 23 -8.50 -38.05 100.23
N LYS A 24 -8.89 -36.95 100.83
CA LYS A 24 -7.94 -35.91 101.20
C LYS A 24 -6.94 -36.44 102.21
N CYS A 25 -7.43 -37.15 103.22
CA CYS A 25 -6.54 -37.74 104.21
C CYS A 25 -5.56 -38.68 103.55
N ASP A 26 -6.01 -39.44 102.56
CA ASP A 26 -5.13 -40.38 101.87
C ASP A 26 -4.06 -39.64 101.08
N LYS A 27 -4.47 -38.63 100.33
CA LYS A 27 -3.52 -37.85 99.56
C LYS A 27 -2.50 -37.20 100.49
N GLU A 28 -2.96 -36.71 101.63
CA GLU A 28 -2.08 -36.09 102.58
C GLU A 28 -1.10 -37.11 103.17
N GLU A 29 -1.59 -38.31 103.43
CA GLU A 29 -0.70 -39.37 103.91
C GLU A 29 0.37 -39.67 102.88
N LYS A 30 -0.02 -39.76 101.61
CA LYS A 30 0.95 -40.01 100.56
C LYS A 30 1.99 -38.90 100.51
N ALA A 31 1.53 -37.66 100.57
CA ALA A 31 2.44 -36.53 100.52
C ALA A 31 3.38 -36.54 101.72
N GLU A 32 2.86 -36.88 102.88
CA GLU A 32 3.69 -36.91 104.09
C GLU A 32 4.74 -38.00 103.99
N LYS A 33 4.35 -39.17 103.47
CA LYS A 33 5.31 -40.25 103.28
C LYS A 33 6.38 -39.84 102.29
N ALA A 34 5.97 -39.17 101.22
CA ALA A 34 6.93 -38.64 100.26
C ALA A 34 7.92 -37.72 100.95
N LYS A 35 7.41 -36.72 101.68
CA LYS A 35 8.29 -35.78 102.36
C LYS A 35 9.18 -36.48 103.38
N ILE A 36 8.67 -37.54 104.01
CA ILE A 36 9.50 -38.32 104.92
C ILE A 36 10.68 -38.89 104.17
N GLU A 37 10.42 -39.46 103.00
CA GLU A 37 11.50 -39.99 102.19
C GLU A 37 12.49 -38.90 101.85
N LYS A 38 11.98 -37.77 101.37
CA LYS A 38 12.84 -36.69 100.94
C LYS A 38 13.68 -36.14 102.07
N ALA A 39 13.16 -36.18 103.30
CA ALA A 39 13.87 -35.66 104.45
C ALA A 39 14.91 -36.65 104.97
N ILE A 40 14.52 -37.91 105.05
CA ILE A 40 15.43 -38.93 105.52
C ILE A 40 16.59 -39.10 104.55
N GLN A 41 16.31 -38.94 103.26
CA GLN A 41 17.37 -38.97 102.27
C GLN A 41 18.42 -37.92 102.55
N LYS A 42 18.09 -36.93 103.37
CA LYS A 42 19.03 -35.89 103.73
C LYS A 42 19.50 -36.02 105.17
N GLY A 43 18.94 -36.94 105.94
CA GLY A 43 19.41 -37.16 107.29
C GLY A 43 18.59 -36.42 108.32
N ASN A 44 17.27 -36.55 108.24
CA ASN A 44 16.36 -35.92 109.19
C ASN A 44 15.57 -37.01 109.88
N MET A 45 15.70 -37.07 111.19
CA MET A 45 14.92 -38.00 111.99
C MET A 45 13.64 -37.37 112.49
N GLU A 46 13.75 -36.20 113.11
CA GLU A 46 12.60 -35.60 113.74
C GLU A 46 11.51 -35.28 112.72
N VAL A 47 11.90 -34.78 111.56
CA VAL A 47 10.92 -34.51 110.52
C VAL A 47 10.21 -35.79 110.14
N ALA A 48 10.98 -36.87 110.05
CA ALA A 48 10.40 -38.17 109.75
C ALA A 48 9.39 -38.58 110.80
N ARG A 49 9.77 -38.44 112.08
CA ARG A 49 8.83 -38.77 113.15
C ARG A 49 7.57 -37.94 113.05
N ILE A 50 7.73 -36.65 112.80
CA ILE A 50 6.58 -35.75 112.76
C ILE A 50 5.64 -36.15 111.65
N HIS A 51 6.18 -36.31 110.45
CA HIS A 51 5.36 -36.67 109.32
C HIS A 51 4.72 -38.03 109.52
N ALA A 52 5.41 -38.94 110.19
CA ALA A 52 4.84 -40.26 110.47
C ALA A 52 3.66 -40.14 111.41
N GLU A 53 3.79 -39.31 112.43
CA GLU A 53 2.66 -39.04 113.32
C GLU A 53 1.50 -38.46 112.55
N ASN A 54 1.80 -37.55 111.64
CA ASN A 54 0.76 -36.95 110.82
C ASN A 54 0.05 -38.01 109.99
N ALA A 55 0.82 -38.89 109.37
CA ALA A 55 0.24 -39.94 108.55
C ALA A 55 -0.62 -40.88 109.39
N ILE A 56 -0.17 -41.19 110.59
CA ILE A 56 -0.96 -42.05 111.46
C ILE A 56 -2.28 -41.38 111.80
N ARG A 57 -2.22 -40.11 112.13
CA ARG A 57 -3.43 -39.37 112.42
C ARG A 57 -4.38 -39.39 111.24
N GLN A 58 -3.85 -39.12 110.06
CA GLN A 58 -4.67 -39.09 108.86
C GLN A 58 -5.29 -40.46 108.59
N LYS A 59 -4.54 -41.51 108.83
CA LYS A 59 -5.05 -42.86 108.63
C LYS A 59 -6.18 -43.16 109.60
N ASN A 60 -5.96 -42.85 110.87
CA ASN A 60 -6.98 -43.09 111.88
C ASN A 60 -8.24 -42.32 111.54
N GLN A 61 -8.08 -41.08 111.11
CA GLN A 61 -9.21 -40.23 110.80
C GLN A 61 -9.93 -40.72 109.55
N ALA A 62 -9.18 -41.18 108.57
CA ALA A 62 -9.77 -41.79 107.39
C ALA A 62 -10.60 -43.00 107.77
N VAL A 63 -10.06 -43.82 108.65
CA VAL A 63 -10.77 -45.01 109.10
C VAL A 63 -12.05 -44.63 109.79
N ASN A 64 -11.99 -43.64 110.67
CA ASN A 64 -13.16 -43.21 111.40
C ASN A 64 -14.21 -42.67 110.44
N PHE A 65 -13.77 -41.88 109.46
CA PHE A 65 -14.71 -41.36 108.46
C PHE A 65 -15.32 -42.48 107.66
N LEU A 66 -14.55 -43.51 107.37
CA LEU A 66 -15.08 -44.63 106.62
C LEU A 66 -16.12 -45.37 107.42
N ARG A 67 -15.86 -45.58 108.71
CA ARG A 67 -16.82 -46.24 109.57
C ARG A 67 -18.10 -45.43 109.64
N MET A 68 -17.98 -44.13 109.90
CA MET A 68 -19.14 -43.28 110.03
C MET A 68 -19.93 -43.23 108.73
N SER A 69 -19.22 -43.14 107.61
CA SER A 69 -19.87 -43.11 106.31
C SER A 69 -20.63 -44.40 106.07
N ALA A 70 -20.02 -45.52 106.44
CA ALA A 70 -20.68 -46.81 106.25
C ALA A 70 -21.94 -46.89 107.09
N ARG A 71 -21.86 -46.46 108.34
CA ARG A 71 -23.03 -46.48 109.21
C ARG A 71 -24.13 -45.61 108.64
N VAL A 72 -23.75 -44.42 108.16
CA VAL A 72 -24.72 -43.51 107.57
C VAL A 72 -25.34 -44.12 106.33
N ASP A 73 -24.54 -44.87 105.58
CA ASP A 73 -25.05 -45.53 104.38
C ASP A 73 -26.05 -46.59 104.75
N ALA A 74 -25.76 -47.36 105.81
CA ALA A 74 -26.72 -48.35 106.28
C ALA A 74 -28.03 -47.70 106.67
N VAL A 75 -27.93 -46.58 107.39
CA VAL A 75 -29.13 -45.88 107.83
C VAL A 75 -29.93 -45.39 106.62
N ALA A 76 -29.24 -44.78 105.66
CA ALA A 76 -29.92 -44.28 104.48
C ALA A 76 -30.57 -45.42 103.71
N ALA A 77 -29.93 -46.58 103.70
CA ALA A 77 -30.49 -47.72 103.01
C ALA A 77 -31.77 -48.19 103.69
N ARG A 78 -31.74 -48.26 105.01
CA ARG A 78 -32.95 -48.58 105.76
C ARG A 78 -34.05 -47.59 105.44
N VAL A 79 -33.68 -46.31 105.32
CA VAL A 79 -34.67 -45.28 105.05
C VAL A 79 -35.28 -45.47 103.68
N GLN A 80 -34.45 -45.77 102.69
CA GLN A 80 -34.96 -46.00 101.34
C GLN A 80 -35.89 -47.20 101.34
N THR A 81 -35.51 -48.25 102.07
CA THR A 81 -36.39 -49.39 102.21
C THR A 81 -37.74 -48.96 102.76
N ALA A 82 -37.72 -48.14 103.80
CA ALA A 82 -38.96 -47.70 104.41
C ALA A 82 -39.81 -46.92 103.42
N VAL A 83 -39.17 -46.05 102.64
CA VAL A 83 -39.90 -45.21 101.71
C VAL A 83 -40.53 -46.04 100.61
N THR A 84 -39.77 -47.00 100.10
CA THR A 84 -40.29 -47.90 99.10
C THR A 84 -41.48 -48.68 99.65
N MET A 85 -41.36 -49.17 100.89
CA MET A 85 -42.47 -49.87 101.51
C MET A 85 -43.68 -48.97 101.64
N GLY A 86 -43.46 -47.69 101.91
CA GLY A 86 -44.58 -46.78 102.00
C GLY A 86 -45.27 -46.58 100.67
N LYS A 87 -44.49 -46.39 99.62
CA LYS A 87 -45.06 -46.32 98.28
C LYS A 87 -45.89 -47.56 97.99
N VAL A 88 -45.34 -48.71 98.36
CA VAL A 88 -46.03 -49.98 98.13
C VAL A 88 -47.34 -50.01 98.87
N THR A 89 -47.32 -49.57 100.12
CA THR A 89 -48.53 -49.57 100.93
C THR A 89 -49.58 -48.66 100.30
N LYS A 90 -49.15 -47.52 99.78
CA LYS A 90 -50.07 -46.63 99.10
C LYS A 90 -50.71 -47.31 97.91
N SER A 91 -49.89 -47.84 97.02
CA SER A 91 -50.41 -48.53 95.85
C SER A 91 -51.38 -49.62 96.26
N MET A 92 -51.03 -50.36 97.31
CA MET A 92 -51.85 -51.48 97.74
C MET A 92 -53.18 -51.02 98.30
N ALA A 93 -53.18 -49.91 99.03
CA ALA A 93 -54.43 -49.36 99.54
C ALA A 93 -55.32 -48.91 98.39
N GLY A 94 -54.72 -48.28 97.38
CA GLY A 94 -55.49 -47.93 96.20
C GLY A 94 -56.11 -49.15 95.55
N VAL A 95 -55.32 -50.21 95.42
CA VAL A 95 -55.82 -51.45 94.84
C VAL A 95 -56.95 -52.00 95.68
N VAL A 96 -56.83 -51.88 97.00
CA VAL A 96 -57.88 -52.35 97.89
C VAL A 96 -59.17 -51.61 97.60
N LYS A 97 -59.09 -50.29 97.57
CA LYS A 97 -60.27 -49.48 97.25
C LYS A 97 -60.90 -49.95 95.96
N SER A 98 -60.09 -50.03 94.91
CA SER A 98 -60.62 -50.34 93.58
C SER A 98 -61.25 -51.72 93.55
N MET A 99 -60.57 -52.71 94.13
CA MET A 99 -61.07 -54.08 94.09
C MET A 99 -62.30 -54.26 94.96
N ASP A 100 -62.35 -53.56 96.10
CA ASP A 100 -63.55 -53.59 96.91
C ASP A 100 -64.72 -53.01 96.14
N ALA A 101 -64.49 -51.91 95.42
CA ALA A 101 -65.52 -51.35 94.56
C ALA A 101 -65.99 -52.37 93.54
N THR A 102 -65.04 -53.04 92.89
CA THR A 102 -65.40 -54.01 91.85
C THR A 102 -66.22 -55.15 92.44
N LEU A 103 -65.75 -55.72 93.54
CA LEU A 103 -66.48 -56.81 94.18
C LEU A 103 -67.85 -56.37 94.65
N LYS A 104 -68.00 -55.10 95.02
CA LYS A 104 -69.32 -54.60 95.38
C LYS A 104 -70.21 -54.51 94.16
N THR A 105 -69.65 -54.13 93.02
CA THR A 105 -70.43 -54.04 91.79
C THR A 105 -70.78 -55.43 91.29
N MET A 106 -69.78 -56.26 91.07
CA MET A 106 -69.98 -57.59 90.53
C MET A 106 -69.83 -58.65 91.61
N ASN A 107 -70.59 -59.72 91.47
CA ASN A 107 -70.60 -60.82 92.42
C ASN A 107 -70.58 -62.12 91.63
N LEU A 108 -70.60 -63.22 92.38
CA LEU A 108 -70.53 -64.55 91.77
C LEU A 108 -71.89 -65.07 91.33
N GLU A 109 -72.97 -64.68 92.01
CA GLU A 109 -74.29 -65.14 91.61
C GLU A 109 -74.64 -64.66 90.21
N LYS A 110 -74.22 -63.44 89.87
CA LYS A 110 -74.43 -62.95 88.52
C LYS A 110 -73.69 -63.83 87.51
N ILE A 111 -72.47 -64.24 87.84
CA ILE A 111 -71.70 -65.11 86.95
C ILE A 111 -72.42 -66.44 86.77
N SER A 112 -72.88 -67.03 87.88
CA SER A 112 -73.55 -68.31 87.80
C SER A 112 -74.83 -68.21 86.99
N ALA A 113 -75.59 -67.13 87.19
CA ALA A 113 -76.81 -66.94 86.41
C ALA A 113 -76.50 -66.80 84.94
N LEU A 114 -75.48 -66.01 84.61
CA LEU A 114 -75.09 -65.83 83.21
C LEU A 114 -74.67 -67.15 82.59
N MET A 115 -73.94 -67.97 83.33
CA MET A 115 -73.47 -69.23 82.78
C MET A 115 -74.61 -70.23 82.62
N ASP A 116 -75.53 -70.27 83.58
CA ASP A 116 -76.69 -71.13 83.45
C ASP A 116 -77.53 -70.71 82.25
N LYS A 117 -77.73 -69.40 82.09
CA LYS A 117 -78.36 -68.91 80.89
C LYS A 117 -77.63 -69.40 79.65
N PHE A 118 -76.35 -69.10 79.56
CA PHE A 118 -75.58 -69.47 78.38
C PHE A 118 -75.78 -70.93 78.05
N GLU A 119 -75.77 -71.78 79.07
CA GLU A 119 -76.01 -73.20 78.87
C GLU A 119 -77.37 -73.45 78.26
N HIS A 120 -78.41 -72.84 78.84
CA HIS A 120 -79.77 -73.07 78.33
C HIS A 120 -79.93 -72.54 76.91
N GLN A 121 -79.40 -71.35 76.65
CA GLN A 121 -79.50 -70.78 75.31
C GLN A 121 -78.77 -71.63 74.29
N PHE A 122 -77.58 -72.11 74.64
CA PHE A 122 -76.84 -72.95 73.72
C PHE A 122 -77.52 -74.29 73.53
N GLU A 123 -78.19 -74.80 74.55
CA GLU A 123 -78.94 -76.03 74.41
C GLU A 123 -80.12 -75.84 73.46
N THR A 124 -80.84 -74.73 73.61
CA THR A 124 -81.94 -74.42 72.70
C THR A 124 -81.42 -74.23 71.29
N LEU A 125 -80.26 -73.59 71.14
CA LEU A 125 -79.67 -73.39 69.83
C LEU A 125 -79.26 -74.72 69.21
N ASP A 126 -78.71 -75.61 70.02
CA ASP A 126 -78.36 -76.93 69.52
C ASP A 126 -79.59 -77.68 69.06
N VAL A 127 -80.69 -77.55 69.81
CA VAL A 127 -81.94 -78.17 69.40
C VAL A 127 -82.43 -77.60 68.09
N GLN A 128 -82.38 -76.27 67.95
CA GLN A 128 -82.82 -75.64 66.71
C GLN A 128 -81.97 -76.09 65.54
N THR A 129 -80.66 -76.17 65.74
CA THR A 129 -79.77 -76.60 64.67
C THR A 129 -80.02 -78.06 64.29
N GLN A 130 -80.29 -78.91 65.29
CA GLN A 130 -80.60 -80.29 65.00
C GLN A 130 -81.90 -80.40 64.21
N GLN A 131 -82.90 -79.60 64.57
CA GLN A 131 -84.14 -79.57 63.82
C GLN A 131 -83.90 -79.12 62.39
N MET A 132 -83.11 -78.07 62.21
CA MET A 132 -82.80 -77.59 60.87
C MET A 132 -82.08 -78.66 60.06
N GLU A 133 -81.10 -79.32 60.69
CA GLU A 133 -80.39 -80.40 60.00
C GLU A 133 -81.35 -81.49 59.56
N ASP A 134 -82.21 -81.94 60.48
CA ASP A 134 -83.16 -83.00 60.17
C ASP A 134 -84.07 -82.58 59.02
N THR A 135 -84.60 -81.37 59.07
CA THR A 135 -85.53 -80.91 58.05
C THR A 135 -84.84 -80.80 56.70
N MET A 136 -83.70 -80.11 56.66
CA MET A 136 -82.99 -79.91 55.40
C MET A 136 -82.44 -81.21 54.83
N SER A 137 -82.19 -82.21 55.67
CA SER A 137 -81.78 -83.51 55.17
C SER A 137 -82.98 -84.31 54.65
N SER A 138 -84.14 -84.16 55.31
CA SER A 138 -85.34 -84.82 54.82
C SER A 138 -85.78 -84.25 53.48
N THR A 139 -85.58 -82.95 53.27
CA THR A 139 -85.96 -82.33 52.01
C THR A 139 -85.10 -82.86 50.87
N THR A 140 -83.78 -82.92 51.09
CA THR A 140 -82.82 -83.32 50.06
C THR A 140 -82.55 -84.81 50.19
N THR A 141 -83.38 -85.61 49.52
CA THR A 141 -83.21 -87.07 49.56
C THR A 141 -83.26 -87.72 48.19
N LEU A 142 -84.04 -87.15 47.26
CA LEU A 142 -84.20 -87.78 45.96
C LEU A 142 -82.99 -87.54 45.05
N THR A 143 -82.51 -86.31 45.01
CA THR A 143 -81.45 -85.90 44.08
C THR A 143 -80.07 -86.21 44.60
N THR A 144 -79.94 -87.15 45.54
CA THR A 144 -78.64 -87.72 45.92
C THR A 144 -78.82 -89.15 46.38
N PRO A 145 -79.04 -90.09 45.45
CA PRO A 145 -79.03 -91.50 45.83
C PRO A 145 -77.68 -91.84 46.45
N GLN A 146 -77.64 -92.96 47.16
CA GLN A 146 -76.40 -93.38 47.77
C GLN A 146 -75.54 -94.18 46.82
N ASN A 147 -76.16 -94.89 45.89
CA ASN A 147 -75.40 -95.68 44.93
C ASN A 147 -74.56 -94.78 44.03
N GLN A 148 -75.13 -93.68 43.56
CA GLN A 148 -74.38 -92.78 42.71
C GLN A 148 -73.23 -92.15 43.46
N VAL A 149 -73.47 -91.77 44.72
CA VAL A 149 -72.41 -91.18 45.52
C VAL A 149 -71.30 -92.19 45.76
N ASP A 150 -71.68 -93.43 46.04
CA ASP A 150 -70.68 -94.47 46.27
C ASP A 150 -69.87 -94.72 45.02
N MET A 151 -70.54 -94.77 43.87
CA MET A 151 -69.84 -94.99 42.61
C MET A 151 -68.87 -93.85 42.34
N LEU A 152 -69.32 -92.61 42.54
CA LEU A 152 -68.46 -91.47 42.29
C LEU A 152 -67.29 -91.46 43.26
N LEU A 153 -67.53 -91.80 44.51
CA LEU A 153 -66.46 -91.83 45.49
C LEU A 153 -65.42 -92.87 45.12
N GLN A 154 -65.88 -94.06 44.75
CA GLN A 154 -64.95 -95.09 44.31
C GLN A 154 -64.18 -94.63 43.09
N GLU A 155 -64.86 -93.96 42.16
CA GLU A 155 -64.22 -93.53 40.93
C GLU A 155 -63.14 -92.50 41.23
N MET A 156 -63.49 -91.50 42.02
CA MET A 156 -62.54 -90.43 42.32
C MET A 156 -61.43 -90.91 43.22
N ALA A 157 -61.68 -91.93 44.05
CA ALA A 157 -60.64 -92.50 44.87
C ALA A 157 -59.67 -93.32 44.03
N ASP A 158 -60.19 -94.01 43.03
CA ASP A 158 -59.33 -94.71 42.08
C ASP A 158 -58.53 -93.72 41.26
N GLU A 159 -59.15 -92.60 40.89
CA GLU A 159 -58.45 -91.57 40.12
C GLU A 159 -57.32 -90.98 40.95
N ALA A 160 -57.62 -90.56 42.17
CA ALA A 160 -56.59 -90.05 43.06
C ALA A 160 -55.60 -91.13 43.42
N GLY A 161 -56.08 -92.34 43.68
CA GLY A 161 -55.23 -93.45 44.02
C GLY A 161 -55.32 -93.84 45.49
N LEU A 162 -56.51 -93.72 46.06
CA LEU A 162 -56.75 -94.10 47.44
C LEU A 162 -57.97 -95.01 47.53
N ASP A 163 -58.14 -95.62 48.70
CA ASP A 163 -59.27 -96.48 48.99
C ASP A 163 -59.99 -96.00 50.23
N LEU A 164 -61.30 -96.25 50.26
CA LEU A 164 -62.15 -95.85 51.37
C LEU A 164 -62.69 -97.08 52.12
N SER B 2 41.82 31.28 102.51
CA SER B 2 42.58 31.73 103.67
C SER B 2 43.94 32.25 103.25
N ASN B 3 44.63 32.92 104.18
CA ASN B 3 46.00 33.30 103.93
C ASN B 3 46.83 32.07 103.58
N MET B 4 46.51 30.93 104.18
CA MET B 4 47.24 29.72 103.87
C MET B 4 47.11 29.35 102.41
N GLU B 5 45.91 29.45 101.86
CA GLU B 5 45.70 29.06 100.48
C GLU B 5 46.37 30.03 99.53
N LYS B 6 46.22 31.33 99.80
CA LYS B 6 46.90 32.33 98.98
C LYS B 6 48.40 32.12 99.00
N HIS B 7 48.95 31.82 100.18
CA HIS B 7 50.38 31.61 100.29
C HIS B 7 50.81 30.35 99.59
N LEU B 8 49.96 29.32 99.61
CA LEU B 8 50.26 28.10 98.87
C LEU B 8 50.31 28.36 97.38
N PHE B 9 49.33 29.10 96.88
CA PHE B 9 49.35 29.50 95.49
C PHE B 9 50.61 30.28 95.17
N ASN B 10 50.97 31.20 96.06
CA ASN B 10 52.17 32.00 95.85
C ASN B 10 53.40 31.12 95.79
N LEU B 11 53.47 30.12 96.66
CA LEU B 11 54.62 29.23 96.71
C LEU B 11 54.70 28.37 95.46
N LYS B 12 53.55 27.88 95.01
CA LYS B 12 53.52 27.09 93.79
C LYS B 12 53.97 27.92 92.61
N PHE B 13 53.46 29.15 92.52
CA PHE B 13 53.89 30.06 91.47
C PHE B 13 55.39 30.28 91.53
N ALA B 14 55.93 30.47 92.75
CA ALA B 14 57.35 30.71 92.90
C ALA B 14 58.16 29.52 92.45
N ALA B 15 57.73 28.33 92.84
CA ALA B 15 58.43 27.11 92.44
C ALA B 15 58.42 26.94 90.94
N LYS B 16 57.26 27.15 90.32
CA LYS B 16 57.17 27.05 88.88
C LYS B 16 58.05 28.08 88.19
N GLU B 17 58.10 29.27 88.76
CA GLU B 17 58.93 30.32 88.18
C GLU B 17 60.40 29.96 88.29
N LEU B 18 60.81 29.40 89.41
CA LEU B 18 62.19 28.98 89.57
C LEU B 18 62.53 27.87 88.60
N SER B 19 61.62 26.93 88.43
CA SER B 19 61.85 25.86 87.48
C SER B 19 62.00 26.42 86.07
N ARG B 20 61.14 27.35 85.70
CA ARG B 20 61.22 27.93 84.37
C ARG B 20 62.49 28.74 84.20
N SER B 21 62.93 29.42 85.25
CA SER B 21 64.17 30.18 85.18
C SER B 21 65.35 29.25 85.00
N ALA B 22 65.35 28.13 85.72
CA ALA B 22 66.40 27.14 85.54
C ALA B 22 66.38 26.59 84.13
N LYS B 23 65.18 26.35 83.59
CA LYS B 23 65.08 25.86 82.23
C LYS B 23 65.65 26.86 81.24
N LYS B 24 65.34 28.13 81.45
CA LYS B 24 65.88 29.17 80.59
C LYS B 24 67.39 29.23 80.68
N CYS B 25 67.91 29.15 81.90
CA CYS B 25 69.36 29.15 82.09
C CYS B 25 69.99 27.97 81.37
N ASP B 26 69.32 26.82 81.40
CA ASP B 26 69.85 25.64 80.74
C ASP B 26 69.85 25.80 79.23
N LYS B 27 68.75 26.29 78.68
CA LYS B 27 68.68 26.52 77.25
C LYS B 27 69.74 27.52 76.82
N GLU B 28 69.94 28.55 77.63
CA GLU B 28 70.95 29.55 77.33
C GLU B 28 72.34 28.96 77.39
N GLU B 29 72.59 28.09 78.35
CA GLU B 29 73.87 27.41 78.43
C GLU B 29 74.11 26.58 77.17
N LYS B 30 73.09 25.86 76.74
CA LYS B 30 73.21 25.05 75.53
C LYS B 30 73.52 25.94 74.32
N ALA B 31 72.80 27.04 74.21
CA ALA B 31 73.02 27.94 73.09
C ALA B 31 74.42 28.54 73.13
N GLU B 32 74.90 28.87 74.32
CA GLU B 32 76.22 29.45 74.46
C GLU B 32 77.29 28.43 74.09
N LYS B 33 77.11 27.19 74.51
CA LYS B 33 78.05 26.14 74.15
C LYS B 33 78.04 25.93 72.65
N ALA B 34 76.86 25.95 72.04
CA ALA B 34 76.77 25.86 70.60
C ALA B 34 77.57 26.98 69.93
N LYS B 35 77.31 28.22 70.34
CA LYS B 35 78.03 29.35 69.75
C LYS B 35 79.52 29.25 69.99
N ILE B 36 79.92 28.72 71.13
CA ILE B 36 81.33 28.50 71.39
C ILE B 36 81.92 27.58 70.34
N GLU B 37 81.20 26.49 70.06
CA GLU B 37 81.66 25.58 69.03
C GLU B 37 81.76 26.29 67.69
N LYS B 38 80.72 27.03 67.34
CA LYS B 38 80.69 27.68 66.04
C LYS B 38 81.78 28.72 65.91
N ALA B 39 82.18 29.34 67.01
CA ALA B 39 83.21 30.38 66.99
C ALA B 39 84.60 29.76 66.95
N ILE B 40 84.82 28.75 67.76
CA ILE B 40 86.13 28.09 67.80
C ILE B 40 86.39 27.40 66.47
N GLN B 41 85.35 26.86 65.85
CA GLN B 41 85.50 26.29 64.52
C GLN B 41 86.04 27.30 63.53
N LYS B 42 85.97 28.58 63.87
CA LYS B 42 86.49 29.63 63.02
C LYS B 42 87.75 30.26 63.57
N GLY B 43 88.16 29.90 64.78
CA GLY B 43 89.40 30.40 65.33
C GLY B 43 89.18 31.60 66.22
N ASN B 44 88.25 31.49 67.17
CA ASN B 44 87.97 32.54 68.13
C ASN B 44 88.21 32.01 69.51
N MET B 45 89.13 32.64 70.22
CA MET B 45 89.40 32.30 71.60
C MET B 45 88.57 33.14 72.57
N GLU B 46 88.63 34.45 72.39
CA GLU B 46 87.99 35.34 73.34
C GLU B 46 86.49 35.11 73.39
N VAL B 47 85.86 34.91 72.23
CA VAL B 47 84.44 34.63 72.20
C VAL B 47 84.16 33.36 72.98
N ALA B 48 85.02 32.37 72.81
CA ALA B 48 84.88 31.13 73.54
C ALA B 48 84.96 31.38 75.04
N ARG B 49 85.96 32.13 75.48
CA ARG B 49 86.08 32.44 76.90
C ARG B 49 84.83 33.15 77.40
N ILE B 50 84.34 34.11 76.65
CA ILE B 50 83.20 34.89 77.08
C ILE B 50 81.98 34.00 77.25
N HIS B 51 81.69 33.21 76.22
CA HIS B 51 80.54 32.33 76.28
C HIS B 51 80.68 31.31 77.38
N ALA B 52 81.91 30.87 77.63
CA ALA B 52 82.13 29.92 78.71
C ALA B 52 81.83 30.55 80.06
N GLU B 53 82.27 31.78 80.25
CA GLU B 53 81.92 32.51 81.46
C GLU B 53 80.42 32.65 81.60
N ASN B 54 79.76 32.93 80.49
CA ASN B 54 78.30 33.04 80.51
C ASN B 54 77.66 31.73 80.93
N ALA B 55 78.14 30.63 80.38
CA ALA B 55 77.60 29.33 80.72
C ALA B 55 77.82 29.01 82.18
N ILE B 56 79.00 29.35 82.70
CA ILE B 56 79.27 29.09 84.11
C ILE B 56 78.31 29.89 84.97
N ARG B 57 78.11 31.16 84.62
CA ARG B 57 77.18 31.98 85.37
C ARG B 57 75.79 31.36 85.35
N GLN B 58 75.35 30.94 84.17
CA GLN B 58 74.02 30.38 84.04
C GLN B 58 73.89 29.10 84.84
N LYS B 59 74.95 28.30 84.86
CA LYS B 59 74.93 27.06 85.64
C LYS B 59 74.83 27.36 87.13
N ASN B 60 75.66 28.27 87.60
CA ASN B 60 75.64 28.64 89.01
C ASN B 60 74.27 29.15 89.40
N GLN B 61 73.69 29.98 88.55
CA GLN B 61 72.39 30.57 88.83
C GLN B 61 71.29 29.53 88.80
N ALA B 62 71.38 28.59 87.86
CA ALA B 62 70.44 27.49 87.83
C ALA B 62 70.52 26.68 89.10
N VAL B 63 71.74 26.43 89.57
CA VAL B 63 71.93 25.67 90.80
C VAL B 63 71.31 26.40 91.97
N ASN B 64 71.55 27.70 92.05
CA ASN B 64 71.01 28.48 93.14
C ASN B 64 69.50 28.47 93.11
N PHE B 65 68.93 28.62 91.92
CA PHE B 65 67.47 28.58 91.78
C PHE B 65 66.94 27.22 92.19
N LEU B 66 67.66 26.17 91.86
CA LEU B 66 67.22 24.84 92.23
C LEU B 66 67.23 24.66 93.73
N ARG B 67 68.30 25.14 94.38
CA ARG B 67 68.37 25.07 95.83
C ARG B 67 67.23 25.84 96.47
N MET B 68 67.03 27.07 96.02
CA MET B 68 65.98 27.90 96.59
C MET B 68 64.61 27.28 96.36
N SER B 69 64.39 26.76 95.15
CA SER B 69 63.12 26.13 94.85
C SER B 69 62.89 24.92 95.74
N ALA B 70 63.93 24.14 95.97
CA ALA B 70 63.81 22.98 96.83
C ALA B 70 63.47 23.38 98.25
N ARG B 71 64.14 24.41 98.76
CA ARG B 71 63.85 24.88 100.10
C ARG B 71 62.41 25.36 100.20
N VAL B 72 61.97 26.10 99.19
CA VAL B 72 60.60 26.60 99.17
C VAL B 72 59.63 25.45 99.11
N ASP B 73 59.98 24.39 98.40
CA ASP B 73 59.13 23.23 98.31
C ASP B 73 59.02 22.55 99.66
N ALA B 74 60.13 22.44 100.37
CA ALA B 74 60.10 21.87 101.71
C ALA B 74 59.19 22.68 102.61
N VAL B 75 59.30 24.00 102.54
CA VAL B 75 58.47 24.87 103.37
C VAL B 75 57.00 24.68 103.03
N ALA B 76 56.69 24.67 101.74
CA ALA B 76 55.30 24.50 101.32
C ALA B 76 54.77 23.15 101.78
N ALA B 77 55.62 22.14 101.77
CA ALA B 77 55.20 20.82 102.21
C ALA B 77 54.88 20.83 103.69
N ARG B 78 55.74 21.46 104.48
CA ARG B 78 55.45 21.61 105.90
C ARG B 78 54.13 22.33 106.10
N VAL B 79 53.88 23.34 105.27
CA VAL B 79 52.65 24.11 105.40
C VAL B 79 51.44 23.24 105.11
N GLN B 80 51.53 22.44 104.04
CA GLN B 80 50.43 21.55 103.71
C GLN B 80 50.18 20.57 104.83
N THR B 81 51.25 20.05 105.40
CA THR B 81 51.14 19.18 106.55
C THR B 81 50.36 19.87 107.67
N ALA B 82 50.73 21.11 107.95
CA ALA B 82 50.07 21.85 109.01
C ALA B 82 48.59 22.03 108.71
N VAL B 83 48.26 22.34 107.46
CA VAL B 83 46.87 22.58 107.11
C VAL B 83 46.06 21.33 107.23
N THR B 84 46.61 20.22 106.77
CA THR B 84 45.94 18.94 106.90
C THR B 84 45.72 18.60 108.36
N MET B 85 46.73 18.84 109.20
CA MET B 85 46.57 18.60 110.63
C MET B 85 45.48 19.47 111.21
N GLY B 86 45.35 20.70 110.71
CA GLY B 86 44.30 21.57 111.19
C GLY B 86 42.92 21.06 110.83
N LYS B 87 42.75 20.64 109.58
CA LYS B 87 41.51 20.01 109.17
C LYS B 87 41.19 18.84 110.06
N VAL B 88 42.19 18.03 110.35
CA VAL B 88 42.01 16.86 111.19
C VAL B 88 41.56 17.27 112.57
N THR B 89 42.19 18.29 113.12
CA THR B 89 41.82 18.76 114.44
C THR B 89 40.38 19.24 114.47
N LYS B 90 39.97 19.92 113.40
CA LYS B 90 38.58 20.35 113.31
C LYS B 90 37.64 19.17 113.34
N SER B 91 37.86 18.22 112.43
CA SER B 91 37.01 17.04 112.38
C SER B 91 36.96 16.35 113.72
N MET B 92 38.11 16.27 114.39
CA MET B 92 38.19 15.57 115.66
C MET B 92 37.43 16.30 116.76
N ALA B 93 37.50 17.62 116.75
CA ALA B 93 36.73 18.40 117.71
C ALA B 93 35.23 18.22 117.49
N GLY B 94 34.81 18.20 116.22
CA GLY B 94 33.43 17.90 115.94
C GLY B 94 33.02 16.55 116.47
N VAL B 95 33.87 15.55 116.24
CA VAL B 95 33.58 14.21 116.74
C VAL B 95 33.49 14.22 118.26
N VAL B 96 34.36 15.01 118.90
CA VAL B 96 34.32 15.11 120.35
C VAL B 96 32.97 15.63 120.80
N LYS B 97 32.54 16.74 120.21
CA LYS B 97 31.24 17.29 120.55
C LYS B 97 30.15 16.24 120.41
N SER B 98 30.12 15.59 119.25
CA SER B 98 29.04 14.65 118.97
C SER B 98 29.06 13.48 119.93
N MET B 99 30.24 12.92 120.18
CA MET B 99 30.34 11.75 121.04
C MET B 99 30.07 12.10 122.49
N ASP B 100 30.48 13.29 122.93
CA ASP B 100 30.14 13.73 124.26
C ASP B 100 28.64 13.86 124.41
N ALA B 101 27.99 14.42 123.39
CA ALA B 101 26.53 14.47 123.40
C ALA B 101 25.94 13.08 123.52
N THR B 102 26.44 12.14 122.73
CA THR B 102 25.89 10.78 122.75
C THR B 102 26.07 10.14 124.12
N LEU B 103 27.28 10.22 124.67
CA LEU B 103 27.54 9.65 125.99
C LEU B 103 26.70 10.32 127.06
N LYS B 104 26.38 11.60 126.88
CA LYS B 104 25.50 12.25 127.84
C LYS B 104 24.08 11.73 127.71
N THR B 105 23.64 11.43 126.48
CA THR B 105 22.30 10.89 126.28
C THR B 105 22.24 9.45 126.79
N MET B 106 23.10 8.59 126.27
CA MET B 106 23.09 7.19 126.60
C MET B 106 24.24 6.85 127.55
N ASN B 107 23.97 5.89 128.43
CA ASN B 107 24.95 5.46 129.41
C ASN B 107 24.94 3.94 129.46
N LEU B 108 25.76 3.39 130.34
CA LEU B 108 25.90 1.94 130.45
C LEU B 108 24.86 1.31 131.35
N GLU B 109 24.37 2.03 132.37
CA GLU B 109 23.37 1.47 133.24
C GLU B 109 22.09 1.17 132.48
N LYS B 110 21.75 2.01 131.51
CA LYS B 110 20.60 1.73 130.66
C LYS B 110 20.80 0.43 129.89
N ILE B 111 22.01 0.20 129.38
CA ILE B 111 22.32 -1.02 128.65
C ILE B 111 22.17 -2.23 129.58
N SER B 112 22.73 -2.13 130.78
CA SER B 112 22.65 -3.25 131.71
C SER B 112 21.21 -3.54 132.10
N ALA B 113 20.41 -2.49 132.33
CA ALA B 113 19.02 -2.70 132.66
C ALA B 113 18.28 -3.36 131.51
N LEU B 114 18.53 -2.90 130.29
CA LEU B 114 17.88 -3.48 129.14
C LEU B 114 18.25 -4.95 128.99
N MET B 115 19.52 -5.28 129.21
CA MET B 115 19.95 -6.66 129.05
C MET B 115 19.40 -7.56 130.15
N ASP B 116 19.35 -7.05 131.39
CA ASP B 116 18.75 -7.81 132.47
C ASP B 116 17.28 -8.06 132.18
N LYS B 117 16.58 -7.03 131.72
CA LYS B 117 15.21 -7.22 131.27
C LYS B 117 15.15 -8.32 130.22
N PHE B 118 15.90 -8.14 129.13
CA PHE B 118 15.84 -9.10 128.04
C PHE B 118 16.02 -10.51 128.56
N GLU B 119 16.95 -10.69 129.49
CA GLU B 119 17.16 -12.00 130.09
C GLU B 119 15.90 -12.48 130.79
N HIS B 120 15.31 -11.64 131.64
CA HIS B 120 14.12 -12.05 132.38
C HIS B 120 12.94 -12.34 131.45
N GLN B 121 12.74 -11.48 130.45
CA GLN B 121 11.64 -11.70 129.52
C GLN B 121 11.83 -12.97 128.74
N PHE B 122 13.05 -13.24 128.29
CA PHE B 122 13.31 -14.46 127.55
C PHE B 122 13.17 -15.68 128.44
N GLU B 123 13.52 -15.55 129.72
CA GLU B 123 13.33 -16.65 130.65
C GLU B 123 11.84 -16.94 130.83
N THR B 124 11.04 -15.90 131.00
CA THR B 124 9.60 -16.08 131.13
C THR B 124 9.02 -16.68 129.86
N LEU B 125 9.52 -16.24 128.70
CA LEU B 125 9.07 -16.78 127.44
C LEU B 125 9.44 -18.25 127.29
N ASP B 126 10.64 -18.61 127.72
CA ASP B 126 11.06 -20.00 127.70
C ASP B 126 10.16 -20.84 128.59
N VAL B 127 9.80 -20.30 129.75
CA VAL B 127 8.89 -21.00 130.65
C VAL B 127 7.53 -21.19 130.00
N GLN B 128 7.02 -20.13 129.36
CA GLN B 128 5.72 -20.23 128.70
C GLN B 128 5.75 -21.25 127.57
N THR B 129 6.84 -21.27 126.80
CA THR B 129 6.96 -22.22 125.71
C THR B 129 7.06 -23.64 126.23
N GLN B 130 7.79 -23.83 127.35
CA GLN B 130 7.87 -25.16 127.94
C GLN B 130 6.50 -25.62 128.42
N GLN B 131 5.75 -24.70 129.04
CA GLN B 131 4.39 -25.04 129.47
C GLN B 131 3.52 -25.42 128.27
N MET B 132 3.60 -24.65 127.19
CA MET B 132 2.84 -24.96 126.00
C MET B 132 3.22 -26.31 125.44
N GLU B 133 4.53 -26.58 125.36
CA GLU B 133 4.99 -27.87 124.88
C GLU B 133 4.43 -29.00 125.73
N ASP B 134 4.54 -28.87 127.05
CA ASP B 134 4.05 -29.91 127.95
C ASP B 134 2.55 -30.13 127.75
N THR B 135 1.78 -29.04 127.69
CA THR B 135 0.33 -29.17 127.56
C THR B 135 -0.05 -29.80 126.23
N MET B 136 0.49 -29.27 125.13
CA MET B 136 0.15 -29.78 123.82
C MET B 136 0.65 -31.20 123.60
N SER B 137 1.70 -31.63 124.32
CA SER B 137 2.13 -33.01 124.23
C SER B 137 1.25 -33.91 125.08
N SER B 138 0.78 -33.41 126.23
CA SER B 138 -0.14 -34.19 127.05
C SER B 138 -1.47 -34.39 126.35
N THR B 139 -1.92 -33.40 125.58
CA THR B 139 -3.17 -33.53 124.85
C THR B 139 -3.07 -34.60 123.78
N THR B 140 -2.00 -34.58 123.01
CA THR B 140 -1.81 -35.48 121.87
C THR B 140 -1.02 -36.70 122.35
N THR B 141 -1.73 -37.71 122.85
CA THR B 141 -1.08 -38.92 123.32
C THR B 141 -1.73 -40.20 122.80
N LEU B 142 -3.04 -40.18 122.57
CA LEU B 142 -3.74 -41.39 122.17
C LEU B 142 -3.52 -41.70 120.70
N THR B 143 -3.64 -40.69 119.84
CA THR B 143 -3.62 -40.87 118.40
C THR B 143 -2.19 -40.90 117.84
N THR B 144 -1.20 -41.23 118.67
CA THR B 144 0.14 -41.55 118.20
C THR B 144 0.80 -42.52 119.16
N PRO B 145 0.40 -43.79 119.13
CA PRO B 145 1.15 -44.79 119.89
C PRO B 145 2.59 -44.80 119.44
N GLN B 146 3.45 -45.39 120.27
CA GLN B 146 4.85 -45.46 119.93
C GLN B 146 5.15 -46.67 119.06
N ASN B 147 4.40 -47.75 119.23
CA ASN B 147 4.62 -48.94 118.43
C ASN B 147 4.35 -48.68 116.97
N GLN B 148 3.26 -47.97 116.67
CA GLN B 148 2.96 -47.67 115.28
C GLN B 148 4.02 -46.78 114.66
N VAL B 149 4.48 -45.79 115.41
CA VAL B 149 5.52 -44.90 114.91
C VAL B 149 6.80 -45.68 114.67
N ASP B 150 7.14 -46.57 115.59
CA ASP B 150 8.36 -47.37 115.42
C ASP B 150 8.25 -48.26 114.21
N MET B 151 7.08 -48.89 114.02
CA MET B 151 6.89 -49.75 112.87
C MET B 151 7.01 -48.96 111.59
N LEU B 152 6.37 -47.79 111.54
CA LEU B 152 6.43 -46.97 110.34
C LEU B 152 7.84 -46.50 110.07
N LEU B 153 8.56 -46.13 111.12
CA LEU B 153 9.93 -45.67 110.94
C LEU B 153 10.80 -46.78 110.39
N GLN B 154 10.67 -47.98 110.96
CA GLN B 154 11.41 -49.12 110.46
C GLN B 154 11.05 -49.39 109.01
N GLU B 155 9.76 -49.29 108.68
CA GLU B 155 9.31 -49.57 107.33
C GLU B 155 9.89 -48.59 106.34
N MET B 156 9.78 -47.30 106.67
CA MET B 156 10.26 -46.27 105.76
C MET B 156 11.77 -46.25 105.70
N ALA B 157 12.45 -46.66 106.77
CA ALA B 157 13.91 -46.76 106.73
C ALA B 157 14.36 -47.92 105.86
N ASP B 158 13.61 -49.02 105.91
CA ASP B 158 13.88 -50.14 105.02
C ASP B 158 13.60 -49.76 103.58
N GLU B 159 12.54 -48.97 103.37
CA GLU B 159 12.21 -48.53 102.02
C GLU B 159 13.31 -47.63 101.47
N ALA B 160 13.69 -46.62 102.25
CA ALA B 160 14.78 -45.75 101.84
C ALA B 160 16.09 -46.52 101.78
N GLY B 161 16.33 -47.40 102.74
CA GLY B 161 17.54 -48.19 102.78
C GLY B 161 18.51 -47.75 103.86
N LEU B 162 17.98 -47.31 105.00
CA LEU B 162 18.79 -46.90 106.13
C LEU B 162 18.30 -47.58 107.39
N ASP B 163 19.11 -47.48 108.44
CA ASP B 163 18.80 -48.03 109.74
C ASP B 163 18.87 -46.94 110.79
N LEU B 164 18.06 -47.10 111.83
CA LEU B 164 18.00 -46.16 112.94
C LEU B 164 18.51 -46.78 114.23
N SER C 2 -59.71 -45.71 84.74
CA SER C 2 -60.31 -46.19 85.98
C SER C 2 -59.29 -46.23 87.09
N ASN C 3 -59.76 -46.42 88.32
CA ASN C 3 -58.84 -46.65 89.42
C ASN C 3 -57.96 -47.85 89.11
N MET C 4 -58.51 -48.84 88.42
CA MET C 4 -57.72 -50.01 88.07
C MET C 4 -56.53 -49.63 87.21
N GLU C 5 -56.74 -48.78 86.22
CA GLU C 5 -55.66 -48.41 85.32
C GLU C 5 -54.61 -47.58 86.03
N LYS C 6 -55.06 -46.61 86.82
CA LYS C 6 -54.13 -45.80 87.60
C LYS C 6 -53.30 -46.68 88.53
N HIS C 7 -53.94 -47.64 89.16
CA HIS C 7 -53.24 -48.51 90.07
C HIS C 7 -52.28 -49.42 89.33
N LEU C 8 -52.65 -49.85 88.13
CA LEU C 8 -51.74 -50.64 87.32
C LEU C 8 -50.51 -49.85 86.95
N PHE C 9 -50.70 -48.61 86.52
CA PHE C 9 -49.57 -47.73 86.26
C PHE C 9 -48.71 -47.58 87.49
N ASN C 10 -49.35 -47.38 88.64
CA ASN C 10 -48.62 -47.23 89.89
C ASN C 10 -47.79 -48.47 90.19
N LEU C 11 -48.37 -49.64 89.95
CA LEU C 11 -47.68 -50.89 90.24
C LEU C 11 -46.51 -51.09 89.29
N LYS C 12 -46.71 -50.76 88.03
CA LYS C 12 -45.63 -50.87 87.06
C LYS C 12 -44.49 -49.93 87.44
N PHE C 13 -44.83 -48.70 87.80
CA PHE C 13 -43.82 -47.76 88.27
C PHE C 13 -43.08 -48.31 89.47
N ALA C 14 -43.82 -48.91 90.40
CA ALA C 14 -43.20 -49.44 91.60
C ALA C 14 -42.25 -50.58 91.28
N ALA C 15 -42.67 -51.46 90.39
CA ALA C 15 -41.82 -52.58 90.00
C ALA C 15 -40.56 -52.10 89.31
N LYS C 16 -40.71 -51.13 88.40
CA LYS C 16 -39.54 -50.58 87.73
C LYS C 16 -38.62 -49.92 88.72
N GLU C 17 -39.18 -49.22 89.69
CA GLU C 17 -38.38 -48.56 90.70
C GLU C 17 -37.61 -49.55 91.55
N LEU C 18 -38.27 -50.65 91.91
CA LEU C 18 -37.60 -51.68 92.67
C LEU C 18 -36.49 -52.31 91.87
N SER C 19 -36.73 -52.57 90.60
CA SER C 19 -35.70 -53.12 89.74
C SER C 19 -34.51 -52.18 89.66
N ARG C 20 -34.77 -50.89 89.49
CA ARG C 20 -33.69 -49.93 89.41
C ARG C 20 -32.95 -49.82 90.72
N SER C 21 -33.66 -49.92 91.84
CA SER C 21 -33.01 -49.87 93.14
C SER C 21 -32.11 -51.08 93.33
N ALA C 22 -32.59 -52.25 92.91
CA ALA C 22 -31.77 -53.44 92.97
C ALA C 22 -30.53 -53.29 92.09
N LYS C 23 -30.71 -52.70 90.91
CA LYS C 23 -29.57 -52.47 90.03
C LYS C 23 -28.56 -51.55 90.66
N LYS C 24 -29.03 -50.49 91.30
CA LYS C 24 -28.14 -49.57 91.99
C LYS C 24 -27.41 -50.28 93.11
N CYS C 25 -28.13 -51.08 93.89
CA CYS C 25 -27.50 -51.82 94.97
C CYS C 25 -26.42 -52.75 94.41
N ASP C 26 -26.69 -53.35 93.26
CA ASP C 26 -25.72 -54.26 92.65
C ASP C 26 -24.48 -53.51 92.19
N LYS C 27 -24.68 -52.39 91.51
CA LYS C 27 -23.55 -51.59 91.07
C LYS C 27 -22.73 -51.13 92.25
N GLU C 28 -23.40 -50.75 93.33
CA GLU C 28 -22.72 -50.30 94.53
C GLU C 28 -21.94 -51.44 95.17
N GLU C 29 -22.52 -52.63 95.16
CA GLU C 29 -21.80 -53.79 95.67
C GLU C 29 -20.54 -54.04 94.87
N LYS C 30 -20.64 -53.96 93.54
CA LYS C 30 -19.48 -54.14 92.68
C LYS C 30 -18.42 -53.11 92.99
N ALA C 31 -18.83 -51.86 93.12
CA ALA C 31 -17.89 -50.79 93.40
C ALA C 31 -17.23 -50.99 94.75
N GLU C 32 -18.00 -51.44 95.74
CA GLU C 32 -17.45 -51.66 97.07
C GLU C 32 -16.44 -52.80 97.05
N LYS C 33 -16.76 -53.87 96.32
CA LYS C 33 -15.83 -54.97 96.20
C LYS C 33 -14.55 -54.53 95.52
N ALA C 34 -14.69 -53.72 94.47
CA ALA C 34 -13.54 -53.15 93.81
C ALA C 34 -12.68 -52.37 94.80
N LYS C 35 -13.30 -51.44 95.53
CA LYS C 35 -12.54 -50.66 96.49
C LYS C 35 -11.92 -51.51 97.57
N ILE C 36 -12.59 -52.60 97.95
CA ILE C 36 -12.01 -53.53 98.90
C ILE C 36 -10.72 -54.10 98.35
N GLU C 37 -10.75 -54.50 97.08
CA GLU C 37 -9.54 -55.01 96.46
C GLU C 37 -8.46 -53.96 96.47
N LYS C 38 -8.81 -52.74 96.05
CA LYS C 38 -7.83 -51.68 95.93
C LYS C 38 -7.23 -51.31 97.29
N ALA C 39 -8.01 -51.47 98.36
CA ALA C 39 -7.53 -51.13 99.69
C ALA C 39 -6.68 -52.24 100.28
N ILE C 40 -7.12 -53.48 100.12
CA ILE C 40 -6.37 -54.60 100.64
C ILE C 40 -5.04 -54.72 99.91
N GLN C 41 -5.03 -54.41 98.61
CA GLN C 41 -3.79 -54.39 97.88
C GLN C 41 -2.77 -53.45 98.50
N LYS C 42 -3.23 -52.54 99.35
CA LYS C 42 -2.36 -51.61 100.03
C LYS C 42 -2.20 -51.93 101.51
N GLY C 43 -2.95 -52.90 102.02
CA GLY C 43 -2.79 -53.31 103.41
C GLY C 43 -3.79 -52.64 104.32
N ASN C 44 -5.06 -52.68 103.96
CA ASN C 44 -6.12 -52.10 104.77
C ASN C 44 -7.08 -53.21 105.13
N MET C 45 -7.25 -53.43 106.43
CA MET C 45 -8.22 -54.40 106.92
C MET C 45 -9.55 -53.74 107.22
N GLU C 46 -9.52 -52.67 107.99
CA GLU C 46 -10.76 -52.06 108.44
C GLU C 46 -11.59 -51.56 107.27
N VAL C 47 -10.94 -50.96 106.29
CA VAL C 47 -11.67 -50.50 105.11
C VAL C 47 -12.33 -51.69 104.43
N ALA C 48 -11.60 -52.79 104.37
CA ALA C 48 -12.15 -54.00 103.79
C ALA C 48 -13.39 -54.46 104.56
N ARG C 49 -13.29 -54.50 105.88
CA ARG C 49 -14.43 -54.90 106.69
C ARG C 49 -15.61 -53.98 106.44
N ILE C 50 -15.36 -52.68 106.39
CA ILE C 50 -16.43 -51.71 106.24
C ILE C 50 -17.13 -51.91 104.91
N HIS C 51 -16.35 -51.97 103.84
CA HIS C 51 -16.93 -52.15 102.52
C HIS C 51 -17.65 -53.47 102.41
N ALA C 52 -17.15 -54.49 103.09
CA ALA C 52 -17.82 -55.79 103.08
C ALA C 52 -19.17 -55.71 103.75
N GLU C 53 -19.23 -55.02 104.88
CA GLU C 53 -20.50 -54.79 105.55
C GLU C 53 -21.45 -54.04 104.63
N ASN C 54 -20.93 -53.05 103.92
CA ASN C 54 -21.74 -52.29 102.99
C ASN C 54 -22.30 -53.19 101.90
N ALA C 55 -21.45 -54.06 101.35
CA ALA C 55 -21.88 -54.96 100.30
C ALA C 55 -22.94 -55.92 100.82
N ILE C 56 -22.77 -56.41 102.04
CA ILE C 56 -23.77 -57.31 102.61
C ILE C 56 -25.10 -56.60 102.75
N ARG C 57 -25.05 -55.37 103.25
CA ARG C 57 -26.28 -54.60 103.38
C ARG C 57 -26.95 -54.42 102.03
N GLN C 58 -26.16 -54.05 101.02
CA GLN C 58 -26.72 -53.83 99.69
C GLN C 58 -27.31 -55.11 99.13
N LYS C 59 -26.67 -56.23 99.38
CA LYS C 59 -27.18 -57.51 98.91
C LYS C 59 -28.50 -57.85 99.58
N ASN C 60 -28.54 -57.71 100.90
CA ASN C 60 -29.76 -58.00 101.63
C ASN C 60 -30.90 -57.12 101.14
N GLN C 61 -30.59 -55.84 100.91
CA GLN C 61 -31.60 -54.89 100.49
C GLN C 61 -32.06 -55.18 99.07
N ALA C 62 -31.13 -55.58 98.21
CA ALA C 62 -31.49 -55.99 96.86
C ALA C 62 -32.41 -57.19 96.91
N VAL C 63 -32.11 -58.14 97.78
CA VAL C 63 -32.94 -59.33 97.91
C VAL C 63 -34.34 -58.94 98.36
N ASN C 64 -34.42 -58.07 99.35
CA ASN C 64 -35.71 -57.65 99.86
C ASN C 64 -36.50 -56.94 98.79
N PHE C 65 -35.84 -56.07 98.04
CA PHE C 65 -36.51 -55.38 96.94
C PHE C 65 -36.99 -56.35 95.89
N LEU C 66 -36.21 -57.38 95.63
CA LEU C 66 -36.61 -58.37 94.66
C LEU C 66 -37.83 -59.13 95.12
N ARG C 67 -37.85 -59.51 96.39
CA ARG C 67 -39.00 -60.19 96.95
C ARG C 67 -40.25 -59.32 96.86
N MET C 68 -40.12 -58.08 97.31
CA MET C 68 -41.25 -57.17 97.29
C MET C 68 -41.73 -56.93 95.88
N SER C 69 -40.80 -56.74 94.95
CA SER C 69 -41.16 -56.53 93.56
C SER C 69 -41.90 -57.72 93.00
N ALA C 70 -41.43 -58.92 93.34
CA ALA C 70 -42.09 -60.13 92.86
C ALA C 70 -43.50 -60.24 93.41
N ARG C 71 -43.67 -59.95 94.69
CA ARG C 71 -45.00 -60.00 95.29
C ARG C 71 -45.91 -58.99 94.62
N VAL C 72 -45.41 -57.78 94.38
CA VAL C 72 -46.18 -56.74 93.73
C VAL C 72 -46.54 -57.17 92.32
N ASP C 73 -45.63 -57.87 91.67
CA ASP C 73 -45.89 -58.36 90.31
C ASP C 73 -47.01 -59.39 90.33
N ALA C 74 -46.98 -60.29 91.31
CA ALA C 74 -48.04 -61.26 91.44
C ALA C 74 -49.38 -60.58 91.63
N VAL C 75 -49.40 -59.56 92.49
CA VAL C 75 -50.64 -58.84 92.76
C VAL C 75 -51.14 -58.17 91.49
N ALA C 76 -50.24 -57.50 90.78
CA ALA C 76 -50.62 -56.82 89.55
C ALA C 76 -51.15 -57.81 88.53
N ALA C 77 -50.57 -59.00 88.50
CA ALA C 77 -51.01 -60.01 87.57
C ALA C 77 -52.42 -60.46 87.91
N ARG C 78 -52.68 -60.69 89.18
CA ARG C 78 -54.03 -61.02 89.62
C ARG C 78 -55.00 -59.93 89.22
N VAL C 79 -54.56 -58.69 89.33
CA VAL C 79 -55.43 -57.56 88.99
C VAL C 79 -55.74 -57.55 87.50
N GLN C 80 -54.72 -57.78 86.69
CA GLN C 80 -54.94 -57.82 85.25
C GLN C 80 -55.90 -58.95 84.90
N THR C 81 -55.73 -60.09 85.54
CA THR C 81 -56.66 -61.19 85.37
C THR C 81 -58.08 -60.75 85.67
N ALA C 82 -58.25 -60.05 86.79
CA ALA C 82 -59.57 -59.60 87.17
C ALA C 82 -60.16 -58.65 86.14
N VAL C 83 -59.32 -57.75 85.62
CA VAL C 83 -59.82 -56.76 84.68
C VAL C 83 -60.22 -57.41 83.38
N THR C 84 -59.41 -58.35 82.93
CA THR C 84 -59.75 -59.10 81.73
C THR C 84 -61.04 -59.86 81.92
N MET C 85 -61.22 -60.49 83.08
CA MET C 85 -62.46 -61.19 83.36
C MET C 85 -63.63 -60.23 83.35
N GLY C 86 -63.43 -59.00 83.81
CA GLY C 86 -64.51 -58.04 83.80
C GLY C 86 -64.89 -57.64 82.39
N LYS C 87 -63.90 -57.38 81.55
CA LYS C 87 -64.16 -57.12 80.14
C LYS C 87 -64.96 -58.27 79.54
N VAL C 88 -64.55 -59.49 79.85
CA VAL C 88 -65.22 -60.66 79.33
C VAL C 88 -66.67 -60.70 79.78
N THR C 89 -66.89 -60.42 81.06
CA THR C 89 -68.24 -60.42 81.58
C THR C 89 -69.09 -59.38 80.88
N LYS C 90 -68.52 -58.22 80.60
CA LYS C 90 -69.23 -57.19 79.86
C LYS C 90 -69.65 -57.69 78.49
N SER C 91 -68.66 -58.17 77.73
CA SER C 91 -68.95 -58.67 76.40
C SER C 91 -70.03 -59.75 76.45
N MET C 92 -69.95 -60.62 77.45
CA MET C 92 -70.88 -61.73 77.56
C MET C 92 -72.28 -61.25 77.88
N ALA C 93 -72.39 -60.24 78.75
CA ALA C 93 -73.69 -59.67 79.04
C ALA C 93 -74.31 -59.02 77.80
N GLY C 94 -73.48 -58.32 77.02
CA GLY C 94 -73.96 -57.79 75.76
C GLY C 94 -74.47 -58.89 74.86
N VAL C 95 -73.71 -59.97 74.75
CA VAL C 95 -74.14 -61.09 73.92
C VAL C 95 -75.44 -61.66 74.44
N VAL C 96 -75.59 -61.70 75.75
CA VAL C 96 -76.83 -62.21 76.34
C VAL C 96 -78.00 -61.36 75.89
N LYS C 97 -77.86 -60.04 76.04
CA LYS C 97 -78.91 -59.15 75.60
C LYS C 97 -79.28 -59.40 74.14
N SER C 98 -78.26 -59.42 73.28
CA SER C 98 -78.51 -59.53 71.86
C SER C 98 -79.17 -60.87 71.52
N MET C 99 -78.66 -61.95 72.09
CA MET C 99 -79.20 -63.27 71.78
C MET C 99 -80.58 -63.47 72.35
N ASP C 100 -80.86 -62.91 73.53
CA ASP C 100 -82.21 -62.95 74.06
C ASP C 100 -83.16 -62.21 73.14
N ALA C 101 -82.73 -61.05 72.65
CA ALA C 101 -83.53 -60.33 71.66
C ALA C 101 -83.81 -61.20 70.45
N THR C 102 -82.77 -61.85 69.92
CA THR C 102 -82.94 -62.66 68.72
C THR C 102 -83.91 -63.81 68.97
N LEU C 103 -83.71 -64.53 70.08
CA LEU C 103 -84.61 -65.64 70.39
C LEU C 103 -86.03 -65.17 70.62
N LYS C 104 -86.20 -63.94 71.11
CA LYS C 104 -87.55 -63.40 71.25
C LYS C 104 -88.16 -63.11 69.90
N THR C 105 -87.34 -62.63 68.96
CA THR C 105 -87.85 -62.35 67.61
C THR C 105 -88.14 -63.66 66.88
N MET C 106 -87.15 -64.52 66.76
CA MET C 106 -87.28 -65.76 66.03
C MET C 106 -87.40 -66.94 66.98
N ASN C 107 -88.16 -67.93 66.54
CA ASN C 107 -88.41 -69.12 67.32
C ASN C 107 -88.28 -70.33 66.40
N LEU C 108 -88.50 -71.52 66.97
CA LEU C 108 -88.36 -72.76 66.23
C LEU C 108 -89.61 -73.15 65.45
N GLU C 109 -90.78 -72.76 65.94
CA GLU C 109 -92.01 -73.09 65.22
C GLU C 109 -92.03 -72.43 63.86
N LYS C 110 -91.50 -71.20 63.78
CA LYS C 110 -91.39 -70.54 62.47
C LYS C 110 -90.51 -71.34 61.54
N ILE C 111 -89.39 -71.87 62.06
CA ILE C 111 -88.48 -72.68 61.25
C ILE C 111 -89.19 -73.93 60.75
N SER C 112 -89.91 -74.60 61.65
CA SER C 112 -90.60 -75.83 61.27
C SER C 112 -91.68 -75.55 60.24
N ALA C 113 -92.42 -74.46 60.40
CA ALA C 113 -93.43 -74.10 59.42
C ALA C 113 -92.80 -73.80 58.08
N LEU C 114 -91.70 -73.05 58.08
CA LEU C 114 -91.03 -72.73 56.83
C LEU C 114 -90.54 -74.00 56.14
N MET C 115 -90.00 -74.95 56.90
CA MET C 115 -89.48 -76.17 56.30
C MET C 115 -90.61 -77.05 55.79
N ASP C 116 -91.70 -77.14 56.53
CA ASP C 116 -92.85 -77.90 56.04
C ASP C 116 -93.40 -77.30 54.77
N LYS C 117 -93.50 -75.98 54.73
CA LYS C 117 -93.84 -75.30 53.49
C LYS C 117 -92.88 -75.70 52.38
N PHE C 118 -91.59 -75.47 52.60
CA PHE C 118 -90.61 -75.75 51.57
C PHE C 118 -90.79 -77.15 51.02
N GLU C 119 -91.04 -78.10 51.91
CA GLU C 119 -91.29 -79.47 51.49
C GLU C 119 -92.50 -79.55 50.58
N HIS C 120 -93.61 -78.96 51.00
CA HIS C 120 -94.83 -79.04 50.20
C HIS C 120 -94.67 -78.33 48.86
N GLN C 121 -94.04 -77.16 48.85
CA GLN C 121 -93.84 -76.42 47.61
C GLN C 121 -92.94 -77.20 46.67
N PHE C 122 -91.88 -77.79 47.20
CA PHE C 122 -90.99 -78.58 46.35
C PHE C 122 -91.67 -79.83 45.84
N GLU C 123 -92.55 -80.41 46.64
CA GLU C 123 -93.31 -81.56 46.19
C GLU C 123 -94.25 -81.18 45.05
N THR C 124 -94.94 -80.06 45.19
CA THR C 124 -95.80 -79.58 44.12
C THR C 124 -94.99 -79.25 42.88
N LEU C 125 -93.80 -78.68 43.05
CA LEU C 125 -92.94 -78.38 41.93
C LEU C 125 -92.46 -79.64 41.24
N ASP C 126 -92.13 -80.65 42.02
CA ASP C 126 -91.73 -81.92 41.45
C ASP C 126 -92.86 -82.53 40.64
N VAL C 127 -94.08 -82.42 41.17
CA VAL C 127 -95.24 -82.91 40.44
C VAL C 127 -95.42 -82.16 39.13
N GLN C 128 -95.29 -80.83 39.18
CA GLN C 128 -95.44 -80.03 37.97
C GLN C 128 -94.37 -80.40 36.95
N THR C 129 -93.14 -80.58 37.41
CA THR C 129 -92.05 -80.95 36.49
C THR C 129 -92.28 -82.32 35.90
N GLN C 130 -92.78 -83.26 36.70
CA GLN C 130 -93.09 -84.59 36.18
C GLN C 130 -94.18 -84.51 35.12
N GLN C 131 -95.21 -83.70 35.37
CA GLN C 131 -96.26 -83.50 34.39
C GLN C 131 -95.71 -82.91 33.11
N MET C 132 -94.85 -81.90 33.23
CA MET C 132 -94.24 -81.28 32.06
C MET C 132 -93.41 -82.30 31.29
N GLU C 133 -92.61 -83.09 32.00
CA GLU C 133 -91.82 -84.12 31.36
C GLU C 133 -92.70 -85.09 30.59
N ASP C 134 -93.75 -85.59 31.25
CA ASP C 134 -94.66 -86.53 30.61
C ASP C 134 -95.27 -85.93 29.35
N THR C 135 -95.77 -84.70 29.46
CA THR C 135 -96.44 -84.07 28.33
C THR C 135 -95.47 -83.85 27.18
N MET C 136 -94.32 -83.23 27.45
CA MET C 136 -93.36 -82.93 26.41
C MET C 136 -92.75 -84.19 25.82
N SER C 137 -92.73 -85.30 26.56
CA SER C 137 -92.27 -86.56 25.99
C SER C 137 -93.36 -87.20 25.14
N SER C 138 -94.62 -87.07 25.54
CA SER C 138 -95.72 -87.59 24.74
C SER C 138 -95.84 -86.83 23.42
N THR C 139 -95.55 -85.53 23.43
CA THR C 139 -95.62 -84.75 22.20
C THR C 139 -94.55 -85.20 21.21
N THR C 140 -93.33 -85.37 21.69
CA THR C 140 -92.18 -85.70 20.84
C THR C 140 -92.00 -87.21 20.82
N THR C 141 -92.70 -87.87 19.91
CA THR C 141 -92.61 -89.33 19.80
C THR C 141 -92.38 -89.81 18.37
N LEU C 142 -92.92 -89.09 17.38
CA LEU C 142 -92.82 -89.55 16.00
C LEU C 142 -91.44 -89.30 15.40
N THR C 143 -90.91 -88.09 15.62
CA THR C 143 -89.67 -87.66 14.99
C THR C 143 -88.43 -88.11 15.75
N THR C 144 -88.55 -89.17 16.56
CA THR C 144 -87.38 -89.86 17.12
C THR C 144 -87.72 -91.32 17.34
N PRO C 145 -87.77 -92.11 16.28
CA PRO C 145 -87.89 -93.57 16.48
C PRO C 145 -86.73 -94.06 17.31
N GLN C 146 -86.89 -95.25 17.86
CA GLN C 146 -85.82 -95.83 18.67
C GLN C 146 -84.80 -96.56 17.81
N ASN C 147 -85.24 -97.12 16.69
CA ASN C 147 -84.32 -97.84 15.82
C ASN C 147 -83.28 -96.90 15.24
N GLN C 148 -83.70 -95.72 14.81
CA GLN C 148 -82.75 -94.77 14.25
C GLN C 148 -81.76 -94.32 15.30
N VAL C 149 -82.24 -94.06 16.52
CA VAL C 149 -81.35 -93.64 17.59
C VAL C 149 -80.37 -94.75 17.92
N ASP C 150 -80.84 -95.98 17.96
CA ASP C 150 -79.96 -97.10 18.26
C ASP C 150 -78.91 -97.26 17.17
N MET C 151 -79.32 -97.13 15.91
CA MET C 151 -78.37 -97.25 14.82
C MET C 151 -77.33 -96.15 14.89
N LEU C 152 -77.77 -94.92 15.15
CA LEU C 152 -76.83 -93.81 15.24
C LEU C 152 -75.89 -94.00 16.41
N LEU C 153 -76.41 -94.47 17.54
CA LEU C 153 -75.57 -94.67 18.70
C LEU C 153 -74.52 -95.72 18.43
N GLN C 154 -74.93 -96.83 17.82
CA GLN C 154 -73.98 -97.87 17.45
C GLN C 154 -72.94 -97.32 16.49
N GLU C 155 -73.38 -96.51 15.53
CA GLU C 155 -72.47 -95.97 14.53
C GLU C 155 -71.44 -95.05 15.17
N MET C 156 -71.91 -94.13 16.00
CA MET C 156 -71.02 -93.18 16.62
C MET C 156 -70.13 -93.84 17.67
N ALA C 157 -70.60 -94.91 18.28
CA ALA C 157 -69.77 -95.65 19.23
C ALA C 157 -68.69 -96.42 18.51
N ASP C 158 -69.00 -96.95 17.33
CA ASP C 158 -68.00 -97.59 16.51
C ASP C 158 -66.99 -96.57 16.00
N GLU C 159 -67.48 -95.38 15.66
CA GLU C 159 -66.59 -94.32 15.19
C GLU C 159 -65.64 -93.91 16.29
N ALA C 160 -66.18 -93.60 17.48
CA ALA C 160 -65.35 -93.27 18.62
C ALA C 160 -64.50 -94.46 19.03
N GLY C 161 -65.07 -95.65 19.03
CA GLY C 161 -64.35 -96.84 19.40
C GLY C 161 -64.77 -97.39 20.74
N LEU C 162 -66.06 -97.27 21.07
CA LEU C 162 -66.60 -97.78 22.32
C LEU C 162 -67.84 -98.61 22.04
N ASP C 163 -68.28 -99.35 23.06
CA ASP C 163 -69.48 -100.17 22.99
C ASP C 163 -70.43 -99.78 24.11
N LEU C 164 -71.72 -99.95 23.84
CA LEU C 164 -72.78 -99.63 24.79
C LEU C 164 -73.50 -100.89 25.24
N SER D 2 -75.37 -54.44 64.38
CA SER D 2 -76.20 -55.06 65.41
C SER D 2 -75.40 -55.30 66.66
N ASN D 3 -76.10 -55.64 67.74
CA ASN D 3 -75.40 -56.07 68.94
C ASN D 3 -74.51 -57.26 68.62
N MET D 4 -74.95 -58.11 67.70
CA MET D 4 -74.12 -59.27 67.33
C MET D 4 -72.79 -58.83 66.76
N GLU D 5 -72.80 -57.84 65.89
CA GLU D 5 -71.56 -57.40 65.26
C GLU D 5 -70.65 -56.72 66.26
N LYS D 6 -71.21 -55.85 67.09
CA LYS D 6 -70.42 -55.20 68.14
C LYS D 6 -69.80 -56.24 69.06
N HIS D 7 -70.57 -57.26 69.42
CA HIS D 7 -70.06 -58.29 70.30
C HIS D 7 -69.01 -59.12 69.62
N LEU D 8 -69.15 -59.35 68.32
CA LEU D 8 -68.12 -60.06 67.57
C LEU D 8 -66.83 -59.29 67.55
N PHE D 9 -66.92 -58.00 67.29
CA PHE D 9 -65.74 -57.14 67.37
C PHE D 9 -65.11 -57.21 68.75
N ASN D 10 -65.96 -57.15 69.78
CA ASN D 10 -65.46 -57.21 71.14
C ASN D 10 -64.73 -58.52 71.40
N LEU D 11 -65.28 -59.61 70.90
CA LEU D 11 -64.68 -60.93 71.10
C LEU D 11 -63.36 -61.05 70.36
N LYS D 12 -63.32 -60.54 69.14
CA LYS D 12 -62.06 -60.55 68.39
C LYS D 12 -61.00 -59.73 69.09
N PHE D 13 -61.38 -58.55 69.57
CA PHE D 13 -60.45 -57.74 70.34
C PHE D 13 -59.96 -58.49 71.57
N ALA D 14 -60.87 -59.17 72.26
CA ALA D 14 -60.49 -59.90 73.46
C ALA D 14 -59.53 -61.02 73.13
N ALA D 15 -59.80 -61.75 72.06
CA ALA D 15 -58.92 -62.84 71.67
C ALA D 15 -57.54 -62.33 71.30
N LYS D 16 -57.50 -61.25 70.54
CA LYS D 16 -56.21 -60.66 70.16
C LYS D 16 -55.47 -60.18 71.39
N GLU D 17 -56.19 -59.61 72.34
CA GLU D 17 -55.57 -59.13 73.56
C GLU D 17 -55.00 -60.28 74.37
N LEU D 18 -55.74 -61.38 74.44
CA LEU D 18 -55.23 -62.55 75.17
C LEU D 18 -54.01 -63.11 74.49
N SER D 19 -54.03 -63.16 73.16
CA SER D 19 -52.86 -63.64 72.44
C SER D 19 -51.66 -62.76 72.71
N ARG D 20 -51.86 -61.45 72.69
CA ARG D 20 -50.76 -60.54 72.93
C ARG D 20 -50.26 -60.65 74.37
N SER D 21 -51.17 -60.87 75.31
CA SER D 21 -50.77 -61.04 76.70
C SER D 21 -49.95 -62.30 76.87
N ALA D 22 -50.37 -63.38 76.21
CA ALA D 22 -49.59 -64.60 76.23
C ALA D 22 -48.23 -64.38 75.61
N LYS D 23 -48.17 -63.63 74.53
CA LYS D 23 -46.89 -63.33 73.90
C LYS D 23 -45.99 -62.56 74.84
N LYS D 24 -46.54 -61.59 75.54
CA LYS D 24 -45.78 -60.82 76.50
C LYS D 24 -45.27 -61.71 77.62
N CYS D 25 -46.14 -62.57 78.13
CA CYS D 25 -45.73 -63.50 79.17
C CYS D 25 -44.60 -64.38 78.69
N ASP D 26 -44.66 -64.81 77.43
CA ASP D 26 -43.62 -65.66 76.89
C ASP D 26 -42.30 -64.93 76.77
N LYS D 27 -42.34 -63.71 76.24
CA LYS D 27 -41.14 -62.90 76.13
C LYS D 27 -40.53 -62.66 77.50
N GLU D 28 -41.39 -62.40 78.48
CA GLU D 28 -40.93 -62.17 79.83
C GLU D 28 -40.30 -63.41 80.43
N GLU D 29 -40.89 -64.57 80.14
CA GLU D 29 -40.30 -65.82 80.59
C GLU D 29 -38.92 -66.01 79.99
N LYS D 30 -38.79 -65.73 78.70
CA LYS D 30 -37.50 -65.85 78.05
C LYS D 30 -36.48 -64.93 78.68
N ALA D 31 -36.88 -63.68 78.92
CA ALA D 31 -35.98 -62.72 79.52
C ALA D 31 -35.59 -63.14 80.93
N GLU D 32 -36.53 -63.69 81.68
CA GLU D 32 -36.24 -64.12 83.04
C GLU D 32 -35.28 -65.30 83.04
N LYS D 33 -35.48 -66.23 82.11
CA LYS D 33 -34.56 -67.35 82.00
C LYS D 33 -33.17 -66.88 81.62
N ALA D 34 -33.11 -65.91 80.71
CA ALA D 34 -31.83 -65.31 80.35
C ALA D 34 -31.15 -64.74 81.59
N LYS D 35 -31.87 -63.89 82.32
CA LYS D 35 -31.29 -63.28 83.51
C LYS D 35 -30.90 -64.32 84.53
N ILE D 36 -31.65 -65.41 84.63
CA ILE D 36 -31.28 -66.49 85.52
C ILE D 36 -29.92 -67.04 85.13
N GLU D 37 -29.72 -67.26 83.83
CA GLU D 37 -28.44 -67.73 83.36
C GLU D 37 -27.35 -66.73 83.72
N LYS D 38 -27.59 -65.46 83.43
CA LYS D 38 -26.57 -64.45 83.66
C LYS D 38 -26.23 -64.31 85.14
N ALA D 39 -27.20 -64.57 86.01
CA ALA D 39 -26.97 -64.45 87.44
C ALA D 39 -26.27 -65.67 88.01
N ILE D 40 -26.69 -66.85 87.59
CA ILE D 40 -26.07 -68.08 88.06
C ILE D 40 -24.64 -68.15 87.57
N GLN D 41 -24.38 -67.66 86.37
CA GLN D 41 -23.02 -67.59 85.87
C GLN D 41 -22.13 -66.80 86.79
N LYS D 42 -22.72 -66.01 87.68
CA LYS D 42 -21.96 -65.22 88.63
C LYS D 42 -22.08 -65.76 90.05
N GLY D 43 -22.93 -66.75 90.27
CA GLY D 43 -23.04 -67.36 91.58
C GLY D 43 -24.17 -66.78 92.40
N ASN D 44 -25.36 -66.70 91.81
CA ASN D 44 -26.54 -66.19 92.49
C ASN D 44 -27.57 -67.30 92.51
N MET D 45 -27.98 -67.69 93.71
CA MET D 45 -29.05 -68.67 93.87
C MET D 45 -30.39 -68.00 94.02
N GLU D 46 -30.49 -67.05 94.94
CA GLU D 46 -31.78 -66.46 95.24
C GLU D 46 -32.36 -65.76 94.03
N VAL D 47 -31.53 -65.05 93.28
CA VAL D 47 -32.02 -64.40 92.07
C VAL D 47 -32.56 -65.44 91.12
N ALA D 48 -31.87 -66.56 91.03
CA ALA D 48 -32.33 -67.64 90.18
C ALA D 48 -33.68 -68.15 90.63
N ARG D 49 -33.84 -68.39 91.94
CA ARG D 49 -35.12 -68.84 92.46
C ARG D 49 -36.22 -67.83 92.14
N ILE D 50 -35.93 -66.56 92.34
CA ILE D 50 -36.93 -65.52 92.13
C ILE D 50 -37.38 -65.50 90.68
N HIS D 51 -36.41 -65.44 89.78
CA HIS D 51 -36.74 -65.40 88.37
C HIS D 51 -37.46 -66.66 87.93
N ALA D 52 -37.12 -67.80 88.53
CA ALA D 52 -37.80 -69.03 88.20
C ALA D 52 -39.26 -68.99 88.64
N GLU D 53 -39.51 -68.46 89.83
CA GLU D 53 -40.87 -68.26 90.28
C GLU D 53 -41.62 -67.35 89.33
N ASN D 54 -40.96 -66.30 88.88
CA ASN D 54 -41.57 -65.38 87.93
C ASN D 54 -41.94 -66.09 86.64
N ALA D 55 -41.01 -66.90 86.14
CA ALA D 55 -41.27 -67.63 84.90
C ALA D 55 -42.42 -68.60 85.08
N ILE D 56 -42.50 -69.27 86.22
CA ILE D 56 -43.60 -70.19 86.46
C ILE D 56 -44.91 -69.44 86.46
N ARG D 57 -44.94 -68.30 87.13
CA ARG D 57 -46.14 -67.49 87.16
C ARG D 57 -46.55 -67.10 85.75
N GLN D 58 -45.59 -66.63 84.98
CA GLN D 58 -45.88 -66.19 83.62
C GLN D 58 -46.39 -67.35 82.78
N LYS D 59 -45.83 -68.53 82.96
CA LYS D 59 -46.28 -69.70 82.22
C LYS D 59 -47.70 -70.06 82.59
N ASN D 60 -47.98 -70.11 83.89
CA ASN D 60 -49.32 -70.43 84.33
C ASN D 60 -50.32 -69.44 83.79
N GLN D 61 -49.96 -68.16 83.81
CA GLN D 61 -50.85 -67.11 83.35
C GLN D 61 -51.05 -67.17 81.85
N ALA D 62 -49.98 -67.49 81.12
CA ALA D 62 -50.09 -67.69 79.70
C ALA D 62 -51.04 -68.84 79.38
N VAL D 63 -50.93 -69.92 80.15
CA VAL D 63 -51.79 -71.07 79.95
C VAL D 63 -53.24 -70.69 80.19
N ASN D 64 -53.47 -69.96 81.28
CA ASN D 64 -54.83 -69.55 81.61
C ASN D 64 -55.40 -68.66 80.53
N PHE D 65 -54.59 -67.73 80.03
CA PHE D 65 -55.03 -66.85 78.96
C PHE D 65 -55.33 -67.64 77.71
N LEU D 66 -54.54 -68.67 77.45
CA LEU D 66 -54.78 -69.49 76.27
C LEU D 66 -56.07 -70.24 76.39
N ARG D 67 -56.34 -70.80 77.57
CA ARG D 67 -57.60 -71.50 77.80
C ARG D 67 -58.77 -70.57 77.63
N MET D 68 -58.71 -69.40 78.27
CA MET D 68 -59.79 -68.45 78.19
C MET D 68 -60.00 -67.98 76.76
N SER D 69 -58.92 -67.71 76.05
CA SER D 69 -59.01 -67.28 74.67
C SER D 69 -59.66 -68.35 73.82
N ALA D 70 -59.29 -69.61 74.04
CA ALA D 70 -59.86 -70.69 73.29
C ALA D 70 -61.36 -70.82 73.55
N ARG D 71 -61.75 -70.71 74.81
CA ARG D 71 -63.17 -70.78 75.14
C ARG D 71 -63.93 -69.64 74.47
N VAL D 72 -63.36 -68.44 74.53
CA VAL D 72 -63.98 -67.29 73.90
C VAL D 72 -64.08 -67.49 72.40
N ASP D 73 -63.09 -68.13 71.82
CA ASP D 73 -63.11 -68.41 70.39
C ASP D 73 -64.22 -69.38 70.05
N ALA D 74 -64.38 -70.40 70.88
CA ALA D 74 -65.49 -71.33 70.67
C ALA D 74 -66.82 -70.62 70.73
N VAL D 75 -66.97 -69.74 71.70
CA VAL D 75 -68.22 -69.00 71.85
C VAL D 75 -68.47 -68.13 70.63
N ALA D 76 -67.44 -67.41 70.19
CA ALA D 76 -67.58 -66.54 69.03
C ALA D 76 -67.92 -67.35 67.79
N ALA D 77 -67.37 -68.55 67.70
CA ALA D 77 -67.66 -69.40 66.56
C ALA D 77 -69.11 -69.84 66.57
N ARG D 78 -69.61 -70.23 67.73
CA ARG D 78 -71.02 -70.54 67.86
C ARG D 78 -71.88 -69.35 67.46
N VAL D 79 -71.44 -68.17 67.84
CA VAL D 79 -72.21 -66.97 67.52
C VAL D 79 -72.24 -66.73 66.02
N GLN D 80 -71.09 -66.89 65.37
CA GLN D 80 -71.05 -66.73 63.92
C GLN D 80 -71.95 -67.73 63.24
N THR D 81 -71.92 -68.97 63.74
CA THR D 81 -72.83 -69.98 63.23
C THR D 81 -74.27 -69.51 63.34
N ALA D 82 -74.63 -68.99 64.50
CA ALA D 82 -75.99 -68.53 64.71
C ALA D 82 -76.35 -67.41 63.74
N VAL D 83 -75.42 -66.49 63.52
CA VAL D 83 -75.70 -65.34 62.65
C VAL D 83 -75.89 -65.81 61.23
N THR D 84 -75.02 -66.70 60.78
CA THR D 84 -75.15 -67.24 59.45
C THR D 84 -76.49 -67.96 59.29
N MET D 85 -76.88 -68.74 60.29
CA MET D 85 -78.17 -69.42 60.25
C MET D 85 -79.30 -68.41 60.17
N GLY D 86 -79.15 -67.28 60.84
CA GLY D 86 -80.19 -66.26 60.77
C GLY D 86 -80.30 -65.64 59.39
N LYS D 87 -79.16 -65.32 58.79
CA LYS D 87 -79.16 -64.85 57.41
C LYS D 87 -79.85 -65.86 56.51
N VAL D 88 -79.53 -67.13 56.71
CA VAL D 88 -80.11 -68.19 55.90
C VAL D 88 -81.62 -68.21 56.08
N THR D 89 -82.08 -68.11 57.32
CA THR D 89 -83.50 -68.13 57.59
C THR D 89 -84.19 -66.96 56.91
N LYS D 90 -83.54 -65.79 56.92
CA LYS D 90 -84.10 -64.64 56.22
C LYS D 90 -84.25 -64.92 54.75
N SER D 91 -83.16 -65.33 54.11
CA SER D 91 -83.21 -65.62 52.68
C SER D 91 -84.29 -66.64 52.38
N MET D 92 -84.42 -67.65 53.24
CA MET D 92 -85.38 -68.71 53.01
C MET D 92 -86.81 -68.22 53.15
N ALA D 93 -87.05 -67.34 54.12
CA ALA D 93 -88.38 -66.75 54.26
C ALA D 93 -88.73 -65.90 53.04
N GLY D 94 -87.76 -65.15 52.54
CA GLY D 94 -87.99 -64.42 51.30
C GLY D 94 -88.36 -65.35 50.16
N VAL D 95 -87.62 -66.44 50.04
CA VAL D 95 -87.90 -67.41 48.99
C VAL D 95 -89.29 -67.98 49.17
N VAL D 96 -89.68 -68.21 50.42
CA VAL D 96 -91.01 -68.73 50.69
C VAL D 96 -92.06 -67.77 50.18
N LYS D 97 -91.93 -66.50 50.54
CA LYS D 97 -92.87 -65.50 50.05
C LYS D 97 -92.95 -65.53 48.54
N SER D 98 -91.80 -65.47 47.89
CA SER D 98 -91.79 -65.37 46.43
C SER D 98 -92.40 -66.60 45.78
N MET D 99 -92.03 -67.79 46.28
CA MET D 99 -92.53 -69.02 45.67
C MET D 99 -94.00 -69.23 45.95
N ASP D 100 -94.47 -68.82 47.13
CA ASP D 100 -95.90 -68.88 47.41
C ASP D 100 -96.64 -67.97 46.45
N ALA D 101 -96.11 -66.77 46.21
CA ALA D 101 -96.70 -65.89 45.22
C ALA D 101 -96.77 -66.56 43.86
N THR D 102 -95.67 -67.17 43.44
CA THR D 102 -95.63 -67.80 42.12
C THR D 102 -96.65 -68.93 42.02
N LEU D 103 -96.68 -69.80 43.02
CA LEU D 103 -97.63 -70.90 43.01
C LEU D 103 -99.06 -70.40 43.04
N LYS D 104 -99.30 -69.25 43.67
CA LYS D 104 -100.64 -68.67 43.65
C LYS D 104 -100.98 -68.15 42.27
N THR D 105 -100.00 -67.60 41.57
CA THR D 105 -100.24 -67.11 40.21
C THR D 105 -100.43 -68.27 39.25
N MET D 106 -99.43 -69.15 39.19
CA MET D 106 -99.46 -70.27 38.26
C MET D 106 -99.78 -71.57 38.99
N ASN D 107 -100.47 -72.44 38.28
CA ASN D 107 -100.88 -73.73 38.82
C ASN D 107 -100.61 -74.80 37.77
N LEU D 108 -100.96 -76.04 38.11
CA LEU D 108 -100.70 -77.17 37.24
C LEU D 108 -101.80 -77.37 36.20
N GLU D 109 -103.04 -77.00 36.52
CA GLU D 109 -104.12 -77.17 35.55
C GLU D 109 -103.88 -76.32 34.32
N LYS D 110 -103.31 -75.13 34.51
CA LYS D 110 -102.96 -74.30 33.37
C LYS D 110 -101.92 -75.00 32.49
N ILE D 111 -100.94 -75.65 33.13
CA ILE D 111 -99.92 -76.37 32.37
C ILE D 111 -100.56 -77.50 31.58
N SER D 112 -101.43 -78.27 32.23
CA SER D 112 -102.07 -79.39 31.56
C SER D 112 -102.93 -78.91 30.39
N ALA D 113 -103.66 -77.81 30.59
CA ALA D 113 -104.47 -77.28 29.50
C ALA D 113 -103.61 -76.82 28.35
N LEU D 114 -102.50 -76.14 28.66
CA LEU D 114 -101.60 -75.68 27.61
C LEU D 114 -101.03 -76.86 26.84
N MET D 115 -100.67 -77.92 27.54
CA MET D 115 -100.06 -79.07 26.87
C MET D 115 -101.09 -79.82 26.04
N ASP D 116 -102.31 -79.96 26.55
CA ASP D 116 -103.36 -80.59 25.75
C ASP D 116 -103.65 -79.79 24.50
N LYS D 117 -103.72 -78.47 24.64
CA LYS D 117 -103.82 -77.60 23.48
C LYS D 117 -102.68 -77.89 22.53
N PHE D 118 -101.44 -77.76 23.00
CA PHE D 118 -100.29 -77.93 22.12
C PHE D 118 -100.40 -79.23 21.35
N GLU D 119 -100.83 -80.29 22.03
CA GLU D 119 -101.02 -81.57 21.37
C GLU D 119 -102.05 -81.47 20.26
N HIS D 120 -103.21 -80.89 20.56
CA HIS D 120 -104.26 -80.78 19.56
C HIS D 120 -103.84 -79.91 18.38
N GLN D 121 -103.20 -78.77 18.66
CA GLN D 121 -102.75 -77.88 17.59
C GLN D 121 -101.71 -78.56 16.73
N PHE D 122 -100.78 -79.27 17.34
CA PHE D 122 -99.77 -79.96 16.56
C PHE D 122 -100.36 -81.10 15.76
N GLU D 123 -101.39 -81.75 16.29
CA GLU D 123 -102.08 -82.79 15.54
C GLU D 123 -102.77 -82.20 14.32
N THR D 124 -103.46 -81.08 14.51
CA THR D 124 -104.10 -80.40 13.39
C THR D 124 -103.08 -79.95 12.36
N LEU D 125 -101.93 -79.48 12.84
CA LEU D 125 -100.87 -79.04 11.95
C LEU D 125 -100.29 -80.22 11.18
N ASP D 126 -100.13 -81.35 11.84
CA ASP D 126 -99.65 -82.55 11.16
C ASP D 126 -100.65 -82.98 10.10
N VAL D 127 -101.93 -82.89 10.40
CA VAL D 127 -102.96 -83.21 9.41
C VAL D 127 -102.87 -82.27 8.21
N GLN D 128 -102.73 -80.97 8.48
CA GLN D 128 -102.62 -80.00 7.40
C GLN D 128 -101.40 -80.26 6.54
N THR D 129 -100.28 -80.58 7.17
CA THR D 129 -99.06 -80.86 6.43
C THR D 129 -99.19 -82.13 5.61
N GLN D 130 -99.85 -83.15 6.15
CA GLN D 130 -100.09 -84.37 5.39
C GLN D 130 -100.97 -84.09 4.19
N GLN D 131 -102.01 -83.27 4.37
CA GLN D 131 -102.86 -82.89 3.26
C GLN D 131 -102.06 -82.15 2.19
N MET D 132 -101.22 -81.20 2.62
CA MET D 132 -100.40 -80.46 1.67
C MET D 132 -99.45 -81.40 0.92
N GLU D 133 -98.83 -82.32 1.64
CA GLU D 133 -97.94 -83.28 1.01
C GLU D 133 -98.69 -84.10 -0.03
N ASP D 134 -99.85 -84.62 0.34
CA ASP D 134 -100.64 -85.42 -0.59
C ASP D 134 -101.01 -84.62 -1.83
N THR D 135 -101.49 -83.39 -1.63
CA THR D 135 -101.92 -82.57 -2.76
C THR D 135 -100.75 -82.23 -3.68
N MET D 136 -99.66 -81.72 -3.11
CA MET D 136 -98.51 -81.33 -3.90
C MET D 136 -97.84 -82.52 -4.57
N SER D 137 -97.98 -83.72 -4.00
CA SER D 137 -97.45 -84.91 -4.66
C SER D 137 -98.37 -85.37 -5.77
N SER D 138 -99.69 -85.23 -5.59
CA SER D 138 -100.63 -85.57 -6.64
C SER D 138 -100.49 -84.64 -7.84
N THR D 139 -100.18 -83.36 -7.58
CA THR D 139 -100.00 -82.42 -8.67
C THR D 139 -98.79 -82.77 -9.51
N THR D 140 -97.66 -83.07 -8.85
CA THR D 140 -96.40 -83.33 -9.52
C THR D 140 -96.25 -84.83 -9.73
N THR D 141 -96.78 -85.32 -10.85
CA THR D 141 -96.69 -86.75 -11.16
C THR D 141 -96.22 -87.04 -12.58
N LEU D 142 -96.56 -86.16 -13.52
CA LEU D 142 -96.22 -86.42 -14.92
C LEU D 142 -94.75 -86.15 -15.20
N THR D 143 -94.24 -85.02 -14.73
CA THR D 143 -92.90 -84.56 -15.06
C THR D 143 -91.83 -85.17 -14.17
N THR D 144 -92.11 -86.32 -13.56
CA THR D 144 -91.10 -87.15 -12.91
C THR D 144 -91.50 -88.61 -12.96
N PRO D 145 -91.35 -89.24 -14.13
CA PRO D 145 -91.55 -90.69 -14.16
C PRO D 145 -90.57 -91.36 -13.23
N GLN D 146 -90.86 -92.61 -12.89
CA GLN D 146 -89.97 -93.34 -12.00
C GLN D 146 -88.83 -94.00 -12.76
N ASN D 147 -89.06 -94.37 -14.01
CA ASN D 147 -88.01 -95.00 -14.80
C ASN D 147 -86.86 -94.04 -15.04
N GLN D 148 -87.17 -92.80 -15.37
CA GLN D 148 -86.11 -91.82 -15.59
C GLN D 148 -85.32 -91.57 -14.33
N VAL D 149 -86.01 -91.47 -13.20
CA VAL D 149 -85.34 -91.25 -11.93
C VAL D 149 -84.44 -92.43 -11.60
N ASP D 150 -84.95 -93.64 -11.83
CA ASP D 150 -84.16 -94.83 -11.55
C ASP D 150 -82.93 -94.88 -12.43
N MET D 151 -83.10 -94.56 -13.72
CA MET D 151 -81.97 -94.56 -14.62
C MET D 151 -80.93 -93.54 -14.20
N LEU D 152 -81.38 -92.34 -13.84
CA LEU D 152 -80.46 -91.31 -13.43
C LEU D 152 -79.75 -91.70 -12.15
N LEU D 153 -80.48 -92.29 -11.22
CA LEU D 153 -79.87 -92.71 -9.96
C LEU D 153 -78.82 -93.76 -10.19
N GLN D 154 -79.13 -94.74 -11.03
CA GLN D 154 -78.15 -95.76 -11.38
C GLN D 154 -76.93 -95.13 -12.04
N GLU D 155 -77.17 -94.18 -12.93
CA GLU D 155 -76.09 -93.55 -13.66
C GLU D 155 -75.18 -92.78 -12.72
N MET D 156 -75.77 -91.97 -11.86
CA MET D 156 -74.98 -91.15 -10.96
C MET D 156 -74.32 -91.99 -9.87
N ALA D 157 -74.92 -93.12 -9.52
CA ALA D 157 -74.30 -94.02 -8.56
C ALA D 157 -73.11 -94.73 -9.18
N ASP D 158 -73.22 -95.09 -10.46
CA ASP D 158 -72.08 -95.64 -11.18
C ASP D 158 -71.00 -94.61 -11.35
N GLU D 159 -71.37 -93.36 -11.58
CA GLU D 159 -70.40 -92.29 -11.72
C GLU D 159 -69.66 -92.08 -10.41
N ALA D 160 -70.40 -91.93 -9.32
CA ALA D 160 -69.79 -91.80 -8.01
C ALA D 160 -69.05 -93.07 -7.63
N GLY D 161 -69.65 -94.23 -7.91
CA GLY D 161 -69.03 -95.50 -7.61
C GLY D 161 -69.70 -96.20 -6.44
N LEU D 162 -71.01 -96.07 -6.34
CA LEU D 162 -71.79 -96.74 -5.30
C LEU D 162 -72.98 -97.45 -5.92
N ASP D 163 -73.61 -98.29 -5.12
CA ASP D 163 -74.79 -99.04 -5.51
C ASP D 163 -75.94 -98.76 -4.54
N LEU D 164 -77.15 -98.83 -5.07
CA LEU D 164 -78.35 -98.61 -4.28
C LEU D 164 -79.19 -99.88 -4.16
N SER E 2 -87.60 -59.19 40.16
CA SER E 2 -88.63 -59.88 40.92
C SER E 2 -88.13 -60.33 42.26
N ASN E 3 -89.05 -60.74 43.12
CA ASN E 3 -88.63 -61.36 44.38
C ASN E 3 -87.73 -62.56 44.09
N MET E 4 -87.99 -63.26 42.99
CA MET E 4 -87.17 -64.40 42.65
C MET E 4 -85.73 -63.99 42.43
N GLU E 5 -85.51 -62.90 41.71
CA GLU E 5 -84.16 -62.46 41.40
C GLU E 5 -83.45 -61.97 42.65
N LYS E 6 -84.15 -61.18 43.46
CA LYS E 6 -83.56 -60.72 44.71
C LYS E 6 -83.18 -61.89 45.59
N HIS E 7 -84.05 -62.89 45.65
CA HIS E 7 -83.77 -64.06 46.48
C HIS E 7 -82.63 -64.87 45.92
N LEU E 8 -82.51 -64.93 44.59
CA LEU E 8 -81.37 -65.61 43.98
C LEU E 8 -80.07 -64.92 44.33
N PHE E 9 -80.06 -63.60 44.24
CA PHE E 9 -78.90 -62.84 44.65
C PHE E 9 -78.58 -63.11 46.10
N ASN E 10 -79.61 -63.12 46.94
CA ASN E 10 -79.40 -63.38 48.36
C ASN E 10 -78.80 -64.76 48.58
N LEU E 11 -79.28 -65.75 47.84
CA LEU E 11 -78.78 -67.10 47.99
C LEU E 11 -77.34 -67.22 47.52
N LYS E 12 -77.02 -66.57 46.41
CA LYS E 12 -75.65 -66.57 45.94
C LYS E 12 -74.72 -65.92 46.94
N PHE E 13 -75.14 -64.77 47.48
CA PHE E 13 -74.38 -64.12 48.52
C PHE E 13 -74.17 -65.04 49.70
N ALA E 14 -75.22 -65.75 50.10
CA ALA E 14 -75.13 -66.63 51.25
C ALA E 14 -74.16 -67.77 50.99
N ALA E 15 -74.23 -68.35 49.80
CA ALA E 15 -73.33 -69.44 49.44
C ALA E 15 -71.89 -68.97 49.43
N LYS E 16 -71.65 -67.80 48.84
CA LYS E 16 -70.30 -67.27 48.82
C LYS E 16 -69.81 -66.98 50.23
N GLU E 17 -70.69 -66.49 51.08
CA GLU E 17 -70.32 -66.20 52.45
C GLU E 17 -69.97 -67.47 53.20
N LEU E 18 -70.74 -68.53 52.98
CA LEU E 18 -70.45 -69.80 53.61
C LEU E 18 -69.12 -70.35 53.13
N SER E 19 -68.87 -70.23 51.84
CA SER E 19 -67.60 -70.70 51.30
C SER E 19 -66.44 -69.93 51.93
N ARG E 20 -66.59 -68.62 52.04
CA ARG E 20 -65.54 -67.81 52.62
C ARG E 20 -65.35 -68.13 54.10
N SER E 21 -66.45 -68.41 54.81
CA SER E 21 -66.34 -68.77 56.21
C SER E 21 -65.62 -70.10 56.37
N ALA E 22 -65.94 -71.05 55.51
CA ALA E 22 -65.23 -72.32 55.52
C ALA E 22 -63.75 -72.12 55.23
N LYS E 23 -63.44 -71.24 54.28
CA LYS E 23 -62.05 -70.95 53.97
C LYS E 23 -61.33 -70.36 55.17
N LYS E 24 -62.00 -69.44 55.86
CA LYS E 24 -61.41 -68.84 57.04
C LYS E 24 -61.19 -69.89 58.12
N CYS E 25 -62.17 -70.76 58.32
CA CYS E 25 -62.03 -71.83 59.30
C CYS E 25 -60.85 -72.72 58.94
N ASP E 26 -60.66 -72.98 57.66
CA ASP E 26 -59.56 -73.82 57.22
C ASP E 26 -58.22 -73.16 57.47
N LYS E 27 -58.11 -71.88 57.10
CA LYS E 27 -56.88 -71.16 57.35
C LYS E 27 -56.56 -71.11 58.83
N GLU E 28 -57.59 -70.92 59.64
CA GLU E 28 -57.42 -70.88 61.08
C GLU E 28 -56.98 -72.23 61.61
N GLU E 29 -57.53 -73.31 61.07
CA GLU E 29 -57.10 -74.64 61.46
C GLU E 29 -55.63 -74.84 61.14
N LYS E 30 -55.22 -74.42 59.95
CA LYS E 30 -53.83 -74.54 59.56
C LYS E 30 -52.93 -73.76 60.50
N ALA E 31 -53.33 -72.54 60.81
CA ALA E 31 -52.54 -71.71 61.71
C ALA E 31 -52.46 -72.33 63.10
N GLU E 32 -53.56 -72.89 63.56
CA GLU E 32 -53.57 -73.51 64.88
C GLU E 32 -52.67 -74.73 64.92
N LYS E 33 -52.71 -75.53 63.86
CA LYS E 33 -51.84 -76.69 63.79
C LYS E 33 -50.38 -76.26 63.76
N ALA E 34 -50.10 -75.20 63.00
CA ALA E 34 -48.75 -74.64 63.00
C ALA E 34 -48.32 -74.26 64.41
N LYS E 35 -49.14 -73.46 65.09
CA LYS E 35 -48.81 -73.04 66.45
C LYS E 35 -48.67 -74.23 67.39
N ILE E 36 -49.47 -75.26 67.18
CA ILE E 36 -49.33 -76.47 67.97
C ILE E 36 -47.93 -77.04 67.79
N GLU E 37 -47.48 -77.12 66.55
CA GLU E 37 -46.15 -77.61 66.29
C GLU E 37 -45.12 -76.75 66.99
N LYS E 38 -45.25 -75.43 66.83
CA LYS E 38 -44.27 -74.51 67.38
C LYS E 38 -44.24 -74.57 68.90
N ALA E 39 -45.36 -74.89 69.53
CA ALA E 39 -45.43 -74.95 70.98
C ALA E 39 -44.91 -76.27 71.50
N ILE E 40 -45.29 -77.37 70.86
CA ILE E 40 -44.83 -78.68 71.27
C ILE E 40 -43.32 -78.79 71.08
N GLN E 41 -42.81 -78.17 70.03
CA GLN E 41 -41.37 -78.13 69.82
C GLN E 41 -40.66 -77.51 71.01
N LYS E 42 -41.39 -76.79 71.86
CA LYS E 42 -40.82 -76.18 73.04
C LYS E 42 -41.25 -76.87 74.32
N GLY E 43 -42.17 -77.83 74.24
CA GLY E 43 -42.57 -78.59 75.40
C GLY E 43 -43.82 -78.04 76.05
N ASN E 44 -44.85 -77.82 75.24
CA ASN E 44 -46.13 -77.32 75.73
C ASN E 44 -47.19 -78.36 75.39
N MET E 45 -47.84 -78.87 76.43
CA MET E 45 -48.95 -79.78 76.24
C MET E 45 -50.28 -79.06 76.20
N GLU E 46 -50.53 -78.22 77.20
CA GLU E 46 -51.83 -77.59 77.32
C GLU E 46 -52.13 -76.71 76.12
N VAL E 47 -51.13 -75.96 75.64
CA VAL E 47 -51.33 -75.15 74.46
C VAL E 47 -51.71 -76.04 73.29
N ALA E 48 -51.05 -77.18 73.19
CA ALA E 48 -51.36 -78.12 72.13
C ALA E 48 -52.81 -78.59 72.23
N ARG E 49 -53.23 -78.97 73.44
CA ARG E 49 -54.61 -79.40 73.63
C ARG E 49 -55.58 -78.30 73.23
N ILE E 50 -55.29 -77.08 73.64
CA ILE E 50 -56.19 -75.96 73.39
C ILE E 50 -56.33 -75.73 71.89
N HIS E 51 -55.19 -75.62 71.21
CA HIS E 51 -55.22 -75.39 69.78
C HIS E 51 -55.88 -76.55 69.05
N ALA E 52 -55.71 -77.77 69.55
CA ALA E 52 -56.35 -78.91 68.93
C ALA E 52 -57.86 -78.82 69.07
N GLU E 53 -58.33 -78.43 70.23
CA GLU E 53 -59.75 -78.21 70.42
C GLU E 53 -60.26 -77.14 69.47
N ASN E 54 -59.47 -76.09 69.31
CA ASN E 54 -59.84 -75.01 68.39
C ASN E 54 -59.95 -75.54 66.97
N ALA E 55 -58.99 -76.34 66.55
CA ALA E 55 -59.00 -76.90 65.22
C ALA E 55 -60.21 -77.80 65.01
N ILE E 56 -60.53 -78.60 66.02
CA ILE E 56 -61.69 -79.48 65.92
C ILE E 56 -62.96 -78.65 65.76
N ARG E 57 -63.07 -77.60 66.55
CA ARG E 57 -64.24 -76.73 66.44
C ARG E 57 -64.32 -76.14 65.05
N GLN E 58 -63.20 -75.65 64.54
CA GLN E 58 -63.19 -75.03 63.23
C GLN E 58 -63.56 -76.03 62.15
N LYS E 59 -63.09 -77.26 62.29
CA LYS E 59 -63.42 -78.30 61.33
C LYS E 59 -64.90 -78.62 61.35
N ASN E 60 -65.45 -78.80 62.55
CA ASN E 60 -66.86 -79.10 62.67
C ASN E 60 -67.70 -77.98 62.07
N GLN E 61 -67.29 -76.75 62.34
CA GLN E 61 -68.03 -75.59 61.85
C GLN E 61 -67.91 -75.46 60.34
N ALA E 62 -66.73 -75.75 59.81
CA ALA E 62 -66.55 -75.77 58.37
C ALA E 62 -67.46 -76.80 57.74
N VAL E 63 -67.54 -77.98 58.35
CA VAL E 63 -68.39 -79.04 57.83
C VAL E 63 -69.83 -78.60 57.84
N ASN E 64 -70.27 -78.00 58.92
CA ASN E 64 -71.65 -77.55 59.03
C ASN E 64 -71.95 -76.49 57.98
N PHE E 65 -71.02 -75.56 57.79
CA PHE E 65 -71.20 -74.55 56.78
C PHE E 65 -71.26 -75.15 55.40
N LEU E 66 -70.46 -76.19 55.17
CA LEU E 66 -70.48 -76.83 53.87
C LEU E 66 -71.81 -77.52 53.63
N ARG E 67 -72.32 -78.19 54.65
CA ARG E 67 -73.63 -78.84 54.52
C ARG E 67 -74.71 -77.81 54.25
N MET E 68 -74.73 -76.75 55.02
CA MET E 68 -75.75 -75.73 54.86
C MET E 68 -75.63 -75.07 53.49
N SER E 69 -74.41 -74.79 53.06
CA SER E 69 -74.20 -74.19 51.75
C SER E 69 -74.71 -75.11 50.65
N ALA E 70 -74.43 -76.40 50.79
CA ALA E 70 -74.89 -77.36 49.79
C ALA E 70 -76.40 -77.40 49.73
N ARG E 71 -77.04 -77.42 50.89
CA ARG E 71 -78.50 -77.45 50.91
C ARG E 71 -79.06 -76.20 50.26
N VAL E 72 -78.47 -75.05 50.58
CA VAL E 72 -78.90 -73.79 50.00
C VAL E 72 -78.70 -73.80 48.50
N ASP E 73 -77.62 -74.44 48.06
CA ASP E 73 -77.36 -74.53 46.63
C ASP E 73 -78.41 -75.38 45.95
N ALA E 74 -78.79 -76.48 46.58
CA ALA E 74 -79.85 -77.31 46.03
C ALA E 74 -81.14 -76.53 45.91
N VAL E 75 -81.46 -75.77 46.94
CA VAL E 75 -82.69 -74.97 46.94
C VAL E 75 -82.64 -73.95 45.81
N ALA E 76 -81.52 -73.24 45.69
CA ALA E 76 -81.38 -72.23 44.66
C ALA E 76 -81.49 -72.87 43.27
N ALA E 77 -80.98 -74.08 43.13
CA ALA E 77 -81.06 -74.76 41.86
C ALA E 77 -82.49 -75.10 41.52
N ARG E 78 -83.23 -75.60 42.50
CA ARG E 78 -84.65 -75.85 42.29
C ARG E 78 -85.36 -74.56 41.90
N VAL E 79 -84.97 -73.45 42.50
CA VAL E 79 -85.61 -72.19 42.20
C VAL E 79 -85.32 -71.76 40.77
N GLN E 80 -84.07 -71.92 40.35
CA GLN E 80 -83.71 -71.58 38.98
C GLN E 80 -84.49 -72.44 38.00
N THR E 81 -84.62 -73.72 38.32
CA THR E 81 -85.44 -74.61 37.51
C THR E 81 -86.85 -74.07 37.39
N ALA E 82 -87.42 -73.66 38.51
CA ALA E 82 -88.78 -73.15 38.51
C ALA E 82 -88.89 -71.91 37.63
N VAL E 83 -87.91 -71.02 37.74
CA VAL E 83 -87.96 -69.77 36.99
C VAL E 83 -87.85 -70.03 35.50
N THR E 84 -86.95 -70.92 35.13
CA THR E 84 -86.83 -71.30 33.74
C THR E 84 -88.11 -71.90 33.22
N MET E 85 -88.74 -72.76 34.01
CA MET E 85 -90.01 -73.35 33.62
C MET E 85 -91.07 -72.27 33.45
N GLY E 86 -91.02 -71.24 34.28
CA GLY E 86 -91.98 -70.15 34.14
C GLY E 86 -91.79 -69.37 32.86
N LYS E 87 -90.52 -69.05 32.55
CA LYS E 87 -90.23 -68.43 31.26
C LYS E 87 -90.75 -69.26 30.12
N VAL E 88 -90.53 -70.58 30.21
CA VAL E 88 -90.98 -71.48 29.17
C VAL E 88 -92.48 -71.43 29.04
N THR E 89 -93.18 -71.45 30.16
CA THR E 89 -94.63 -71.41 30.14
C THR E 89 -95.12 -70.13 29.49
N LYS E 90 -94.44 -69.02 29.79
CA LYS E 90 -94.80 -67.75 29.15
C LYS E 90 -94.66 -67.84 27.65
N SER E 91 -93.47 -68.24 27.19
CA SER E 91 -93.23 -68.36 25.77
C SER E 91 -94.27 -69.26 25.13
N MET E 92 -94.61 -70.35 25.80
CA MET E 92 -95.53 -71.32 25.23
C MET E 92 -96.95 -70.76 25.15
N ALA E 93 -97.35 -69.99 26.15
CA ALA E 93 -98.64 -69.34 26.10
C ALA E 93 -98.71 -68.34 24.96
N GLY E 94 -97.63 -67.58 24.76
CA GLY E 94 -97.58 -66.69 23.61
C GLY E 94 -97.73 -67.45 22.31
N VAL E 95 -97.02 -68.57 22.21
CA VAL E 95 -97.11 -69.39 20.99
C VAL E 95 -98.53 -69.89 20.82
N VAL E 96 -99.18 -70.23 21.93
CA VAL E 96 -100.56 -70.71 21.85
C VAL E 96 -101.45 -69.62 21.26
N LYS E 97 -101.34 -68.42 21.81
CA LYS E 97 -102.12 -67.30 21.29
C LYS E 97 -101.89 -67.14 19.80
N SER E 98 -100.63 -67.08 19.40
CA SER E 98 -100.30 -66.80 18.00
C SER E 98 -100.81 -67.91 17.08
N MET E 99 -100.60 -69.16 17.47
CA MET E 99 -101.00 -70.28 16.63
C MET E 99 -102.52 -70.43 16.58
N ASP E 100 -103.20 -70.14 17.68
CA ASP E 100 -104.66 -70.14 17.65
C ASP E 100 -105.16 -69.07 16.70
N ALA E 101 -104.54 -67.89 16.73
CA ALA E 101 -104.88 -66.86 15.77
C ALA E 101 -104.69 -67.35 14.35
N THR E 102 -103.55 -67.98 14.07
CA THR E 102 -103.26 -68.45 12.72
C THR E 102 -104.28 -69.48 12.27
N LEU E 103 -104.54 -70.47 13.11
CA LEU E 103 -105.51 -71.50 12.77
C LEU E 103 -106.91 -70.91 12.58
N LYS E 104 -107.23 -69.84 13.30
CA LYS E 104 -108.50 -69.18 13.08
C LYS E 104 -108.53 -68.48 11.74
N THR E 105 -107.41 -67.90 11.33
CA THR E 105 -107.34 -67.24 10.04
C THR E 105 -107.36 -68.26 8.91
N MET E 106 -106.42 -69.19 8.93
CA MET E 106 -106.29 -70.18 7.89
C MET E 106 -106.80 -71.53 8.35
N ASN E 107 -107.36 -72.28 7.41
CA ASN E 107 -107.92 -73.59 7.68
C ASN E 107 -107.48 -74.54 6.57
N LEU E 108 -107.94 -75.78 6.68
CA LEU E 108 -107.55 -76.81 5.72
C LEU E 108 -108.41 -76.83 4.47
N GLU E 109 -109.68 -76.42 4.58
CA GLU E 109 -110.54 -76.40 3.40
C GLU E 109 -110.02 -75.41 2.37
N LYS E 110 -109.46 -74.29 2.81
CA LYS E 110 -108.84 -73.36 1.89
C LYS E 110 -107.67 -74.01 1.16
N ILE E 111 -106.86 -74.79 1.88
CA ILE E 111 -105.74 -75.48 1.26
C ILE E 111 -106.24 -76.47 0.22
N SER E 112 -107.26 -77.25 0.58
CA SER E 112 -107.79 -78.24 -0.36
C SER E 112 -108.37 -77.57 -1.60
N ALA E 113 -109.08 -76.46 -1.41
CA ALA E 113 -109.63 -75.75 -2.55
C ALA E 113 -108.52 -75.21 -3.44
N LEU E 114 -107.49 -74.64 -2.82
CA LEU E 114 -106.38 -74.12 -3.61
C LEU E 114 -105.69 -75.22 -4.39
N MET E 115 -105.51 -76.39 -3.77
CA MET E 115 -104.84 -77.48 -4.47
C MET E 115 -105.70 -78.06 -5.58
N ASP E 116 -107.00 -78.18 -5.35
CA ASP E 116 -107.89 -78.65 -6.40
C ASP E 116 -107.87 -77.68 -7.57
N LYS E 117 -107.92 -76.38 -7.27
CA LYS E 117 -107.74 -75.38 -8.31
C LYS E 117 -106.45 -75.61 -9.05
N PHE E 118 -105.33 -75.62 -8.33
CA PHE E 118 -104.03 -75.77 -8.96
C PHE E 118 -104.03 -76.94 -9.90
N GLU E 119 -104.62 -78.04 -9.47
CA GLU E 119 -104.72 -79.22 -10.31
C GLU E 119 -105.49 -78.92 -11.59
N HIS E 120 -106.67 -78.31 -11.45
CA HIS E 120 -107.48 -78.02 -12.63
C HIS E 120 -106.79 -77.04 -13.57
N GLN E 121 -106.18 -75.99 -13.01
CA GLN E 121 -105.50 -75.01 -13.85
C GLN E 121 -104.32 -75.64 -14.57
N PHE E 122 -103.56 -76.47 -13.88
CA PHE E 122 -102.43 -77.13 -14.52
C PHE E 122 -102.90 -78.12 -15.57
N GLU E 123 -104.04 -78.76 -15.34
CA GLU E 123 -104.59 -79.66 -16.35
C GLU E 123 -105.00 -78.88 -17.60
N THR E 124 -105.66 -77.75 -17.41
CA THR E 124 -106.03 -76.90 -18.54
C THR E 124 -104.80 -76.40 -19.26
N LEU E 125 -103.76 -76.05 -18.51
CA LEU E 125 -102.52 -75.58 -19.10
C LEU E 125 -101.84 -76.69 -19.89
N ASP E 126 -101.87 -77.91 -19.36
CA ASP E 126 -101.30 -79.04 -20.08
C ASP E 126 -102.06 -79.27 -21.37
N VAL E 127 -103.39 -79.13 -21.33
CA VAL E 127 -104.18 -79.27 -22.54
C VAL E 127 -103.82 -78.21 -23.56
N GLN E 128 -103.69 -76.96 -23.09
CA GLN E 128 -103.33 -75.87 -24.00
C GLN E 128 -101.96 -76.11 -24.62
N THR E 129 -101.01 -76.57 -23.81
CA THR E 129 -99.67 -76.84 -24.33
C THR E 129 -99.67 -77.98 -25.32
N GLN E 130 -100.48 -79.02 -25.06
CA GLN E 130 -100.60 -80.11 -26.00
C GLN E 130 -101.19 -79.63 -27.32
N GLN E 131 -102.21 -78.79 -27.24
CA GLN E 131 -102.80 -78.22 -28.44
C GLN E 131 -101.77 -77.39 -29.22
N MET E 132 -101.00 -76.57 -28.51
CA MET E 132 -99.98 -75.78 -29.16
C MET E 132 -98.94 -76.66 -29.83
N GLU E 133 -98.50 -77.71 -29.12
CA GLU E 133 -97.54 -78.64 -29.69
C GLU E 133 -98.08 -79.27 -30.96
N ASP E 134 -99.32 -79.77 -30.90
CA ASP E 134 -99.93 -80.39 -32.07
C ASP E 134 -100.00 -79.43 -33.24
N THR E 135 -100.47 -78.20 -32.98
CA THR E 135 -100.62 -77.23 -34.05
C THR E 135 -99.28 -76.86 -34.66
N MET E 136 -98.32 -76.49 -33.82
CA MET E 136 -97.02 -76.08 -34.31
C MET E 136 -96.25 -77.21 -34.97
N SER E 137 -96.55 -78.46 -34.62
CA SER E 137 -95.94 -79.59 -35.30
C SER E 137 -96.63 -79.87 -36.64
N SER E 138 -97.95 -79.66 -36.70
CA SER E 138 -98.67 -79.81 -37.95
C SER E 138 -98.24 -78.75 -38.96
N THR E 139 -97.95 -77.54 -38.49
CA THR E 139 -97.52 -76.48 -39.38
C THR E 139 -96.17 -76.80 -39.99
N THR E 140 -95.22 -77.26 -39.17
CA THR E 140 -93.84 -77.51 -39.60
C THR E 140 -93.72 -78.98 -39.98
N THR E 141 -94.02 -79.30 -41.23
CA THR E 141 -93.93 -80.67 -41.70
C THR E 141 -93.18 -80.82 -43.02
N LEU E 142 -93.28 -79.81 -43.89
CA LEU E 142 -92.66 -79.92 -45.21
C LEU E 142 -91.16 -79.71 -45.16
N THR E 143 -90.72 -78.68 -44.44
CA THR E 143 -89.32 -78.28 -44.43
C THR E 143 -88.48 -79.06 -43.44
N THR E 144 -88.93 -80.26 -43.06
CA THR E 144 -88.10 -81.20 -42.32
C THR E 144 -88.53 -82.62 -42.65
N PRO E 145 -88.19 -83.12 -43.83
CA PRO E 145 -88.41 -84.54 -44.10
C PRO E 145 -87.67 -85.38 -43.08
N GLN E 146 -88.07 -86.64 -42.98
CA GLN E 146 -87.42 -87.53 -42.04
C GLN E 146 -86.17 -88.16 -42.63
N ASN E 147 -86.15 -88.36 -43.93
CA ASN E 147 -84.99 -88.95 -44.57
C ASN E 147 -83.77 -88.05 -44.45
N GLN E 148 -83.96 -86.75 -44.67
CA GLN E 148 -82.83 -85.82 -44.55
C GLN E 148 -82.32 -85.78 -43.12
N VAL E 149 -83.23 -85.78 -42.16
CA VAL E 149 -82.82 -85.76 -40.76
C VAL E 149 -82.07 -87.02 -40.41
N ASP E 150 -82.55 -88.16 -40.90
CA ASP E 150 -81.88 -89.42 -40.62
C ASP E 150 -80.50 -89.44 -41.24
N MET E 151 -80.39 -88.96 -42.47
CA MET E 151 -79.09 -88.92 -43.13
C MET E 151 -78.14 -88.02 -42.38
N LEU E 152 -78.60 -86.85 -41.97
CA LEU E 152 -77.74 -85.93 -41.24
C LEU E 152 -77.34 -86.52 -39.90
N LEU E 153 -78.26 -87.19 -39.22
CA LEU E 153 -77.95 -87.77 -37.94
C LEU E 153 -76.90 -88.86 -38.10
N GLN E 154 -77.07 -89.72 -39.09
CA GLN E 154 -76.08 -90.74 -39.36
C GLN E 154 -74.73 -90.11 -39.68
N GLU E 155 -74.75 -89.05 -40.47
CA GLU E 155 -73.51 -88.40 -40.88
C GLU E 155 -72.79 -87.81 -39.68
N MET E 156 -73.51 -87.07 -38.86
CA MET E 156 -72.90 -86.42 -37.71
C MET E 156 -72.52 -87.43 -36.64
N ALA E 157 -73.22 -88.56 -36.57
CA ALA E 157 -72.84 -89.61 -35.63
C ALA E 157 -71.58 -90.31 -36.09
N ASP E 158 -71.43 -90.49 -37.39
CA ASP E 158 -70.20 -91.03 -37.94
C ASP E 158 -69.05 -90.05 -37.75
N GLU E 159 -69.33 -88.77 -37.88
CA GLU E 159 -68.31 -87.76 -37.68
C GLU E 159 -67.85 -87.75 -36.23
N ALA E 160 -68.80 -87.69 -35.31
CA ALA E 160 -68.46 -87.75 -33.89
C ALA E 160 -67.86 -89.10 -33.54
N GLY E 161 -68.43 -90.17 -34.09
CA GLY E 161 -67.94 -91.51 -33.83
C GLY E 161 -68.86 -92.32 -32.94
N LEU E 162 -70.16 -92.10 -33.08
CA LEU E 162 -71.16 -92.84 -32.32
C LEU E 162 -72.22 -93.40 -33.26
N ASP E 163 -73.03 -94.30 -32.71
CA ASP E 163 -74.14 -94.91 -33.44
C ASP E 163 -75.44 -94.69 -32.69
N LEU E 164 -76.53 -94.61 -33.45
CA LEU E 164 -77.86 -94.41 -32.90
C LEU E 164 -78.74 -95.64 -33.11
N SER F 2 -94.47 -60.05 13.82
CA SER F 2 -95.67 -60.76 14.24
C SER F 2 -95.44 -61.41 15.59
N ASN F 3 -96.54 -61.88 16.20
CA ASN F 3 -96.39 -62.68 17.41
C ASN F 3 -95.51 -63.88 17.14
N MET F 4 -95.58 -64.42 15.93
CA MET F 4 -94.74 -65.56 15.59
C MET F 4 -93.27 -65.21 15.71
N GLU F 5 -92.88 -64.05 15.20
CA GLU F 5 -91.47 -63.67 15.23
C GLU F 5 -91.00 -63.39 16.64
N LYS F 6 -91.81 -62.67 17.41
CA LYS F 6 -91.48 -62.40 18.79
C LYS F 6 -91.32 -63.70 19.56
N HIS F 7 -92.22 -64.65 19.32
CA HIS F 7 -92.15 -65.92 20.01
C HIS F 7 -90.95 -66.72 19.57
N LEU F 8 -90.58 -66.62 18.31
CA LEU F 8 -89.38 -67.30 17.84
C LEU F 8 -88.15 -66.73 18.51
N PHE F 9 -88.07 -65.41 18.60
CA PHE F 9 -86.97 -64.80 19.33
C PHE F 9 -86.95 -65.26 20.77
N ASN F 10 -88.13 -65.33 21.39
CA ASN F 10 -88.22 -65.77 22.77
C ASN F 10 -87.73 -67.20 22.91
N LEU F 11 -88.09 -68.05 21.96
CA LEU F 11 -87.67 -69.45 22.01
C LEU F 11 -86.18 -69.60 21.81
N LYS F 12 -85.62 -68.82 20.89
CA LYS F 12 -84.18 -68.85 20.69
C LYS F 12 -83.45 -68.39 21.94
N PHE F 13 -83.94 -67.31 22.53
CA PHE F 13 -83.36 -66.84 23.79
C PHE F 13 -83.43 -67.92 24.84
N ALA F 14 -84.57 -68.60 24.94
CA ALA F 14 -84.74 -69.63 25.95
C ALA F 14 -83.78 -70.79 25.72
N ALA F 15 -83.63 -71.20 24.46
CA ALA F 15 -82.72 -72.28 24.15
C ALA F 15 -81.29 -71.92 24.48
N LYS F 16 -80.89 -70.71 24.11
CA LYS F 16 -79.54 -70.25 24.42
C LYS F 16 -79.33 -70.18 25.92
N GLU F 17 -80.34 -69.75 26.65
CA GLU F 17 -80.24 -69.66 28.09
C GLU F 17 -80.09 -71.04 28.71
N LEU F 18 -80.85 -72.00 28.20
CA LEU F 18 -80.73 -73.36 28.71
C LEU F 18 -79.36 -73.94 28.42
N SER F 19 -78.85 -73.67 27.22
CA SER F 19 -77.52 -74.14 26.88
C SER F 19 -76.48 -73.53 27.81
N ARG F 20 -76.61 -72.24 28.07
CA ARG F 20 -75.65 -71.58 28.95
C ARG F 20 -75.77 -72.10 30.37
N SER F 21 -76.99 -72.39 30.82
CA SER F 21 -77.19 -72.94 32.15
C SER F 21 -76.56 -74.32 32.26
N ALA F 22 -76.73 -75.13 31.23
CA ALA F 22 -76.09 -76.43 31.20
C ALA F 22 -74.59 -76.29 31.23
N LYS F 23 -74.06 -75.32 30.49
CA LYS F 23 -72.61 -75.08 30.50
C LYS F 23 -72.13 -74.70 31.88
N LYS F 24 -72.88 -73.83 32.54
CA LYS F 24 -72.53 -73.43 33.89
C LYS F 24 -72.56 -74.62 34.83
N CYS F 25 -73.59 -75.44 34.72
CA CYS F 25 -73.68 -76.62 35.56
C CYS F 25 -72.49 -77.54 35.31
N ASP F 26 -72.07 -77.65 34.05
CA ASP F 26 -70.93 -78.50 33.73
C ASP F 26 -69.64 -77.96 34.32
N LYS F 27 -69.41 -76.66 34.16
CA LYS F 27 -68.22 -76.04 34.73
C LYS F 27 -68.21 -76.22 36.24
N GLU F 28 -69.37 -76.06 36.86
CA GLU F 28 -69.48 -76.22 38.30
C GLU F 28 -69.21 -77.65 38.72
N GLU F 29 -69.69 -78.61 37.93
CA GLU F 29 -69.39 -80.00 38.21
C GLU F 29 -67.90 -80.26 38.14
N LYS F 30 -67.25 -79.72 37.12
CA LYS F 30 -65.80 -79.87 36.99
C LYS F 30 -65.08 -79.28 38.19
N ALA F 31 -65.49 -78.07 38.59
CA ALA F 31 -64.86 -77.42 39.72
C ALA F 31 -65.08 -78.22 41.00
N GLU F 32 -66.27 -78.78 41.17
CA GLU F 32 -66.57 -79.55 42.37
C GLU F 32 -65.75 -80.82 42.40
N LYS F 33 -65.60 -81.48 41.26
CA LYS F 33 -64.77 -82.67 41.19
C LYS F 33 -63.32 -82.33 41.51
N ALA F 34 -62.85 -81.20 40.98
CA ALA F 34 -61.52 -80.73 41.30
C ALA F 34 -61.36 -80.56 42.80
N LYS F 35 -62.27 -79.81 43.42
CA LYS F 35 -62.19 -79.59 44.86
C LYS F 35 -62.29 -80.89 45.64
N ILE F 36 -63.06 -81.84 45.14
CA ILE F 36 -63.13 -83.14 45.77
C ILE F 36 -61.75 -83.78 45.79
N GLU F 37 -61.07 -83.73 44.65
CA GLU F 37 -59.73 -84.26 44.59
C GLU F 37 -58.82 -83.55 45.59
N LYS F 38 -58.88 -82.22 45.58
CA LYS F 38 -57.99 -81.45 46.43
C LYS F 38 -58.26 -81.71 47.91
N ALA F 39 -59.50 -82.02 48.26
CA ALA F 39 -59.87 -82.27 49.65
C ALA F 39 -59.50 -83.68 50.07
N ILE F 40 -59.78 -84.65 49.22
CA ILE F 40 -59.46 -86.04 49.53
C ILE F 40 -57.96 -86.22 49.63
N GLN F 41 -57.22 -85.50 48.78
CA GLN F 41 -55.77 -85.52 48.87
C GLN F 41 -55.28 -85.11 50.24
N LYS F 42 -56.14 -84.46 51.02
CA LYS F 42 -55.79 -84.04 52.36
C LYS F 42 -56.49 -84.86 53.42
N GLY F 43 -57.41 -85.74 53.04
CA GLY F 43 -58.06 -86.61 53.99
C GLY F 43 -59.39 -86.07 54.46
N ASN F 44 -60.23 -85.68 53.51
CA ASN F 44 -61.57 -85.18 53.80
C ASN F 44 -62.58 -86.09 53.14
N MET F 45 -63.45 -86.68 53.95
CA MET F 45 -64.53 -87.50 53.42
C MET F 45 -65.79 -86.69 53.24
N GLU F 46 -66.20 -85.97 54.27
CA GLU F 46 -67.47 -85.28 54.23
C GLU F 46 -67.50 -84.24 53.12
N VAL F 47 -66.40 -83.50 52.95
CA VAL F 47 -66.32 -82.53 51.88
C VAL F 47 -66.50 -83.23 50.54
N ALA F 48 -65.88 -84.39 50.41
CA ALA F 48 -66.00 -85.17 49.20
C ALA F 48 -67.46 -85.55 48.96
N ARG F 49 -68.13 -86.06 50.00
CA ARG F 49 -69.54 -86.42 49.86
C ARG F 49 -70.36 -85.22 49.44
N ILE F 50 -70.12 -84.08 50.07
CA ILE F 50 -70.91 -82.89 49.79
C ILE F 50 -70.73 -82.47 48.35
N HIS F 51 -69.48 -82.35 47.91
CA HIS F 51 -69.22 -81.94 46.55
C HIS F 51 -69.76 -82.93 45.56
N ALA F 52 -69.74 -84.21 45.91
CA ALA F 52 -70.30 -85.23 45.03
C ALA F 52 -71.79 -85.06 44.89
N GLU F 53 -72.47 -84.79 45.99
CA GLU F 53 -73.90 -84.50 45.93
C GLU F 53 -74.16 -83.29 45.05
N ASN F 54 -73.33 -82.28 45.19
CA ASN F 54 -73.46 -81.09 44.38
C ASN F 54 -73.32 -81.41 42.91
N ALA F 55 -72.31 -82.22 42.58
CA ALA F 55 -72.09 -82.59 41.18
C ALA F 55 -73.25 -83.39 40.65
N ILE F 56 -73.81 -84.29 41.46
CA ILE F 56 -74.95 -85.07 41.01
C ILE F 56 -76.13 -84.15 40.72
N ARG F 57 -76.36 -83.20 41.61
CA ARG F 57 -77.44 -82.25 41.41
C ARG F 57 -77.23 -81.48 40.11
N GLN F 58 -76.02 -81.01 39.91
CA GLN F 58 -75.72 -80.23 38.71
C GLN F 58 -75.91 -81.06 37.46
N LYS F 59 -75.52 -82.32 37.52
CA LYS F 59 -75.69 -83.21 36.37
C LYS F 59 -77.15 -83.43 36.07
N ASN F 60 -77.94 -83.73 37.10
CA ASN F 60 -79.36 -83.95 36.91
C ASN F 60 -80.01 -82.71 36.33
N GLN F 61 -79.62 -81.55 36.83
CA GLN F 61 -80.21 -80.30 36.37
C GLN F 61 -79.79 -79.98 34.95
N ALA F 62 -78.54 -80.27 34.62
CA ALA F 62 -78.08 -80.12 33.25
C ALA F 62 -78.88 -81.01 32.32
N VAL F 63 -79.13 -82.25 32.74
CA VAL F 63 -79.90 -83.18 31.92
C VAL F 63 -81.30 -82.65 31.71
N ASN F 64 -81.91 -82.16 32.77
CA ASN F 64 -83.26 -81.65 32.67
C ASN F 64 -83.32 -80.44 31.74
N PHE F 65 -82.33 -79.56 31.87
CA PHE F 65 -82.27 -78.41 30.98
C PHE F 65 -82.08 -78.84 29.55
N LEU F 66 -81.30 -79.88 29.33
CA LEU F 66 -81.08 -80.35 27.98
C LEU F 66 -82.36 -80.92 27.39
N ARG F 67 -83.09 -81.69 28.19
CA ARG F 67 -84.37 -82.22 27.75
C ARG F 67 -85.33 -81.11 27.40
N MET F 68 -85.47 -80.15 28.30
CA MET F 68 -86.40 -79.05 28.08
C MET F 68 -85.99 -78.24 26.86
N SER F 69 -84.69 -77.98 26.72
CA SER F 69 -84.21 -77.24 25.57
C SER F 69 -84.51 -77.97 24.29
N ALA F 70 -84.32 -79.28 24.29
CA ALA F 70 -84.60 -80.07 23.11
C ALA F 70 -86.08 -80.02 22.75
N ARG F 71 -86.94 -80.15 23.75
CA ARG F 71 -88.37 -80.07 23.50
C ARG F 71 -88.75 -78.72 22.93
N VAL F 72 -88.19 -77.66 23.51
CA VAL F 72 -88.45 -76.31 23.04
C VAL F 72 -87.96 -76.15 21.61
N ASP F 73 -86.83 -76.78 21.29
CA ASP F 73 -86.30 -76.71 19.95
C ASP F 73 -87.24 -77.40 18.96
N ALA F 74 -87.76 -78.55 19.35
CA ALA F 74 -88.74 -79.24 18.52
C ALA F 74 -89.94 -78.36 18.25
N VAL F 75 -90.43 -77.72 19.31
CA VAL F 75 -91.59 -76.85 19.16
C VAL F 75 -91.29 -75.70 18.23
N ALA F 76 -90.15 -75.06 18.42
CA ALA F 76 -89.76 -73.94 17.57
C ALA F 76 -89.63 -74.38 16.13
N ALA F 77 -89.13 -75.59 15.93
CA ALA F 77 -88.98 -76.10 14.57
C ALA F 77 -90.34 -76.30 13.92
N ARG F 78 -91.28 -76.88 14.67
CA ARG F 78 -92.64 -77.00 14.17
C ARG F 78 -93.20 -75.64 13.81
N VAL F 79 -92.90 -74.64 14.63
CA VAL F 79 -93.42 -73.30 14.39
C VAL F 79 -92.84 -72.73 13.12
N GLN F 80 -91.54 -72.90 12.92
CA GLN F 80 -90.91 -72.41 11.70
C GLN F 80 -91.50 -73.09 10.49
N THR F 81 -91.74 -74.39 10.60
CA THR F 81 -92.41 -75.11 9.53
C THR F 81 -93.75 -74.48 9.22
N ALA F 82 -94.53 -74.18 10.26
CA ALA F 82 -95.83 -73.58 10.05
C ALA F 82 -95.72 -72.23 9.37
N VAL F 83 -94.74 -71.43 9.77
CA VAL F 83 -94.60 -70.10 9.20
C VAL F 83 -94.21 -70.18 7.75
N THR F 84 -93.29 -71.06 7.43
CA THR F 84 -92.91 -71.27 6.06
C THR F 84 -94.08 -71.71 5.22
N MET F 85 -94.88 -72.63 5.76
CA MET F 85 -96.08 -73.08 5.04
C MET F 85 -97.03 -71.93 4.83
N GLY F 86 -97.11 -71.01 5.78
CA GLY F 86 -97.98 -69.86 5.62
C GLY F 86 -97.51 -68.93 4.52
N LYS F 87 -96.22 -68.66 4.50
CA LYS F 87 -95.63 -67.89 3.40
C LYS F 87 -95.96 -68.55 2.07
N VAL F 88 -95.81 -69.87 2.02
CA VAL F 88 -96.07 -70.60 0.80
C VAL F 88 -97.52 -70.45 0.38
N THR F 89 -98.43 -70.56 1.35
CA THR F 89 -99.84 -70.42 1.05
C THR F 89 -100.14 -69.05 0.50
N LYS F 90 -99.50 -68.03 1.07
CA LYS F 90 -99.67 -66.67 0.56
C LYS F 90 -99.24 -66.58 -0.89
N SER F 91 -98.00 -66.99 -1.16
CA SER F 91 -97.49 -66.94 -2.51
C SER F 91 -98.41 -67.68 -3.47
N MET F 92 -98.92 -68.83 -3.02
CA MET F 92 -99.76 -69.66 -3.88
C MET F 92 -101.09 -69.00 -4.15
N ALA F 93 -101.66 -68.34 -3.14
CA ALA F 93 -102.90 -67.61 -3.36
C ALA F 93 -102.70 -66.46 -4.34
N GLY F 94 -101.58 -65.75 -4.22
CA GLY F 94 -101.26 -64.74 -5.20
C GLY F 94 -101.18 -65.31 -6.60
N VAL F 95 -100.50 -66.45 -6.72
CA VAL F 95 -100.39 -67.09 -8.03
C VAL F 95 -101.76 -67.48 -8.54
N VAL F 96 -102.63 -67.93 -7.65
CA VAL F 96 -103.98 -68.29 -8.04
C VAL F 96 -104.69 -67.09 -8.64
N LYS F 97 -104.65 -65.97 -7.92
CA LYS F 97 -105.27 -64.75 -8.42
C LYS F 97 -104.75 -64.42 -9.81
N SER F 98 -103.43 -64.39 -9.95
CA SER F 98 -102.82 -63.95 -11.19
C SER F 98 -103.19 -64.90 -12.34
N MET F 99 -103.10 -66.21 -12.08
CA MET F 99 -103.37 -67.18 -13.14
C MET F 99 -104.85 -67.23 -13.50
N ASP F 100 -105.73 -67.04 -12.52
CA ASP F 100 -107.14 -66.94 -12.82
C ASP F 100 -107.41 -65.73 -13.71
N ALA F 101 -106.77 -64.61 -13.39
CA ALA F 101 -106.87 -63.44 -14.25
C ALA F 101 -106.41 -63.76 -15.67
N THR F 102 -105.27 -64.41 -15.79
CA THR F 102 -104.73 -64.72 -17.12
C THR F 102 -105.69 -65.62 -17.89
N LEU F 103 -106.16 -66.70 -17.26
CA LEU F 103 -107.07 -67.60 -17.92
C LEU F 103 -108.38 -66.92 -18.28
N LYS F 104 -108.79 -65.93 -17.51
CA LYS F 104 -109.97 -65.16 -17.87
C LYS F 104 -109.71 -64.29 -19.09
N THR F 105 -108.50 -63.74 -19.18
CA THR F 105 -108.16 -62.93 -20.34
C THR F 105 -108.00 -63.79 -21.58
N MET F 106 -107.12 -64.77 -21.51
CA MET F 106 -106.81 -65.63 -22.64
C MET F 106 -107.46 -66.99 -22.47
N ASN F 107 -107.85 -67.58 -23.59
CA ASN F 107 -108.51 -68.87 -23.61
C ASN F 107 -107.90 -69.70 -24.74
N LEU F 108 -108.41 -70.91 -24.90
CA LEU F 108 -107.87 -71.84 -25.89
C LEU F 108 -108.47 -71.64 -27.27
N GLU F 109 -109.72 -71.17 -27.35
CA GLU F 109 -110.32 -70.95 -28.66
C GLU F 109 -109.58 -69.87 -29.43
N LYS F 110 -109.08 -68.85 -28.73
CA LYS F 110 -108.25 -67.85 -29.38
C LYS F 110 -106.99 -68.48 -29.96
N ILE F 111 -106.37 -69.40 -29.21
CA ILE F 111 -105.18 -70.07 -29.69
C ILE F 111 -105.48 -70.88 -30.94
N SER F 112 -106.59 -71.64 -30.90
CA SER F 112 -106.95 -72.46 -32.04
C SER F 112 -107.25 -71.61 -33.26
N ALA F 113 -107.95 -70.49 -33.07
CA ALA F 113 -108.24 -69.60 -34.19
C ALA F 113 -106.95 -69.02 -34.76
N LEU F 114 -106.04 -68.60 -33.89
CA LEU F 114 -104.78 -68.06 -34.36
C LEU F 114 -104.00 -69.09 -35.14
N MET F 115 -104.00 -70.33 -34.68
CA MET F 115 -103.23 -71.37 -35.36
C MET F 115 -103.87 -71.75 -36.69
N ASP F 116 -105.20 -71.82 -36.73
CA ASP F 116 -105.88 -72.08 -38.00
C ASP F 116 -105.60 -70.98 -39.00
N LYS F 117 -105.66 -69.73 -38.53
CA LYS F 117 -105.24 -68.62 -39.37
C LYS F 117 -103.83 -68.84 -39.87
N PHE F 118 -102.88 -69.00 -38.96
CA PHE F 118 -101.49 -69.16 -39.35
C PHE F 118 -101.35 -70.20 -40.43
N GLU F 119 -102.05 -71.32 -40.27
CA GLU F 119 -102.02 -72.36 -41.27
C GLU F 119 -102.51 -71.85 -42.61
N HIS F 120 -103.67 -71.19 -42.62
CA HIS F 120 -104.22 -70.70 -43.89
C HIS F 120 -103.32 -69.66 -44.52
N GLN F 121 -102.80 -68.73 -43.73
CA GLN F 121 -101.93 -67.69 -44.27
C GLN F 121 -100.66 -68.29 -44.84
N PHE F 122 -100.08 -69.26 -44.13
CA PHE F 122 -98.88 -69.89 -44.64
C PHE F 122 -99.16 -70.72 -45.88
N GLU F 123 -100.35 -71.30 -45.96
CA GLU F 123 -100.72 -72.03 -47.18
C GLU F 123 -100.85 -71.08 -48.36
N THR F 124 -101.49 -69.94 -48.15
CA THR F 124 -101.60 -68.94 -49.19
C THR F 124 -100.22 -68.42 -49.59
N LEU F 125 -99.34 -68.24 -48.61
CA LEU F 125 -98.00 -67.78 -48.89
C LEU F 125 -97.22 -68.82 -49.68
N ASP F 126 -97.39 -70.09 -49.33
CA ASP F 126 -96.74 -71.15 -50.09
C ASP F 126 -97.24 -71.17 -51.52
N VAL F 127 -98.54 -70.96 -51.71
CA VAL F 127 -99.09 -70.89 -53.05
C VAL F 127 -98.49 -69.72 -53.83
N GLN F 128 -98.40 -68.56 -53.18
CA GLN F 128 -97.83 -67.39 -53.85
C GLN F 128 -96.38 -67.63 -54.22
N THR F 129 -95.61 -68.25 -53.32
CA THR F 129 -94.22 -68.54 -53.60
C THR F 129 -94.08 -69.55 -54.73
N GLN F 130 -94.95 -70.55 -54.76
CA GLN F 130 -94.92 -71.51 -55.86
C GLN F 130 -95.23 -70.83 -57.18
N GLN F 131 -96.21 -69.93 -57.18
CA GLN F 131 -96.52 -69.17 -58.39
C GLN F 131 -95.33 -68.33 -58.83
N MET F 132 -94.69 -67.65 -57.88
CA MET F 132 -93.52 -66.85 -58.22
C MET F 132 -92.41 -67.72 -58.78
N GLU F 133 -92.16 -68.86 -58.15
CA GLU F 133 -91.15 -69.78 -58.65
C GLU F 133 -91.45 -70.20 -60.08
N ASP F 134 -92.69 -70.62 -60.32
CA ASP F 134 -93.08 -71.06 -61.65
C ASP F 134 -92.89 -69.95 -62.67
N THR F 135 -93.34 -68.74 -62.35
CA THR F 135 -93.25 -67.63 -63.28
C THR F 135 -91.80 -67.27 -63.57
N MET F 136 -91.01 -67.07 -62.52
CA MET F 136 -89.62 -66.68 -62.69
C MET F 136 -88.79 -67.77 -63.35
N SER F 137 -89.20 -69.03 -63.23
CA SER F 137 -88.50 -70.11 -63.94
C SER F 137 -88.93 -70.16 -65.40
N SER F 138 -90.19 -69.86 -65.68
CA SER F 138 -90.66 -69.81 -67.06
C SER F 138 -90.01 -68.66 -67.81
N THR F 139 -89.76 -67.54 -67.13
CA THR F 139 -89.12 -66.40 -67.77
C THR F 139 -87.69 -66.73 -68.16
N THR F 140 -86.94 -67.34 -67.24
CA THR F 140 -85.52 -67.62 -67.43
C THR F 140 -85.38 -69.03 -67.97
N THR F 141 -85.44 -69.17 -69.29
CA THR F 141 -85.31 -70.49 -69.92
C THR F 141 -84.32 -70.51 -71.08
N LEU F 142 -84.20 -69.40 -71.80
CA LEU F 142 -83.35 -69.37 -72.99
C LEU F 142 -81.88 -69.26 -72.62
N THR F 143 -81.55 -68.37 -71.70
CA THR F 143 -80.17 -68.06 -71.36
C THR F 143 -79.57 -69.01 -70.35
N THR F 144 -80.13 -70.21 -70.23
CA THR F 144 -79.49 -71.31 -69.49
C THR F 144 -79.90 -72.64 -70.08
N PRO F 145 -79.35 -73.00 -71.23
CA PRO F 145 -79.58 -74.35 -71.73
C PRO F 145 -79.09 -75.36 -70.71
N GLN F 146 -79.54 -76.61 -70.87
CA GLN F 146 -79.12 -77.64 -69.94
C GLN F 146 -77.80 -78.27 -70.37
N ASN F 147 -77.54 -78.30 -71.67
CA ASN F 147 -76.29 -78.89 -72.15
C ASN F 147 -75.09 -78.08 -71.67
N GLN F 148 -75.18 -76.75 -71.74
CA GLN F 148 -74.08 -75.93 -71.28
C GLN F 148 -73.85 -76.10 -69.79
N VAL F 149 -74.93 -76.16 -69.02
CA VAL F 149 -74.80 -76.35 -67.59
C VAL F 149 -74.19 -77.69 -67.27
N ASP F 150 -74.60 -78.72 -68.00
CA ASP F 150 -74.05 -80.05 -67.77
C ASP F 150 -72.57 -80.08 -68.12
N MET F 151 -72.20 -79.44 -69.23
CA MET F 151 -70.81 -79.40 -69.61
C MET F 151 -69.98 -78.68 -68.57
N LEU F 152 -70.48 -77.54 -68.11
CA LEU F 152 -69.75 -76.79 -67.11
C LEU F 152 -69.64 -77.56 -65.81
N LEU F 153 -70.70 -78.24 -65.42
CA LEU F 153 -70.66 -79.01 -64.19
C LEU F 153 -69.65 -80.14 -64.29
N GLN F 154 -69.65 -80.84 -65.41
CA GLN F 154 -68.67 -81.89 -65.62
C GLN F 154 -67.26 -81.31 -65.60
N GLU F 155 -67.08 -80.15 -66.22
CA GLU F 155 -65.76 -79.54 -66.29
C GLU F 155 -65.27 -79.15 -64.90
N MET F 156 -66.12 -78.48 -64.14
CA MET F 156 -65.72 -78.02 -62.82
C MET F 156 -65.59 -79.18 -61.85
N ALA F 157 -66.33 -80.26 -62.06
CA ALA F 157 -66.19 -81.45 -61.22
C ALA F 157 -64.88 -82.16 -61.52
N ASP F 158 -64.49 -82.19 -62.79
CA ASP F 158 -63.19 -82.73 -63.16
C ASP F 158 -62.07 -81.86 -62.62
N GLU F 159 -62.27 -80.55 -62.64
CA GLU F 159 -61.27 -79.63 -62.09
C GLU F 159 -61.11 -79.85 -60.60
N ALA F 160 -62.22 -79.84 -59.88
CA ALA F 160 -62.17 -80.11 -58.45
C ALA F 160 -61.71 -81.53 -58.18
N GLY F 161 -62.20 -82.49 -58.96
CA GLY F 161 -61.82 -83.87 -58.81
C GLY F 161 -62.92 -84.72 -58.22
N LEU F 162 -64.17 -84.42 -58.58
CA LEU F 162 -65.32 -85.18 -58.13
C LEU F 162 -66.20 -85.54 -59.32
N ASP F 163 -67.14 -86.45 -59.07
CA ASP F 163 -68.10 -86.89 -60.07
C ASP F 163 -69.51 -86.69 -59.55
N LEU F 164 -70.42 -86.45 -60.49
CA LEU F 164 -71.82 -86.23 -60.18
C LEU F 164 -72.70 -87.36 -60.73
N SER G 2 22.74 13.82 111.64
CA SER G 2 23.28 14.07 112.97
C SER G 2 24.71 14.56 112.89
N ASN G 3 25.22 15.04 114.02
CA ASN G 3 26.63 15.37 114.08
C ASN G 3 27.47 14.16 113.72
N MET G 4 27.00 12.97 114.08
CA MET G 4 27.73 11.75 113.74
C MET G 4 27.88 11.60 112.24
N GLU G 5 26.81 11.84 111.50
CA GLU G 5 26.85 11.67 110.06
C GLU G 5 27.73 12.71 109.40
N LYS G 6 27.59 13.97 109.83
CA LYS G 6 28.44 15.02 109.30
C LYS G 6 29.90 14.71 109.57
N HIS G 7 30.19 14.23 110.77
CA HIS G 7 31.57 13.92 111.12
C HIS G 7 32.08 12.73 110.33
N LEU G 8 31.21 11.76 110.05
CA LEU G 8 31.60 10.64 109.21
C LEU G 8 31.95 11.09 107.81
N PHE G 9 31.10 11.96 107.25
CA PHE G 9 31.41 12.53 105.95
C PHE G 9 32.74 13.27 105.99
N ASN G 10 32.96 14.04 107.05
CA ASN G 10 34.20 14.78 107.19
C ASN G 10 35.38 13.84 107.23
N LEU G 11 35.25 12.74 107.95
CA LEU G 11 36.34 11.78 108.08
C LEU G 11 36.63 11.08 106.76
N LYS G 12 35.56 10.73 106.03
CA LYS G 12 35.75 10.12 104.73
C LYS G 12 36.44 11.08 103.78
N PHE G 13 36.00 12.34 103.79
CA PHE G 13 36.66 13.35 102.97
C PHE G 13 38.13 13.45 103.35
N ALA G 14 38.42 13.45 104.65
CA ALA G 14 39.80 13.58 105.10
C ALA G 14 40.64 12.41 104.64
N ALA G 15 40.10 11.20 104.76
CA ALA G 15 40.82 10.02 104.34
C ALA G 15 41.10 10.05 102.85
N LYS G 16 40.08 10.41 102.06
CA LYS G 16 40.27 10.51 100.63
C LYS G 16 41.30 11.56 100.28
N GLU G 17 41.29 12.68 101.01
CA GLU G 17 42.25 13.73 100.75
C GLU G 17 43.66 13.27 101.07
N LEU G 18 43.81 12.54 102.16
CA LEU G 18 45.13 12.02 102.51
C LEU G 18 45.61 11.03 101.47
N SER G 19 44.71 10.17 101.00
CA SER G 19 45.08 9.23 99.96
C SER G 19 45.52 9.96 98.71
N ARG G 20 44.78 10.98 98.33
CA ARG G 20 45.14 11.74 97.13
C ARG G 20 46.46 12.48 97.32
N SER G 21 46.70 12.98 98.52
CA SER G 21 47.96 13.67 98.78
C SER G 21 49.12 12.69 98.70
N ALA G 22 48.93 11.50 99.24
CA ALA G 22 49.96 10.47 99.12
C ALA G 22 50.20 10.11 97.67
N LYS G 23 49.12 10.03 96.88
CA LYS G 23 49.26 9.73 95.46
C LYS G 23 50.06 10.82 94.76
N LYS G 24 49.76 12.07 95.09
CA LYS G 24 50.49 13.18 94.50
C LYS G 24 51.95 13.13 94.88
N CYS G 25 52.22 12.86 96.16
CA CYS G 25 53.60 12.74 96.60
C CYS G 25 54.32 11.63 95.85
N ASP G 26 53.61 10.52 95.59
CA ASP G 26 54.21 9.41 94.88
C ASP G 26 54.52 9.78 93.44
N LYS G 27 53.56 10.40 92.77
CA LYS G 27 53.78 10.84 91.39
C LYS G 27 54.94 11.80 91.32
N GLU G 28 55.02 12.70 92.28
CA GLU G 28 56.10 13.68 92.33
C GLU G 28 57.43 13.00 92.56
N GLU G 29 57.45 11.99 93.42
CA GLU G 29 58.68 11.22 93.62
C GLU G 29 59.12 10.56 92.34
N LYS G 30 58.18 9.97 91.62
CA LYS G 30 58.50 9.32 90.34
C LYS G 30 59.07 10.34 89.37
N ALA G 31 58.42 11.49 89.28
CA ALA G 31 58.88 12.53 88.37
C ALA G 31 60.27 13.02 88.75
N GLU G 32 60.53 13.16 90.05
CA GLU G 32 61.82 13.63 90.51
C GLU G 32 62.91 12.61 90.19
N LYS G 33 62.59 11.33 90.40
CA LYS G 33 63.54 10.28 90.07
C LYS G 33 63.84 10.28 88.58
N ALA G 34 62.80 10.45 87.77
CA ALA G 34 62.97 10.57 86.34
C ALA G 34 63.92 11.71 86.01
N LYS G 35 63.63 12.90 86.53
CA LYS G 35 64.49 14.05 86.25
C LYS G 35 65.91 13.83 86.75
N ILE G 36 66.06 13.12 87.86
CA ILE G 36 67.39 12.78 88.34
C ILE G 36 68.13 11.98 87.30
N GLU G 37 67.45 10.98 86.73
CA GLU G 37 68.06 10.18 85.69
C GLU G 37 68.45 11.07 84.51
N LYS G 38 67.52 11.90 84.08
CA LYS G 38 67.76 12.74 82.90
C LYS G 38 68.89 13.71 83.13
N ALA G 39 69.09 14.15 84.37
CA ALA G 39 70.14 15.11 84.67
C ALA G 39 71.49 14.43 84.81
N ILE G 40 71.53 13.29 85.50
CA ILE G 40 72.76 12.55 85.68
C ILE G 40 73.26 12.04 84.35
N GLN G 41 72.34 11.66 83.47
CA GLN G 41 72.72 11.26 82.12
C GLN G 41 73.49 12.35 81.41
N LYS G 42 73.39 13.58 81.90
CA LYS G 42 74.10 14.70 81.33
C LYS G 42 75.26 15.17 82.19
N GLY G 43 75.41 14.62 83.38
CA GLY G 43 76.53 14.97 84.22
C GLY G 43 76.19 16.05 85.23
N ASN G 44 75.09 15.87 85.95
CA ASN G 44 74.67 16.81 86.98
C ASN G 44 74.63 16.07 88.29
N MET G 45 75.41 16.54 89.26
CA MET G 45 75.39 16.00 90.60
C MET G 45 74.43 16.76 91.49
N GLU G 46 74.56 18.07 91.53
CA GLU G 46 73.78 18.87 92.46
C GLU G 46 72.29 18.72 92.19
N VAL G 47 71.91 18.73 90.92
CA VAL G 47 70.49 18.54 90.59
C VAL G 47 70.03 17.19 91.11
N ALA G 48 70.88 16.18 90.97
CA ALA G 48 70.54 14.87 91.47
C ALA G 48 70.35 14.90 92.97
N ARG G 49 71.27 15.54 93.70
CA ARG G 49 71.13 15.65 95.14
C ARG G 49 69.83 16.34 95.51
N ILE G 50 69.53 17.43 94.82
CA ILE G 50 68.35 18.23 95.14
C ILE G 50 67.09 17.39 94.95
N HIS G 51 66.97 16.77 93.77
CA HIS G 51 65.80 15.97 93.49
C HIS G 51 65.69 14.80 94.44
N ALA G 52 66.83 14.24 94.86
CA ALA G 52 66.81 13.15 95.81
C ALA G 52 66.28 13.60 97.16
N GLU G 53 66.71 14.78 97.59
CA GLU G 53 66.17 15.36 98.82
C GLU G 53 64.67 15.57 98.69
N ASN G 54 64.24 16.03 97.53
CA ASN G 54 62.82 16.23 97.29
C ASN G 54 62.06 14.92 97.40
N ALA G 55 62.60 13.88 96.79
CA ALA G 55 61.96 12.58 96.83
C ALA G 55 61.88 12.05 98.24
N ILE G 56 62.95 12.24 99.02
CA ILE G 56 62.94 11.79 100.40
C ILE G 56 61.86 12.52 101.18
N ARG G 57 61.77 13.83 100.98
CA ARG G 57 60.74 14.60 101.65
C ARG G 57 59.36 14.08 101.29
N GLN G 58 59.15 13.86 100.00
CA GLN G 58 57.84 13.39 99.54
C GLN G 58 57.52 12.03 100.12
N LYS G 59 58.52 11.16 100.22
CA LYS G 59 58.30 9.84 100.79
C LYS G 59 57.93 9.94 102.26
N ASN G 60 58.69 10.73 103.01
CA ASN G 60 58.41 10.90 104.42
C ASN G 60 57.01 11.45 104.62
N GLN G 61 56.63 12.41 103.80
CA GLN G 61 55.33 13.04 103.92
C GLN G 61 54.22 12.09 103.53
N ALA G 62 54.45 11.28 102.51
CA ALA G 62 53.50 10.24 102.14
C ALA G 62 53.31 9.28 103.28
N VAL G 63 54.40 8.88 103.92
CA VAL G 63 54.32 7.96 105.04
C VAL G 63 53.51 8.56 106.17
N ASN G 64 53.79 9.82 106.48
CA ASN G 64 53.08 10.48 107.55
C ASN G 64 51.59 10.59 107.24
N PHE G 65 51.27 10.91 106.00
CA PHE G 65 49.87 10.98 105.59
C PHE G 65 49.22 9.62 105.68
N LEU G 66 49.95 8.58 105.35
CA LEU G 66 49.39 7.24 105.44
C LEU G 66 49.12 6.87 106.88
N ARG G 67 50.04 7.18 107.77
CA ARG G 67 49.84 6.91 109.19
C ARG G 67 48.63 7.66 109.71
N MET G 68 48.55 8.96 109.41
CA MET G 68 47.45 9.76 109.89
C MET G 68 46.13 9.27 109.31
N SER G 69 46.12 8.93 108.04
CA SER G 69 44.91 8.41 107.40
C SER G 69 44.47 7.13 108.06
N ALA G 70 45.42 6.26 108.36
CA ALA G 70 45.09 5.00 109.01
C ALA G 70 44.50 5.23 110.38
N ARG G 71 45.10 6.14 111.15
CA ARG G 71 44.57 6.43 112.47
C ARG G 71 43.16 6.99 112.37
N VAL G 72 42.95 7.88 111.41
CA VAL G 72 41.63 8.47 111.21
C VAL G 72 40.64 7.40 110.81
N ASP G 73 41.10 6.43 110.03
CA ASP G 73 40.23 5.34 109.62
C ASP G 73 39.83 4.50 110.80
N ALA G 74 40.78 4.22 111.69
CA ALA G 74 40.47 3.49 112.90
C ALA G 74 39.43 4.21 113.72
N VAL G 75 39.61 5.52 113.86
CA VAL G 75 38.67 6.32 114.64
C VAL G 75 37.29 6.27 114.01
N ALA G 76 37.23 6.46 112.70
CA ALA G 76 35.94 6.42 112.01
C ALA G 76 35.28 5.07 112.16
N ALA G 77 36.08 4.02 112.16
CA ALA G 77 35.54 2.69 112.32
C ALA G 77 34.93 2.51 113.70
N ARG G 78 35.65 2.97 114.72
CA ARG G 78 35.11 2.95 116.07
C ARG G 78 33.79 3.72 116.12
N VAL G 79 33.73 4.84 115.41
CA VAL G 79 32.54 5.66 115.43
C VAL G 79 31.37 4.92 114.79
N GLN G 80 31.63 4.27 113.66
CA GLN G 80 30.59 3.50 112.99
C GLN G 80 30.10 2.40 113.90
N THR G 81 31.02 1.74 114.58
CA THR G 81 30.64 0.72 115.55
C THR G 81 29.71 1.31 116.59
N ALA G 82 30.06 2.48 117.10
CA ALA G 82 29.23 3.11 118.12
C ALA G 82 27.84 3.41 117.59
N VAL G 83 27.77 3.91 116.36
CA VAL G 83 26.50 4.29 115.78
C VAL G 83 25.61 3.08 115.57
N THR G 84 26.21 2.01 115.06
CA THR G 84 25.48 0.78 114.89
C THR G 84 24.97 0.26 116.22
N MET G 85 25.81 0.31 117.26
CA MET G 85 25.38 -0.11 118.57
C MET G 85 24.22 0.75 119.07
N GLY G 86 24.23 2.04 118.74
CA GLY G 86 23.14 2.90 119.14
C GLY G 86 21.84 2.53 118.45
N LYS G 87 21.90 2.30 117.15
CA LYS G 87 20.74 1.80 116.42
C LYS G 87 20.20 0.54 117.07
N VAL G 88 21.12 -0.35 117.40
CA VAL G 88 20.73 -1.62 118.02
C VAL G 88 20.03 -1.37 119.34
N THR G 89 20.58 -0.47 120.15
CA THR G 89 19.98 -0.17 121.43
C THR G 89 18.58 0.40 121.25
N LYS G 90 18.41 1.24 120.24
CA LYS G 90 17.09 1.77 119.95
C LYS G 90 16.11 0.65 119.63
N SER G 91 16.46 -0.17 118.66
CA SER G 91 15.61 -1.28 118.27
C SER G 91 15.27 -2.14 119.48
N MET G 92 16.27 -2.38 120.33
CA MET G 92 16.07 -3.25 121.48
C MET G 92 15.14 -2.63 122.50
N ALA G 93 15.26 -1.33 122.70
CA ALA G 93 14.35 -0.64 123.61
C ALA G 93 12.92 -0.70 123.08
N GLY G 94 12.75 -0.51 121.78
CA GLY G 94 11.43 -0.69 121.19
C GLY G 94 10.88 -2.07 121.44
N VAL G 95 11.72 -3.08 121.24
CA VAL G 95 11.30 -4.45 121.47
C VAL G 95 10.92 -4.64 122.93
N VAL G 96 11.67 -4.01 123.82
CA VAL G 96 11.36 -4.10 125.24
C VAL G 96 9.97 -3.56 125.51
N LYS G 97 9.70 -2.36 125.00
CA LYS G 97 8.38 -1.77 125.19
C LYS G 97 7.30 -2.73 124.68
N SER G 98 7.46 -3.21 123.46
CA SER G 98 6.43 -4.02 122.85
C SER G 98 6.22 -5.32 123.62
N MET G 99 7.31 -5.98 124.00
CA MET G 99 7.20 -7.26 124.68
C MET G 99 6.67 -7.10 126.11
N ASP G 100 7.03 -6.00 126.77
CA ASP G 100 6.45 -5.73 128.07
C ASP G 100 4.96 -5.53 127.95
N ALA G 101 4.53 -4.80 126.93
CA ALA G 101 3.11 -4.65 126.66
C ALA G 101 2.45 -6.01 126.48
N THR G 102 3.06 -6.87 125.66
CA THR G 102 2.47 -8.17 125.39
C THR G 102 2.35 -9.00 126.66
N LEU G 103 3.44 -9.07 127.42
CA LEU G 103 3.42 -9.83 128.67
C LEU G 103 2.41 -9.26 129.65
N LYS G 104 2.18 -7.95 129.61
CA LYS G 104 1.15 -7.37 130.46
C LYS G 104 -0.24 -7.79 130.00
N THR G 105 -0.43 -7.89 128.69
CA THR G 105 -1.72 -8.32 128.17
C THR G 105 -1.94 -9.79 128.43
N MET G 106 -1.03 -10.64 127.96
CA MET G 106 -1.15 -12.07 128.09
C MET G 106 -0.23 -12.59 129.18
N ASN G 107 -0.68 -13.65 129.84
CA ASN G 107 0.06 -14.27 130.92
C ASN G 107 -0.01 -15.79 130.74
N LEU G 108 0.62 -16.50 131.68
CA LEU G 108 0.68 -17.96 131.60
C LEU G 108 -0.54 -18.63 132.19
N GLU G 109 -1.18 -18.01 133.19
CA GLU G 109 -2.37 -18.63 133.77
C GLU G 109 -3.49 -18.75 132.75
N LYS G 110 -3.60 -17.77 131.86
CA LYS G 110 -4.57 -17.87 130.78
C LYS G 110 -4.27 -19.06 129.89
N ILE G 111 -2.99 -19.28 129.58
CA ILE G 111 -2.60 -20.42 128.76
C ILE G 111 -2.97 -21.72 129.44
N SER G 112 -2.65 -21.82 130.74
CA SER G 112 -2.94 -23.05 131.47
C SER G 112 -4.44 -23.30 131.53
N ALA G 113 -5.22 -22.25 131.77
CA ALA G 113 -6.67 -22.40 131.79
C ALA G 113 -7.20 -22.86 130.45
N LEU G 114 -6.70 -22.25 129.37
CA LEU G 114 -7.13 -22.64 128.04
C LEU G 114 -6.79 -24.09 127.75
N MET G 115 -5.60 -24.53 128.16
CA MET G 115 -5.21 -25.90 127.89
C MET G 115 -5.99 -26.90 128.74
N ASP G 116 -6.25 -26.56 130.00
CA ASP G 116 -7.08 -27.43 130.82
C ASP G 116 -8.48 -27.54 130.24
N LYS G 117 -9.04 -26.41 129.81
CA LYS G 117 -10.29 -26.44 129.08
C LYS G 117 -10.19 -27.38 127.90
N PHE G 118 -9.24 -27.12 127.00
CA PHE G 118 -9.12 -27.92 125.79
C PHE G 118 -9.11 -29.39 126.12
N GLU G 119 -8.38 -29.76 127.17
CA GLU G 119 -8.34 -31.14 127.62
C GLU G 119 -9.72 -31.64 127.99
N HIS G 120 -10.43 -30.87 128.83
CA HIS G 120 -11.76 -31.31 129.27
C HIS G 120 -12.74 -31.39 128.10
N GLN G 121 -12.71 -30.40 127.22
CA GLN G 121 -13.63 -30.41 126.07
C GLN G 121 -13.33 -31.59 125.16
N PHE G 122 -12.05 -31.86 124.92
CA PHE G 122 -11.71 -33.00 124.07
C PHE G 122 -12.06 -34.31 124.74
N GLU G 123 -11.95 -34.37 126.06
CA GLU G 123 -12.37 -35.58 126.77
C GLU G 123 -13.87 -35.80 126.63
N THR G 124 -14.65 -34.73 126.80
CA THR G 124 -16.09 -34.83 126.62
C THR G 124 -16.43 -35.21 125.19
N LEU G 125 -15.70 -34.67 124.23
CA LEU G 125 -15.92 -35.00 122.84
C LEU G 125 -15.58 -36.46 122.55
N ASP G 126 -14.50 -36.94 123.15
CA ASP G 126 -14.15 -38.34 122.99
C ASP G 126 -15.23 -39.23 123.57
N VAL G 127 -15.78 -38.84 124.71
CA VAL G 127 -16.87 -39.60 125.31
C VAL G 127 -18.09 -39.60 124.40
N GLN G 128 -18.43 -38.45 123.84
CA GLN G 128 -19.58 -38.37 122.95
C GLN G 128 -19.36 -39.23 121.71
N THR G 129 -18.15 -39.21 121.15
CA THR G 129 -17.85 -40.01 119.99
C THR G 129 -17.90 -41.50 120.31
N GLN G 130 -17.42 -41.88 121.49
CA GLN G 130 -17.51 -43.28 121.90
C GLN G 130 -18.95 -43.71 122.04
N GLN G 131 -19.78 -42.85 122.63
CA GLN G 131 -21.20 -43.15 122.74
C GLN G 131 -21.84 -43.31 121.37
N MET G 132 -21.52 -42.40 120.45
CA MET G 132 -22.06 -42.50 119.11
C MET G 132 -21.61 -43.78 118.44
N GLU G 133 -20.34 -44.13 118.57
CA GLU G 133 -19.84 -45.37 117.99
C GLU G 133 -20.59 -46.56 118.55
N ASP G 134 -20.73 -46.61 119.88
CA ASP G 134 -21.42 -47.73 120.50
C ASP G 134 -22.85 -47.83 120.00
N THR G 135 -23.56 -46.70 119.96
CA THR G 135 -24.96 -46.72 119.54
C THR G 135 -25.10 -47.14 118.09
N MET G 136 -24.35 -46.50 117.19
CA MET G 136 -24.45 -46.81 115.78
C MET G 136 -23.96 -48.22 115.46
N SER G 137 -23.08 -48.80 116.29
CA SER G 137 -22.69 -50.19 116.10
C SER G 137 -23.76 -51.14 116.63
N SER G 138 -24.42 -50.76 117.72
CA SER G 138 -25.51 -51.59 118.24
C SER G 138 -26.69 -51.61 117.28
N THR G 139 -26.94 -50.49 116.59
CA THR G 139 -28.04 -50.45 115.64
C THR G 139 -27.77 -51.37 114.46
N THR G 140 -26.56 -51.31 113.91
CA THR G 140 -26.19 -52.07 112.71
C THR G 140 -25.55 -53.38 113.14
N THR G 141 -26.39 -54.40 113.35
CA THR G 141 -25.89 -55.71 113.76
C THR G 141 -26.46 -56.86 112.94
N LEU G 142 -27.70 -56.72 112.49
CA LEU G 142 -28.36 -57.82 111.79
C LEU G 142 -27.87 -57.95 110.34
N THR G 143 -27.78 -56.82 109.65
CA THR G 143 -27.48 -56.81 108.22
C THR G 143 -25.99 -56.86 107.93
N THR G 144 -25.20 -57.35 108.88
CA THR G 144 -23.79 -57.69 108.62
C THR G 144 -23.37 -58.83 109.54
N PRO G 145 -23.80 -60.06 109.25
CA PRO G 145 -23.25 -61.19 110.00
C PRO G 145 -21.74 -61.23 109.82
N GLN G 146 -21.09 -61.97 110.71
CA GLN G 146 -19.64 -62.09 110.62
C GLN G 146 -19.23 -63.19 109.66
N ASN G 147 -20.04 -64.22 109.53
CA ASN G 147 -19.70 -65.31 108.62
C ASN G 147 -19.68 -64.84 107.18
N GLN G 148 -20.66 -64.03 106.79
CA GLN G 148 -20.69 -63.53 105.43
C GLN G 148 -19.50 -62.63 105.16
N VAL G 149 -19.15 -61.79 106.12
CA VAL G 149 -18.01 -60.90 105.95
C VAL G 149 -16.73 -61.71 105.84
N ASP G 150 -16.60 -62.75 106.66
CA ASP G 150 -15.41 -63.58 106.62
C ASP G 150 -15.32 -64.30 105.28
N MET G 151 -16.44 -64.82 104.80
CA MET G 151 -16.44 -65.51 103.52
C MET G 151 -16.06 -64.56 102.40
N LEU G 152 -16.62 -63.35 102.42
CA LEU G 152 -16.30 -62.39 101.37
C LEU G 152 -14.84 -61.98 101.44
N LEU G 153 -14.33 -61.79 102.65
CA LEU G 153 -12.94 -61.40 102.80
C LEU G 153 -12.02 -62.48 102.28
N GLN G 154 -12.31 -63.73 102.62
CA GLN G 154 -11.53 -64.84 102.11
C GLN G 154 -11.60 -64.89 100.60
N GLU G 155 -12.80 -64.67 100.05
CA GLU G 155 -12.99 -64.74 98.61
C GLU G 155 -12.20 -63.66 97.90
N MET G 156 -12.32 -62.43 98.38
CA MET G 156 -11.64 -61.32 97.74
C MET G 156 -10.14 -61.39 97.96
N ALA G 157 -9.70 -61.99 99.06
CA ALA G 157 -8.27 -62.16 99.29
C ALA G 157 -7.70 -63.22 98.37
N ASP G 158 -8.48 -64.28 98.11
CA ASP G 158 -8.08 -65.27 97.14
C ASP G 158 -8.07 -64.68 95.74
N GLU G 159 -9.03 -63.82 95.44
CA GLU G 159 -9.09 -63.17 94.15
C GLU G 159 -7.87 -62.28 93.95
N ALA G 160 -7.61 -61.41 94.92
CA ALA G 160 -6.43 -60.56 94.85
C ALA G 160 -5.16 -61.40 94.92
N GLY G 161 -5.15 -62.41 95.78
CA GLY G 161 -3.99 -63.28 95.92
C GLY G 161 -3.24 -63.05 97.20
N LEU G 162 -3.96 -62.73 98.28
CA LEU G 162 -3.37 -62.53 99.58
C LEU G 162 -4.12 -63.34 100.63
N ASP G 163 -3.52 -63.44 101.81
CA ASP G 163 -4.10 -64.15 102.95
C ASP G 163 -4.19 -63.21 104.15
N LEU G 164 -5.19 -63.45 104.97
CA LEU G 164 -5.43 -62.66 106.18
C LEU G 164 -5.20 -63.49 107.43
N SER H 2 2.07 -3.60 113.98
CA SER H 2 2.33 -3.55 115.42
C SER H 2 3.77 -3.14 115.67
N ASN H 3 4.07 -2.82 116.93
CA ASN H 3 5.46 -2.59 117.29
C ASN H 3 6.30 -3.80 116.94
N MET H 4 5.72 -4.99 117.05
CA MET H 4 6.46 -6.20 116.71
C MET H 4 6.90 -6.18 115.25
N GLU H 5 5.99 -5.79 114.35
CA GLU H 5 6.31 -5.80 112.94
C GLU H 5 7.35 -4.73 112.60
N LYS H 6 7.16 -3.53 113.15
CA LYS H 6 8.14 -2.48 112.94
C LYS H 6 9.51 -2.89 113.44
N HIS H 7 9.55 -3.54 114.60
CA HIS H 7 10.82 -3.97 115.15
C HIS H 7 11.43 -5.09 114.33
N LEU H 8 10.59 -5.96 113.76
CA LEU H 8 11.10 -7.00 112.89
C LEU H 8 11.72 -6.40 111.64
N PHE H 9 11.05 -5.43 111.05
CA PHE H 9 11.61 -4.72 109.91
C PHE H 9 12.94 -4.08 110.30
N ASN H 10 12.97 -3.45 111.47
CA ASN H 10 14.18 -2.81 111.94
C ASN H 10 15.31 -3.82 112.08
N LEU H 11 15.00 -4.99 112.62
CA LEU H 11 16.00 -6.01 112.82
C LEU H 11 16.52 -6.57 111.50
N LYS H 12 15.61 -6.77 110.55
CA LYS H 12 16.02 -7.23 109.23
C LYS H 12 16.91 -6.20 108.57
N PHE H 13 16.53 -4.94 108.64
CA PHE H 13 17.37 -3.88 108.11
C PHE H 13 18.74 -3.89 108.76
N ALA H 14 18.77 -4.08 110.08
CA ALA H 14 20.04 -4.08 110.79
C ALA H 14 20.91 -5.24 110.36
N ALA H 15 20.31 -6.42 110.22
CA ALA H 15 21.07 -7.59 109.79
C ALA H 15 21.63 -7.40 108.40
N LYS H 16 20.80 -6.88 107.49
CA LYS H 16 21.25 -6.63 106.14
C LYS H 16 22.37 -5.61 106.13
N GLU H 17 22.26 -4.59 106.98
CA GLU H 17 23.29 -3.56 107.04
C GLU H 17 24.60 -4.15 107.56
N LEU H 18 24.51 -5.02 108.57
CA LEU H 18 25.71 -5.65 109.08
C LEU H 18 26.35 -6.54 108.04
N SER H 19 25.53 -7.27 107.30
CA SER H 19 26.06 -8.11 106.24
C SER H 19 26.77 -7.27 105.19
N ARG H 20 26.15 -6.16 104.81
CA ARG H 20 26.75 -5.29 103.81
C ARG H 20 28.04 -4.66 104.33
N SER H 21 28.06 -4.31 105.62
CA SER H 21 29.26 -3.75 106.20
C SER H 21 30.39 -4.77 106.21
N ALA H 22 30.06 -6.01 106.55
CA ALA H 22 31.05 -7.07 106.49
C ALA H 22 31.55 -7.26 105.07
N LYS H 23 30.64 -7.20 104.10
CA LYS H 23 31.05 -7.33 102.71
C LYS H 23 32.00 -6.21 102.32
N LYS H 24 31.70 -5.00 102.73
CA LYS H 24 32.56 -3.86 102.44
C LYS H 24 33.92 -4.06 103.08
N CYS H 25 33.93 -4.49 104.34
CA CYS H 25 35.19 -4.74 105.01
C CYS H 25 36.00 -5.80 104.27
N ASP H 26 35.33 -6.82 103.76
CA ASP H 26 36.01 -7.87 103.03
C ASP H 26 36.61 -7.36 101.73
N LYS H 27 35.81 -6.60 100.98
CA LYS H 27 36.31 -6.02 99.74
C LYS H 27 37.50 -5.12 100.01
N GLU H 28 37.42 -4.35 101.08
CA GLU H 28 38.50 -3.46 101.45
C GLU H 28 39.75 -4.23 101.84
N GLU H 29 39.56 -5.34 102.55
CA GLU H 29 40.69 -6.19 102.89
C GLU H 29 41.35 -6.73 101.63
N LYS H 30 40.55 -7.18 100.67
CA LYS H 30 41.09 -7.68 99.42
C LYS H 30 41.87 -6.59 98.70
N ALA H 31 41.30 -5.40 98.63
CA ALA H 31 41.96 -4.29 97.96
C ALA H 31 43.26 -3.93 98.66
N GLU H 32 43.27 -3.97 99.99
CA GLU H 32 44.47 -3.64 100.74
C GLU H 32 45.55 -4.67 100.52
N LYS H 33 45.16 -5.94 100.49
CA LYS H 33 46.12 -7.00 100.21
C LYS H 33 46.70 -6.85 98.82
N ALA H 34 45.83 -6.51 97.86
CA ALA H 34 46.30 -6.24 96.51
C ALA H 34 47.34 -5.13 96.52
N LYS H 35 47.00 -3.99 97.11
CA LYS H 35 47.92 -2.87 97.16
C LYS H 35 49.21 -3.23 97.88
N ILE H 36 49.12 -4.07 98.90
CA ILE H 36 50.32 -4.55 99.58
C ILE H 36 51.21 -5.27 98.60
N GLU H 37 50.62 -6.15 97.79
CA GLU H 37 51.40 -6.85 96.79
C GLU H 37 52.03 -5.86 95.82
N LYS H 38 51.23 -4.92 95.33
CA LYS H 38 51.73 -3.98 94.35
C LYS H 38 52.84 -3.10 94.90
N ALA H 39 52.80 -2.82 96.20
CA ALA H 39 53.81 -1.97 96.82
C ALA H 39 55.08 -2.75 97.12
N ILE H 40 54.93 -3.95 97.66
CA ILE H 40 56.09 -4.77 97.97
C ILE H 40 56.83 -5.16 96.69
N GLN H 41 56.07 -5.38 95.62
CA GLN H 41 56.69 -5.64 94.33
C GLN H 41 57.62 -4.52 93.92
N LYS H 42 57.48 -3.35 94.54
CA LYS H 42 58.33 -2.22 94.25
C LYS H 42 59.31 -1.92 95.37
N GLY H 43 59.20 -2.61 96.49
CA GLY H 43 60.15 -2.44 97.57
C GLY H 43 59.66 -1.47 98.62
N ASN H 44 58.44 -1.67 99.09
CA ASN H 44 57.86 -0.83 100.14
C ASN H 44 57.54 -1.72 101.32
N MET H 45 58.13 -1.40 102.46
CA MET H 45 57.83 -2.10 103.69
C MET H 45 56.75 -1.40 104.48
N GLU H 46 56.91 -0.10 104.70
CA GLU H 46 56.00 0.61 105.57
C GLU H 46 54.60 0.59 105.00
N VAL H 47 54.45 0.77 103.70
CA VAL H 47 53.14 0.70 103.09
C VAL H 47 52.52 -0.66 103.34
N ALA H 48 53.35 -1.69 103.22
CA ALA H 48 52.88 -3.04 103.49
C ALA H 48 52.38 -3.17 104.92
N ARG H 49 53.17 -2.68 105.88
CA ARG H 49 52.75 -2.73 107.27
C ARG H 49 51.45 -2.01 107.47
N ILE H 50 51.31 -0.83 106.88
CA ILE H 50 50.13 -0.01 107.07
C ILE H 50 48.90 -0.74 106.54
N HIS H 51 48.99 -1.21 105.29
CA HIS H 51 47.88 -1.90 104.69
C HIS H 51 47.54 -3.17 105.46
N ALA H 52 48.55 -3.84 106.00
CA ALA H 52 48.31 -5.03 106.79
C ALA H 52 47.54 -4.70 108.05
N GLU H 53 47.92 -3.62 108.71
CA GLU H 53 47.17 -3.16 109.87
C GLU H 53 45.74 -2.85 109.51
N ASN H 54 45.56 -2.22 108.35
CA ASN H 54 44.22 -1.91 107.88
C ASN H 54 43.41 -3.17 107.67
N ALA H 55 44.02 -4.18 107.04
CA ALA H 55 43.33 -5.43 106.79
C ALA H 55 42.97 -6.12 108.09
N ILE H 56 43.86 -6.08 109.06
CA ILE H 56 43.57 -6.69 110.36
C ILE H 56 42.39 -6.00 111.01
N ARG H 57 42.39 -4.67 110.96
CA ARG H 57 41.27 -3.92 111.52
C ARG H 57 39.97 -4.31 110.83
N GLN H 58 40.00 -4.37 109.52
CA GLN H 58 38.80 -4.69 108.76
C GLN H 58 38.32 -6.09 109.09
N LYS H 59 39.25 -7.02 109.27
CA LYS H 59 38.87 -8.39 109.61
C LYS H 59 38.24 -8.44 110.98
N ASN H 60 38.87 -7.79 111.95
CA ASN H 60 38.32 -7.77 113.31
C ASN H 60 36.92 -7.18 113.31
N GLN H 61 36.75 -6.10 112.55
CA GLN H 61 35.48 -5.40 112.51
C GLN H 61 34.43 -6.24 111.80
N ALA H 62 34.83 -6.93 110.75
CA ALA H 62 33.93 -7.86 110.08
C ALA H 62 33.49 -8.95 111.03
N VAL H 63 34.42 -9.48 111.80
CA VAL H 63 34.08 -10.52 112.77
C VAL H 63 33.10 -10.01 113.79
N ASN H 64 33.35 -8.81 114.30
CA ASN H 64 32.46 -8.24 115.29
C ASN H 64 31.08 -8.02 114.73
N PHE H 65 31.00 -7.52 113.49
CA PHE H 65 29.73 -7.32 112.85
C PHE H 65 29.02 -8.64 112.64
N LEU H 66 29.77 -9.68 112.32
CA LEU H 66 29.15 -10.98 112.13
C LEU H 66 28.58 -11.51 113.43
N ARG H 67 29.33 -11.36 114.52
CA ARG H 67 28.84 -11.78 115.82
C ARG H 67 27.58 -11.02 116.20
N MET H 68 27.62 -9.71 116.06
CA MET H 68 26.47 -8.88 116.41
C MET H 68 25.27 -9.23 115.55
N SER H 69 25.50 -9.42 114.25
CA SER H 69 24.42 -9.78 113.35
C SER H 69 23.81 -11.11 113.74
N ALA H 70 24.66 -12.08 114.10
CA ALA H 70 24.16 -13.38 114.50
C ALA H 70 23.32 -13.27 115.77
N ARG H 71 23.78 -12.50 116.73
CA ARG H 71 23.03 -12.33 117.96
C ARG H 71 21.68 -11.68 117.67
N VAL H 72 21.70 -10.66 116.82
CA VAL H 72 20.46 -9.98 116.44
C VAL H 72 19.53 -10.94 115.73
N ASP H 73 20.09 -11.84 114.93
CA ASP H 73 19.29 -12.81 114.23
C ASP H 73 18.63 -13.77 115.20
N ALA H 74 19.39 -14.20 116.20
CA ALA H 74 18.82 -15.06 117.24
C ALA H 74 17.67 -14.37 117.94
N VAL H 75 17.86 -13.10 118.27
CA VAL H 75 16.82 -12.34 118.95
C VAL H 75 15.58 -12.23 118.07
N ALA H 76 15.78 -11.89 116.81
CA ALA H 76 14.66 -11.77 115.88
C ALA H 76 13.93 -13.09 115.74
N ALA H 77 14.68 -14.17 115.76
CA ALA H 77 14.07 -15.48 115.64
C ALA H 77 13.20 -15.79 116.85
N ARG H 78 13.72 -15.49 118.03
CA ARG H 78 12.92 -15.63 119.24
C ARG H 78 11.66 -14.80 119.15
N VAL H 79 11.78 -13.60 118.59
CA VAL H 79 10.62 -12.72 118.49
C VAL H 79 9.59 -13.31 117.54
N GLN H 80 10.03 -13.83 116.41
CA GLN H 80 9.12 -14.45 115.47
C GLN H 80 8.42 -15.63 116.11
N THR H 81 9.17 -16.42 116.86
CA THR H 81 8.57 -17.52 117.62
C THR H 81 7.48 -17.00 118.52
N ALA H 82 7.76 -15.92 119.24
CA ALA H 82 6.77 -15.37 120.16
C ALA H 82 5.53 -14.93 119.41
N VAL H 83 5.72 -14.28 118.26
CA VAL H 83 4.58 -13.76 117.52
C VAL H 83 3.73 -14.88 116.99
N THR H 84 4.37 -15.91 116.47
CA THR H 84 3.65 -17.08 116.01
C THR H 84 2.86 -17.72 117.14
N MET H 85 3.49 -17.83 118.31
CA MET H 85 2.78 -18.38 119.46
C MET H 85 1.59 -17.52 119.84
N GLY H 86 1.71 -16.21 119.67
CA GLY H 86 0.59 -15.34 119.97
C GLY H 86 -0.56 -15.54 119.01
N LYS H 87 -0.25 -15.62 117.72
CA LYS H 87 -1.27 -15.96 116.73
C LYS H 87 -1.96 -17.25 117.10
N VAL H 88 -1.17 -18.24 117.49
CA VAL H 88 -1.71 -19.54 117.85
C VAL H 88 -2.65 -19.41 119.04
N THR H 89 -2.23 -18.65 120.03
CA THR H 89 -3.05 -18.45 121.22
C THR H 89 -4.37 -17.79 120.85
N LYS H 90 -4.32 -16.83 119.94
CA LYS H 90 -5.54 -16.19 119.48
C LYS H 90 -6.48 -17.20 118.84
N SER H 91 -5.97 -17.93 117.85
CA SER H 91 -6.78 -18.92 117.18
C SER H 91 -7.36 -19.90 118.18
N MET H 92 -6.56 -20.30 119.16
CA MET H 92 -7.01 -21.29 120.13
C MET H 92 -8.10 -20.74 121.04
N ALA H 93 -7.97 -19.47 121.42
CA ALA H 93 -9.02 -18.85 122.21
C ALA H 93 -10.32 -18.75 121.43
N GLY H 94 -10.22 -18.41 120.15
CA GLY H 94 -11.41 -18.43 119.31
C GLY H 94 -12.05 -19.80 119.27
N VAL H 95 -11.22 -20.83 119.10
CA VAL H 95 -11.73 -22.19 119.07
C VAL H 95 -12.39 -22.53 120.39
N VAL H 96 -11.81 -22.04 121.49
CA VAL H 96 -12.39 -22.29 122.80
C VAL H 96 -13.78 -21.71 122.87
N LYS H 97 -13.91 -20.44 122.48
CA LYS H 97 -15.22 -19.79 122.48
C LYS H 97 -16.21 -20.62 121.67
N SER H 98 -15.82 -20.96 120.44
CA SER H 98 -16.76 -21.64 119.56
C SER H 98 -17.16 -23.00 120.10
N MET H 99 -16.18 -23.76 120.60
CA MET H 99 -16.47 -25.11 121.08
C MET H 99 -17.25 -25.08 122.37
N ASP H 100 -17.00 -24.10 123.24
CA ASP H 100 -17.81 -23.94 124.43
C ASP H 100 -19.24 -23.64 124.06
N ALA H 101 -19.43 -22.77 123.07
CA ALA H 101 -20.77 -22.51 122.56
C ALA H 101 -21.44 -23.79 122.08
N THR H 102 -20.71 -24.59 121.29
CA THR H 102 -21.28 -25.81 120.75
C THR H 102 -21.66 -26.78 121.86
N LEU H 103 -20.75 -27.00 122.80
CA LEU H 103 -21.05 -27.90 123.91
C LEU H 103 -22.20 -27.39 124.76
N LYS H 104 -22.38 -26.07 124.84
CA LYS H 104 -23.53 -25.54 125.55
C LYS H 104 -24.82 -25.82 124.78
N THR H 105 -24.75 -25.75 123.45
CA THR H 105 -25.93 -26.03 122.65
C THR H 105 -26.26 -27.52 122.68
N MET H 106 -25.30 -28.35 122.29
CA MET H 106 -25.50 -29.78 122.21
C MET H 106 -24.82 -30.48 123.37
N ASN H 107 -25.43 -31.58 123.80
CA ASN H 107 -24.93 -32.36 124.91
C ASN H 107 -25.02 -33.83 124.53
N LEU H 108 -24.62 -34.70 125.46
CA LEU H 108 -24.59 -36.13 125.22
C LEU H 108 -25.93 -36.80 125.48
N GLU H 109 -26.73 -36.27 126.40
CA GLU H 109 -28.03 -36.88 126.67
C GLU H 109 -28.92 -36.82 125.45
N LYS H 110 -28.83 -35.72 124.69
CA LYS H 110 -29.57 -35.63 123.44
C LYS H 110 -29.15 -36.73 122.48
N ILE H 111 -27.85 -36.99 122.40
CA ILE H 111 -27.34 -38.04 121.52
C ILE H 111 -27.89 -39.39 121.95
N SER H 112 -27.82 -39.66 123.26
CA SER H 112 -28.30 -40.95 123.77
C SER H 112 -29.79 -41.11 123.51
N ALA H 113 -30.57 -40.05 123.72
CA ALA H 113 -31.99 -40.13 123.45
C ALA H 113 -32.27 -40.38 121.98
N LEU H 114 -31.54 -39.69 121.12
CA LEU H 114 -31.72 -39.89 119.69
C LEU H 114 -31.39 -41.32 119.29
N MET H 115 -30.32 -41.86 119.86
CA MET H 115 -29.92 -43.22 119.49
C MET H 115 -30.90 -44.26 120.03
N ASP H 116 -31.38 -44.06 121.25
CA ASP H 116 -32.39 -44.96 121.80
C ASP H 116 -33.65 -44.92 120.94
N LYS H 117 -34.07 -43.73 120.56
CA LYS H 117 -35.16 -43.59 119.61
C LYS H 117 -34.87 -44.40 118.36
N PHE H 118 -33.75 -44.08 117.70
CA PHE H 118 -33.43 -44.74 116.45
C PHE H 118 -33.53 -46.24 116.59
N GLU H 119 -33.04 -46.76 117.70
CA GLU H 119 -33.13 -48.20 117.96
C GLU H 119 -34.58 -48.65 118.00
N HIS H 120 -35.41 -47.95 118.77
CA HIS H 120 -36.81 -48.35 118.89
C HIS H 120 -37.54 -48.24 117.57
N GLN H 121 -37.32 -47.16 116.83
CA GLN H 121 -37.99 -46.97 115.55
C GLN H 121 -37.57 -48.05 114.57
N PHE H 122 -36.27 -48.37 114.53
CA PHE H 122 -35.81 -49.41 113.63
C PHE H 122 -36.33 -50.77 114.05
N GLU H 123 -36.49 -51.00 115.34
CA GLU H 123 -37.07 -52.25 115.80
C GLU H 123 -38.52 -52.36 115.37
N THR H 124 -39.29 -51.28 115.51
CA THR H 124 -40.67 -51.28 115.06
C THR H 124 -40.74 -51.47 113.56
N LEU H 125 -39.82 -50.86 112.83
CA LEU H 125 -39.78 -51.00 111.38
C LEU H 125 -39.44 -52.43 110.98
N ASP H 126 -38.51 -53.06 111.70
CA ASP H 126 -38.19 -54.44 111.44
C ASP H 126 -39.39 -55.33 111.69
N VAL H 127 -40.14 -55.04 112.75
CA VAL H 127 -41.36 -55.80 113.04
C VAL H 127 -42.37 -55.62 111.91
N GLN H 128 -42.56 -54.39 111.45
CA GLN H 128 -43.50 -54.14 110.37
C GLN H 128 -43.08 -54.87 109.10
N THR H 129 -41.78 -54.84 108.79
CA THR H 129 -41.29 -55.52 107.60
C THR H 129 -41.46 -57.03 107.72
N GLN H 130 -41.23 -57.58 108.91
CA GLN H 130 -41.44 -59.01 109.12
C GLN H 130 -42.90 -59.36 108.93
N GLN H 131 -43.80 -58.53 109.46
CA GLN H 131 -45.22 -58.76 109.26
C GLN H 131 -45.59 -58.72 107.79
N MET H 132 -45.07 -57.72 107.06
CA MET H 132 -45.34 -57.62 105.63
C MET H 132 -44.82 -58.85 104.90
N GLU H 133 -43.60 -59.29 105.23
CA GLU H 133 -43.04 -60.48 104.61
C GLU H 133 -43.93 -61.68 104.85
N ASP H 134 -44.33 -61.89 106.11
CA ASP H 134 -45.18 -63.02 106.45
C ASP H 134 -46.49 -62.97 105.68
N THR H 135 -47.12 -61.81 105.64
CA THR H 135 -48.42 -61.69 104.98
C THR H 135 -48.29 -61.94 103.49
N MET H 136 -47.35 -61.24 102.84
CA MET H 136 -47.18 -61.36 101.40
C MET H 136 -46.70 -62.76 101.00
N SER H 137 -46.02 -63.48 101.90
CA SER H 137 -45.66 -64.85 101.61
C SER H 137 -46.83 -65.80 101.81
N SER H 138 -47.68 -65.52 102.79
CA SER H 138 -48.88 -66.33 102.98
C SER H 138 -49.85 -66.16 101.82
N THR H 139 -49.92 -64.97 101.25
CA THR H 139 -50.81 -64.74 100.12
C THR H 139 -50.35 -65.53 98.91
N THR H 140 -49.05 -65.49 98.61
CA THR H 140 -48.49 -66.11 97.41
C THR H 140 -47.99 -67.51 97.78
N THR H 141 -48.89 -68.49 97.70
CA THR H 141 -48.52 -69.87 98.02
C THR H 141 -48.97 -70.87 96.98
N LEU H 142 -50.09 -70.61 96.32
CA LEU H 142 -50.64 -71.58 95.37
C LEU H 142 -49.88 -71.56 94.05
N THR H 143 -49.63 -70.37 93.52
CA THR H 143 -49.05 -70.21 92.19
C THR H 143 -47.53 -70.30 92.19
N THR H 144 -46.95 -70.95 93.20
CA THR H 144 -45.54 -71.35 93.17
C THR H 144 -45.35 -72.60 94.00
N PRO H 145 -45.76 -73.77 93.48
CA PRO H 145 -45.41 -75.01 94.16
C PRO H 145 -43.90 -75.12 94.27
N GLN H 146 -43.46 -76.00 95.16
CA GLN H 146 -42.03 -76.19 95.33
C GLN H 146 -41.47 -77.19 94.34
N ASN H 147 -42.28 -78.16 93.93
CA ASN H 147 -41.81 -79.15 92.96
C ASN H 147 -41.50 -78.51 91.63
N GLN H 148 -42.35 -77.61 91.17
CA GLN H 148 -42.09 -76.95 89.90
C GLN H 148 -40.84 -76.09 89.98
N VAL H 149 -40.66 -75.39 91.08
CA VAL H 149 -39.47 -74.57 91.24
C VAL H 149 -38.23 -75.43 91.27
N ASP H 150 -38.30 -76.55 91.97
CA ASP H 150 -37.15 -77.45 92.05
C ASP H 150 -36.82 -78.02 90.67
N MET H 151 -37.85 -78.40 89.92
CA MET H 151 -37.63 -78.93 88.59
C MET H 151 -37.00 -77.88 87.70
N LEU H 152 -37.51 -76.66 87.75
CA LEU H 152 -36.97 -75.60 86.93
C LEU H 152 -35.54 -75.29 87.32
N LEU H 153 -35.25 -75.27 88.62
CA LEU H 153 -33.91 -74.99 89.08
C LEU H 153 -32.95 -76.06 88.59
N GLN H 154 -33.33 -77.31 88.72
CA GLN H 154 -32.51 -78.40 88.23
C GLN H 154 -32.30 -78.26 86.73
N GLU H 155 -33.36 -77.91 86.00
CA GLU H 155 -33.26 -77.80 84.56
C GLU H 155 -32.31 -76.69 84.15
N MET H 156 -32.48 -75.53 84.76
CA MET H 156 -31.64 -74.39 84.40
C MET H 156 -30.22 -74.57 84.89
N ALA H 157 -30.02 -75.32 85.96
CA ALA H 157 -28.68 -75.61 86.43
C ALA H 157 -27.98 -76.58 85.50
N ASP H 158 -28.73 -77.55 84.98
CA ASP H 158 -28.19 -78.45 83.98
C ASP H 158 -27.88 -77.70 82.69
N GLU H 159 -28.74 -76.75 82.33
CA GLU H 159 -28.51 -75.95 81.14
C GLU H 159 -27.26 -75.12 81.28
N ALA H 160 -27.16 -74.39 82.39
CA ALA H 160 -25.94 -73.61 82.66
C ALA H 160 -24.75 -74.52 82.85
N GLY H 161 -24.94 -75.62 83.58
CA GLY H 161 -23.87 -76.57 83.81
C GLY H 161 -23.38 -76.54 85.24
N LEU H 162 -24.28 -76.32 86.19
CA LEU H 162 -23.94 -76.29 87.61
C LEU H 162 -24.91 -77.18 88.38
N ASP H 163 -24.55 -77.45 89.63
CA ASP H 163 -25.37 -78.25 90.53
C ASP H 163 -25.66 -77.46 91.80
N LEU H 164 -26.81 -77.74 92.39
CA LEU H 164 -27.24 -77.08 93.61
C LEU H 164 -27.31 -78.07 94.78
N SER I 2 -19.77 -19.79 110.51
CA SER I 2 -19.79 -19.93 111.95
C SER I 2 -18.43 -19.63 112.55
N ASN I 3 -18.39 -19.49 113.88
CA ASN I 3 -17.11 -19.38 114.54
C ASN I 3 -16.24 -20.58 114.21
N MET I 4 -16.86 -21.75 114.03
CA MET I 4 -16.10 -22.94 113.69
C MET I 4 -15.36 -22.75 112.37
N GLU I 5 -16.05 -22.21 111.38
CA GLU I 5 -15.44 -22.05 110.06
C GLU I 5 -14.34 -21.01 110.09
N LYS I 6 -14.60 -19.89 110.74
CA LYS I 6 -13.58 -18.87 110.87
C LYS I 6 -12.35 -19.41 111.59
N HIS I 7 -12.57 -20.20 112.63
CA HIS I 7 -11.46 -20.77 113.37
C HIS I 7 -10.71 -21.80 112.54
N LEU I 8 -11.44 -22.55 111.71
CA LEU I 8 -10.79 -23.50 110.82
C LEU I 8 -9.90 -22.78 109.82
N PHE I 9 -10.42 -21.70 109.24
CA PHE I 9 -9.61 -20.89 108.34
C PHE I 9 -8.39 -20.37 109.06
N ASN I 10 -8.57 -19.90 110.29
CA ASN I 10 -7.46 -19.38 111.08
C ASN I 10 -6.42 -20.46 111.31
N LEU I 11 -6.86 -21.68 111.61
CA LEU I 11 -5.96 -22.77 111.87
C LEU I 11 -5.20 -23.18 110.63
N LYS I 12 -5.89 -23.21 109.50
CA LYS I 12 -5.23 -23.52 108.23
C LYS I 12 -4.19 -22.47 107.91
N PHE I 13 -4.54 -21.21 108.08
CA PHE I 13 -3.59 -20.14 107.87
C PHE I 13 -2.38 -20.31 108.78
N ALA I 14 -2.63 -20.66 110.03
CA ALA I 14 -1.53 -20.82 110.99
C ALA I 14 -0.62 -21.96 110.59
N ALA I 15 -1.21 -23.08 110.17
CA ALA I 15 -0.41 -24.21 109.76
C ALA I 15 0.42 -23.88 108.54
N LYS I 16 -0.18 -23.21 107.56
CA LYS I 16 0.55 -22.82 106.37
C LYS I 16 1.68 -21.86 106.73
N GLU I 17 1.42 -20.96 107.66
CA GLU I 17 2.43 -20.01 108.08
C GLU I 17 3.59 -20.71 108.77
N LEU I 18 3.27 -21.69 109.61
CA LEU I 18 4.32 -22.46 110.26
C LEU I 18 5.14 -23.23 109.26
N SER I 19 4.48 -23.83 108.28
CA SER I 19 5.20 -24.55 107.24
C SER I 19 6.12 -23.62 106.49
N ARG I 20 5.63 -22.44 106.13
CA ARG I 20 6.45 -21.49 105.41
C ARG I 20 7.61 -21.00 106.26
N SER I 21 7.38 -20.82 107.55
CA SER I 21 8.45 -20.39 108.44
C SER I 21 9.51 -21.47 108.54
N ALA I 22 9.10 -22.72 108.64
CA ALA I 22 10.04 -23.82 108.65
C ALA I 22 10.82 -23.86 107.34
N LYS I 23 10.15 -23.62 106.22
CA LYS I 23 10.82 -23.59 104.93
C LYS I 23 11.87 -22.49 104.89
N LYS I 24 11.51 -21.33 105.39
CA LYS I 24 12.46 -20.22 105.44
C LYS I 24 13.64 -20.56 106.31
N CYS I 25 13.38 -21.14 107.48
CA CYS I 25 14.47 -21.54 108.36
C CYS I 25 15.38 -22.54 107.66
N ASP I 26 14.80 -23.45 106.89
CA ASP I 26 15.60 -24.44 106.17
C ASP I 26 16.46 -23.80 105.10
N LYS I 27 15.87 -22.91 104.31
CA LYS I 27 16.62 -22.22 103.29
C LYS I 27 17.75 -21.41 103.91
N GLU I 28 17.47 -20.78 105.04
CA GLU I 28 18.48 -20.00 105.74
C GLU I 28 19.59 -20.88 106.26
N GLU I 29 19.23 -22.07 106.77
CA GLU I 29 20.24 -23.01 107.21
C GLU I 29 21.14 -23.42 106.06
N LYS I 30 20.54 -23.69 104.90
CA LYS I 30 21.32 -24.06 103.73
C LYS I 30 22.25 -22.94 103.33
N ALA I 31 21.74 -21.71 103.31
CA ALA I 31 22.56 -20.57 102.94
C ALA I 31 23.70 -20.37 103.93
N GLU I 32 23.42 -20.57 105.22
CA GLU I 32 24.44 -20.40 106.23
C GLU I 32 25.53 -21.45 106.09
N LYS I 33 25.12 -22.69 105.83
CA LYS I 33 26.10 -23.75 105.60
C LYS I 33 26.94 -23.45 104.39
N ALA I 34 26.31 -22.96 103.33
CA ALA I 34 27.06 -22.55 102.15
C ALA I 34 28.10 -21.50 102.52
N LYS I 35 27.67 -20.44 103.19
CA LYS I 35 28.60 -19.38 103.56
C LYS I 35 29.69 -19.90 104.47
N ILE I 36 29.37 -20.86 105.33
CA ILE I 36 30.38 -21.48 106.16
C ILE I 36 31.45 -22.11 105.29
N GLU I 37 31.01 -22.85 104.28
CA GLU I 37 31.96 -23.45 103.36
C GLU I 37 32.81 -22.39 102.70
N LYS I 38 32.16 -21.36 102.19
CA LYS I 38 32.87 -20.33 101.45
C LYS I 38 33.86 -19.58 102.34
N ALA I 39 33.56 -19.47 103.62
CA ALA I 39 34.44 -18.77 104.55
C ALA I 39 35.60 -19.63 104.99
N ILE I 40 35.32 -20.89 105.31
CA ILE I 40 36.36 -21.80 105.74
C ILE I 40 37.33 -22.06 104.61
N GLN I 41 36.82 -22.10 103.38
CA GLN I 41 37.69 -22.24 102.21
C GLN I 41 38.70 -21.12 102.16
N LYS I 42 38.47 -20.04 102.89
CA LYS I 42 39.39 -18.92 102.93
C LYS I 42 40.13 -18.82 104.26
N GLY I 43 39.77 -19.64 105.23
CA GLY I 43 40.48 -19.66 106.50
C GLY I 43 39.81 -18.80 107.54
N ASN I 44 38.51 -18.99 107.73
CA ASN I 44 37.74 -18.26 108.73
C ASN I 44 37.16 -19.27 109.70
N MET I 45 37.52 -19.14 110.97
CA MET I 45 36.95 -19.97 112.00
C MET I 45 35.74 -19.32 112.65
N GLU I 46 35.90 -18.07 113.07
CA GLU I 46 34.84 -17.42 113.83
C GLU I 46 33.57 -17.29 112.99
N VAL I 47 33.72 -16.94 111.71
CA VAL I 47 32.55 -16.87 110.85
C VAL I 47 31.87 -18.21 110.78
N ALA I 48 32.67 -19.27 110.70
CA ALA I 48 32.12 -20.61 110.68
C ALA I 48 31.35 -20.89 111.96
N ARG I 49 31.92 -20.57 113.11
CA ARG I 49 31.23 -20.78 114.37
C ARG I 49 29.92 -20.01 114.40
N ILE I 50 29.95 -18.76 113.95
CA ILE I 50 28.77 -17.91 114.00
C ILE I 50 27.67 -18.51 113.14
N HIS I 51 28.00 -18.82 111.90
CA HIS I 51 27.01 -19.36 110.99
C HIS I 51 26.49 -20.70 111.49
N ALA I 52 27.35 -21.48 112.13
CA ALA I 52 26.91 -22.75 112.69
C ALA I 52 25.92 -22.55 113.80
N GLU I 53 26.17 -21.57 114.67
CA GLU I 53 25.22 -21.23 115.70
C GLU I 53 23.90 -20.80 115.10
N ASN I 54 23.98 -20.03 114.03
CA ASN I 54 22.78 -19.58 113.33
C ASN I 54 21.99 -20.76 112.80
N ALA I 55 22.69 -21.70 112.18
CA ALA I 55 22.04 -22.88 111.63
C ALA I 55 21.39 -23.71 112.73
N ILE I 56 22.08 -23.84 113.87
CA ILE I 56 21.50 -24.60 114.97
C ILE I 56 20.23 -23.93 115.45
N ARG I 57 20.27 -22.61 115.59
CA ARG I 57 19.08 -21.88 116.01
C ARG I 57 17.95 -22.11 115.03
N GLN I 58 18.25 -22.00 113.74
CA GLN I 58 17.21 -22.17 112.73
C GLN I 58 16.65 -23.56 112.76
N LYS I 59 17.49 -24.56 113.00
CA LYS I 59 17.03 -25.93 113.08
C LYS I 59 16.11 -26.13 114.27
N ASN I 60 16.54 -25.64 115.42
CA ASN I 60 15.73 -25.76 116.62
C ASN I 60 14.38 -25.10 116.42
N GLN I 61 14.39 -23.92 115.81
CA GLN I 61 13.17 -23.17 115.60
C GLN I 61 12.27 -23.84 114.59
N ALA I 62 12.86 -24.42 113.55
CA ALA I 62 12.10 -25.20 112.59
C ALA I 62 11.44 -26.39 113.28
N VAL I 63 12.17 -27.05 114.15
CA VAL I 63 11.62 -28.19 114.87
C VAL I 63 10.45 -27.76 115.74
N ASN I 64 10.63 -26.65 116.44
CA ASN I 64 9.57 -26.16 117.31
C ASN I 64 8.34 -25.79 116.50
N PHE I 65 8.54 -25.15 115.36
CA PHE I 65 7.42 -24.80 114.50
C PHE I 65 6.73 -26.04 113.98
N LEU I 66 7.51 -27.07 113.68
CA LEU I 66 6.93 -28.31 113.20
C LEU I 66 6.08 -28.97 114.28
N ARG I 67 6.60 -28.99 115.50
CA ARG I 67 5.83 -29.53 116.61
C ARG I 67 4.54 -28.78 116.81
N MET I 68 4.63 -27.45 116.87
CA MET I 68 3.46 -26.63 117.09
C MET I 68 2.46 -26.80 115.96
N SER I 69 2.95 -26.83 114.73
CA SER I 69 2.07 -27.01 113.58
C SER I 69 1.36 -28.35 113.66
N ALA I 70 2.09 -29.39 114.06
CA ALA I 70 1.49 -30.70 114.17
C ALA I 70 0.40 -30.72 115.24
N ARG I 71 0.68 -30.10 116.37
CA ARG I 71 -0.31 -30.05 117.44
C ARG I 71 -1.55 -29.30 116.97
N VAL I 72 -1.34 -28.18 116.28
CA VAL I 72 -2.44 -27.40 115.76
C VAL I 72 -3.24 -28.21 114.75
N ASP I 73 -2.54 -29.01 113.97
CA ASP I 73 -3.21 -29.85 112.99
C ASP I 73 -4.07 -30.89 113.67
N ALA I 74 -3.56 -31.49 114.75
CA ALA I 74 -4.35 -32.43 115.52
C ALA I 74 -5.60 -31.78 116.05
N VAL I 75 -5.45 -30.58 116.59
CA VAL I 75 -6.59 -29.85 117.14
C VAL I 75 -7.61 -29.58 116.06
N ALA I 76 -7.15 -29.08 114.92
CA ALA I 76 -8.06 -28.78 113.81
C ALA I 76 -8.77 -30.04 113.34
N ALA I 77 -8.07 -31.16 113.37
CA ALA I 77 -8.68 -32.40 112.94
C ALA I 77 -9.78 -32.82 113.90
N ARG I 78 -9.51 -32.69 115.20
CA ARG I 78 -10.55 -32.95 116.19
C ARG I 78 -11.75 -32.04 115.96
N VAL I 79 -11.48 -30.79 115.60
CA VAL I 79 -12.56 -29.85 115.38
C VAL I 79 -13.39 -30.25 114.17
N GLN I 80 -12.73 -30.65 113.10
CA GLN I 80 -13.45 -31.10 111.92
C GLN I 80 -14.31 -32.31 112.25
N THR I 81 -13.74 -33.22 113.03
CA THR I 81 -14.52 -34.37 113.48
C THR I 81 -15.77 -33.92 114.21
N ALA I 82 -15.61 -32.97 115.11
CA ALA I 82 -16.75 -32.47 115.87
C ALA I 82 -17.80 -31.87 114.96
N VAL I 83 -17.36 -31.10 113.96
CA VAL I 83 -18.30 -30.43 113.07
C VAL I 83 -19.05 -31.43 112.24
N THR I 84 -18.35 -32.42 111.74
CA THR I 84 -18.98 -33.48 110.98
C THR I 84 -20.00 -34.21 111.83
N MET I 85 -19.63 -34.51 113.08
CA MET I 85 -20.58 -35.16 113.99
C MET I 85 -21.80 -34.29 114.22
N GLY I 86 -21.61 -32.98 114.26
CA GLY I 86 -22.75 -32.10 114.44
C GLY I 86 -23.68 -32.10 113.25
N LYS I 87 -23.11 -32.05 112.05
CA LYS I 87 -23.91 -32.20 110.84
C LYS I 87 -24.70 -33.48 110.88
N VAL I 88 -24.03 -34.55 111.29
CA VAL I 88 -24.67 -35.86 111.35
C VAL I 88 -25.83 -35.83 112.34
N THR I 89 -25.61 -35.23 113.49
CA THR I 89 -26.66 -35.14 114.49
C THR I 89 -27.85 -34.37 113.97
N LYS I 90 -27.58 -33.31 113.22
CA LYS I 90 -28.67 -32.54 112.61
C LYS I 90 -29.48 -33.42 111.66
N SER I 91 -28.79 -34.03 110.71
CA SER I 91 -29.47 -34.90 109.76
C SER I 91 -30.28 -35.96 110.48
N MET I 92 -29.71 -36.52 111.54
CA MET I 92 -30.37 -37.60 112.27
C MET I 92 -31.60 -37.11 112.99
N ALA I 93 -31.53 -35.92 113.56
CA ALA I 93 -32.71 -35.34 114.21
C ALA I 93 -33.81 -35.07 113.19
N GLY I 94 -33.44 -34.58 112.02
CA GLY I 94 -34.43 -34.43 110.95
C GLY I 94 -35.08 -35.75 110.61
N VAL I 95 -34.26 -36.79 110.48
CA VAL I 95 -34.79 -38.11 110.16
C VAL I 95 -35.72 -38.57 111.27
N VAL I 96 -35.37 -38.27 112.51
CA VAL I 96 -36.22 -38.65 113.63
C VAL I 96 -37.58 -38.00 113.50
N LYS I 97 -37.59 -36.69 113.26
CA LYS I 97 -38.85 -35.98 113.08
C LYS I 97 -39.68 -36.64 111.98
N SER I 98 -39.05 -36.84 110.83
CA SER I 98 -39.80 -37.36 109.68
C SER I 98 -40.33 -38.75 109.95
N MET I 99 -39.51 -39.63 110.52
CA MET I 99 -39.93 -41.00 110.75
C MET I 99 -40.96 -41.10 111.86
N ASP I 100 -40.86 -40.24 112.88
CA ASP I 100 -41.89 -40.20 113.90
C ASP I 100 -43.21 -39.78 113.28
N ALA I 101 -43.17 -38.78 112.40
CA ALA I 101 -44.37 -38.38 111.67
C ALA I 101 -44.95 -39.57 110.90
N THR I 102 -44.09 -40.28 110.18
CA THR I 102 -44.57 -41.40 109.37
C THR I 102 -45.21 -42.47 110.24
N LEU I 103 -44.52 -42.87 111.31
CA LEU I 103 -45.05 -43.88 112.21
C LEU I 103 -46.35 -43.42 112.86
N LYS I 104 -46.50 -42.12 113.08
CA LYS I 104 -47.77 -41.61 113.61
C LYS I 104 -48.86 -41.72 112.57
N THR I 105 -48.53 -41.49 111.30
CA THR I 105 -49.53 -41.61 110.25
C THR I 105 -49.88 -43.07 110.01
N MET I 106 -48.88 -43.89 109.71
CA MET I 106 -49.10 -45.28 109.40
C MET I 106 -48.69 -46.17 110.57
N ASN I 107 -49.41 -47.27 110.71
CA ASN I 107 -49.18 -48.23 111.78
C ASN I 107 -49.23 -49.63 111.20
N LEU I 108 -49.05 -50.62 112.07
CA LEU I 108 -49.01 -52.01 111.64
C LEU I 108 -50.38 -52.65 111.54
N GLU I 109 -51.35 -52.19 112.34
CA GLU I 109 -52.69 -52.76 112.26
C GLU I 109 -53.31 -52.48 110.90
N LYS I 110 -53.03 -51.31 110.33
CA LYS I 110 -53.50 -51.03 108.98
C LYS I 110 -52.91 -52.02 107.99
N ILE I 111 -51.63 -52.33 108.13
CA ILE I 111 -50.98 -53.29 107.24
C ILE I 111 -51.64 -54.66 107.37
N SER I 112 -51.86 -55.09 108.62
CA SER I 112 -52.46 -56.40 108.83
C SER I 112 -53.87 -56.45 108.28
N ALA I 113 -54.65 -55.39 108.46
CA ALA I 113 -55.99 -55.36 107.91
C ALA I 113 -55.95 -55.41 106.39
N LEU I 114 -55.05 -54.65 105.78
CA LEU I 114 -54.94 -54.65 104.33
C LEU I 114 -54.56 -56.03 103.82
N MET I 115 -53.64 -56.71 104.52
CA MET I 115 -53.22 -58.03 104.05
C MET I 115 -54.31 -59.07 104.25
N ASP I 116 -55.04 -59.00 105.36
CA ASP I 116 -56.15 -59.91 105.56
C ASP I 116 -57.21 -59.70 104.49
N LYS I 117 -57.51 -58.44 104.19
CA LYS I 117 -58.38 -58.14 103.07
C LYS I 117 -57.85 -58.79 101.80
N PHE I 118 -56.62 -58.45 101.44
CA PHE I 118 -56.06 -58.96 100.19
C PHE I 118 -56.22 -60.46 100.11
N GLU I 119 -55.99 -61.15 101.21
CA GLU I 119 -56.17 -62.59 101.26
C GLU I 119 -57.61 -62.97 100.94
N HIS I 120 -58.55 -62.33 101.62
CA HIS I 120 -59.96 -62.67 101.41
C HIS I 120 -60.41 -62.34 99.98
N GLN I 121 -60.00 -61.19 99.46
CA GLN I 121 -60.38 -60.82 98.10
C GLN I 121 -59.79 -61.78 97.10
N PHE I 122 -58.53 -62.17 97.28
CA PHE I 122 -57.92 -63.10 96.36
C PHE I 122 -58.55 -64.48 96.48
N GLU I 123 -58.99 -64.86 97.67
CA GLU I 123 -59.68 -66.13 97.82
C GLU I 123 -61.02 -66.11 97.09
N THR I 124 -61.77 -65.01 97.23
CA THR I 124 -63.02 -64.88 96.51
C THR I 124 -62.78 -64.87 95.00
N LEU I 125 -61.71 -64.22 94.57
CA LEU I 125 -61.38 -64.19 93.15
C LEU I 125 -61.00 -65.57 92.65
N ASP I 126 -60.26 -66.33 93.45
CA ASP I 126 -59.92 -67.69 93.08
C ASP I 126 -61.18 -68.54 92.95
N VAL I 127 -62.12 -68.34 93.88
CA VAL I 127 -63.38 -69.06 93.80
C VAL I 127 -64.13 -68.69 92.52
N GLN I 128 -64.19 -67.40 92.21
CA GLN I 128 -64.89 -66.97 91.00
C GLN I 128 -64.24 -67.55 89.76
N THR I 129 -62.91 -67.55 89.72
CA THR I 129 -62.19 -68.11 88.57
C THR I 129 -62.42 -69.60 88.45
N GLN I 130 -62.45 -70.31 89.58
CA GLN I 130 -62.74 -71.74 89.55
C GLN I 130 -64.14 -72.00 89.02
N GLN I 131 -65.10 -71.18 89.47
CA GLN I 131 -66.47 -71.31 88.95
C GLN I 131 -66.52 -71.07 87.46
N MET I 132 -65.83 -70.02 86.99
CA MET I 132 -65.79 -69.73 85.57
C MET I 132 -65.16 -70.88 84.80
N GLU I 133 -64.05 -71.42 85.31
CA GLU I 133 -63.41 -72.54 84.66
C GLU I 133 -64.37 -73.72 84.55
N ASP I 134 -65.02 -74.05 85.66
CA ASP I 134 -65.94 -75.19 85.67
C ASP I 134 -67.06 -74.97 84.67
N THR I 135 -67.66 -73.78 84.66
CA THR I 135 -68.78 -73.50 83.77
C THR I 135 -68.35 -73.56 82.31
N MET I 136 -67.28 -72.84 81.96
CA MET I 136 -66.82 -72.80 80.59
C MET I 136 -66.30 -74.15 80.11
N SER I 137 -65.84 -75.01 81.02
CA SER I 137 -65.46 -76.36 80.63
C SER I 137 -66.67 -77.27 80.45
N SER I 138 -67.70 -77.07 81.27
CA SER I 138 -68.93 -77.82 81.11
C SER I 138 -69.64 -77.47 79.82
N THR I 139 -69.55 -76.20 79.40
CA THR I 139 -70.19 -75.79 78.16
C THR I 139 -69.51 -76.44 76.96
N THR I 140 -68.18 -76.42 76.94
CA THR I 140 -67.39 -76.93 75.82
C THR I 140 -67.02 -78.38 76.08
N THR I 141 -67.91 -79.29 75.69
CA THR I 141 -67.65 -80.72 75.90
C THR I 141 -67.90 -81.57 74.66
N LEU I 142 -68.85 -81.16 73.82
CA LEU I 142 -69.21 -81.97 72.66
C LEU I 142 -68.21 -81.83 71.53
N THR I 143 -67.81 -80.59 71.23
CA THR I 143 -66.96 -80.29 70.09
C THR I 143 -65.48 -80.48 70.37
N THR I 144 -65.15 -81.28 71.39
CA THR I 144 -63.77 -81.73 71.60
C THR I 144 -63.78 -83.10 72.27
N PRO I 145 -64.10 -84.16 71.52
CA PRO I 145 -63.94 -85.50 72.09
C PRO I 145 -62.49 -85.70 72.48
N GLN I 146 -62.26 -86.71 73.32
CA GLN I 146 -60.90 -87.00 73.75
C GLN I 146 -60.17 -87.89 72.76
N ASN I 147 -60.91 -88.75 72.07
CA ASN I 147 -60.28 -89.64 71.10
C ASN I 147 -59.67 -88.85 69.96
N GLN I 148 -60.40 -87.85 69.46
CA GLN I 148 -59.86 -87.05 68.37
C GLN I 148 -58.62 -86.28 68.81
N VAL I 149 -58.66 -85.74 70.02
CA VAL I 149 -57.51 -85.00 70.53
C VAL I 149 -56.32 -85.93 70.69
N ASP I 150 -56.57 -87.13 71.20
CA ASP I 150 -55.49 -88.08 71.37
C ASP I 150 -54.90 -88.49 70.03
N MET I 151 -55.75 -88.73 69.05
CA MET I 151 -55.28 -89.09 67.73
C MET I 151 -54.45 -87.98 67.13
N LEU I 152 -54.93 -86.74 67.24
CA LEU I 152 -54.19 -85.61 66.70
C LEU I 152 -52.88 -85.43 67.41
N LEU I 153 -52.87 -85.60 68.72
CA LEU I 153 -51.64 -85.44 69.48
C LEU I 153 -50.62 -86.49 69.06
N GLN I 154 -51.06 -87.73 68.95
CA GLN I 154 -50.18 -88.79 68.49
C GLN I 154 -49.66 -88.48 67.09
N GLU I 155 -50.53 -87.99 66.22
CA GLU I 155 -50.14 -87.70 64.85
C GLU I 155 -49.10 -86.60 64.80
N MET I 156 -49.35 -85.51 65.51
CA MET I 156 -48.44 -84.39 65.49
C MET I 156 -47.14 -84.70 66.23
N ALA I 157 -47.20 -85.58 67.21
CA ALA I 157 -45.99 -86.00 67.90
C ALA I 157 -45.13 -86.89 67.00
N ASP I 158 -45.79 -87.74 66.22
CA ASP I 158 -45.07 -88.54 65.23
C ASP I 158 -44.49 -87.65 64.14
N GLU I 159 -45.23 -86.61 63.76
CA GLU I 159 -44.74 -85.68 62.75
C GLU I 159 -43.52 -84.94 63.25
N ALA I 160 -43.62 -84.37 64.45
CA ALA I 160 -42.49 -83.70 65.06
C ALA I 160 -41.38 -84.68 65.37
N GLY I 161 -41.74 -85.85 65.88
CA GLY I 161 -40.77 -86.88 66.19
C GLY I 161 -40.57 -87.06 67.69
N LEU I 162 -41.65 -86.90 68.45
CA LEU I 162 -41.61 -87.08 69.89
C LEU I 162 -42.75 -88.01 70.33
N ASP I 163 -42.67 -88.45 71.58
CA ASP I 163 -43.66 -89.31 72.18
C ASP I 163 -44.19 -88.68 73.46
N LEU I 164 -45.45 -88.97 73.76
CA LEU I 164 -46.11 -88.45 74.95
C LEU I 164 -46.44 -89.57 75.94
N SER J 2 -58.00 37.21 -99.14
CA SER J 2 -58.73 37.21 -100.40
C SER J 2 -59.70 36.07 -100.48
N ASN J 3 -60.58 36.11 -101.48
CA ASN J 3 -61.43 34.97 -101.73
C ASN J 3 -60.59 33.72 -101.95
N MET J 4 -59.42 33.89 -102.57
CA MET J 4 -58.54 32.76 -102.81
C MET J 4 -58.15 32.10 -101.50
N GLU J 5 -57.77 32.90 -100.51
CA GLU J 5 -57.32 32.35 -99.24
C GLU J 5 -58.45 31.68 -98.49
N LYS J 6 -59.60 32.34 -98.45
CA LYS J 6 -60.77 31.73 -97.81
C LYS J 6 -61.12 30.42 -98.47
N HIS J 7 -61.06 30.38 -99.79
CA HIS J 7 -61.40 29.16 -100.51
C HIS J 7 -60.36 28.08 -100.26
N LEU J 8 -59.09 28.47 -100.13
CA LEU J 8 -58.05 27.51 -99.81
C LEU J 8 -58.29 26.90 -98.44
N PHE J 9 -58.60 27.74 -97.46
CA PHE J 9 -58.95 27.24 -96.14
C PHE J 9 -60.14 26.30 -96.23
N ASN J 10 -61.14 26.67 -97.01
CA ASN J 10 -62.32 25.83 -97.16
C ASN J 10 -61.95 24.48 -97.76
N LEU J 11 -61.07 24.49 -98.75
CA LEU J 11 -60.66 23.25 -99.40
C LEU J 11 -59.85 22.37 -98.47
N LYS J 12 -58.97 22.98 -97.68
CA LYS J 12 -58.21 22.22 -96.72
C LYS J 12 -59.12 21.59 -95.68
N PHE J 13 -60.08 22.38 -95.18
CA PHE J 13 -61.06 21.85 -94.26
C PHE J 13 -61.81 20.68 -94.88
N ALA J 14 -62.20 20.83 -96.14
CA ALA J 14 -62.96 19.77 -96.81
C ALA J 14 -62.13 18.51 -96.94
N ALA J 15 -60.87 18.66 -97.32
CA ALA J 15 -60.00 17.51 -97.47
C ALA J 15 -59.80 16.81 -96.13
N LYS J 16 -59.56 17.58 -95.09
CA LYS J 16 -59.39 16.99 -93.76
C LYS J 16 -60.67 16.29 -93.33
N GLU J 17 -61.81 16.87 -93.64
CA GLU J 17 -63.08 16.26 -93.27
C GLU J 17 -63.29 14.95 -94.01
N LEU J 18 -62.93 14.93 -95.29
CA LEU J 18 -63.04 13.70 -96.06
C LEU J 18 -62.13 12.63 -95.51
N SER J 19 -60.90 13.02 -95.16
CA SER J 19 -59.97 12.07 -94.58
C SER J 19 -60.51 11.50 -93.29
N ARG J 20 -61.07 12.37 -92.44
CA ARG J 20 -61.61 11.91 -91.18
C ARG J 20 -62.83 11.02 -91.40
N SER J 21 -63.64 11.33 -92.39
CA SER J 21 -64.79 10.50 -92.69
C SER J 21 -64.36 9.13 -93.17
N ALA J 22 -63.34 9.09 -94.01
CA ALA J 22 -62.79 7.83 -94.45
C ALA J 22 -62.24 7.04 -93.27
N LYS J 23 -61.57 7.73 -92.35
CA LYS J 23 -61.05 7.06 -91.16
C LYS J 23 -62.18 6.47 -90.33
N LYS J 24 -63.25 7.23 -90.16
CA LYS J 24 -64.39 6.73 -89.43
C LYS J 24 -65.00 5.52 -90.11
N CYS J 25 -65.14 5.59 -91.43
CA CYS J 25 -65.67 4.46 -92.17
C CYS J 25 -64.79 3.24 -91.98
N ASP J 26 -63.47 3.45 -91.95
CA ASP J 26 -62.55 2.34 -91.78
C ASP J 26 -62.68 1.72 -90.39
N LYS J 27 -62.72 2.56 -89.37
CA LYS J 27 -62.88 2.07 -88.01
C LYS J 27 -64.19 1.31 -87.88
N GLU J 28 -65.24 1.83 -88.50
CA GLU J 28 -66.53 1.17 -88.45
C GLU J 28 -66.50 -0.17 -89.17
N GLU J 29 -65.78 -0.23 -90.29
CA GLU J 29 -65.63 -1.49 -90.99
C GLU J 29 -64.92 -2.51 -90.11
N LYS J 30 -63.86 -2.07 -89.43
CA LYS J 30 -63.14 -2.96 -88.54
C LYS J 30 -64.05 -3.46 -87.42
N ALA J 31 -64.81 -2.55 -86.83
CA ALA J 31 -65.71 -2.93 -85.75
C ALA J 31 -66.77 -3.90 -86.25
N GLU J 32 -67.29 -3.68 -87.45
CA GLU J 32 -68.30 -4.55 -88.00
C GLU J 32 -67.75 -5.93 -88.28
N LYS J 33 -66.53 -5.99 -88.81
CA LYS J 33 -65.89 -7.28 -89.04
C LYS J 33 -65.66 -8.00 -87.72
N ALA J 34 -65.23 -7.26 -86.70
CA ALA J 34 -65.09 -7.85 -85.38
C ALA J 34 -66.41 -8.45 -84.91
N LYS J 35 -67.48 -7.66 -84.95
CA LYS J 35 -68.78 -8.15 -84.51
C LYS J 35 -69.24 -9.33 -85.34
N ILE J 36 -68.91 -9.34 -86.62
CA ILE J 36 -69.23 -10.49 -87.46
C ILE J 36 -68.56 -11.73 -86.91
N GLU J 37 -67.28 -11.61 -86.57
CA GLU J 37 -66.58 -12.73 -85.98
C GLU J 37 -67.26 -13.17 -84.70
N LYS J 38 -67.55 -12.22 -83.83
CA LYS J 38 -68.12 -12.54 -82.54
C LYS J 38 -69.49 -13.19 -82.67
N ALA J 39 -70.23 -12.84 -83.71
CA ALA J 39 -71.56 -13.39 -83.92
C ALA J 39 -71.51 -14.77 -84.55
N ILE J 40 -70.66 -14.93 -85.56
CA ILE J 40 -70.52 -16.21 -86.22
C ILE J 40 -69.96 -17.24 -85.25
N GLN J 41 -69.06 -16.81 -84.37
CA GLN J 41 -68.56 -17.69 -83.35
C GLN J 41 -69.68 -18.27 -82.49
N LYS J 42 -70.84 -17.65 -82.54
CA LYS J 42 -72.00 -18.12 -81.80
C LYS J 42 -73.06 -18.74 -82.69
N GLY J 43 -72.89 -18.67 -84.00
CA GLY J 43 -73.82 -19.30 -84.91
C GLY J 43 -74.88 -18.34 -85.42
N ASN J 44 -74.45 -17.19 -85.90
CA ASN J 44 -75.36 -16.19 -86.46
C ASN J 44 -74.97 -15.97 -87.91
N MET J 45 -75.91 -16.23 -88.81
CA MET J 45 -75.71 -15.96 -90.21
C MET J 45 -76.21 -14.58 -90.60
N GLU J 46 -77.45 -14.27 -90.23
CA GLU J 46 -78.06 -13.03 -90.67
C GLU J 46 -77.30 -11.84 -90.16
N VAL J 47 -76.86 -11.88 -88.90
CA VAL J 47 -76.07 -10.78 -88.36
C VAL J 47 -74.81 -10.62 -89.17
N ALA J 48 -74.21 -11.73 -89.53
CA ALA J 48 -73.01 -11.69 -90.36
C ALA J 48 -73.30 -11.02 -91.69
N ARG J 49 -74.39 -11.42 -92.35
CA ARG J 49 -74.75 -10.81 -93.62
C ARG J 49 -74.95 -9.32 -93.46
N ILE J 50 -75.65 -8.92 -92.40
CA ILE J 50 -75.97 -7.52 -92.19
C ILE J 50 -74.70 -6.71 -92.01
N HIS J 51 -73.84 -7.16 -91.11
CA HIS J 51 -72.61 -6.46 -90.86
C HIS J 51 -71.72 -6.43 -92.09
N ALA J 52 -71.76 -7.48 -92.88
CA ALA J 52 -70.99 -7.50 -94.12
C ALA J 52 -71.49 -6.46 -95.10
N GLU J 53 -72.80 -6.34 -95.22
CA GLU J 53 -73.38 -5.30 -96.05
C GLU J 53 -72.96 -3.94 -95.55
N ASN J 54 -72.96 -3.76 -94.24
CA ASN J 54 -72.53 -2.51 -93.65
C ASN J 54 -71.09 -2.20 -94.01
N ALA J 55 -70.23 -3.20 -93.89
CA ALA J 55 -68.82 -3.01 -94.20
C ALA J 55 -68.63 -2.67 -95.67
N ILE J 56 -69.38 -3.31 -96.55
CA ILE J 56 -69.28 -3.01 -97.97
C ILE J 56 -69.69 -1.58 -98.23
N ARG J 57 -70.78 -1.15 -97.60
CA ARG J 57 -71.22 0.23 -97.76
C ARG J 57 -70.15 1.19 -97.28
N GLN J 58 -69.57 0.91 -96.12
CA GLN J 58 -68.55 1.79 -95.58
C GLN J 58 -67.34 1.83 -96.47
N LYS J 59 -66.97 0.70 -97.06
CA LYS J 59 -65.83 0.67 -97.96
C LYS J 59 -66.10 1.48 -99.21
N ASN J 60 -67.26 1.29 -99.80
CA ASN J 60 -67.63 2.03 -101.00
C ASN J 60 -67.61 3.52 -100.71
N GLN J 61 -68.15 3.91 -99.56
CA GLN J 61 -68.24 5.31 -99.20
C GLN J 61 -66.87 5.89 -98.91
N ALA J 62 -66.01 5.10 -98.27
CA ALA J 62 -64.64 5.52 -98.07
C ALA J 62 -63.94 5.75 -99.38
N VAL J 63 -64.16 4.85 -100.34
CA VAL J 63 -63.54 4.98 -101.65
C VAL J 63 -64.02 6.26 -102.33
N ASN J 64 -65.32 6.50 -102.26
CA ASN J 64 -65.87 7.68 -102.89
C ASN J 64 -65.32 8.94 -102.25
N PHE J 65 -65.21 8.95 -100.93
CA PHE J 65 -64.64 10.09 -100.24
C PHE J 65 -63.19 10.28 -100.62
N LEU J 66 -62.46 9.19 -100.80
CA LEU J 66 -61.08 9.30 -101.20
C LEU J 66 -60.95 9.90 -102.59
N ARG J 67 -61.79 9.44 -103.51
CA ARG J 67 -61.78 9.99 -104.85
C ARG J 67 -62.10 11.47 -104.83
N MET J 68 -63.16 11.84 -104.14
CA MET J 68 -63.57 13.24 -104.07
C MET J 68 -62.49 14.09 -103.42
N SER J 69 -61.89 13.58 -102.36
CA SER J 69 -60.83 14.30 -101.68
C SER J 69 -59.64 14.51 -102.60
N ALA J 70 -59.30 13.47 -103.36
CA ALA J 70 -58.19 13.59 -104.29
C ALA J 70 -58.47 14.62 -105.36
N ARG J 71 -59.68 14.61 -105.90
CA ARG J 71 -60.04 15.60 -106.91
C ARG J 71 -59.97 17.00 -106.35
N VAL J 72 -60.48 17.16 -105.13
CA VAL J 72 -60.45 18.47 -104.48
C VAL J 72 -59.01 18.90 -104.24
N ASP J 73 -58.15 17.94 -103.92
CA ASP J 73 -56.75 18.25 -103.71
C ASP J 73 -56.09 18.72 -105.00
N ALA J 74 -56.41 18.05 -106.09
CA ALA J 74 -55.91 18.49 -107.39
C ALA J 74 -56.34 19.90 -107.70
N VAL J 75 -57.61 20.19 -107.44
CA VAL J 75 -58.13 21.53 -107.71
C VAL J 75 -57.41 22.55 -106.85
N ALA J 76 -57.26 22.27 -105.56
CA ALA J 76 -56.59 23.19 -104.66
C ALA J 76 -55.15 23.40 -105.09
N ALA J 77 -54.52 22.36 -105.61
CA ALA J 77 -53.15 22.48 -106.05
C ALA J 77 -53.07 23.40 -107.26
N ARG J 78 -53.98 23.23 -108.21
CA ARG J 78 -54.05 24.13 -109.34
C ARG J 78 -54.25 25.56 -108.88
N VAL J 79 -55.06 25.75 -107.84
CA VAL J 79 -55.33 27.07 -107.34
C VAL J 79 -54.08 27.68 -106.74
N GLN J 80 -53.35 26.89 -105.95
CA GLN J 80 -52.12 27.39 -105.37
C GLN J 80 -51.13 27.77 -106.45
N THR J 81 -51.05 26.95 -107.49
CA THR J 81 -50.22 27.28 -108.63
C THR J 81 -50.61 28.63 -109.20
N ALA J 82 -51.90 28.84 -109.38
CA ALA J 82 -52.38 30.10 -109.94
C ALA J 82 -51.98 31.27 -109.05
N VAL J 83 -52.13 31.10 -107.74
CA VAL J 83 -51.85 32.19 -106.82
C VAL J 83 -50.38 32.53 -106.83
N THR J 84 -49.54 31.50 -106.82
CA THR J 84 -48.12 31.71 -106.91
C THR J 84 -47.75 32.43 -108.19
N MET J 85 -48.35 32.02 -109.31
CA MET J 85 -48.09 32.70 -110.57
C MET J 85 -48.53 34.15 -110.50
N GLY J 86 -49.60 34.44 -109.78
CA GLY J 86 -50.04 35.81 -109.65
C GLY J 86 -49.06 36.65 -108.85
N LYS J 87 -48.59 36.11 -107.73
CA LYS J 87 -47.53 36.78 -106.98
C LYS J 87 -46.34 37.06 -107.86
N VAL J 88 -45.96 36.08 -108.67
CA VAL J 88 -44.81 36.22 -109.55
C VAL J 88 -45.06 37.34 -110.54
N THR J 89 -46.25 37.37 -111.12
CA THR J 89 -46.58 38.41 -112.07
C THR J 89 -46.50 39.78 -111.44
N LYS J 90 -46.97 39.89 -110.19
CA LYS J 90 -46.87 41.15 -109.47
C LYS J 90 -45.42 41.58 -109.33
N SER J 91 -44.60 40.69 -108.77
CA SER J 91 -43.19 41.00 -108.59
C SER J 91 -42.56 41.41 -109.90
N MET J 92 -42.92 40.71 -110.98
CA MET J 92 -42.31 40.97 -112.28
C MET J 92 -42.74 42.32 -112.82
N ALA J 93 -44.00 42.69 -112.62
CA ALA J 93 -44.45 44.01 -113.04
C ALA J 93 -43.73 45.11 -112.27
N GLY J 94 -43.54 44.90 -110.97
CA GLY J 94 -42.75 45.84 -110.21
C GLY J 94 -41.35 45.99 -110.76
N VAL J 95 -40.73 44.85 -111.07
CA VAL J 95 -39.38 44.89 -111.64
C VAL J 95 -39.39 45.62 -112.97
N VAL J 96 -40.46 45.43 -113.75
CA VAL J 96 -40.57 46.12 -115.03
C VAL J 96 -40.57 47.63 -114.80
N LYS J 97 -41.43 48.08 -113.90
CA LYS J 97 -41.48 49.50 -113.58
C LYS J 97 -40.09 50.01 -113.20
N SER J 98 -39.45 49.33 -112.26
CA SER J 98 -38.19 49.82 -111.73
C SER J 98 -37.12 49.84 -112.82
N MET J 99 -37.03 48.78 -113.62
CA MET J 99 -36.00 48.70 -114.64
C MET J 99 -36.26 49.67 -115.78
N ASP J 100 -37.52 49.89 -116.12
CA ASP J 100 -37.84 50.91 -117.12
C ASP J 100 -37.41 52.27 -116.62
N ALA J 101 -37.67 52.56 -115.34
CA ALA J 101 -37.18 53.79 -114.75
C ALA J 101 -35.68 53.91 -114.88
N THR J 102 -34.96 52.84 -114.53
CA THR J 102 -33.50 52.88 -114.57
C THR J 102 -33.00 53.11 -115.98
N LEU J 103 -33.53 52.37 -116.94
CA LEU J 103 -33.12 52.54 -118.33
C LEU J 103 -33.45 53.93 -118.84
N LYS J 104 -34.52 54.53 -118.34
CA LYS J 104 -34.83 55.91 -118.72
C LYS J 104 -33.82 56.87 -118.14
N THR J 105 -33.36 56.60 -116.91
CA THR J 105 -32.37 57.47 -116.30
C THR J 105 -31.01 57.29 -116.97
N MET J 106 -30.52 56.06 -117.00
CA MET J 106 -29.21 55.76 -117.54
C MET J 106 -29.34 55.11 -118.91
N ASN J 107 -28.37 55.39 -119.76
CA ASN J 107 -28.33 54.88 -121.12
C ASN J 107 -26.92 54.42 -121.42
N LEU J 108 -26.73 53.93 -122.65
CA LEU J 108 -25.43 53.39 -123.05
C LEU J 108 -24.48 54.46 -123.56
N GLU J 109 -25.01 55.55 -124.15
CA GLU J 109 -24.12 56.60 -124.64
C GLU J 109 -23.36 57.24 -123.49
N LYS J 110 -24.00 57.37 -122.32
CA LYS J 110 -23.30 57.88 -121.16
C LYS J 110 -22.14 56.95 -120.79
N ILE J 111 -22.38 55.64 -120.84
CA ILE J 111 -21.33 54.67 -120.53
C ILE J 111 -20.17 54.82 -121.50
N SER J 112 -20.49 54.90 -122.79
CA SER J 112 -19.44 55.02 -123.81
C SER J 112 -18.65 56.31 -123.63
N ALA J 113 -19.34 57.41 -123.33
CA ALA J 113 -18.64 58.66 -123.11
C ALA J 113 -17.74 58.57 -121.89
N LEU J 114 -18.24 57.97 -120.81
CA LEU J 114 -17.42 57.82 -119.61
C LEU J 114 -16.20 56.97 -119.88
N MET J 115 -16.36 55.91 -120.66
CA MET J 115 -15.22 55.04 -120.93
C MET J 115 -14.21 55.70 -121.86
N ASP J 116 -14.69 56.43 -122.86
CA ASP J 116 -13.78 57.17 -123.72
C ASP J 116 -13.00 58.20 -122.93
N LYS J 117 -13.70 58.91 -122.05
CA LYS J 117 -13.03 59.80 -121.12
C LYS J 117 -11.96 59.05 -120.35
N PHE J 118 -12.37 58.00 -119.64
CA PHE J 118 -11.43 57.26 -118.80
C PHE J 118 -10.19 56.90 -119.59
N GLU J 119 -10.38 56.46 -120.83
CA GLU J 119 -9.26 56.13 -121.69
C GLU J 119 -8.36 57.34 -121.90
N HIS J 120 -8.95 58.47 -122.27
CA HIS J 120 -8.14 59.66 -122.54
C HIS J 120 -7.44 60.15 -121.28
N GLN J 121 -8.13 60.16 -120.15
CA GLN J 121 -7.52 60.61 -118.91
C GLN J 121 -6.39 59.69 -118.50
N PHE J 122 -6.57 58.38 -118.63
CA PHE J 122 -5.51 57.46 -118.29
C PHE J 122 -4.35 57.58 -119.25
N GLU J 123 -4.62 57.88 -120.52
CA GLU J 123 -3.55 58.10 -121.47
C GLU J 123 -2.73 59.33 -121.10
N THR J 124 -3.42 60.41 -120.74
CA THR J 124 -2.72 61.62 -120.30
C THR J 124 -1.93 61.36 -119.03
N LEU J 125 -2.50 60.56 -118.13
CA LEU J 125 -1.80 60.22 -116.90
C LEU J 125 -0.57 59.38 -117.17
N ASP J 126 -0.68 58.45 -118.11
CA ASP J 126 0.47 57.64 -118.49
C ASP J 126 1.55 58.52 -119.09
N VAL J 127 1.16 59.50 -119.90
CA VAL J 127 2.13 60.43 -120.46
C VAL J 127 2.81 61.22 -119.36
N GLN J 128 2.03 61.72 -118.39
CA GLN J 128 2.60 62.49 -117.30
C GLN J 128 3.56 61.64 -116.49
N THR J 129 3.19 60.39 -116.23
CA THR J 129 4.07 59.50 -115.46
C THR J 129 5.33 59.19 -116.23
N GLN J 130 5.23 59.01 -117.55
CA GLN J 130 6.42 58.77 -118.35
C GLN J 130 7.34 59.98 -118.32
N GLN J 131 6.76 61.18 -118.41
CA GLN J 131 7.55 62.40 -118.31
C GLN J 131 8.24 62.48 -116.95
N MET J 132 7.51 62.20 -115.89
CA MET J 132 8.11 62.23 -114.55
C MET J 132 9.24 61.21 -114.44
N GLU J 133 9.02 60.01 -114.95
CA GLU J 133 10.06 58.98 -114.93
C GLU J 133 11.30 59.46 -115.66
N ASP J 134 11.11 60.00 -116.87
CA ASP J 134 12.24 60.47 -117.66
C ASP J 134 13.00 61.57 -116.92
N THR J 135 12.27 62.53 -116.37
CA THR J 135 12.91 63.66 -115.70
C THR J 135 13.67 63.20 -114.45
N MET J 136 13.01 62.43 -113.59
CA MET J 136 13.63 61.98 -112.36
C MET J 136 14.77 61.01 -112.62
N SER J 137 14.76 60.30 -113.76
CA SER J 137 15.90 59.46 -114.10
C SER J 137 17.04 60.28 -114.68
N SER J 138 16.73 61.34 -115.43
CA SER J 138 17.77 62.22 -115.93
C SER J 138 18.46 62.97 -114.80
N THR J 139 17.71 63.32 -113.76
CA THR J 139 18.31 64.03 -112.63
C THR J 139 19.29 63.13 -111.89
N THR J 140 18.89 61.89 -111.62
CA THR J 140 19.69 60.95 -110.84
C THR J 140 20.52 60.10 -111.79
N THR J 141 21.71 60.60 -112.13
CA THR J 141 22.60 59.86 -113.03
C THR J 141 24.03 59.77 -112.53
N LEU J 142 24.49 60.79 -111.80
CA LEU J 142 25.88 60.80 -111.37
C LEU J 142 26.12 59.88 -110.19
N THR J 143 25.24 59.93 -109.19
CA THR J 143 25.43 59.22 -107.94
C THR J 143 24.95 57.77 -108.00
N THR J 144 24.88 57.20 -109.21
CA THR J 144 24.69 55.75 -109.38
C THR J 144 25.34 55.32 -110.68
N PRO J 145 26.67 55.23 -110.71
CA PRO J 145 27.31 54.62 -111.88
C PRO J 145 26.81 53.20 -112.06
N GLN J 146 27.01 52.67 -113.25
CA GLN J 146 26.58 51.29 -113.51
C GLN J 146 27.61 50.28 -113.06
N ASN J 147 28.89 50.65 -113.11
CA ASN J 147 29.93 49.72 -112.69
C ASN J 147 29.81 49.40 -111.21
N GLN J 148 29.56 50.40 -110.39
CA GLN J 148 29.42 50.16 -108.96
C GLN J 148 28.22 49.28 -108.67
N VAL J 149 27.12 49.54 -109.37
CA VAL J 149 25.92 48.73 -109.17
C VAL J 149 26.17 47.29 -109.60
N ASP J 150 26.86 47.12 -110.72
CA ASP J 150 27.17 45.78 -111.20
C ASP J 150 28.06 45.05 -110.22
N MET J 151 29.07 45.74 -109.70
CA MET J 151 29.97 45.13 -108.73
C MET J 151 29.21 44.73 -107.49
N LEU J 152 28.36 45.61 -106.98
CA LEU J 152 27.60 45.30 -105.79
C LEU J 152 26.65 44.15 -106.03
N LEU J 153 26.02 44.12 -107.19
CA LEU J 153 25.10 43.04 -107.51
C LEU J 153 25.83 41.72 -107.56
N GLN J 154 26.97 41.69 -108.23
CA GLN J 154 27.77 40.49 -108.26
C GLN J 154 28.18 40.06 -106.87
N GLU J 155 28.58 41.03 -106.04
CA GLU J 155 29.03 40.73 -104.70
C GLU J 155 27.92 40.13 -103.86
N MET J 156 26.76 40.77 -103.88
CA MET J 156 25.64 40.31 -103.08
C MET J 156 25.07 39.01 -103.63
N ALA J 157 25.18 38.77 -104.92
CA ALA J 157 24.74 37.51 -105.50
C ALA J 157 25.68 36.39 -105.11
N ASP J 158 26.97 36.68 -105.04
CA ASP J 158 27.92 35.70 -104.55
C ASP J 158 27.71 35.43 -103.07
N GLU J 159 27.37 36.48 -102.32
CA GLU J 159 27.10 36.31 -100.89
C GLU J 159 25.88 35.44 -100.68
N ALA J 160 24.78 35.77 -101.35
CA ALA J 160 23.58 34.95 -101.28
C ALA J 160 23.83 33.58 -101.87
N GLY J 161 24.53 33.52 -103.00
CA GLY J 161 24.83 32.27 -103.65
C GLY J 161 24.05 32.07 -104.92
N LEU J 162 23.80 33.15 -105.67
CA LEU J 162 23.10 33.10 -106.94
C LEU J 162 23.89 33.85 -108.00
N ASP J 163 23.48 33.65 -109.25
CA ASP J 163 24.08 34.31 -110.39
C ASP J 163 23.02 35.05 -111.18
N LEU J 164 23.45 36.14 -111.81
CA LEU J 164 22.57 36.97 -112.62
C LEU J 164 22.94 36.91 -114.09
N SER K 2 -35.11 51.40 -102.52
CA SER K 2 -35.56 51.61 -103.88
C SER K 2 -36.55 50.55 -104.29
N ASN K 3 -37.21 50.78 -105.43
CA ASN K 3 -38.04 49.72 -105.99
C ASN K 3 -37.22 48.48 -106.23
N MET K 4 -35.94 48.66 -106.58
CA MET K 4 -35.07 47.50 -106.80
C MET K 4 -34.95 46.66 -105.54
N GLU K 5 -34.75 47.31 -104.40
CA GLU K 5 -34.57 46.57 -103.17
C GLU K 5 -35.85 45.88 -102.75
N LYS K 6 -36.97 46.58 -102.83
CA LYS K 6 -38.25 45.98 -102.51
C LYS K 6 -38.52 44.78 -103.41
N HIS K 7 -38.20 44.91 -104.69
CA HIS K 7 -38.44 43.81 -105.61
C HIS K 7 -37.49 42.66 -105.33
N LEU K 8 -36.27 42.95 -104.91
CA LEU K 8 -35.35 41.89 -104.53
C LEU K 8 -35.86 41.13 -103.33
N PHE K 9 -36.34 41.86 -102.33
CA PHE K 9 -36.95 41.21 -101.18
C PHE K 9 -38.13 40.35 -101.61
N ASN K 10 -38.95 40.88 -102.51
CA ASN K 10 -40.11 40.14 -103.00
C ASN K 10 -39.67 38.86 -103.69
N LEU K 11 -38.61 38.95 -104.49
CA LEU K 11 -38.13 37.79 -105.22
C LEU K 11 -37.55 36.75 -104.28
N LYS K 12 -36.81 37.19 -103.28
CA LYS K 12 -36.28 36.27 -102.29
C LYS K 12 -37.40 35.57 -101.54
N PHE K 13 -38.41 36.34 -101.14
CA PHE K 13 -39.57 35.75 -100.50
C PHE K 13 -40.23 34.72 -101.40
N ALA K 14 -40.35 35.05 -102.68
CA ALA K 14 -41.00 34.15 -103.62
C ALA K 14 -40.21 32.86 -103.77
N ALA K 15 -38.89 32.99 -103.88
CA ALA K 15 -38.04 31.81 -104.02
C ALA K 15 -38.14 30.93 -102.78
N LYS K 16 -38.08 31.55 -101.61
CA LYS K 16 -38.20 30.78 -100.37
C LYS K 16 -39.54 30.10 -100.29
N GLU K 17 -40.60 30.79 -100.73
CA GLU K 17 -41.92 30.21 -100.70
C GLU K 17 -42.02 29.03 -101.64
N LEU K 18 -41.43 29.14 -102.82
CA LEU K 18 -41.44 28.03 -103.75
C LEU K 18 -40.68 26.86 -103.20
N SER K 19 -39.54 27.12 -102.58
CA SER K 19 -38.77 26.04 -101.98
C SER K 19 -39.57 25.35 -100.89
N ARG K 20 -40.25 26.13 -100.05
CA ARG K 20 -41.05 25.55 -99.00
C ARG K 20 -42.22 24.76 -99.55
N SER K 21 -42.81 25.25 -100.63
CA SER K 21 -43.92 24.53 -101.26
C SER K 21 -43.44 23.22 -101.84
N ALA K 22 -42.27 23.23 -102.47
CA ALA K 22 -41.70 22.00 -102.96
C ALA K 22 -41.42 21.03 -101.82
N LYS K 23 -40.92 21.55 -100.71
CA LYS K 23 -40.66 20.70 -99.55
C LYS K 23 -41.94 20.08 -99.03
N LYS K 24 -43.01 20.87 -98.97
CA LYS K 24 -44.29 20.36 -98.54
C LYS K 24 -44.78 19.29 -99.48
N CYS K 25 -44.67 19.53 -100.78
CA CYS K 25 -45.08 18.54 -101.76
C CYS K 25 -44.30 17.26 -101.59
N ASP K 26 -43.01 17.38 -101.27
CA ASP K 26 -42.17 16.21 -101.08
C ASP K 26 -42.59 15.42 -99.86
N LYS K 27 -42.80 16.12 -98.74
CA LYS K 27 -43.24 15.47 -97.53
C LYS K 27 -44.58 14.78 -97.75
N GLU K 28 -45.46 15.43 -98.49
CA GLU K 28 -46.76 14.86 -98.77
C GLU K 28 -46.63 13.62 -99.65
N GLU K 29 -45.72 13.67 -100.61
CA GLU K 29 -45.47 12.50 -101.44
C GLU K 29 -44.99 11.34 -100.60
N LYS K 30 -44.06 11.61 -99.67
CA LYS K 30 -43.56 10.57 -98.78
C LYS K 30 -44.68 9.99 -97.96
N ALA K 31 -45.52 10.86 -97.39
CA ALA K 31 -46.62 10.39 -96.57
C ALA K 31 -47.60 9.56 -97.39
N GLU K 32 -47.86 9.97 -98.63
CA GLU K 32 -48.77 9.24 -99.47
C GLU K 32 -48.22 7.88 -99.82
N LYS K 33 -46.93 7.82 -100.11
CA LYS K 33 -46.30 6.54 -100.40
C LYS K 33 -46.36 5.63 -99.18
N ALA K 34 -46.12 6.20 -98.00
CA ALA K 34 -46.26 5.44 -96.78
C ALA K 34 -47.66 4.86 -96.66
N LYS K 35 -48.67 5.72 -96.78
CA LYS K 35 -50.04 5.26 -96.67
C LYS K 35 -50.38 4.22 -97.72
N ILE K 36 -49.81 4.36 -98.92
CA ILE K 36 -49.99 3.35 -99.95
C ILE K 36 -49.48 2.01 -99.46
N GLU K 37 -48.30 2.01 -98.87
CA GLU K 37 -47.76 0.78 -98.33
C GLU K 37 -48.68 0.21 -97.27
N LYS K 38 -49.11 1.07 -96.35
CA LYS K 38 -49.94 0.61 -95.24
C LYS K 38 -51.27 0.07 -95.72
N ALA K 39 -51.78 0.60 -96.83
CA ALA K 39 -53.07 0.16 -97.35
C ALA K 39 -52.94 -1.12 -98.15
N ILE K 40 -51.91 -1.21 -98.99
CA ILE K 40 -51.69 -2.40 -99.78
C ILE K 40 -51.37 -3.58 -98.89
N GLN K 41 -50.64 -3.32 -97.80
CA GLN K 41 -50.37 -4.36 -96.83
C GLN K 41 -51.65 -4.97 -96.29
N LYS K 42 -52.78 -4.29 -96.47
CA LYS K 42 -54.06 -4.78 -96.03
C LYS K 42 -54.96 -5.21 -97.18
N GLY K 43 -54.53 -4.97 -98.42
CA GLY K 43 -55.28 -5.43 -99.56
C GLY K 43 -56.19 -4.36 -100.13
N ASN K 44 -55.64 -3.17 -100.35
CA ASN K 44 -56.38 -2.06 -100.93
C ASN K 44 -55.71 -1.67 -102.24
N MET K 45 -56.47 -1.75 -103.32
CA MET K 45 -55.99 -1.31 -104.61
C MET K 45 -56.36 0.13 -104.89
N GLU K 46 -57.63 0.45 -104.72
CA GLU K 46 -58.10 1.77 -105.10
C GLU K 46 -57.42 2.86 -104.28
N VAL K 47 -57.25 2.61 -102.99
CA VAL K 47 -56.54 3.58 -102.16
C VAL K 47 -55.13 3.79 -102.68
N ALA K 48 -54.51 2.69 -103.08
CA ALA K 48 -53.17 2.76 -103.64
C ALA K 48 -53.17 3.62 -104.91
N ARG K 49 -54.12 3.37 -105.81
CA ARG K 49 -54.21 4.17 -107.02
C ARG K 49 -54.39 5.64 -106.70
N ILE K 50 -55.27 5.93 -105.75
CA ILE K 50 -55.57 7.31 -105.41
C ILE K 50 -54.33 8.01 -104.88
N HIS K 51 -53.69 7.39 -103.90
CA HIS K 51 -52.50 7.98 -103.32
C HIS K 51 -51.40 8.12 -104.35
N ALA K 52 -51.31 7.19 -105.28
CA ALA K 52 -50.31 7.27 -106.33
C ALA K 52 -50.58 8.47 -107.23
N GLU K 53 -51.84 8.68 -107.58
CA GLU K 53 -52.21 9.85 -108.35
C GLU K 53 -51.84 11.11 -107.60
N ASN K 54 -52.09 11.12 -106.29
CA ASN K 54 -51.75 12.26 -105.47
C ASN K 54 -50.26 12.53 -105.50
N ALA K 55 -49.47 11.46 -105.37
CA ALA K 55 -48.02 11.61 -105.39
C ALA K 55 -47.54 12.12 -106.72
N ILE K 56 -48.13 11.65 -107.80
CA ILE K 56 -47.74 12.13 -109.13
C ILE K 56 -48.04 13.60 -109.25
N ARG K 57 -49.22 14.01 -108.79
CA ARG K 57 -49.57 15.42 -108.83
C ARG K 57 -48.58 16.24 -108.05
N GLN K 58 -48.25 15.79 -106.84
CA GLN K 58 -47.33 16.52 -105.99
C GLN K 58 -45.95 16.61 -106.63
N LYS K 59 -45.53 15.54 -107.29
CA LYS K 59 -44.24 15.56 -107.95
C LYS K 59 -44.23 16.55 -109.10
N ASN K 60 -45.26 16.50 -109.93
CA ASN K 60 -45.35 17.41 -111.05
C ASN K 60 -45.35 18.85 -110.56
N GLN K 61 -46.09 19.11 -109.50
CA GLN K 61 -46.19 20.45 -108.96
C GLN K 61 -44.89 20.91 -108.34
N ALA K 62 -44.19 19.99 -107.67
CA ALA K 62 -42.88 20.29 -107.15
C ALA K 62 -41.93 20.65 -108.27
N VAL K 63 -41.98 19.91 -109.36
CA VAL K 63 -41.13 20.18 -110.50
C VAL K 63 -41.42 21.54 -111.07
N ASN K 64 -42.69 21.85 -111.23
CA ASN K 64 -43.07 23.14 -111.77
C ASN K 64 -42.61 24.27 -110.88
N PHE K 65 -42.77 24.09 -109.56
CA PHE K 65 -42.31 25.11 -108.63
C PHE K 65 -40.81 25.27 -108.69
N LEU K 66 -40.10 24.17 -108.89
CA LEU K 66 -38.65 24.25 -108.99
C LEU K 66 -38.24 24.99 -110.24
N ARG K 67 -38.90 24.71 -111.35
CA ARG K 67 -38.61 25.43 -112.59
C ARG K 67 -38.87 26.93 -112.42
N MET K 68 -40.04 27.27 -111.88
CA MET K 68 -40.40 28.66 -111.72
C MET K 68 -39.43 29.35 -110.76
N SER K 69 -39.08 28.67 -109.67
CA SER K 69 -38.14 29.24 -108.71
C SER K 69 -36.80 29.49 -109.37
N ALA K 70 -36.34 28.55 -110.18
CA ALA K 70 -35.08 28.71 -110.85
C ALA K 70 -35.11 29.90 -111.81
N ARG K 71 -36.19 30.03 -112.56
CA ARG K 71 -36.31 31.14 -113.48
C ARG K 71 -36.30 32.46 -112.72
N VAL K 72 -37.04 32.50 -111.61
CA VAL K 72 -37.08 33.70 -110.78
C VAL K 72 -35.71 34.01 -110.23
N ASP K 73 -34.96 32.96 -109.88
CA ASP K 73 -33.61 33.16 -109.36
C ASP K 73 -32.71 33.76 -110.43
N ALA K 74 -32.83 33.25 -111.66
CA ALA K 74 -32.07 33.83 -112.76
C ALA K 74 -32.39 35.29 -112.94
N VAL K 75 -33.67 35.62 -112.89
CA VAL K 75 -34.09 37.01 -113.06
C VAL K 75 -33.51 37.88 -111.94
N ALA K 76 -33.63 37.41 -110.71
CA ALA K 76 -33.11 38.16 -109.57
C ALA K 76 -31.61 38.35 -109.69
N ALA K 77 -30.93 37.35 -110.22
CA ALA K 77 -29.49 37.44 -110.38
C ALA K 77 -29.14 38.51 -111.41
N ARG K 78 -29.86 38.51 -112.53
CA ARG K 78 -29.68 39.56 -113.51
C ARG K 78 -29.92 40.93 -112.90
N VAL K 79 -30.91 41.02 -112.03
CA VAL K 79 -31.23 42.29 -111.40
C VAL K 79 -30.10 42.73 -110.48
N GLN K 80 -29.56 41.81 -109.70
CA GLN K 80 -28.45 42.14 -108.83
C GLN K 80 -27.26 42.60 -109.64
N THR K 81 -27.01 41.92 -110.76
CA THR K 81 -25.95 42.35 -111.65
C THR K 81 -26.17 43.78 -112.10
N ALA K 82 -27.40 44.09 -112.48
CA ALA K 82 -27.72 45.44 -112.94
C ALA K 82 -27.47 46.46 -111.84
N VAL K 83 -27.87 46.12 -110.62
CA VAL K 83 -27.74 47.06 -109.52
C VAL K 83 -26.28 47.32 -109.20
N THR K 84 -25.50 46.25 -109.18
CA THR K 84 -24.08 46.39 -108.96
C THR K 84 -23.45 47.24 -110.04
N MET K 85 -23.83 47.02 -111.30
CA MET K 85 -23.31 47.84 -112.38
C MET K 85 -23.69 49.29 -112.20
N GLY K 86 -24.89 49.55 -111.66
CA GLY K 86 -25.29 50.92 -111.42
C GLY K 86 -24.46 51.58 -110.34
N LYS K 87 -24.23 50.87 -109.25
CA LYS K 87 -23.33 51.37 -108.21
C LYS K 87 -21.97 51.69 -108.82
N VAL K 88 -21.47 50.80 -109.66
CA VAL K 88 -20.18 50.99 -110.29
C VAL K 88 -20.19 52.25 -111.14
N THR K 89 -21.24 52.43 -111.91
CA THR K 89 -21.35 53.60 -112.77
C THR K 89 -21.35 54.87 -111.93
N LYS K 90 -22.04 54.84 -110.79
CA LYS K 90 -22.04 55.99 -109.90
C LYS K 90 -20.63 56.30 -109.43
N SER K 91 -19.97 55.30 -108.86
CA SER K 91 -18.61 55.50 -108.37
C SER K 91 -17.72 56.04 -109.48
N MET K 92 -17.89 55.51 -110.68
CA MET K 92 -17.03 55.90 -111.80
C MET K 92 -17.30 57.34 -112.22
N ALA K 93 -18.56 57.74 -112.20
CA ALA K 93 -18.88 59.13 -112.51
C ALA K 93 -18.29 60.08 -111.48
N GLY K 94 -18.36 59.69 -110.21
CA GLY K 94 -17.71 60.48 -109.18
C GLY K 94 -16.22 60.61 -109.44
N VAL K 95 -15.59 59.49 -109.78
CA VAL K 95 -14.16 59.52 -110.07
C VAL K 95 -13.89 60.41 -111.27
N VAL K 96 -14.77 60.39 -112.24
CA VAL K 96 -14.60 61.25 -113.42
C VAL K 96 -14.60 62.71 -112.99
N LYS K 97 -15.61 63.09 -112.20
CA LYS K 97 -15.68 64.47 -111.71
C LYS K 97 -14.37 64.84 -111.02
N SER K 98 -13.96 64.00 -110.07
CA SER K 98 -12.80 64.34 -109.26
C SER K 98 -11.54 64.44 -110.11
N MET K 99 -11.34 63.49 -111.01
CA MET K 99 -10.13 63.47 -111.82
C MET K 99 -10.12 64.60 -112.84
N ASP K 100 -11.29 64.94 -113.38
CA ASP K 100 -11.37 66.10 -114.26
C ASP K 100 -11.00 67.36 -113.51
N ALA K 101 -11.49 67.49 -112.28
CA ALA K 101 -11.10 68.61 -111.44
C ALA K 101 -9.59 68.65 -111.26
N THR K 102 -8.99 67.50 -110.93
CA THR K 102 -7.55 67.45 -110.70
C THR K 102 -6.78 67.85 -111.94
N LEU K 103 -7.13 67.26 -113.08
CA LEU K 103 -6.45 67.59 -114.33
C LEU K 103 -6.63 69.05 -114.70
N LYS K 104 -7.77 69.65 -114.32
CA LYS K 104 -7.95 71.07 -114.56
C LYS K 104 -7.03 71.89 -113.66
N THR K 105 -6.83 71.44 -112.43
CA THR K 105 -5.94 72.15 -111.51
C THR K 105 -4.50 71.98 -111.94
N MET K 106 -4.04 70.74 -112.05
CA MET K 106 -2.66 70.44 -112.38
C MET K 106 -2.55 69.98 -113.82
N ASN K 107 -1.42 70.31 -114.42
CA ASN K 107 -1.14 69.97 -115.81
C ASN K 107 0.29 69.48 -115.90
N LEU K 108 0.71 69.14 -117.12
CA LEU K 108 2.03 68.59 -117.35
C LEU K 108 3.10 69.66 -117.52
N GLU K 109 2.74 70.84 -118.03
CA GLU K 109 3.74 71.89 -118.19
C GLU K 109 4.28 72.33 -116.84
N LYS K 110 3.43 72.35 -115.81
CA LYS K 110 3.91 72.65 -114.47
C LYS K 110 4.93 71.62 -114.02
N ILE K 111 4.67 70.35 -114.31
CA ILE K 111 5.61 69.29 -113.94
C ILE K 111 6.94 69.48 -114.65
N SER K 112 6.88 69.75 -115.94
CA SER K 112 8.10 69.94 -116.71
C SER K 112 8.89 71.14 -116.22
N ALA K 113 8.19 72.23 -115.90
CA ALA K 113 8.87 73.40 -115.38
C ALA K 113 9.52 73.10 -114.04
N LEU K 114 8.80 72.40 -113.16
CA LEU K 114 9.35 72.05 -111.86
C LEU K 114 10.58 71.17 -112.02
N MET K 115 10.55 70.22 -112.95
CA MET K 115 11.69 69.32 -113.12
C MET K 115 12.88 70.04 -113.75
N ASP K 116 12.62 70.93 -114.71
CA ASP K 116 13.72 71.71 -115.27
C ASP K 116 14.35 72.58 -114.20
N LYS K 117 13.52 73.22 -113.37
CA LYS K 117 14.03 73.94 -112.23
C LYS K 117 14.90 73.03 -111.39
N PHE K 118 14.32 71.92 -110.91
CA PHE K 118 15.06 71.02 -110.03
C PHE K 118 16.41 70.69 -110.61
N GLU K 119 16.45 70.43 -111.91
CA GLU K 119 17.71 70.15 -112.57
C GLU K 119 18.67 71.31 -112.44
N HIS K 120 18.20 72.52 -112.77
CA HIS K 120 19.08 73.69 -112.70
C HIS K 120 19.55 73.97 -111.28
N GLN K 121 18.65 73.86 -110.31
CA GLN K 121 19.02 74.12 -108.93
C GLN K 121 20.02 73.09 -108.44
N PHE K 122 19.82 71.82 -108.79
CA PHE K 122 20.77 70.80 -108.39
C PHE K 122 22.10 70.96 -109.09
N GLU K 123 22.09 71.45 -110.32
CA GLU K 123 23.34 71.73 -111.02
C GLU K 123 24.11 72.85 -110.32
N THR K 124 23.40 73.92 -109.96
CA THR K 124 24.03 75.01 -109.23
C THR K 124 24.55 74.54 -107.89
N LEU K 125 23.80 73.67 -107.23
CA LEU K 125 24.22 73.13 -105.95
C LEU K 125 25.45 72.26 -106.09
N ASP K 126 25.50 71.46 -107.17
CA ASP K 126 26.67 70.65 -107.42
C ASP K 126 27.88 71.53 -107.68
N VAL K 127 27.69 72.63 -108.41
CA VAL K 127 28.77 73.56 -108.64
C VAL K 127 29.26 74.17 -107.33
N GLN K 128 28.32 74.57 -106.47
CA GLN K 128 28.69 75.16 -105.18
C GLN K 128 29.45 74.15 -104.34
N THR K 129 28.99 72.91 -104.32
CA THR K 129 29.67 71.88 -103.54
C THR K 129 31.05 71.59 -104.09
N GLN K 130 31.21 71.59 -105.41
CA GLN K 130 32.52 71.39 -106.00
C GLN K 130 33.45 72.53 -105.63
N GLN K 131 32.94 73.76 -105.66
CA GLN K 131 33.74 74.90 -105.24
C GLN K 131 34.16 74.78 -103.79
N MET K 132 33.22 74.39 -102.92
CA MET K 132 33.54 74.21 -101.51
C MET K 132 34.60 73.13 -101.33
N GLU K 133 34.44 72.01 -102.04
CA GLU K 133 35.42 70.93 -101.96
C GLU K 133 36.80 71.43 -102.36
N ASP K 134 36.87 72.13 -103.50
CA ASP K 134 38.14 72.63 -103.99
C ASP K 134 38.78 73.58 -102.98
N THR K 135 37.99 74.50 -102.45
CA THR K 135 38.53 75.49 -101.52
C THR K 135 39.01 74.83 -100.23
N MET K 136 38.17 73.99 -99.63
CA MET K 136 38.52 73.34 -98.38
C MET K 136 39.66 72.35 -98.55
N SER K 137 39.85 71.80 -99.74
CA SER K 137 41.01 70.95 -99.99
C SER K 137 42.27 71.77 -100.22
N SER K 138 42.14 72.93 -100.86
CA SER K 138 43.29 73.81 -101.03
C SER K 138 43.76 74.36 -99.69
N THR K 139 42.84 74.62 -98.77
CA THR K 139 43.23 75.13 -97.47
C THR K 139 44.02 74.09 -96.68
N THR K 140 43.54 72.85 -96.68
CA THR K 140 44.13 71.76 -95.90
C THR K 140 45.11 71.01 -96.78
N THR K 141 46.36 71.47 -96.82
CA THR K 141 47.37 70.81 -97.63
C THR K 141 48.68 70.56 -96.88
N LEU K 142 49.02 71.45 -95.95
CA LEU K 142 50.30 71.32 -95.26
C LEU K 142 50.27 70.24 -94.19
N THR K 143 49.22 70.22 -93.39
CA THR K 143 49.13 69.33 -92.24
C THR K 143 48.63 67.94 -92.59
N THR K 144 48.77 67.54 -93.86
CA THR K 144 48.57 66.14 -94.25
C THR K 144 49.45 65.84 -95.46
N PRO K 145 50.75 65.67 -95.25
CA PRO K 145 51.59 65.19 -96.35
C PRO K 145 51.08 63.83 -96.81
N GLN K 146 51.50 63.45 -98.01
CA GLN K 146 51.09 62.16 -98.54
C GLN K 146 51.97 61.03 -98.06
N ASN K 147 53.24 61.32 -97.80
CA ASN K 147 54.15 60.29 -97.33
C ASN K 147 53.74 59.78 -95.96
N GLN K 148 53.36 60.68 -95.06
CA GLN K 148 52.94 60.26 -93.74
C GLN K 148 51.68 59.43 -93.81
N VAL K 149 50.74 59.84 -94.66
CA VAL K 149 49.50 59.09 -94.80
C VAL K 149 49.78 57.71 -95.38
N ASP K 150 50.67 57.64 -96.35
CA ASP K 150 51.01 56.35 -96.94
C ASP K 150 51.69 55.45 -95.93
N MET K 151 52.59 56.01 -95.13
CA MET K 151 53.26 55.22 -94.11
C MET K 151 52.27 54.71 -93.10
N LEU K 152 51.36 55.56 -92.65
CA LEU K 152 50.37 55.15 -91.67
C LEU K 152 49.45 54.09 -92.25
N LEU K 153 49.06 54.27 -93.51
CA LEU K 153 48.18 53.29 -94.13
C LEU K 153 48.86 51.94 -94.23
N GLN K 154 50.11 51.94 -94.66
CA GLN K 154 50.87 50.69 -94.73
C GLN K 154 50.99 50.07 -93.35
N GLU K 155 51.23 50.91 -92.34
CA GLU K 155 51.41 50.40 -90.98
C GLU K 155 50.13 49.76 -90.47
N MET K 156 49.02 50.47 -90.62
CA MET K 156 47.76 49.98 -90.12
C MET K 156 47.25 48.79 -90.93
N ALA K 157 47.62 48.73 -92.20
CA ALA K 157 47.25 47.57 -93.02
C ALA K 157 48.05 46.35 -92.62
N ASP K 158 49.32 46.55 -92.28
CA ASP K 158 50.13 45.47 -91.75
C ASP K 158 49.62 45.02 -90.39
N GLU K 159 49.17 45.98 -89.58
CA GLU K 159 48.62 45.65 -88.27
C GLU K 159 47.36 44.82 -88.42
N ALA K 160 46.43 45.31 -89.23
CA ALA K 160 45.20 44.57 -89.49
C ALA K 160 45.51 43.27 -90.22
N GLY K 161 46.42 43.32 -91.19
CA GLY K 161 46.80 42.14 -91.94
C GLY K 161 46.27 42.16 -93.36
N LEU K 162 46.22 43.33 -93.97
CA LEU K 162 45.78 43.49 -95.34
C LEU K 162 46.79 44.32 -96.13
N ASP K 163 46.62 44.31 -97.45
CA ASP K 163 47.46 45.08 -98.36
C ASP K 163 46.59 45.99 -99.22
N LEU K 164 47.17 47.12 -99.60
CA LEU K 164 46.50 48.10 -100.43
C LEU K 164 47.15 48.21 -101.80
N SER L 2 -11.77 64.55 -99.83
CA SER L 2 -11.94 64.96 -101.23
C SER L 2 -12.86 64.01 -101.96
N ASN L 3 -13.27 64.41 -103.16
CA ASN L 3 -14.00 63.48 -104.01
C ASN L 3 -13.17 62.23 -104.24
N MET L 4 -11.85 62.38 -104.31
CA MET L 4 -11.00 61.22 -104.51
C MET L 4 -11.15 60.22 -103.38
N GLU L 5 -11.18 60.71 -102.14
CA GLU L 5 -11.26 59.82 -101.00
C GLU L 5 -12.63 59.14 -100.93
N LYS L 6 -13.68 59.93 -101.14
CA LYS L 6 -15.02 59.36 -101.16
C LYS L 6 -15.14 58.29 -102.24
N HIS L 7 -14.57 58.56 -103.41
CA HIS L 7 -14.64 57.60 -104.50
C HIS L 7 -13.81 56.37 -104.19
N LEU L 8 -12.69 56.54 -103.50
CA LEU L 8 -11.90 55.39 -103.09
C LEU L 8 -12.66 54.52 -102.12
N PHE L 9 -13.31 55.14 -101.15
CA PHE L 9 -14.17 54.39 -100.24
C PHE L 9 -15.25 53.66 -101.00
N ASN L 10 -15.86 54.35 -101.97
CA ASN L 10 -16.91 53.74 -102.76
C ASN L 10 -16.39 52.53 -103.52
N LEU L 11 -15.18 52.65 -104.08
CA LEU L 11 -14.60 51.57 -104.84
C LEU L 11 -14.26 50.39 -103.96
N LYS L 12 -13.73 50.66 -102.78
CA LYS L 12 -13.42 49.59 -101.84
C LYS L 12 -14.69 48.88 -101.42
N PHE L 13 -15.74 49.64 -101.12
CA PHE L 13 -17.01 49.04 -100.81
C PHE L 13 -17.52 48.17 -101.94
N ALA L 14 -17.37 48.67 -103.17
CA ALA L 14 -17.85 47.92 -104.33
C ALA L 14 -17.07 46.62 -104.49
N ALA L 15 -15.76 46.69 -104.32
CA ALA L 15 -14.94 45.49 -104.45
C ALA L 15 -15.30 44.47 -103.38
N LYS L 16 -15.47 44.93 -102.14
CA LYS L 16 -15.86 44.03 -101.07
C LYS L 16 -17.21 43.42 -101.34
N GLU L 17 -18.13 44.21 -101.88
CA GLU L 17 -19.45 43.71 -102.19
C GLU L 17 -19.40 42.66 -103.28
N LEU L 18 -18.58 42.89 -104.30
CA LEU L 18 -18.43 41.91 -105.35
C LEU L 18 -17.83 40.62 -104.82
N SER L 19 -16.83 40.75 -103.96
CA SER L 19 -16.24 39.57 -103.36
C SER L 19 -17.26 38.79 -102.56
N ARG L 20 -18.07 39.50 -101.78
CA ARG L 20 -19.08 38.83 -100.98
C ARG L 20 -20.14 38.18 -101.86
N SER L 21 -20.48 38.84 -102.95
CA SER L 21 -21.46 38.28 -103.87
C SER L 21 -20.92 37.01 -104.51
N ALA L 22 -19.66 37.03 -104.90
CA ALA L 22 -19.02 35.84 -105.42
C ALA L 22 -19.00 34.73 -104.39
N LYS L 23 -18.72 35.08 -103.13
CA LYS L 23 -18.73 34.09 -102.07
C LYS L 23 -20.11 33.47 -101.91
N LYS L 24 -21.14 34.31 -101.95
CA LYS L 24 -22.50 33.81 -101.85
C LYS L 24 -22.82 32.90 -103.00
N CYS L 25 -22.44 33.30 -104.21
CA CYS L 25 -22.68 32.46 -105.38
C CYS L 25 -21.98 31.12 -105.22
N ASP L 26 -20.78 31.13 -104.65
CA ASP L 26 -20.04 29.90 -104.46
C ASP L 26 -20.72 28.99 -103.44
N LYS L 27 -21.12 29.57 -102.31
CA LYS L 27 -21.82 28.79 -101.30
C LYS L 27 -23.10 28.20 -101.87
N GLU L 28 -23.81 28.99 -102.68
CA GLU L 28 -25.04 28.54 -103.29
C GLU L 28 -24.77 27.42 -104.27
N GLU L 29 -23.68 27.51 -105.02
CA GLU L 29 -23.31 26.45 -105.93
C GLU L 29 -23.03 25.16 -105.16
N LYS L 30 -22.31 25.28 -104.05
CA LYS L 30 -22.02 24.11 -103.24
C LYS L 30 -23.31 23.49 -102.72
N ALA L 31 -24.21 24.32 -102.23
CA ALA L 31 -25.47 23.83 -101.70
C ALA L 31 -26.29 23.16 -102.80
N GLU L 32 -26.28 23.73 -104.00
CA GLU L 32 -27.04 23.16 -105.10
C GLU L 32 -26.46 21.82 -105.51
N LYS L 33 -25.14 21.72 -105.55
CA LYS L 33 -24.51 20.46 -105.86
C LYS L 33 -24.84 19.41 -104.82
N ALA L 34 -24.82 19.83 -103.55
CA ALA L 34 -25.23 18.93 -102.48
C ALA L 34 -26.64 18.42 -102.72
N LYS L 35 -27.58 19.34 -102.92
CA LYS L 35 -28.96 18.93 -103.14
C LYS L 35 -29.10 18.06 -104.37
N ILE L 36 -28.30 18.31 -105.40
CA ILE L 36 -28.30 17.46 -106.57
C ILE L 36 -27.95 16.03 -106.17
N GLU L 37 -26.91 15.90 -105.37
CA GLU L 37 -26.52 14.58 -104.89
C GLU L 37 -27.66 13.94 -104.13
N LYS L 38 -28.24 14.70 -103.20
CA LYS L 38 -29.28 14.15 -102.34
C LYS L 38 -30.51 13.76 -103.14
N ALA L 39 -30.77 14.44 -104.25
CA ALA L 39 -31.94 14.14 -105.07
C ALA L 39 -31.69 12.96 -105.98
N ILE L 40 -30.52 12.93 -106.61
CA ILE L 40 -30.18 11.83 -107.50
C ILE L 40 -30.08 10.53 -106.71
N GLN L 41 -29.58 10.61 -105.49
CA GLN L 41 -29.55 9.45 -104.62
C GLN L 41 -30.93 8.85 -104.44
N LYS L 42 -31.97 9.62 -104.74
CA LYS L 42 -33.33 9.15 -104.63
C LYS L 42 -33.98 8.91 -105.98
N GLY L 43 -33.30 9.27 -107.07
CA GLY L 43 -33.83 9.00 -108.39
C GLY L 43 -34.57 10.18 -108.97
N ASN L 44 -33.95 11.36 -108.93
CA ASN L 44 -34.52 12.57 -109.49
C ASN L 44 -33.60 13.08 -110.57
N MET L 45 -34.12 13.17 -111.78
CA MET L 45 -33.38 13.74 -112.89
C MET L 45 -33.64 15.23 -113.03
N GLU L 46 -34.92 15.59 -113.08
CA GLU L 46 -35.27 16.98 -113.37
C GLU L 46 -34.72 17.91 -112.30
N VAL L 47 -34.82 17.51 -111.03
CA VAL L 47 -34.26 18.32 -109.97
C VAL L 47 -32.78 18.50 -110.17
N ALA L 48 -32.12 17.44 -110.59
CA ALA L 48 -30.70 17.51 -110.86
C ALA L 48 -30.42 18.50 -111.97
N ARG L 49 -31.18 18.42 -113.07
CA ARG L 49 -30.99 19.37 -114.16
C ARG L 49 -31.19 20.80 -113.68
N ILE L 50 -32.23 21.02 -112.90
CA ILE L 50 -32.56 22.36 -112.45
C ILE L 50 -31.43 22.91 -111.60
N HIS L 51 -31.01 22.15 -110.61
CA HIS L 51 -29.95 22.61 -109.73
C HIS L 51 -28.65 22.81 -110.49
N ALA L 52 -28.41 21.99 -111.51
CA ALA L 52 -27.22 22.15 -112.32
C ALA L 52 -27.27 23.45 -113.09
N GLU L 53 -28.42 23.77 -113.66
CA GLU L 53 -28.59 25.05 -114.32
C GLU L 53 -28.35 26.19 -113.35
N ASN L 54 -28.85 26.04 -112.13
CA ASN L 54 -28.65 27.06 -111.11
C ASN L 54 -27.17 27.24 -110.81
N ALA L 55 -26.46 26.12 -110.67
CA ALA L 55 -25.04 26.20 -110.38
C ALA L 55 -24.28 26.85 -111.52
N ILE L 56 -24.65 26.53 -112.76
CA ILE L 56 -23.99 27.15 -113.90
C ILE L 56 -24.22 28.65 -113.88
N ARG L 57 -25.45 29.06 -113.61
CA ARG L 57 -25.76 30.48 -113.53
C ARG L 57 -24.91 31.15 -112.46
N GLN L 58 -24.85 30.52 -111.29
CA GLN L 58 -24.09 31.10 -110.19
C GLN L 58 -22.62 31.20 -110.53
N LYS L 59 -22.09 30.19 -111.23
CA LYS L 59 -20.69 30.21 -111.62
C LYS L 59 -20.43 31.33 -112.60
N ASN L 60 -21.28 31.45 -113.62
CA ASN L 60 -21.12 32.50 -114.61
C ASN L 60 -21.16 33.86 -113.95
N GLN L 61 -22.09 34.02 -113.01
CA GLN L 61 -22.26 35.31 -112.34
C GLN L 61 -21.10 35.60 -111.43
N ALA L 62 -20.59 34.57 -110.75
CA ALA L 62 -19.39 34.73 -109.94
C ALA L 62 -18.23 35.18 -110.81
N VAL L 63 -18.09 34.57 -111.98
CA VAL L 63 -17.00 34.94 -112.88
C VAL L 63 -17.13 36.38 -113.31
N ASN L 64 -18.35 36.78 -113.66
CA ASN L 64 -18.57 38.13 -114.10
C ASN L 64 -18.26 39.13 -112.99
N PHE L 65 -18.68 38.80 -111.78
CA PHE L 65 -18.38 39.65 -110.64
C PHE L 65 -16.90 39.73 -110.39
N LEU L 66 -16.20 38.63 -110.59
CA LEU L 66 -14.77 38.64 -110.40
C LEU L 66 -14.09 39.52 -111.43
N ARG L 67 -14.52 39.42 -112.68
CA ARG L 67 -13.96 40.26 -113.72
C ARG L 67 -14.20 41.73 -113.41
N MET L 68 -15.45 42.06 -113.09
CA MET L 68 -15.79 43.45 -112.80
C MET L 68 -15.02 43.96 -111.59
N SER L 69 -14.91 43.14 -110.55
CA SER L 69 -14.17 43.53 -109.38
C SER L 69 -12.72 43.78 -109.71
N ALA L 70 -12.14 42.92 -110.53
CA ALA L 70 -10.75 43.09 -110.92
C ALA L 70 -10.55 44.38 -111.69
N ARG L 71 -11.45 44.67 -112.62
CA ARG L 71 -11.36 45.90 -113.38
C ARG L 71 -11.46 47.11 -112.47
N VAL L 72 -12.41 47.05 -111.54
CA VAL L 72 -12.58 48.14 -110.59
C VAL L 72 -11.34 48.30 -109.73
N ASP L 73 -10.71 47.19 -109.39
CA ASP L 73 -9.49 47.25 -108.60
C ASP L 73 -8.38 47.91 -109.38
N ALA L 74 -8.25 47.58 -110.66
CA ALA L 74 -7.27 48.24 -111.50
C ALA L 74 -7.50 49.73 -111.55
N VAL L 75 -8.76 50.11 -111.71
CA VAL L 75 -9.09 51.53 -111.77
C VAL L 75 -8.72 52.23 -110.46
N ALA L 76 -9.11 51.61 -109.35
CA ALA L 76 -8.80 52.19 -108.05
C ALA L 76 -7.30 52.31 -107.84
N ALA L 77 -6.56 51.34 -108.36
CA ALA L 77 -5.11 51.38 -108.22
C ALA L 77 -4.54 52.54 -109.01
N ARG L 78 -5.02 52.72 -110.24
CA ARG L 78 -4.61 53.87 -111.02
C ARG L 78 -4.92 55.17 -110.28
N VAL L 79 -6.07 55.20 -109.62
CA VAL L 79 -6.46 56.40 -108.91
C VAL L 79 -5.53 56.66 -107.74
N GLN L 80 -5.19 55.62 -107.00
CA GLN L 80 -4.27 55.79 -105.89
C GLN L 80 -2.92 56.27 -106.38
N THR L 81 -2.47 55.72 -107.51
CA THR L 81 -1.25 56.20 -108.13
C THR L 81 -1.34 57.69 -108.40
N ALA L 82 -2.45 58.11 -108.99
CA ALA L 82 -2.62 59.52 -109.31
C ALA L 82 -2.58 60.38 -108.06
N VAL L 83 -3.22 59.92 -106.99
CA VAL L 83 -3.29 60.71 -105.77
C VAL L 83 -1.91 60.83 -105.15
N THR L 84 -1.18 59.74 -105.12
CA THR L 84 0.16 59.76 -104.61
C THR L 84 1.04 60.71 -105.42
N MET L 85 0.90 60.67 -106.74
CA MET L 85 1.65 61.58 -107.59
C MET L 85 1.28 63.02 -107.30
N GLY L 86 0.01 63.27 -106.97
CA GLY L 86 -0.39 64.62 -106.64
C GLY L 86 0.23 65.11 -105.34
N LYS L 87 0.21 64.25 -104.32
CA LYS L 87 0.90 64.56 -103.08
C LYS L 87 2.36 64.89 -103.35
N VAL L 88 2.99 64.08 -104.20
CA VAL L 88 4.38 64.27 -104.52
C VAL L 88 4.59 65.62 -105.18
N THR L 89 3.72 65.96 -106.13
CA THR L 89 3.82 67.23 -106.82
C THR L 89 3.69 68.38 -105.84
N LYS L 90 2.78 68.25 -104.88
CA LYS L 90 2.65 69.28 -103.86
C LYS L 90 3.93 69.46 -103.08
N SER L 91 4.44 68.36 -102.53
CA SER L 91 5.67 68.42 -101.77
C SER L 91 6.78 69.04 -102.59
N MET L 92 6.85 68.68 -103.87
CA MET L 92 7.92 69.15 -104.73
C MET L 92 7.79 70.63 -105.01
N ALA L 93 6.56 71.12 -105.19
CA ALA L 93 6.35 72.55 -105.36
C ALA L 93 6.74 73.32 -104.12
N GLY L 94 6.41 72.78 -102.95
CA GLY L 94 6.88 73.41 -101.72
C GLY L 94 8.38 73.48 -101.66
N VAL L 95 9.04 72.38 -102.02
CA VAL L 95 10.49 72.36 -102.03
C VAL L 95 11.03 73.39 -103.00
N VAL L 96 10.36 73.54 -104.14
CA VAL L 96 10.78 74.52 -105.13
C VAL L 96 10.73 75.91 -104.52
N LYS L 97 9.61 76.25 -103.90
CA LYS L 97 9.49 77.56 -103.26
C LYS L 97 10.63 77.76 -102.28
N SER L 98 10.83 76.80 -101.39
CA SER L 98 11.81 76.97 -100.32
C SER L 98 13.21 77.10 -100.89
N MET L 99 13.56 76.26 -101.86
CA MET L 99 14.92 76.28 -102.41
C MET L 99 15.15 77.51 -103.25
N ASP L 100 14.14 77.99 -103.96
CA ASP L 100 14.27 79.24 -104.68
C ASP L 100 14.52 80.37 -103.71
N ALA L 101 13.80 80.38 -102.59
CA ALA L 101 14.04 81.37 -101.55
C ALA L 101 15.49 81.30 -101.08
N THR L 102 15.97 80.09 -100.81
CA THR L 102 17.32 79.93 -100.29
C THR L 102 18.35 80.44 -101.30
N LEU L 103 18.21 80.02 -102.55
CA LEU L 103 19.14 80.46 -103.58
C LEU L 103 19.08 81.96 -103.79
N LYS L 104 17.92 82.56 -103.56
CA LYS L 104 17.83 84.01 -103.64
C LYS L 104 18.56 84.67 -102.48
N THR L 105 18.50 84.06 -101.30
CA THR L 105 19.20 84.60 -100.15
C THR L 105 20.71 84.40 -100.31
N MET L 106 21.13 83.17 -100.49
CA MET L 106 22.54 82.83 -100.58
C MET L 106 22.92 82.55 -102.02
N ASN L 107 24.17 82.89 -102.34
CA ASN L 107 24.71 82.71 -103.67
C ASN L 107 26.11 82.15 -103.55
N LEU L 108 26.76 81.95 -104.69
CA LEU L 108 28.08 81.35 -104.74
C LEU L 108 29.19 82.36 -104.55
N GLU L 109 28.97 83.62 -104.96
CA GLU L 109 30.01 84.63 -104.78
C GLU L 109 30.29 84.86 -103.31
N LYS L 110 29.25 84.80 -102.48
CA LYS L 110 29.46 84.91 -101.04
C LYS L 110 30.34 83.78 -100.53
N ILE L 111 30.11 82.56 -101.03
CA ILE L 111 30.92 81.42 -100.63
C ILE L 111 32.36 81.63 -101.03
N SER L 112 32.58 82.06 -102.27
CA SER L 112 33.94 82.27 -102.76
C SER L 112 34.65 83.35 -101.96
N ALA L 113 33.94 84.43 -101.64
CA ALA L 113 34.53 85.49 -100.84
C ALA L 113 34.88 84.99 -99.46
N LEU L 114 33.99 84.23 -98.84
CA LEU L 114 34.26 83.69 -97.52
C LEU L 114 35.46 82.77 -97.55
N MET L 115 35.59 81.95 -98.58
CA MET L 115 36.71 81.02 -98.64
C MET L 115 38.02 81.73 -98.92
N ASP L 116 37.99 82.75 -99.79
CA ASP L 116 39.19 83.54 -100.02
C ASP L 116 39.63 84.23 -98.74
N LYS L 117 38.67 84.80 -98.03
CA LYS L 117 38.97 85.36 -96.71
C LYS L 117 39.61 84.29 -95.84
N PHE L 118 38.93 83.17 -95.64
CA PHE L 118 39.43 82.13 -94.76
C PHE L 118 40.87 81.79 -95.10
N GLU L 119 41.17 81.70 -96.39
CA GLU L 119 42.52 81.43 -96.83
C GLU L 119 43.47 82.52 -96.36
N HIS L 120 43.11 83.78 -96.59
CA HIS L 120 44.00 84.88 -96.21
C HIS L 120 44.18 84.95 -94.70
N GLN L 121 43.10 84.79 -93.95
CA GLN L 121 43.19 84.84 -92.50
C GLN L 121 44.05 83.71 -91.97
N PHE L 122 43.88 82.51 -92.52
CA PHE L 122 44.69 81.39 -92.07
C PHE L 122 46.14 81.57 -92.47
N GLU L 123 46.40 82.20 -93.60
CA GLU L 123 47.76 82.49 -94.00
C GLU L 123 48.41 83.48 -93.04
N THR L 124 47.68 84.52 -92.68
CA THR L 124 48.18 85.49 -91.71
C THR L 124 48.41 84.83 -90.35
N LEU L 125 47.51 83.93 -89.98
CA LEU L 125 47.65 83.22 -88.72
C LEU L 125 48.86 82.30 -88.74
N ASP L 126 49.10 81.64 -89.87
CA ASP L 126 50.28 80.80 -90.00
C ASP L 126 51.53 81.63 -89.90
N VAL L 127 51.52 82.82 -90.49
CA VAL L 127 52.67 83.71 -90.38
C VAL L 127 52.89 84.12 -88.94
N GLN L 128 51.81 84.48 -88.24
CA GLN L 128 51.94 84.87 -86.84
C GLN L 128 52.48 83.74 -86.00
N THR L 129 52.00 82.52 -86.24
CA THR L 129 52.46 81.37 -85.48
C THR L 129 53.93 81.07 -85.78
N GLN L 130 54.33 81.22 -87.03
CA GLN L 130 55.73 81.03 -87.38
C GLN L 130 56.61 82.06 -86.68
N GLN L 131 56.15 83.31 -86.66
CA GLN L 131 56.89 84.36 -85.94
C GLN L 131 57.00 84.02 -84.46
N MET L 132 55.89 83.58 -83.85
CA MET L 132 55.92 83.21 -82.45
C MET L 132 56.88 82.06 -82.20
N GLU L 133 56.84 81.05 -83.07
CA GLU L 133 57.76 79.92 -82.94
C GLU L 133 59.19 80.39 -83.00
N ASP L 134 59.51 81.21 -84.01
CA ASP L 134 60.87 81.71 -84.17
C ASP L 134 61.32 82.48 -82.93
N THR L 135 60.47 83.38 -82.45
CA THR L 135 60.84 84.21 -81.30
C THR L 135 61.03 83.36 -80.05
N MET L 136 60.06 82.51 -79.74
CA MET L 136 60.14 81.69 -78.53
C MET L 136 61.26 80.67 -78.60
N SER L 137 61.67 80.26 -79.81
CA SER L 137 62.83 79.38 -79.94
C SER L 137 64.14 80.15 -79.80
N SER L 138 64.17 81.39 -80.29
CA SER L 138 65.35 82.21 -80.12
C SER L 138 65.57 82.58 -78.66
N THR L 139 64.49 82.77 -77.91
CA THR L 139 64.62 83.10 -76.49
C THR L 139 65.20 81.92 -75.72
N THR L 140 64.69 80.72 -75.98
CA THR L 140 65.09 79.52 -75.23
C THR L 140 66.19 78.82 -76.01
N THR L 141 67.44 79.21 -75.74
CA THR L 141 68.58 78.60 -76.42
C THR L 141 69.70 78.20 -75.47
N LEU L 142 69.87 78.94 -74.37
CA LEU L 142 70.99 78.66 -73.47
C LEU L 142 70.71 77.46 -72.58
N THR L 143 69.51 77.39 -72.02
CA THR L 143 69.17 76.38 -71.03
C THR L 143 68.71 75.07 -71.65
N THR L 144 69.09 74.82 -72.90
CA THR L 144 68.94 73.49 -73.51
C THR L 144 70.02 73.29 -74.55
N PRO L 145 71.26 73.03 -74.12
CA PRO L 145 72.29 72.64 -75.09
C PRO L 145 71.84 71.38 -75.81
N GLN L 146 72.48 71.12 -76.95
CA GLN L 146 72.14 69.93 -77.71
C GLN L 146 72.88 68.70 -77.21
N ASN L 147 74.08 68.89 -76.69
CA ASN L 147 74.84 67.76 -76.18
C ASN L 147 74.15 67.11 -74.99
N GLN L 148 73.63 67.92 -74.07
CA GLN L 148 72.93 67.36 -72.93
C GLN L 148 71.69 66.62 -73.36
N VAL L 149 70.95 67.17 -74.31
CA VAL L 149 69.74 66.52 -74.80
C VAL L 149 70.09 65.21 -75.47
N ASP L 150 71.16 65.22 -76.27
CA ASP L 150 71.58 63.99 -76.94
C ASP L 150 72.00 62.94 -75.94
N MET L 151 72.74 63.34 -74.91
CA MET L 151 73.17 62.40 -73.90
C MET L 151 71.98 61.82 -73.17
N LEU L 152 71.03 62.67 -72.80
CA LEU L 152 69.85 62.18 -72.11
C LEU L 152 69.03 61.27 -72.98
N LEU L 153 68.90 61.60 -74.26
CA LEU L 153 68.14 60.76 -75.16
C LEU L 153 68.78 59.40 -75.30
N GLN L 154 70.10 59.38 -75.48
CA GLN L 154 70.81 58.11 -75.55
C GLN L 154 70.64 57.32 -74.27
N GLU L 155 70.69 58.01 -73.13
CA GLU L 155 70.58 57.34 -71.84
C GLU L 155 69.22 56.72 -71.68
N MET L 156 68.18 57.49 -71.95
CA MET L 156 66.82 57.01 -71.78
C MET L 156 66.46 55.97 -72.82
N ALA L 157 67.07 56.03 -74.00
CA ALA L 157 66.84 55.02 -75.01
C ALA L 157 67.51 53.71 -74.63
N ASP L 158 68.69 53.80 -74.03
CA ASP L 158 69.34 52.61 -73.49
C ASP L 158 68.55 52.04 -72.33
N GLU L 159 67.98 52.90 -71.50
CA GLU L 159 67.17 52.45 -70.38
C GLU L 159 65.94 51.72 -70.88
N ALA L 160 65.20 52.35 -71.80
CA ALA L 160 64.04 51.72 -72.39
C ALA L 160 64.45 50.51 -73.20
N GLY L 161 65.53 50.62 -73.95
CA GLY L 161 66.01 49.53 -74.76
C GLY L 161 65.79 49.74 -76.25
N LEU L 162 65.89 50.99 -76.69
CA LEU L 162 65.74 51.34 -78.10
C LEU L 162 66.91 52.21 -78.55
N ASP L 163 67.02 52.37 -79.87
CA ASP L 163 68.04 53.19 -80.49
C ASP L 163 67.39 54.24 -81.37
N LEU L 164 68.06 55.38 -81.49
CA LEU L 164 67.60 56.50 -82.29
C LEU L 164 68.52 56.74 -83.48
N SER M 2 11.53 76.07 -90.70
CA SER M 2 11.66 76.67 -92.02
C SER M 2 10.87 75.87 -93.05
N ASN M 3 10.71 76.45 -94.24
CA ASN M 3 10.13 75.69 -95.33
C ASN M 3 10.94 74.44 -95.58
N MET M 4 12.25 74.51 -95.37
CA MET M 4 13.10 73.33 -95.56
C MET M 4 12.69 72.21 -94.64
N GLU M 5 12.44 72.53 -93.37
CA GLU M 5 12.10 71.50 -92.39
C GLU M 5 10.74 70.91 -92.68
N LYS M 6 9.76 71.77 -92.98
CA LYS M 6 8.44 71.29 -93.33
C LYS M 6 8.49 70.39 -94.54
N HIS M 7 9.30 70.77 -95.54
CA HIS M 7 9.41 69.97 -96.74
C HIS M 7 10.12 68.66 -96.46
N LEU M 8 11.08 68.67 -95.55
CA LEU M 8 11.75 67.44 -95.17
C LEU M 8 10.78 66.49 -94.50
N PHE M 9 9.98 67.01 -93.58
CA PHE M 9 8.94 66.21 -92.96
C PHE M 9 8.00 65.65 -94.02
N ASN M 10 7.62 66.49 -94.97
CA ASN M 10 6.72 66.06 -96.03
C ASN M 10 7.34 64.93 -96.84
N LEU M 11 8.63 65.04 -97.13
CA LEU M 11 9.32 64.04 -97.92
C LEU M 11 9.45 62.73 -97.16
N LYS M 12 9.75 62.82 -95.87
CA LYS M 12 9.81 61.63 -95.05
C LYS M 12 8.47 60.94 -94.98
N PHE M 13 7.42 61.71 -94.79
CA PHE M 13 6.07 61.16 -94.79
C PHE M 13 5.79 60.48 -96.12
N ALA M 14 6.18 61.11 -97.22
CA ALA M 14 5.92 60.55 -98.54
C ALA M 14 6.66 59.24 -98.73
N ALA M 15 7.92 59.21 -98.31
CA ALA M 15 8.71 57.99 -98.45
C ALA M 15 8.11 56.87 -97.62
N LYS M 16 7.73 57.17 -96.39
CA LYS M 16 7.10 56.16 -95.54
C LYS M 16 5.81 55.67 -96.15
N GLU M 17 5.04 56.58 -96.74
CA GLU M 17 3.78 56.20 -97.35
C GLU M 17 4.02 55.30 -98.55
N LEU M 18 5.03 55.61 -99.35
CA LEU M 18 5.35 54.77 -100.49
C LEU M 18 5.80 53.40 -100.03
N SER M 19 6.60 53.34 -98.99
CA SER M 19 7.04 52.06 -98.46
C SER M 19 5.85 51.26 -97.98
N ARG M 20 4.93 51.90 -97.28
CA ARG M 20 3.76 51.19 -96.78
C ARG M 20 2.87 50.73 -97.93
N SER M 21 2.77 51.54 -98.98
CA SER M 21 1.97 51.15 -100.13
C SER M 21 2.58 49.95 -100.83
N ALA M 22 3.90 49.95 -100.96
CA ALA M 22 4.58 48.81 -101.52
C ALA M 22 4.37 47.57 -100.66
N LYS M 23 4.41 47.74 -99.35
CA LYS M 23 4.16 46.62 -98.45
C LYS M 23 2.76 46.07 -98.63
N LYS M 24 1.78 46.97 -98.76
CA LYS M 24 0.41 46.54 -98.98
C LYS M 24 0.29 45.81 -100.30
N CYS M 25 0.91 46.33 -101.34
CA CYS M 25 0.88 45.67 -102.64
C CYS M 25 1.49 44.29 -102.53
N ASP M 26 2.56 44.15 -101.76
CA ASP M 26 3.21 42.86 -101.60
C ASP M 26 2.31 41.87 -100.87
N LYS M 27 1.72 42.32 -99.77
CA LYS M 27 0.81 41.46 -99.03
C LYS M 27 -0.35 41.03 -99.90
N GLU M 28 -0.86 41.96 -100.71
CA GLU M 28 -1.97 41.66 -101.60
C GLU M 28 -1.55 40.66 -102.67
N GLU M 29 -0.33 40.80 -103.17
CA GLU M 29 0.18 39.83 -104.14
C GLU M 29 0.26 38.46 -103.52
N LYS M 30 0.75 38.37 -102.29
CA LYS M 30 0.83 37.09 -101.60
C LYS M 30 -0.55 36.49 -101.42
N ALA M 31 -1.50 37.30 -101.00
CA ALA M 31 -2.86 36.82 -100.80
C ALA M 31 -3.47 36.34 -102.11
N GLU M 32 -3.21 37.07 -103.19
CA GLU M 32 -3.75 36.69 -104.49
C GLU M 32 -3.15 35.39 -104.97
N LYS M 33 -1.85 35.22 -104.77
CA LYS M 33 -1.21 33.97 -105.14
C LYS M 33 -1.77 32.81 -104.32
N ALA M 34 -1.98 33.06 -103.03
CA ALA M 34 -2.62 32.05 -102.19
C ALA M 34 -3.97 31.66 -102.76
N LYS M 35 -4.83 32.65 -103.01
CA LYS M 35 -6.15 32.36 -103.54
C LYS M 35 -6.09 31.67 -104.89
N ILE M 36 -5.08 32.01 -105.70
CA ILE M 36 -4.88 31.31 -106.96
C ILE M 36 -4.66 29.84 -106.70
N GLU M 37 -3.80 29.53 -105.74
CA GLU M 37 -3.57 28.14 -105.39
C GLU M 37 -4.86 27.47 -104.94
N LYS M 38 -5.57 28.13 -104.05
CA LYS M 38 -6.78 27.54 -103.49
C LYS M 38 -7.84 27.32 -104.56
N ALA M 39 -7.86 28.17 -105.59
CA ALA M 39 -8.85 28.05 -106.65
C ALA M 39 -8.47 26.98 -107.66
N ILE M 40 -7.20 26.96 -108.05
CA ILE M 40 -6.72 25.97 -109.00
C ILE M 40 -6.82 24.58 -108.40
N GLN M 41 -6.57 24.47 -107.10
CA GLN M 41 -6.74 23.21 -106.42
C GLN M 41 -8.15 22.67 -106.58
N LYS M 42 -9.09 23.53 -106.96
CA LYS M 42 -10.47 23.13 -107.18
C LYS M 42 -10.84 23.11 -108.65
N GLY M 43 -9.97 23.57 -109.53
CA GLY M 43 -10.22 23.51 -110.95
C GLY M 43 -10.81 24.80 -111.48
N ASN M 44 -10.16 25.91 -111.17
CA ASN M 44 -10.58 27.23 -111.65
C ASN M 44 -9.43 27.82 -112.46
N MET M 45 -9.71 28.10 -113.72
CA MET M 45 -8.75 28.76 -114.58
C MET M 45 -8.93 30.27 -114.57
N GLU M 46 -10.15 30.71 -114.80
CA GLU M 46 -10.39 32.14 -114.95
C GLU M 46 -10.04 32.89 -113.68
N VAL M 47 -10.40 32.32 -112.53
CA VAL M 47 -10.04 32.97 -111.26
C VAL M 47 -8.54 33.09 -111.16
N ALA M 48 -7.84 32.04 -111.58
CA ALA M 48 -6.39 32.06 -111.57
C ALA M 48 -5.86 33.18 -112.47
N ARG M 49 -6.40 33.28 -113.68
CA ARG M 49 -5.97 34.35 -114.57
C ARG M 49 -6.21 35.72 -113.95
N ILE M 50 -7.39 35.90 -113.35
CA ILE M 50 -7.75 37.18 -112.79
C ILE M 50 -6.79 37.56 -111.68
N HIS M 51 -6.60 36.64 -110.73
CA HIS M 51 -5.71 36.91 -109.62
C HIS M 51 -4.29 37.15 -110.09
N ALA M 52 -3.88 36.45 -111.15
CA ALA M 52 -2.55 36.64 -111.69
C ALA M 52 -2.40 38.04 -112.26
N GLU M 53 -3.41 38.50 -112.98
CA GLU M 53 -3.41 39.86 -113.48
C GLU M 53 -3.32 40.85 -112.33
N ASN M 54 -4.06 40.57 -111.27
CA ASN M 54 -4.03 41.43 -110.09
C ASN M 54 -2.63 41.48 -109.50
N ALA M 55 -1.99 40.32 -109.38
CA ALA M 55 -0.66 40.26 -108.82
C ALA M 55 0.33 41.02 -109.69
N ILE M 56 0.19 40.89 -111.01
CA ILE M 56 1.08 41.61 -111.91
C ILE M 56 0.91 43.10 -111.72
N ARG M 57 -0.34 43.55 -111.64
CA ARG M 57 -0.60 44.96 -111.42
C ARG M 57 0.04 45.43 -110.13
N GLN M 58 -0.15 44.66 -109.07
CA GLN M 58 0.39 45.04 -107.78
C GLN M 58 1.90 45.09 -107.82
N LYS M 59 2.53 44.16 -108.53
CA LYS M 59 3.97 44.14 -108.64
C LYS M 59 4.47 45.37 -109.40
N ASN M 60 3.84 45.66 -110.52
CA ASN M 60 4.23 46.83 -111.30
C ASN M 60 4.09 48.09 -110.48
N GLN M 61 3.00 48.19 -109.72
CA GLN M 61 2.74 49.37 -108.93
C GLN M 61 3.72 49.47 -107.77
N ALA M 62 4.05 48.34 -107.17
CA ALA M 62 5.07 48.33 -106.14
C ALA M 62 6.40 48.81 -106.68
N VAL M 63 6.75 48.36 -107.88
CA VAL M 63 7.99 48.77 -108.51
C VAL M 63 8.00 50.26 -108.75
N ASN M 64 6.89 50.77 -109.27
CA ASN M 64 6.80 52.19 -109.55
C ASN M 64 6.92 53.00 -108.27
N PHE M 65 6.25 52.54 -107.21
CA PHE M 65 6.36 53.23 -105.93
C PHE M 65 7.77 53.19 -105.40
N LEU M 66 8.45 52.08 -105.61
CA LEU M 66 9.83 51.98 -105.15
C LEU M 66 10.72 52.94 -105.91
N ARG M 67 10.53 53.03 -107.21
CA ARG M 67 11.31 53.97 -108.01
C ARG M 67 11.06 55.40 -107.55
N MET M 68 9.79 55.76 -107.41
CA MET M 68 9.44 57.11 -107.01
C MET M 68 9.98 57.42 -105.62
N SER M 69 9.86 56.46 -104.70
CA SER M 69 10.36 56.65 -103.36
C SER M 69 11.86 56.85 -103.37
N ALA M 70 12.56 56.08 -104.19
CA ALA M 70 14.01 56.22 -104.28
C ALA M 70 14.39 57.59 -104.81
N ARG M 71 13.70 58.04 -105.85
CA ARG M 71 13.98 59.35 -106.40
C ARG M 71 13.74 60.44 -105.36
N VAL M 72 12.64 60.32 -104.64
CA VAL M 72 12.30 61.28 -103.60
C VAL M 72 13.36 61.25 -102.51
N ASP M 73 13.88 60.07 -102.21
CA ASP M 73 14.92 59.95 -101.21
C ASP M 73 16.19 60.64 -101.66
N ALA M 74 16.54 60.48 -102.93
CA ALA M 74 17.70 61.17 -103.47
C ALA M 74 17.52 62.68 -103.34
N VAL M 75 16.34 63.16 -103.69
CA VAL M 75 16.08 64.59 -103.61
C VAL M 75 16.20 65.08 -102.17
N ALA M 76 15.59 64.35 -101.24
CA ALA M 76 15.65 64.73 -99.85
C ALA M 76 17.08 64.73 -99.34
N ALA M 77 17.88 63.80 -99.84
CA ALA M 77 19.27 63.74 -99.43
C ALA M 77 20.04 64.95 -99.93
N ARG M 78 19.81 65.32 -101.18
CA ARG M 78 20.40 66.54 -101.70
C ARG M 78 19.99 67.74 -100.87
N VAL M 79 18.74 67.76 -100.44
CA VAL M 79 18.24 68.88 -99.65
C VAL M 79 18.94 68.93 -98.31
N GLN M 80 19.10 67.78 -97.67
CA GLN M 80 19.79 67.74 -96.39
C GLN M 80 21.22 68.21 -96.55
N THR M 81 21.87 67.78 -97.63
CA THR M 81 23.20 68.27 -97.93
C THR M 81 23.22 69.78 -98.01
N ALA M 82 22.25 70.34 -98.72
CA ALA M 82 22.19 71.78 -98.88
C ALA M 82 22.02 72.47 -97.54
N VAL M 83 21.17 71.92 -96.69
CA VAL M 83 20.88 72.54 -95.40
C VAL M 83 22.11 72.50 -94.52
N THR M 84 22.78 71.37 -94.50
CA THR M 84 24.02 71.25 -93.75
C THR M 84 25.05 72.24 -94.24
N MET M 85 25.17 72.38 -95.56
CA MET M 85 26.11 73.35 -96.11
C MET M 85 25.73 74.76 -95.69
N GLY M 86 24.44 75.04 -95.58
CA GLY M 86 24.02 76.36 -95.15
C GLY M 86 24.39 76.62 -93.70
N LYS M 87 24.15 75.65 -92.84
CA LYS M 87 24.59 75.76 -91.45
C LYS M 87 26.08 76.03 -91.40
N VAL M 88 26.84 75.30 -92.20
CA VAL M 88 28.28 75.46 -92.24
C VAL M 88 28.65 76.86 -92.65
N THR M 89 27.99 77.36 -93.69
CA THR M 89 28.27 78.71 -94.16
C THR M 89 27.99 79.73 -93.07
N LYS M 90 26.91 79.53 -92.33
CA LYS M 90 26.60 80.42 -91.22
C LYS M 90 27.72 80.42 -90.20
N SER M 91 28.07 79.24 -89.72
CA SER M 91 29.13 79.12 -88.73
C SER M 91 30.40 79.78 -89.24
N MET M 92 30.70 79.58 -90.52
CA MET M 92 31.94 80.09 -91.09
C MET M 92 31.92 81.62 -91.17
N ALA M 93 30.77 82.18 -91.51
CA ALA M 93 30.64 83.63 -91.53
C ALA M 93 30.81 84.21 -90.14
N GLY M 94 30.24 83.55 -89.14
CA GLY M 94 30.47 83.98 -87.77
C GLY M 94 31.93 83.95 -87.41
N VAL M 95 32.61 82.87 -87.79
CA VAL M 95 34.04 82.77 -87.51
C VAL M 95 34.79 83.87 -88.23
N VAL M 96 34.35 84.21 -89.44
CA VAL M 96 35.00 85.30 -90.18
C VAL M 96 34.88 86.59 -89.41
N LYS M 97 33.67 86.92 -88.98
CA LYS M 97 33.48 88.12 -88.19
C LYS M 97 34.40 88.14 -86.98
N SER M 98 34.39 87.06 -86.22
CA SER M 98 35.15 87.03 -84.97
C SER M 98 36.64 87.15 -85.24
N MET M 99 37.14 86.42 -86.23
CA MET M 99 38.58 86.43 -86.51
C MET M 99 39.02 87.75 -87.11
N ASP M 100 38.17 88.37 -87.93
CA ASP M 100 38.48 89.70 -88.42
C ASP M 100 38.57 90.68 -87.27
N ALA M 101 37.65 90.59 -86.33
CA ALA M 101 37.72 91.42 -85.13
C ALA M 101 39.04 91.19 -84.41
N THR M 102 39.42 89.94 -84.22
CA THR M 102 40.64 89.63 -83.48
C THR M 102 41.86 90.21 -84.20
N LEU M 103 41.96 89.96 -85.50
CA LEU M 103 43.08 90.48 -86.27
C LEU M 103 43.12 92.00 -86.27
N LYS M 104 41.95 92.63 -86.19
CA LYS M 104 41.92 94.08 -86.07
C LYS M 104 42.45 94.53 -84.72
N THR M 105 42.12 93.78 -83.67
CA THR M 105 42.61 94.13 -82.34
C THR M 105 44.11 93.86 -82.23
N MET M 106 44.51 92.63 -82.50
CA MET M 106 45.90 92.24 -82.37
C MET M 106 46.56 92.11 -83.73
N ASN M 107 47.85 92.43 -83.77
CA ASN M 107 48.64 92.39 -84.99
C ASN M 107 49.96 91.73 -84.68
N LEU M 108 50.81 91.64 -85.70
CA LEU M 108 52.10 90.98 -85.57
C LEU M 108 53.19 91.90 -85.03
N GLU M 109 53.10 93.21 -85.30
CA GLU M 109 54.11 94.12 -84.79
C GLU M 109 54.10 94.14 -83.27
N LYS M 110 52.92 94.03 -82.67
CA LYS M 110 52.84 93.94 -81.21
C LYS M 110 53.58 92.70 -80.72
N ILE M 111 53.40 91.58 -81.42
CA ILE M 111 54.08 90.34 -81.03
C ILE M 111 55.58 90.52 -81.12
N SER M 112 56.05 91.10 -82.23
CA SER M 112 57.48 91.28 -82.41
C SER M 112 58.06 92.21 -81.35
N ALA M 113 57.34 93.29 -81.03
CA ALA M 113 57.80 94.20 -79.99
C ALA M 113 57.86 93.49 -78.64
N LEU M 114 56.83 92.71 -78.32
CA LEU M 114 56.82 91.99 -77.06
C LEU M 114 57.98 91.02 -76.99
N MET M 115 58.27 90.33 -78.09
CA MET M 115 59.35 89.35 -78.07
C MET M 115 60.72 90.02 -77.98
N ASP M 116 60.89 91.13 -78.69
CA ASP M 116 62.14 91.88 -78.57
C ASP M 116 62.34 92.37 -77.16
N LYS M 117 61.28 92.90 -76.56
CA LYS M 117 61.33 93.25 -75.15
C LYS M 117 61.76 92.05 -74.32
N PHE M 118 61.01 90.95 -74.42
CA PHE M 118 61.31 89.78 -73.61
C PHE M 118 62.77 89.41 -73.72
N GLU M 119 63.30 89.47 -74.93
CA GLU M 119 64.71 89.18 -75.14
C GLU M 119 65.59 90.14 -74.35
N HIS M 120 65.32 91.44 -74.47
CA HIS M 120 66.15 92.42 -73.78
C HIS M 120 66.04 92.29 -72.27
N GLN M 121 64.83 92.09 -71.76
CA GLN M 121 64.64 91.95 -70.33
C GLN M 121 65.33 90.71 -69.81
N PHE M 122 65.24 89.60 -70.54
CA PHE M 122 65.91 88.38 -70.11
C PHE M 122 67.41 88.53 -70.19
N GLU M 123 67.90 89.29 -71.17
CA GLU M 123 69.33 89.54 -71.24
C GLU M 123 69.81 90.36 -70.05
N THR M 124 69.06 91.40 -69.69
CA THR M 124 69.39 92.19 -68.53
C THR M 124 69.33 91.34 -67.26
N LEU M 125 68.34 90.46 -67.19
CA LEU M 125 68.22 89.57 -66.03
C LEU M 125 69.38 88.60 -65.96
N ASP M 126 69.80 88.09 -67.10
CA ASP M 126 70.96 87.20 -67.13
C ASP M 126 72.20 87.94 -66.67
N VAL M 127 72.34 89.19 -67.08
CA VAL M 127 73.47 89.99 -66.63
C VAL M 127 73.42 90.20 -65.14
N GLN M 128 72.24 90.53 -64.60
CA GLN M 128 72.11 90.73 -63.17
C GLN M 128 72.44 89.46 -62.40
N THR M 129 71.96 88.32 -62.90
CA THR M 129 72.24 87.05 -62.24
C THR M 129 73.71 86.70 -62.30
N GLN M 130 74.37 86.99 -63.41
CA GLN M 130 75.81 86.77 -63.51
C GLN M 130 76.56 87.65 -62.52
N GLN M 131 76.15 88.91 -62.41
CA GLN M 131 76.76 89.79 -61.43
C GLN M 131 76.56 89.27 -60.02
N MET M 132 75.35 88.83 -59.69
CA MET M 132 75.09 88.27 -58.38
C MET M 132 75.96 87.05 -58.12
N GLU M 133 76.05 86.15 -59.11
CA GLU M 133 76.87 84.97 -58.97
C GLU M 133 78.32 85.36 -58.70
N ASP M 134 78.85 86.28 -59.49
CA ASP M 134 80.23 86.71 -59.32
C ASP M 134 80.46 87.28 -57.94
N THR M 135 79.56 88.17 -57.50
CA THR M 135 79.72 88.82 -56.20
C THR M 135 79.64 87.80 -55.06
N MET M 136 78.59 86.99 -55.06
CA MET M 136 78.42 86.01 -53.99
C MET M 136 79.49 84.93 -53.99
N SER M 137 80.12 84.67 -55.14
CA SER M 137 81.25 83.74 -55.16
C SER M 137 82.52 84.41 -54.68
N SER M 138 82.69 85.70 -54.98
CA SER M 138 83.85 86.42 -54.48
C SER M 138 83.79 86.57 -52.96
N THR M 139 82.59 86.73 -52.41
CA THR M 139 82.45 86.86 -50.96
C THR M 139 82.83 85.56 -50.27
N THR M 140 82.34 84.44 -50.78
CA THR M 140 82.54 83.13 -50.15
C THR M 140 83.76 82.47 -50.78
N THR M 141 84.94 82.75 -50.24
CA THR M 141 86.16 82.17 -50.76
C THR M 141 87.07 81.58 -49.68
N LEU M 142 87.04 82.16 -48.49
CA LEU M 142 87.95 81.70 -47.44
C LEU M 142 87.48 80.41 -46.79
N THR M 143 86.18 80.33 -46.47
CA THR M 143 85.62 79.23 -45.72
C THR M 143 85.25 78.04 -46.60
N THR M 144 85.86 77.93 -47.78
CA THR M 144 85.79 76.71 -48.59
C THR M 144 87.05 76.59 -49.42
N PRO M 145 88.17 76.20 -48.81
CA PRO M 145 89.35 75.87 -49.61
C PRO M 145 89.01 74.75 -50.57
N GLN M 146 89.85 74.61 -51.59
CA GLN M 146 89.63 73.55 -52.56
C GLN M 146 90.21 72.23 -52.11
N ASN M 147 91.29 72.28 -51.34
CA ASN M 147 91.91 71.04 -50.86
C ASN M 147 90.98 70.29 -49.94
N GLN M 148 90.31 71.00 -49.03
CA GLN M 148 89.39 70.33 -48.12
C GLN M 148 88.22 69.72 -48.88
N VAL M 149 87.71 70.44 -49.86
CA VAL M 149 86.60 69.93 -50.66
C VAL M 149 87.03 68.70 -51.43
N ASP M 150 88.23 68.74 -52.00
CA ASP M 150 88.73 67.61 -52.75
C ASP M 150 88.92 66.41 -51.84
N MET M 151 89.46 66.63 -50.65
CA MET M 151 89.65 65.54 -49.71
C MET M 151 88.32 64.94 -49.32
N LEU M 152 87.34 65.78 -49.01
CA LEU M 152 86.03 65.28 -48.62
C LEU M 152 85.38 64.54 -49.76
N LEU M 153 85.51 65.04 -50.98
CA LEU M 153 84.91 64.38 -52.13
C LEU M 153 85.53 63.00 -52.33
N GLN M 154 86.85 62.93 -52.25
CA GLN M 154 87.52 61.65 -52.37
C GLN M 154 87.07 60.72 -51.27
N GLU M 155 86.94 61.23 -50.05
CA GLU M 155 86.55 60.41 -48.92
C GLU M 155 85.15 59.86 -49.10
N MET M 156 84.21 60.72 -49.46
CA MET M 156 82.84 60.30 -49.61
C MET M 156 82.65 59.42 -50.83
N ALA M 157 83.48 59.61 -51.85
CA ALA M 157 83.42 58.75 -53.02
C ALA M 157 83.96 57.37 -52.71
N ASP M 158 85.00 57.30 -51.89
CA ASP M 158 85.50 56.02 -51.41
C ASP M 158 84.48 55.35 -50.51
N GLU M 159 83.79 56.13 -49.70
CA GLU M 159 82.76 55.58 -48.82
C GLU M 159 81.62 55.00 -49.64
N ALA M 160 81.10 55.79 -50.58
CA ALA M 160 80.06 55.30 -51.46
C ALA M 160 80.58 54.18 -52.35
N GLY M 161 81.79 54.33 -52.86
CA GLY M 161 82.39 53.32 -53.71
C GLY M 161 82.47 53.75 -55.16
N LEU M 162 82.69 55.04 -55.40
CA LEU M 162 82.83 55.57 -56.75
C LEU M 162 84.09 56.42 -56.84
N ASP M 163 84.46 56.75 -58.08
CA ASP M 163 85.61 57.59 -58.37
C ASP M 163 85.17 58.78 -59.21
N LEU M 164 85.90 59.88 -59.03
CA LEU M 164 85.63 61.11 -59.75
C LEU M 164 86.78 61.46 -60.70
N SER N 2 32.60 84.82 -75.67
CA SER N 2 33.00 85.57 -76.85
C SER N 2 32.41 84.97 -78.10
N ASN N 3 32.51 85.71 -79.21
CA ASN N 3 32.13 85.13 -80.49
C ASN N 3 32.93 83.88 -80.75
N MET N 4 34.18 83.85 -80.29
CA MET N 4 35.00 82.67 -80.48
C MET N 4 34.39 81.45 -79.82
N GLU N 5 33.91 81.62 -78.59
CA GLU N 5 33.35 80.49 -77.85
C GLU N 5 32.05 80.03 -78.48
N LYS N 6 31.18 80.97 -78.83
CA LYS N 6 29.94 80.62 -79.49
C LYS N 6 30.21 79.88 -80.79
N HIS N 7 31.20 80.34 -81.55
CA HIS N 7 31.52 79.70 -82.80
C HIS N 7 32.12 78.33 -82.58
N LEU N 8 32.89 78.17 -81.51
CA LEU N 8 33.43 76.86 -81.20
C LEU N 8 32.32 75.89 -80.86
N PHE N 9 31.37 76.33 -80.05
CA PHE N 9 30.21 75.51 -79.76
C PHE N 9 29.47 75.15 -81.03
N ASN N 10 29.30 76.13 -81.91
CA ASN N 10 28.63 75.89 -83.18
C ASN N 10 29.36 74.84 -84.00
N LEU N 11 30.69 74.93 -84.03
CA LEU N 11 31.48 74.00 -84.81
C LEU N 11 31.42 72.60 -84.23
N LYS N 12 31.46 72.50 -82.90
CA LYS N 12 31.34 71.20 -82.26
C LYS N 12 29.99 70.59 -82.56
N PHE N 13 28.93 71.39 -82.45
CA PHE N 13 27.59 70.92 -82.79
C PHE N 13 27.56 70.44 -84.23
N ALA N 14 28.17 71.20 -85.14
CA ALA N 14 28.16 70.83 -86.54
C ALA N 14 28.89 69.52 -86.78
N ALA N 15 30.03 69.35 -86.13
CA ALA N 15 30.80 68.12 -86.29
C ALA N 15 30.02 66.93 -85.76
N LYS N 16 29.41 67.09 -84.59
CA LYS N 16 28.61 66.01 -84.03
C LYS N 16 27.44 65.69 -84.93
N GLU N 17 26.83 66.71 -85.52
CA GLU N 17 25.70 66.49 -86.41
C GLU N 17 26.13 65.75 -87.65
N LEU N 18 27.30 66.10 -88.20
CA LEU N 18 27.81 65.39 -89.36
C LEU N 18 28.11 63.96 -89.03
N SER N 19 28.70 63.72 -87.87
CA SER N 19 28.98 62.36 -87.45
C SER N 19 27.70 61.55 -87.34
N ARG N 20 26.68 62.15 -86.73
CA ARG N 20 25.41 61.46 -86.57
C ARG N 20 24.76 61.21 -87.91
N SER N 21 24.88 62.16 -88.84
CA SER N 21 24.31 61.97 -90.17
C SER N 21 25.02 60.84 -90.90
N ALA N 22 26.34 60.79 -90.78
CA ALA N 22 27.08 59.68 -91.35
C ALA N 22 26.65 58.36 -90.73
N LYS N 23 26.44 58.34 -89.42
CA LYS N 23 25.99 57.13 -88.76
C LYS N 23 24.64 56.70 -89.28
N LYS N 24 23.73 57.65 -89.46
CA LYS N 24 22.42 57.34 -90.00
C LYS N 24 22.53 56.80 -91.40
N CYS N 25 23.37 57.42 -92.23
CA CYS N 25 23.56 56.94 -93.58
C CYS N 25 24.10 55.52 -93.57
N ASP N 26 24.99 55.22 -92.62
CA ASP N 26 25.56 53.88 -92.53
C ASP N 26 24.51 52.86 -92.13
N LYS N 27 23.73 53.19 -91.11
CA LYS N 27 22.66 52.29 -90.69
C LYS N 27 21.68 52.06 -91.82
N GLU N 28 21.37 53.10 -92.56
CA GLU N 28 20.45 52.99 -93.68
C GLU N 28 21.04 52.12 -94.78
N GLU N 29 22.34 52.25 -95.03
CA GLU N 29 22.99 51.40 -96.00
C GLU N 29 22.91 49.94 -95.58
N LYS N 30 23.15 49.68 -94.30
CA LYS N 30 23.05 48.32 -93.80
C LYS N 30 21.65 47.77 -93.97
N ALA N 31 20.66 48.57 -93.63
CA ALA N 31 19.27 48.14 -93.75
C ALA N 31 18.91 47.89 -95.21
N GLU N 32 19.41 48.74 -96.11
CA GLU N 32 19.11 48.57 -97.53
C GLU N 32 19.76 47.31 -98.06
N LYS N 33 20.99 47.03 -97.65
CA LYS N 33 21.65 45.81 -98.07
C LYS N 33 20.91 44.59 -97.54
N ALA N 34 20.46 44.67 -96.30
CA ALA N 34 19.63 43.60 -95.75
C ALA N 34 18.40 43.37 -96.60
N LYS N 35 17.64 44.44 -96.87
CA LYS N 35 16.45 44.30 -97.68
C LYS N 35 16.76 43.79 -99.07
N ILE N 36 17.90 44.17 -99.62
CA ILE N 36 18.33 43.64 -100.91
C ILE N 36 18.45 42.13 -100.82
N GLU N 37 19.10 41.65 -99.77
CA GLU N 37 19.21 40.22 -99.58
C GLU N 37 17.85 39.57 -99.48
N LYS N 38 16.98 40.15 -98.66
CA LYS N 38 15.67 39.57 -98.43
C LYS N 38 14.83 39.54 -99.70
N ALA N 39 15.04 40.51 -100.59
CA ALA N 39 14.28 40.59 -101.82
C ALA N 39 14.82 39.65 -102.88
N ILE N 40 16.14 39.61 -103.01
CA ILE N 40 16.76 38.73 -104.00
C ILE N 40 16.50 37.28 -103.63
N GLN N 41 16.48 36.99 -102.33
CA GLN N 41 16.15 35.65 -101.88
C GLN N 41 14.78 35.23 -102.38
N LYS N 42 13.96 36.17 -102.81
CA LYS N 42 12.66 35.89 -103.34
C LYS N 42 12.56 36.09 -104.83
N GLY N 43 13.61 36.61 -105.46
CA GLY N 43 13.64 36.75 -106.90
C GLY N 43 13.21 38.13 -107.35
N ASN N 44 13.81 39.16 -106.75
CA ASN N 44 13.54 40.54 -107.12
C ASN N 44 14.83 41.16 -107.61
N MET N 45 14.81 41.63 -108.84
CA MET N 45 15.95 42.35 -109.40
C MET N 45 15.82 43.84 -109.21
N GLU N 46 14.67 44.39 -109.61
CA GLU N 46 14.52 45.83 -109.59
C GLU N 46 14.63 46.38 -108.19
N VAL N 47 14.03 45.70 -107.21
CA VAL N 47 14.16 46.14 -105.83
C VAL N 47 15.62 46.15 -105.43
N ALA N 48 16.36 45.14 -105.86
CA ALA N 48 17.77 45.08 -105.57
C ALA N 48 18.49 46.27 -106.17
N ARG N 49 18.22 46.57 -107.45
CA ARG N 49 18.85 47.72 -108.09
C ARG N 49 18.53 49.00 -107.33
N ILE N 50 17.26 49.16 -106.94
CA ILE N 50 16.83 50.38 -106.28
C ILE N 50 17.57 50.55 -104.96
N HIS N 51 17.55 49.51 -104.14
CA HIS N 51 18.21 49.58 -102.86
C HIS N 51 19.70 49.78 -103.01
N ALA N 52 20.28 49.21 -104.06
CA ALA N 52 21.70 49.40 -104.30
C ALA N 52 22.00 50.85 -104.63
N GLU N 53 21.17 51.46 -105.46
CA GLU N 53 21.32 52.87 -105.75
C GLU N 53 21.20 53.70 -104.48
N ASN N 54 20.26 53.32 -103.63
CA ASN N 54 20.09 54.01 -102.35
C ASN N 54 21.34 53.90 -101.51
N ALA N 55 21.90 52.71 -101.44
CA ALA N 55 23.11 52.50 -100.65
C ALA N 55 24.27 53.30 -101.20
N ILE N 56 24.39 53.36 -102.52
CA ILE N 56 25.46 54.14 -103.13
C ILE N 56 25.30 55.60 -102.77
N ARG N 57 24.08 56.10 -102.86
CA ARG N 57 23.82 57.49 -102.51
C ARG N 57 24.20 57.74 -101.06
N GLN N 58 23.79 56.85 -100.17
CA GLN N 58 24.08 57.03 -98.76
C GLN N 58 25.57 56.99 -98.50
N LYS N 59 26.29 56.13 -99.20
CA LYS N 59 27.73 56.06 -99.05
C LYS N 59 28.40 57.33 -99.51
N ASN N 60 28.01 57.81 -100.68
CA ASN N 60 28.58 59.03 -101.21
C ASN N 60 28.32 60.19 -100.25
N GLN N 61 27.11 60.25 -99.72
CA GLN N 61 26.74 61.32 -98.82
C GLN N 61 27.47 61.22 -97.50
N ALA N 62 27.65 60.00 -97.01
CA ALA N 62 28.45 59.79 -95.81
C ALA N 62 29.87 60.26 -96.04
N VAL N 63 30.43 59.95 -97.19
CA VAL N 63 31.79 60.37 -97.50
C VAL N 63 31.88 61.88 -97.53
N ASN N 64 30.92 62.52 -98.16
CA ASN N 64 30.93 63.97 -98.25
C ASN N 64 30.82 64.60 -96.88
N PHE N 65 29.94 64.03 -96.04
CA PHE N 65 29.81 64.53 -94.68
C PHE N 65 31.09 64.35 -93.90
N LEU N 66 31.77 63.23 -94.13
CA LEU N 66 33.02 63.00 -93.44
C LEU N 66 34.08 64.00 -93.86
N ARG N 67 34.16 64.27 -95.15
CA ARG N 67 35.10 65.26 -95.65
C ARG N 67 34.81 66.63 -95.05
N MET N 68 33.55 67.03 -95.11
CA MET N 68 33.16 68.34 -94.59
C MET N 68 33.43 68.43 -93.10
N SER N 69 33.10 67.37 -92.37
CA SER N 69 33.34 67.35 -90.94
C SER N 69 34.81 67.47 -90.64
N ALA N 70 35.64 66.77 -91.40
CA ALA N 70 37.08 66.83 -91.20
C ALA N 70 37.60 68.24 -91.45
N ARG N 71 37.14 68.86 -92.53
CA ARG N 71 37.56 70.23 -92.82
C ARG N 71 37.16 71.17 -91.71
N VAL N 72 35.93 71.02 -91.23
CA VAL N 72 35.44 71.85 -90.14
C VAL N 72 36.25 71.62 -88.89
N ASP N 73 36.67 70.38 -88.68
CA ASP N 73 37.49 70.07 -87.52
C ASP N 73 38.84 70.75 -87.62
N ALA N 74 39.43 70.72 -88.80
CA ALA N 74 40.70 71.42 -89.01
C ALA N 74 40.54 72.90 -88.72
N VAL N 75 39.46 73.49 -89.20
CA VAL N 75 39.23 74.91 -88.98
C VAL N 75 39.09 75.20 -87.49
N ALA N 76 38.29 74.39 -86.80
CA ALA N 76 38.08 74.57 -85.38
C ALA N 76 39.39 74.43 -84.62
N ALA N 77 40.23 73.52 -85.07
CA ALA N 77 41.52 73.33 -84.42
C ALA N 77 42.40 74.55 -84.60
N ARG N 78 42.44 75.09 -85.81
CA ARG N 78 43.16 76.33 -86.03
C ARG N 78 42.63 77.44 -85.12
N VAL N 79 41.32 77.47 -84.94
CA VAL N 79 40.71 78.51 -84.11
C VAL N 79 41.13 78.34 -82.67
N GLN N 80 41.13 77.11 -82.17
CA GLN N 80 41.55 76.86 -80.81
C GLN N 80 43.00 77.27 -80.63
N THR N 81 43.83 76.94 -81.61
CA THR N 81 45.21 77.38 -81.59
C THR N 81 45.29 78.89 -81.45
N ALA N 82 44.50 79.60 -82.24
CA ALA N 82 44.52 81.05 -82.20
C ALA N 82 44.12 81.57 -80.83
N VAL N 83 43.09 80.95 -80.24
CA VAL N 83 42.59 81.42 -78.97
C VAL N 83 43.62 81.19 -77.88
N THR N 84 44.23 80.02 -77.90
CA THR N 84 45.29 79.74 -76.95
C THR N 84 46.43 80.73 -77.09
N MET N 85 46.82 81.03 -78.33
CA MET N 85 47.87 82.01 -78.55
C MET N 85 47.46 83.37 -78.01
N GLY N 86 46.18 83.70 -78.12
CA GLY N 86 45.72 84.98 -77.58
C GLY N 86 45.81 85.03 -76.07
N LYS N 87 45.38 83.96 -75.41
CA LYS N 87 45.54 83.87 -73.97
C LYS N 87 47.00 84.03 -73.59
N VAL N 88 47.88 83.37 -74.35
CA VAL N 88 49.30 83.45 -74.07
C VAL N 88 49.79 84.88 -74.21
N THR N 89 49.36 85.56 -75.27
CA THR N 89 49.77 86.93 -75.48
C THR N 89 49.32 87.81 -74.34
N LYS N 90 48.11 87.58 -73.85
CA LYS N 90 47.61 88.33 -72.71
C LYS N 90 48.51 88.12 -71.50
N SER N 91 48.72 86.87 -71.14
CA SER N 91 49.57 86.57 -69.99
C SER N 91 50.92 87.21 -70.15
N MET N 92 51.47 87.16 -71.36
CA MET N 92 52.81 87.68 -71.61
C MET N 92 52.84 89.20 -71.48
N ALA N 93 51.80 89.87 -71.95
CA ALA N 93 51.72 91.31 -71.78
C ALA N 93 51.64 91.69 -70.32
N GLY N 94 50.86 90.94 -69.55
CA GLY N 94 50.83 91.17 -68.11
C GLY N 94 52.20 91.01 -67.49
N VAL N 95 52.90 89.95 -67.88
CA VAL N 95 54.25 89.72 -67.36
C VAL N 95 55.15 90.88 -67.76
N VAL N 96 54.98 91.40 -68.96
CA VAL N 96 55.78 92.53 -69.41
C VAL N 96 55.56 93.72 -68.50
N LYS N 97 54.29 94.05 -68.27
CA LYS N 97 53.99 95.15 -67.37
C LYS N 97 54.67 94.96 -66.02
N SER N 98 54.47 93.78 -65.43
CA SER N 98 54.96 93.54 -64.09
C SER N 98 56.48 93.61 -64.04
N MET N 99 57.16 92.99 -65.01
CA MET N 99 58.61 92.96 -65.01
C MET N 99 59.20 94.32 -65.32
N ASP N 100 58.55 95.10 -66.19
CA ASP N 100 59.00 96.45 -66.43
C ASP N 100 58.89 97.27 -65.15
N ALA N 101 57.79 97.11 -64.42
CA ALA N 101 57.65 97.76 -63.12
C ALA N 101 58.80 97.37 -62.20
N THR N 102 59.10 96.08 -62.13
CA THR N 102 60.15 95.61 -61.22
C THR N 102 61.49 96.20 -61.61
N LEU N 103 61.84 96.12 -62.89
CA LEU N 103 63.11 96.67 -63.35
C LEU N 103 63.19 98.17 -63.13
N LYS N 104 62.04 98.86 -63.18
CA LYS N 104 62.04 100.29 -62.87
C LYS N 104 62.30 100.52 -61.40
N THR N 105 61.77 99.65 -60.54
CA THR N 105 61.98 99.79 -59.10
C THR N 105 63.43 99.43 -58.76
N MET N 106 63.84 98.22 -59.11
CA MET N 106 65.16 97.73 -58.78
C MET N 106 66.07 97.75 -59.99
N ASN N 107 67.35 97.99 -59.74
CA ASN N 107 68.35 98.07 -60.78
C ASN N 107 69.58 97.31 -60.32
N LEU N 108 70.60 97.30 -61.17
CA LEU N 108 71.83 96.56 -60.89
C LEU N 108 72.81 97.33 -60.03
N GLU N 109 72.81 98.66 -60.13
CA GLU N 109 73.74 99.44 -59.31
C GLU N 109 73.43 99.27 -57.83
N LYS N 110 72.15 99.15 -57.48
CA LYS N 110 71.79 98.86 -56.10
C LYS N 110 72.36 97.53 -55.65
N ILE N 111 72.31 96.52 -56.53
CA ILE N 111 72.85 95.22 -56.20
C ILE N 111 74.36 95.31 -55.97
N SER N 112 75.05 96.01 -56.88
CA SER N 112 76.49 96.13 -56.75
C SER N 112 76.87 96.87 -55.48
N ALA N 113 76.14 97.94 -55.15
CA ALA N 113 76.41 98.67 -53.93
C ALA N 113 76.18 97.79 -52.71
N LEU N 114 75.09 97.04 -52.70
CA LEU N 114 74.81 96.16 -51.59
C LEU N 114 75.91 95.12 -51.43
N MET N 115 76.39 94.57 -52.53
CA MET N 115 77.41 93.53 -52.45
C MET N 115 78.74 94.11 -52.02
N ASP N 116 79.10 95.29 -52.51
CA ASP N 116 80.33 95.94 -52.06
C ASP N 116 80.26 96.23 -50.58
N LYS N 117 79.11 96.73 -50.12
CA LYS N 117 78.90 96.90 -48.69
C LYS N 117 79.12 95.57 -47.98
N PHE N 118 78.37 94.55 -48.37
CA PHE N 118 78.47 93.25 -47.70
C PHE N 118 79.91 92.82 -47.58
N GLU N 119 80.68 93.01 -48.64
CA GLU N 119 82.09 92.67 -48.61
C GLU N 119 82.82 93.46 -47.55
N HIS N 120 82.62 94.78 -47.53
CA HIS N 120 83.33 95.62 -46.57
C HIS N 120 82.92 95.29 -45.14
N GLN N 121 81.62 95.09 -44.91
CA GLN N 121 81.16 94.77 -43.57
C GLN N 121 81.70 93.43 -43.11
N PHE N 122 81.71 92.45 -43.99
CA PHE N 122 82.24 91.14 -43.61
C PHE N 122 83.74 91.21 -43.40
N GLU N 123 84.44 92.06 -44.14
CA GLU N 123 85.86 92.24 -43.91
C GLU N 123 86.12 92.87 -42.54
N THR N 124 85.34 93.89 -42.19
CA THR N 124 85.47 94.50 -40.87
C THR N 124 85.14 93.50 -39.78
N LEU N 125 84.13 92.66 -40.02
CA LEU N 125 83.75 91.65 -39.05
C LEU N 125 84.84 90.61 -38.90
N ASP N 126 85.47 90.22 -40.00
CA ASP N 126 86.58 89.29 -39.93
C ASP N 126 87.72 89.88 -39.14
N VAL N 127 87.99 91.17 -39.34
CA VAL N 127 89.04 91.85 -38.58
C VAL N 127 88.70 91.85 -37.09
N GLN N 128 87.44 92.16 -36.76
CA GLN N 128 87.03 92.18 -35.36
C GLN N 128 87.17 90.81 -34.74
N THR N 129 86.76 89.77 -35.47
CA THR N 129 86.87 88.41 -34.95
C THR N 129 88.32 88.00 -34.77
N GLN N 130 89.18 88.40 -35.70
CA GLN N 130 90.61 88.10 -35.56
C GLN N 130 91.17 88.80 -34.34
N GLN N 131 90.79 90.05 -34.11
CA GLN N 131 91.23 90.77 -32.92
C GLN N 131 90.75 90.07 -31.66
N MET N 132 89.48 89.65 -31.65
CA MET N 132 88.95 88.94 -30.48
C MET N 132 89.71 87.65 -30.25
N GLU N 133 89.96 86.90 -31.31
CA GLU N 133 90.71 85.66 -31.19
C GLU N 133 92.09 85.92 -30.59
N ASP N 134 92.80 86.91 -31.15
CA ASP N 134 94.13 87.22 -30.65
C ASP N 134 94.08 87.61 -29.18
N THR N 135 93.15 88.47 -28.80
CA THR N 135 93.08 88.93 -27.42
C THR N 135 92.75 87.79 -26.48
N MET N 136 91.69 87.03 -26.79
CA MET N 136 91.27 85.94 -25.92
C MET N 136 92.30 84.82 -25.86
N SER N 137 93.13 84.67 -26.90
CA SER N 137 94.21 83.69 -26.84
C SER N 137 95.39 84.21 -26.03
N SER N 138 95.66 85.52 -26.11
CA SER N 138 96.71 86.10 -25.30
C SER N 138 96.36 86.05 -23.82
N THR N 139 95.08 86.20 -23.49
CA THR N 139 94.67 86.15 -22.09
C THR N 139 94.86 84.74 -21.52
N THR N 140 94.45 83.73 -22.27
CA THR N 140 94.49 82.34 -21.81
C THR N 140 95.78 81.71 -22.29
N THR N 141 96.84 81.84 -21.50
CA THR N 141 98.13 81.27 -21.85
C THR N 141 98.79 80.48 -20.72
N LEU N 142 98.54 80.90 -19.48
CA LEU N 142 99.21 80.26 -18.35
C LEU N 142 98.57 78.92 -18.00
N THR N 143 97.25 78.88 -17.94
CA THR N 143 96.51 77.72 -17.48
C THR N 143 96.29 76.68 -18.57
N THR N 144 97.11 76.70 -19.61
CA THR N 144 97.16 75.60 -20.58
C THR N 144 98.56 75.51 -21.17
N PRO N 145 99.52 74.98 -20.42
CA PRO N 145 100.83 74.70 -21.02
C PRO N 145 100.65 73.74 -22.17
N GLN N 146 101.67 73.68 -23.02
CA GLN N 146 101.61 72.78 -24.16
C GLN N 146 102.06 71.37 -23.80
N ASN N 147 102.96 71.25 -22.84
CA ASN N 147 103.43 69.93 -22.43
C ASN N 147 102.32 69.12 -21.81
N GLN N 148 101.51 69.74 -20.96
CA GLN N 148 100.41 69.01 -20.35
C GLN N 148 99.40 68.58 -21.40
N VAL N 149 99.10 69.46 -22.35
CA VAL N 149 98.16 69.12 -23.39
C VAL N 149 98.70 67.98 -24.25
N ASP N 150 99.98 68.02 -24.56
CA ASP N 150 100.58 66.97 -25.36
C ASP N 150 100.55 65.64 -24.60
N MET N 151 100.86 65.68 -23.32
CA MET N 151 100.83 64.46 -22.52
C MET N 151 99.43 63.89 -22.47
N LEU N 152 98.44 64.75 -22.24
CA LEU N 152 97.06 64.28 -22.19
C LEU N 152 96.62 63.73 -23.53
N LEU N 153 97.00 64.39 -24.61
CA LEU N 153 96.62 63.92 -25.93
C LEU N 153 97.22 62.55 -26.21
N GLN N 154 98.49 62.39 -25.89
CA GLN N 154 99.14 61.10 -26.06
C GLN N 154 98.45 60.05 -25.20
N GLU N 155 98.10 60.41 -23.98
CA GLU N 155 97.47 59.46 -23.07
C GLU N 155 96.12 59.02 -23.58
N MET N 156 95.30 59.98 -23.98
CA MET N 156 93.97 59.66 -24.45
C MET N 156 94.00 58.97 -25.80
N ALA N 157 95.01 59.24 -26.61
CA ALA N 157 95.16 58.55 -27.88
C ALA N 157 95.58 57.11 -27.67
N ASP N 158 96.44 56.88 -26.68
CA ASP N 158 96.79 55.52 -26.30
C ASP N 158 95.60 54.79 -25.72
N GLU N 159 94.78 55.49 -24.94
CA GLU N 159 93.59 54.90 -24.38
C GLU N 159 92.62 54.49 -25.46
N ALA N 160 92.32 55.44 -26.36
CA ALA N 160 91.45 55.13 -27.49
C ALA N 160 92.09 54.10 -28.41
N GLY N 161 93.40 54.26 -28.66
CA GLY N 161 94.12 53.34 -29.51
C GLY N 161 94.48 53.94 -30.85
N LEU N 162 94.80 55.24 -30.85
CA LEU N 162 95.21 55.94 -32.06
C LEU N 162 96.49 56.72 -31.79
N ASP N 163 97.10 57.18 -32.88
CA ASP N 163 98.32 57.98 -32.83
C ASP N 163 98.09 59.30 -33.55
N LEU N 164 98.80 60.32 -33.09
CA LEU N 164 98.73 61.66 -33.67
C LEU N 164 100.04 62.06 -34.32
N SER O 2 50.60 90.31 -56.05
CA SER O 2 51.25 91.19 -57.01
C SER O 2 50.90 90.79 -58.43
N ASN O 3 51.23 91.66 -59.38
CA ASN O 3 51.10 91.27 -60.77
C ASN O 3 51.90 90.02 -61.05
N MET O 4 53.03 89.86 -60.37
CA MET O 4 53.85 88.67 -60.55
C MET O 4 53.07 87.42 -60.20
N GLU O 5 52.37 87.45 -59.07
CA GLU O 5 51.65 86.27 -58.62
C GLU O 5 50.47 85.96 -59.54
N LYS O 6 49.72 86.99 -59.92
CA LYS O 6 48.63 86.80 -60.84
C LYS O 6 49.12 86.22 -62.15
N HIS O 7 50.26 86.71 -62.63
CA HIS O 7 50.80 86.23 -63.89
C HIS O 7 51.30 84.81 -63.74
N LEU O 8 51.85 84.47 -62.59
CA LEU O 8 52.27 83.09 -62.35
C LEU O 8 51.10 82.15 -62.36
N PHE O 9 50.01 82.55 -61.70
CA PHE O 9 48.79 81.76 -61.75
C PHE O 9 48.31 81.60 -63.18
N ASN O 10 48.35 82.69 -63.94
CA ASN O 10 47.92 82.66 -65.33
C ASN O 10 48.78 81.69 -66.13
N LEU O 11 50.08 81.70 -65.89
CA LEU O 11 50.99 80.84 -66.62
C LEU O 11 50.77 79.39 -66.27
N LYS O 12 50.55 79.11 -64.99
CA LYS O 12 50.26 77.76 -64.57
C LYS O 12 48.98 77.26 -65.20
N PHE O 13 47.95 78.10 -65.18
CA PHE O 13 46.70 77.75 -65.84
C PHE O 13 46.93 77.46 -67.31
N ALA O 14 47.74 78.29 -67.96
CA ALA O 14 47.98 78.11 -69.39
C ALA O 14 48.71 76.81 -69.65
N ALA O 15 49.70 76.50 -68.83
CA ALA O 15 50.44 75.25 -69.00
C ALA O 15 49.54 74.06 -68.80
N LYS O 16 48.71 74.09 -67.76
CA LYS O 16 47.79 73.00 -67.51
C LYS O 16 46.81 72.85 -68.67
N GLU O 17 46.36 73.98 -69.20
CA GLU O 17 45.42 73.94 -70.32
C GLU O 17 46.07 73.34 -71.55
N LEU O 18 47.33 73.69 -71.80
CA LEU O 18 48.04 73.12 -72.94
C LEU O 18 48.23 71.63 -72.76
N SER O 19 48.57 71.22 -71.54
CA SER O 19 48.73 69.80 -71.28
C SER O 19 47.42 69.07 -71.52
N ARG O 20 46.32 69.63 -71.04
CA ARG O 20 45.03 68.99 -71.22
C ARG O 20 44.64 68.95 -72.70
N SER O 21 44.97 70.00 -73.44
CA SER O 21 44.67 70.02 -74.86
C SER O 21 45.47 68.95 -75.59
N ALA O 22 46.74 68.82 -75.22
CA ALA O 22 47.55 67.75 -75.80
C ALA O 22 46.97 66.39 -75.47
N LYS O 23 46.51 66.22 -74.23
CA LYS O 23 45.89 64.96 -73.83
C LYS O 23 44.66 64.66 -74.66
N LYS O 24 43.84 65.69 -74.87
CA LYS O 24 42.65 65.52 -75.69
C LYS O 24 43.02 65.16 -77.11
N CYS O 25 44.01 65.84 -77.66
CA CYS O 25 44.46 65.53 -79.01
C CYS O 25 44.94 64.08 -79.09
N ASP O 26 45.63 63.62 -78.05
CA ASP O 26 46.13 62.25 -78.03
C ASP O 26 44.99 61.25 -77.98
N LYS O 27 44.02 61.48 -77.10
CA LYS O 27 42.87 60.60 -77.01
C LYS O 27 42.12 60.56 -78.33
N GLU O 28 41.99 61.72 -78.97
CA GLU O 28 41.32 61.80 -80.25
C GLU O 28 42.09 61.05 -81.32
N GLU O 29 43.41 61.14 -81.29
CA GLU O 29 44.22 60.39 -82.23
C GLU O 29 44.01 58.89 -82.04
N LYS O 30 43.99 58.45 -80.79
CA LYS O 30 43.76 57.03 -80.50
C LYS O 30 42.40 56.61 -81.02
N ALA O 31 41.38 57.41 -80.76
CA ALA O 31 40.03 57.07 -81.21
C ALA O 31 39.96 57.03 -82.73
N GLU O 32 40.65 57.96 -83.40
CA GLU O 32 40.64 57.99 -84.85
C GLU O 32 41.33 56.77 -85.42
N LYS O 33 42.45 56.39 -84.82
CA LYS O 33 43.15 55.19 -85.26
C LYS O 33 42.28 53.96 -85.07
N ALA O 34 41.59 53.90 -83.94
CA ALA O 34 40.64 52.82 -83.70
C ALA O 34 39.60 52.77 -84.79
N LYS O 35 38.95 53.89 -85.06
CA LYS O 35 37.93 53.93 -86.09
C LYS O 35 38.49 53.59 -87.46
N ILE O 36 39.73 53.97 -87.72
CA ILE O 36 40.38 53.58 -88.96
C ILE O 36 40.44 52.08 -89.06
N GLU O 37 40.86 51.43 -87.98
CA GLU O 37 40.89 49.98 -87.97
C GLU O 37 39.52 49.41 -88.23
N LYS O 38 38.53 49.92 -87.52
CA LYS O 38 37.18 49.38 -87.62
C LYS O 38 36.61 49.57 -89.02
N ALA O 39 37.01 50.63 -89.70
CA ALA O 39 36.50 50.92 -91.04
C ALA O 39 37.22 50.09 -92.09
N ILE O 40 38.54 49.99 -91.98
CA ILE O 40 39.31 49.22 -92.94
C ILE O 40 38.94 47.75 -92.83
N GLN O 41 38.67 47.29 -91.60
CA GLN O 41 38.21 45.92 -91.42
C GLN O 41 36.95 45.65 -92.22
N LYS O 42 36.26 46.69 -92.67
CA LYS O 42 35.08 46.55 -93.47
C LYS O 42 35.30 46.94 -94.92
N GLY O 43 36.46 47.48 -95.26
CA GLY O 43 36.76 47.80 -96.63
C GLY O 43 36.48 49.25 -96.95
N ASN O 44 36.99 50.16 -96.13
CA ASN O 44 36.82 51.59 -96.34
C ASN O 44 38.20 52.20 -96.48
N MET O 45 38.45 52.82 -97.63
CA MET O 45 39.68 53.54 -97.85
C MET O 45 39.56 55.00 -97.48
N GLU O 46 38.53 55.66 -98.01
CA GLU O 46 38.42 57.09 -97.84
C GLU O 46 38.27 57.45 -96.37
N VAL O 47 37.48 56.68 -95.63
CA VAL O 47 37.34 56.94 -94.20
C VAL O 47 38.69 56.82 -93.53
N ALA O 48 39.47 55.82 -93.94
CA ALA O 48 40.80 55.65 -93.40
C ALA O 48 41.65 56.87 -93.68
N ARG O 49 41.65 57.34 -94.94
CA ARG O 49 42.41 58.53 -95.28
C ARG O 49 42.00 59.71 -94.43
N ILE O 50 40.69 59.90 -94.27
CA ILE O 50 40.17 61.04 -93.54
C ILE O 50 40.64 61.00 -92.10
N HIS O 51 40.43 59.87 -91.45
CA HIS O 51 40.82 59.73 -90.06
C HIS O 51 42.32 59.87 -89.90
N ALA O 52 43.08 59.41 -90.88
CA ALA O 52 44.53 59.55 -90.82
C ALA O 52 44.93 61.02 -90.88
N GLU O 53 44.29 61.77 -91.77
CA GLU O 53 44.53 63.19 -91.83
C GLU O 53 44.19 63.85 -90.50
N ASN O 54 43.09 63.42 -89.90
CA ASN O 54 42.69 63.95 -88.61
C ASN O 54 43.75 63.67 -87.56
N ALA O 55 44.26 62.44 -87.54
CA ALA O 55 45.28 62.07 -86.58
C ALA O 55 46.55 62.86 -86.78
N ILE O 56 46.92 63.09 -88.04
CA ILE O 56 48.11 63.89 -88.31
C ILE O 56 47.92 65.29 -87.80
N ARG O 57 46.76 65.86 -88.05
CA ARG O 57 46.47 67.21 -87.56
C ARG O 57 46.58 67.25 -86.05
N GLN O 58 45.97 66.27 -85.39
CA GLN O 58 45.98 66.25 -83.94
C GLN O 58 47.40 66.10 -83.41
N LYS O 59 48.21 65.29 -84.08
CA LYS O 59 49.59 65.12 -83.65
C LYS O 59 50.38 66.41 -83.80
N ASN O 60 50.24 67.06 -84.95
CA ASN O 60 50.93 68.31 -85.18
C ASN O 60 50.53 69.34 -84.14
N GLN O 61 49.24 69.39 -83.84
CA GLN O 61 48.73 70.38 -82.89
C GLN O 61 49.19 70.06 -81.49
N ALA O 62 49.23 68.78 -81.14
CA ALA O 62 49.77 68.37 -79.86
C ALA O 62 51.22 68.79 -79.74
N VAL O 63 51.99 68.59 -80.80
CA VAL O 63 53.39 68.97 -80.78
C VAL O 63 53.53 70.47 -80.58
N ASN O 64 52.72 71.23 -81.30
CA ASN O 64 52.80 72.68 -81.18
C ASN O 64 52.44 73.13 -79.78
N PHE O 65 51.40 72.52 -79.21
CA PHE O 65 51.02 72.84 -77.85
C PHE O 65 52.11 72.48 -76.87
N LEU O 66 52.79 71.38 -77.11
CA LEU O 66 53.87 70.98 -76.24
C LEU O 66 55.02 71.97 -76.31
N ARG O 67 55.36 72.40 -77.52
CA ARG O 67 56.41 73.40 -77.68
C ARG O 67 56.05 74.68 -76.96
N MET O 68 54.84 75.17 -77.21
CA MET O 68 54.40 76.42 -76.59
C MET O 68 54.37 76.29 -75.08
N SER O 69 53.87 75.17 -74.58
CA SER O 69 53.83 74.95 -73.14
C SER O 69 55.21 74.95 -72.56
N ALA O 70 56.16 74.31 -73.25
CA ALA O 70 57.52 74.27 -72.75
C ALA O 70 58.13 75.67 -72.71
N ARG O 71 57.90 76.45 -73.75
CA ARG O 71 58.42 77.81 -73.78
C ARG O 71 57.83 78.62 -72.64
N VAL O 72 56.52 78.48 -72.43
CA VAL O 72 55.85 79.19 -71.36
C VAL O 72 56.40 78.75 -70.01
N ASP O 73 56.73 77.47 -69.89
CA ASP O 73 57.30 76.97 -68.66
C ASP O 73 58.67 77.58 -68.40
N ALA O 74 59.47 77.68 -69.45
CA ALA O 74 60.77 78.33 -69.32
C ALA O 74 60.61 79.76 -68.84
N VAL O 75 59.66 80.47 -69.44
CA VAL O 75 59.43 81.86 -69.07
C VAL O 75 59.01 81.95 -67.61
N ALA O 76 58.07 81.12 -67.21
CA ALA O 76 57.60 81.13 -65.84
C ALA O 76 58.72 80.81 -64.88
N ALA O 77 59.61 79.93 -65.29
CA ALA O 77 60.74 79.57 -64.44
C ALA O 77 61.67 80.77 -64.26
N ARG O 78 61.95 81.45 -65.36
CA ARG O 78 62.74 82.68 -65.27
C ARG O 78 62.08 83.67 -64.34
N VAL O 79 60.76 83.76 -64.41
CA VAL O 79 60.03 84.71 -63.57
C VAL O 79 60.16 84.33 -62.11
N GLN O 80 60.01 83.05 -61.80
CA GLN O 80 60.16 82.61 -60.42
C GLN O 80 61.55 82.90 -59.92
N THR O 81 62.55 82.67 -60.77
CA THR O 81 63.91 83.02 -60.42
C THR O 81 64.01 84.50 -60.05
N ALA O 82 63.41 85.34 -60.88
CA ALA O 82 63.46 86.77 -60.64
C ALA O 82 62.81 87.12 -59.32
N VAL O 83 61.67 86.49 -59.02
CA VAL O 83 60.94 86.82 -57.81
C VAL O 83 61.72 86.40 -56.59
N THR O 84 62.31 85.22 -56.65
CA THR O 84 63.15 84.75 -55.56
C THR O 84 64.32 85.68 -55.35
N MET O 85 64.95 86.12 -56.43
CA MET O 85 66.05 87.06 -56.32
C MET O 85 65.59 88.36 -55.69
N GLY O 86 64.36 88.77 -55.98
CA GLY O 86 63.85 90.00 -55.38
C GLY O 86 63.63 89.84 -53.88
N LYS O 87 63.05 88.73 -53.47
CA LYS O 87 62.93 88.43 -52.05
C LYS O 87 64.29 88.47 -51.39
N VAL O 88 65.27 87.88 -52.04
CA VAL O 88 66.62 87.83 -51.49
C VAL O 88 67.16 89.24 -51.34
N THR O 89 66.97 90.07 -52.36
CA THR O 89 67.46 91.43 -52.30
C THR O 89 66.81 92.18 -51.15
N LYS O 90 65.52 91.96 -50.94
CA LYS O 90 64.83 92.58 -49.81
C LYS O 90 65.47 92.17 -48.50
N SER O 91 65.57 90.87 -48.28
CA SER O 91 66.16 90.38 -47.05
C SER O 91 67.55 90.95 -46.85
N MET O 92 68.32 91.04 -47.93
CA MET O 92 69.70 91.51 -47.85
C MET O 92 69.75 92.99 -47.51
N ALA O 93 68.84 93.78 -48.07
CA ALA O 93 68.78 95.19 -47.72
C ALA O 93 68.41 95.37 -46.26
N GLY O 94 67.47 94.58 -45.77
CA GLY O 94 67.17 94.62 -44.34
C GLY O 94 68.39 94.31 -43.50
N VAL O 95 69.12 93.27 -43.90
CA VAL O 95 70.34 92.91 -43.16
C VAL O 95 71.34 94.05 -43.21
N VAL O 96 71.41 94.73 -44.36
CA VAL O 96 72.32 95.86 -44.48
C VAL O 96 71.95 96.92 -43.47
N LYS O 97 70.68 97.30 -43.44
CA LYS O 97 70.23 98.30 -42.47
C LYS O 97 70.62 97.89 -41.06
N SER O 98 70.28 96.66 -40.69
CA SER O 98 70.50 96.22 -39.32
C SER O 98 71.98 96.21 -38.98
N MET O 99 72.81 95.68 -39.88
CA MET O 99 74.23 95.56 -39.59
C MET O 99 74.92 96.92 -39.61
N ASP O 100 74.48 97.83 -40.46
CA ASP O 100 75.00 99.19 -40.42
C ASP O 100 74.66 99.83 -39.09
N ALA O 101 73.44 99.63 -38.62
CA ALA O 101 73.08 100.12 -37.29
C ALA O 101 73.99 99.56 -36.23
N THR O 102 74.24 98.25 -36.27
CA THR O 102 75.07 97.61 -35.26
C THR O 102 76.49 98.17 -35.30
N LEU O 103 77.08 98.25 -36.49
CA LEU O 103 78.43 98.78 -36.62
C LEU O 103 78.49 100.23 -36.18
N LYS O 104 77.41 100.97 -36.35
CA LYS O 104 77.39 102.35 -35.86
C LYS O 104 77.36 102.37 -34.34
N THR O 105 76.64 101.44 -33.74
CA THR O 105 76.59 101.37 -32.28
C THR O 105 77.91 100.89 -31.71
N MET O 106 78.35 99.72 -32.15
CA MET O 106 79.57 99.12 -31.64
C MET O 106 80.70 99.25 -32.65
N ASN O 107 81.91 99.39 -32.12
CA ASN O 107 83.09 99.55 -32.93
C ASN O 107 84.19 98.66 -32.35
N LEU O 108 85.37 98.71 -32.98
CA LEU O 108 86.48 97.86 -32.57
C LEU O 108 87.30 98.46 -31.45
N GLU O 109 87.37 99.80 -31.36
CA GLU O 109 88.13 100.42 -30.28
C GLU O 109 87.54 100.06 -28.93
N LYS O 110 86.21 99.97 -28.85
CA LYS O 110 85.58 99.53 -27.61
C LYS O 110 86.02 98.12 -27.25
N ILE O 111 86.09 97.25 -28.25
CA ILE O 111 86.53 95.87 -28.00
C ILE O 111 87.96 95.85 -27.49
N SER O 112 88.83 96.62 -28.14
CA SER O 112 90.23 96.66 -27.73
C SER O 112 90.37 97.20 -26.32
N ALA O 113 89.62 98.26 -25.99
CA ALA O 113 89.67 98.80 -24.65
C ALA O 113 89.19 97.79 -23.63
N LEU O 114 88.09 97.10 -23.93
CA LEU O 114 87.57 96.10 -23.02
C LEU O 114 88.58 94.99 -22.80
N MET O 115 89.26 94.57 -23.86
CA MET O 115 90.21 93.47 -23.73
C MET O 115 91.45 93.91 -22.97
N ASP O 116 91.93 95.13 -23.22
CA ASP O 116 93.06 95.64 -22.47
C ASP O 116 92.71 95.74 -20.99
N LYS O 117 91.51 96.25 -20.70
CA LYS O 117 91.03 96.23 -19.33
C LYS O 117 91.07 94.82 -18.77
N PHE O 118 90.39 93.89 -19.44
CA PHE O 118 90.30 92.52 -18.94
C PHE O 118 91.69 92.00 -18.61
N GLU O 119 92.65 92.28 -19.48
CA GLU O 119 94.02 91.86 -19.23
C GLU O 119 94.55 92.47 -17.95
N HIS O 120 94.40 93.78 -17.78
CA HIS O 120 94.92 94.44 -16.59
C HIS O 120 94.23 93.96 -15.32
N GLN O 121 92.90 93.81 -15.38
CA GLN O 121 92.17 93.35 -14.21
C GLN O 121 92.57 91.93 -13.84
N PHE O 122 92.73 91.06 -14.83
CA PHE O 122 93.15 89.70 -14.55
C PHE O 122 94.57 89.66 -14.03
N GLU O 123 95.43 90.55 -14.51
CA GLU O 123 96.78 90.63 -13.99
C GLU O 123 96.78 91.05 -12.52
N THR O 124 95.98 92.06 -12.19
CA THR O 124 95.87 92.49 -10.81
C THR O 124 95.30 91.38 -9.95
N LEU O 125 94.33 90.64 -10.48
CA LEU O 125 93.73 89.53 -9.75
C LEU O 125 94.75 88.42 -9.54
N ASP O 126 95.57 88.14 -10.54
CA ASP O 126 96.61 87.15 -10.40
C ASP O 126 97.61 87.57 -9.33
N VAL O 127 97.93 88.86 -9.29
CA VAL O 127 98.83 89.37 -8.26
C VAL O 127 98.21 89.21 -6.89
N GLN O 128 96.92 89.54 -6.75
CA GLN O 128 96.25 89.40 -5.47
C GLN O 128 96.22 87.95 -5.02
N THR O 129 95.94 87.04 -5.96
CA THR O 129 95.90 85.62 -5.63
C THR O 129 97.27 85.11 -5.23
N GLN O 130 98.31 85.58 -5.91
CA GLN O 130 99.67 85.19 -5.54
C GLN O 130 100.01 85.68 -4.15
N GLN O 131 99.62 86.92 -3.83
CA GLN O 131 99.84 87.45 -2.49
C GLN O 131 99.11 86.62 -1.45
N MET O 132 97.85 86.28 -1.74
CA MET O 132 97.08 85.45 -0.81
C MET O 132 97.73 84.10 -0.61
N GLU O 133 98.17 83.48 -1.71
CA GLU O 133 98.85 82.19 -1.61
C GLU O 133 100.09 82.30 -0.73
N ASP O 134 100.91 83.32 -1.00
CA ASP O 134 102.13 83.49 -0.22
C ASP O 134 101.82 83.68 1.25
N THR O 135 100.84 84.53 1.56
CA THR O 135 100.52 84.82 2.95
C THR O 135 99.98 83.58 3.65
N MET O 136 98.98 82.93 3.05
CA MET O 136 98.37 81.76 3.66
C MET O 136 99.33 80.58 3.76
N SER O 137 100.34 80.53 2.89
CA SER O 137 101.37 79.50 3.01
C SER O 137 102.38 79.84 4.09
N SER O 138 102.69 81.13 4.25
CA SER O 138 103.58 81.54 5.33
C SER O 138 102.94 81.32 6.69
N THR O 139 101.63 81.49 6.78
CA THR O 139 100.95 81.28 8.06
C THR O 139 100.99 79.81 8.46
N THR O 140 100.69 78.93 7.50
CA THR O 140 100.61 77.49 7.77
C THR O 140 101.95 76.85 7.46
N THR O 141 102.84 76.83 8.46
CA THR O 141 104.15 76.23 8.28
C THR O 141 104.56 75.27 9.40
N LEU O 142 104.09 75.54 10.62
CA LEU O 142 104.50 74.72 11.75
C LEU O 142 103.77 73.39 11.78
N THR O 143 102.46 73.42 11.58
CA THR O 143 101.61 72.23 11.74
C THR O 143 101.57 71.37 10.49
N THR O 144 102.58 71.47 9.63
CA THR O 144 102.79 70.51 8.55
C THR O 144 104.28 70.42 8.23
N PRO O 145 105.06 69.75 9.07
CA PRO O 145 106.44 69.47 8.70
C PRO O 145 106.47 68.67 7.40
N GLN O 146 107.63 68.67 6.77
CA GLN O 146 107.77 67.93 5.53
C GLN O 146 108.11 66.47 5.78
N ASN O 147 108.80 66.17 6.86
CA ASN O 147 109.14 64.79 7.16
C ASN O 147 107.90 63.96 7.44
N GLN O 148 106.96 64.52 8.20
CA GLN O 148 105.73 63.78 8.48
C GLN O 148 104.94 63.54 7.21
N VAL O 149 104.87 64.55 6.36
CA VAL O 149 104.13 64.40 5.11
C VAL O 149 104.80 63.36 4.23
N ASP O 150 106.12 63.36 4.18
CA ASP O 150 106.84 62.39 3.38
C ASP O 150 106.62 60.99 3.91
N MET O 151 106.67 60.84 5.23
CA MET O 151 106.44 59.53 5.83
C MET O 151 105.05 59.04 5.53
N LEU O 152 104.05 59.91 5.68
CA LEU O 152 102.68 59.52 5.41
C LEU O 152 102.49 59.17 3.96
N LEU O 153 103.10 59.94 3.07
CA LEU O 153 102.97 59.66 1.64
C LEU O 153 103.57 58.32 1.30
N GLN O 154 104.76 58.05 1.83
CA GLN O 154 105.39 56.75 1.61
C GLN O 154 104.52 55.64 2.17
N GLU O 155 103.94 55.86 3.33
CA GLU O 155 103.12 54.84 3.97
C GLU O 155 101.89 54.54 3.15
N MET O 156 101.18 55.58 2.73
CA MET O 156 99.96 55.40 1.98
C MET O 156 100.24 54.89 0.58
N ALA O 157 101.41 55.21 0.03
CA ALA O 157 101.77 54.68 -1.28
C ALA O 157 102.10 53.20 -1.19
N ASP O 158 102.74 52.80 -0.09
CA ASP O 158 102.98 51.39 0.15
C ASP O 158 101.67 50.66 0.39
N GLU O 159 100.74 51.30 1.09
CA GLU O 159 99.44 50.70 1.33
C GLU O 159 98.69 50.50 0.03
N ALA O 160 98.59 51.55 -0.77
CA ALA O 160 97.96 51.45 -2.08
C ALA O 160 98.75 50.52 -2.98
N GLY O 161 100.08 50.63 -2.96
CA GLY O 161 100.92 49.79 -3.77
C GLY O 161 101.56 50.54 -4.92
N LEU O 162 101.91 51.81 -4.69
CA LEU O 162 102.57 52.63 -5.69
C LEU O 162 103.80 53.31 -5.08
N ASP O 163 104.62 53.87 -5.95
CA ASP O 163 105.82 54.59 -5.56
C ASP O 163 105.79 56.00 -6.13
N LEU O 164 106.41 56.91 -5.40
CA LEU O 164 106.49 58.32 -5.79
C LEU O 164 107.92 58.72 -6.12
N SER P 2 64.48 92.08 -32.45
CA SER P 2 65.32 93.06 -33.13
C SER P 2 65.24 92.86 -34.63
N ASN P 3 65.77 93.84 -35.37
CA ASN P 3 65.91 93.65 -36.80
C ASN P 3 66.72 92.41 -37.10
N MET P 4 67.69 92.10 -36.24
CA MET P 4 68.49 90.91 -36.45
C MET P 4 67.63 89.65 -36.42
N GLU P 5 66.72 89.57 -35.46
CA GLU P 5 65.90 88.38 -35.33
C GLU P 5 64.92 88.26 -36.49
N LYS P 6 64.28 89.38 -36.84
CA LYS P 6 63.38 89.37 -37.98
C LYS P 6 64.12 88.95 -39.25
N HIS P 7 65.33 89.45 -39.43
CA HIS P 7 66.10 89.11 -40.61
C HIS P 7 66.52 87.66 -40.59
N LEU P 8 66.82 87.13 -39.40
CA LEU P 8 67.15 85.72 -39.29
C LEU P 8 65.97 84.85 -39.67
N PHE P 9 64.79 85.20 -39.17
CA PHE P 9 63.59 84.49 -39.57
C PHE P 9 63.39 84.57 -41.08
N ASN P 10 63.61 85.75 -41.64
CA ASN P 10 63.46 85.93 -43.08
C ASN P 10 64.43 85.04 -43.84
N LEU P 11 65.66 84.94 -43.35
CA LEU P 11 66.68 84.14 -44.01
C LEU P 11 66.35 82.66 -43.92
N LYS P 12 65.87 82.23 -42.76
CA LYS P 12 65.48 80.84 -42.60
C LYS P 12 64.33 80.51 -43.53
N PHE P 13 63.34 81.39 -43.59
CA PHE P 13 62.24 81.21 -44.52
C PHE P 13 62.73 81.11 -45.94
N ALA P 14 63.67 81.98 -46.31
CA ALA P 14 64.20 81.98 -47.66
C ALA P 14 64.92 80.68 -47.97
N ALA P 15 65.72 80.21 -47.03
CA ALA P 15 66.46 78.97 -47.24
C ALA P 15 65.49 77.80 -47.38
N LYS P 16 64.48 77.74 -46.53
CA LYS P 16 63.50 76.68 -46.62
C LYS P 16 62.76 76.74 -47.95
N GLU P 17 62.46 77.95 -48.39
CA GLU P 17 61.76 78.12 -49.65
C GLU P 17 62.62 77.66 -50.82
N LEU P 18 63.91 77.97 -50.77
CA LEU P 18 64.81 77.53 -51.82
C LEU P 18 64.93 76.02 -51.83
N SER P 19 65.01 75.42 -50.64
CA SER P 19 65.07 73.97 -50.57
C SER P 19 63.82 73.35 -51.14
N ARG P 20 62.66 73.91 -50.81
CA ARG P 20 61.42 73.37 -51.33
C ARG P 20 61.32 73.55 -52.83
N SER P 21 61.82 74.68 -53.34
CA SER P 21 61.81 74.91 -54.78
C SER P 21 62.70 73.91 -55.49
N ALA P 22 63.86 73.65 -54.92
CA ALA P 22 64.75 72.63 -55.47
C ALA P 22 64.09 71.27 -55.45
N LYS P 23 63.38 70.96 -54.37
CA LYS P 23 62.66 69.69 -54.29
C LYS P 23 61.61 69.58 -55.37
N LYS P 24 60.87 70.67 -55.58
CA LYS P 24 59.86 70.68 -56.62
C LYS P 24 60.50 70.50 -57.98
N CYS P 25 61.61 71.19 -58.23
CA CYS P 25 62.30 71.03 -59.50
C CYS P 25 62.75 69.60 -59.69
N ASP P 26 63.19 68.96 -58.62
CA ASP P 26 63.65 67.58 -58.71
C ASP P 26 62.49 66.64 -59.02
N LYS P 27 61.38 66.80 -58.31
CA LYS P 27 60.21 65.98 -58.57
C LYS P 27 59.74 66.17 -60.00
N GLU P 28 59.77 67.39 -60.48
CA GLU P 28 59.35 67.69 -61.84
C GLU P 28 60.30 67.05 -62.84
N GLU P 29 61.59 67.07 -62.55
CA GLU P 29 62.54 66.41 -63.41
C GLU P 29 62.26 64.92 -63.48
N LYS P 30 61.99 64.31 -62.34
CA LYS P 30 61.67 62.89 -62.31
C LYS P 30 60.42 62.60 -63.13
N ALA P 31 59.39 63.42 -62.97
CA ALA P 31 58.16 63.23 -63.71
C ALA P 31 58.39 63.40 -65.20
N GLU P 32 59.22 64.36 -65.58
CA GLU P 32 59.49 64.59 -66.98
C GLU P 32 60.25 63.42 -67.58
N LYS P 33 61.22 62.91 -66.85
CA LYS P 33 61.95 61.74 -67.31
C LYS P 33 61.03 60.54 -67.47
N ALA P 34 60.13 60.37 -66.50
CA ALA P 34 59.13 59.32 -66.62
C ALA P 34 58.32 59.48 -67.89
N LYS P 35 57.76 60.66 -68.11
CA LYS P 35 56.97 60.90 -69.30
C LYS P 35 57.77 60.71 -70.56
N ILE P 36 59.06 61.06 -70.53
CA ILE P 36 59.92 60.82 -71.67
C ILE P 36 59.96 59.33 -71.97
N GLU P 37 60.14 58.52 -70.94
CA GLU P 37 60.14 57.08 -71.13
C GLU P 37 58.82 56.63 -71.73
N LYS P 38 57.72 57.08 -71.15
CA LYS P 38 56.41 56.64 -71.59
C LYS P 38 56.13 57.06 -73.02
N ALA P 39 56.69 58.18 -73.45
CA ALA P 39 56.46 58.67 -74.81
C ALA P 39 57.34 57.96 -75.81
N ILE P 40 58.61 57.77 -75.47
CA ILE P 40 59.53 57.10 -76.36
C ILE P 40 59.12 55.64 -76.54
N GLN P 41 58.59 55.04 -75.47
CA GLN P 41 58.07 53.69 -75.58
C GLN P 41 56.99 53.60 -76.64
N LYS P 42 56.43 54.72 -77.04
CA LYS P 42 55.42 54.75 -78.08
C LYS P 42 55.92 55.33 -79.38
N GLY P 43 57.15 55.84 -79.41
CA GLY P 43 57.72 56.34 -80.64
C GLY P 43 57.55 57.83 -80.80
N ASN P 44 57.91 58.59 -79.77
CA ASN P 44 57.84 60.04 -79.80
C ASN P 44 59.23 60.59 -79.58
N MET P 45 59.71 61.35 -80.56
CA MET P 45 60.99 62.02 -80.43
C MET P 45 60.83 63.42 -79.89
N GLU P 46 59.95 64.20 -80.51
CA GLU P 46 59.84 65.60 -80.14
C GLU P 46 59.42 65.77 -78.70
N VAL P 47 58.48 64.94 -78.25
CA VAL P 47 58.07 65.01 -76.84
C VAL P 47 59.25 64.73 -75.96
N ALA P 48 60.06 63.76 -76.36
CA ALA P 48 61.26 63.43 -75.60
C ALA P 48 62.19 64.64 -75.54
N ARG P 49 62.44 65.27 -76.68
CA ARG P 49 63.29 66.45 -76.69
C ARG P 49 62.74 67.53 -75.78
N ILE P 50 61.45 67.77 -75.85
CA ILE P 50 60.82 68.83 -75.07
C ILE P 50 61.00 68.56 -73.59
N HIS P 51 60.63 67.36 -73.16
CA HIS P 51 60.73 67.02 -71.76
C HIS P 51 62.18 67.05 -71.29
N ALA P 52 63.11 66.68 -72.17
CA ALA P 52 64.52 66.74 -71.82
C ALA P 52 64.96 68.17 -71.60
N GLU P 53 64.53 69.07 -72.47
CA GLU P 53 64.81 70.48 -72.27
C GLU P 53 64.25 70.96 -70.95
N ASN P 54 63.03 70.53 -70.63
CA ASN P 54 62.40 70.89 -69.38
C ASN P 54 63.22 70.41 -68.20
N ALA P 55 63.68 69.16 -68.27
CA ALA P 55 64.48 68.61 -67.19
C ALA P 55 65.79 69.36 -67.04
N ILE P 56 66.41 69.72 -68.15
CA ILE P 56 67.65 70.48 -68.07
C ILE P 56 67.41 71.82 -67.40
N ARG P 57 66.33 72.49 -67.79
CA ARG P 57 66.00 73.76 -67.17
C ARG P 57 65.80 73.59 -65.68
N GLN P 58 65.05 72.57 -65.29
CA GLN P 58 64.77 72.34 -63.89
C GLN P 58 66.05 72.05 -63.12
N LYS P 59 66.96 71.29 -63.73
CA LYS P 59 68.23 70.99 -63.08
C LYS P 59 69.05 72.24 -62.89
N ASN P 60 69.16 73.04 -63.94
CA ASN P 60 69.93 74.28 -63.85
C ASN P 60 69.35 75.18 -62.77
N GLN P 61 68.03 75.27 -62.71
CA GLN P 61 67.37 76.12 -61.76
C GLN P 61 67.53 75.60 -60.35
N ALA P 62 67.47 74.28 -60.19
CA ALA P 62 67.74 73.67 -58.90
C ALA P 62 69.15 73.99 -58.44
N VAL P 63 70.10 73.90 -59.35
CA VAL P 63 71.49 74.20 -59.02
C VAL P 63 71.63 75.64 -58.58
N ASN P 64 71.00 76.54 -59.32
CA ASN P 64 71.09 77.95 -58.98
C ASN P 64 70.47 78.23 -57.62
N PHE P 65 69.33 77.60 -57.35
CA PHE P 65 68.69 77.77 -56.06
C PHE P 65 69.56 77.21 -54.95
N LEU P 66 70.25 76.11 -55.23
CA LEU P 66 71.13 75.54 -54.22
C LEU P 66 72.29 76.46 -53.93
N ARG P 67 72.87 77.04 -54.97
CA ARG P 67 73.96 77.99 -54.79
C ARG P 67 73.49 79.19 -53.97
N MET P 68 72.37 79.76 -54.37
CA MET P 68 71.86 80.93 -53.68
C MET P 68 71.53 80.62 -52.24
N SER P 69 70.91 79.46 -52.00
CA SER P 69 70.57 79.05 -50.65
C SER P 69 71.83 78.89 -49.82
N ALA P 70 72.86 78.30 -50.39
CA ALA P 70 74.10 78.12 -49.67
C ALA P 70 74.73 79.46 -49.31
N ARG P 71 74.74 80.39 -50.25
CA ARG P 71 75.28 81.71 -49.98
C ARG P 71 74.50 82.39 -48.87
N VAL P 72 73.18 82.29 -48.94
CA VAL P 72 72.33 82.88 -47.92
C VAL P 72 72.59 82.24 -46.57
N ASP P 73 72.85 80.94 -46.58
CA ASP P 73 73.15 80.24 -45.35
C ASP P 73 74.45 80.73 -44.75
N ALA P 74 75.46 80.93 -45.60
CA ALA P 74 76.72 81.48 -45.13
C ALA P 74 76.51 82.85 -44.49
N VAL P 75 75.72 83.68 -45.15
CA VAL P 75 75.45 85.02 -44.63
C VAL P 75 74.76 84.93 -43.29
N ALA P 76 73.74 84.10 -43.20
CA ALA P 76 73.00 83.96 -41.95
C ALA P 76 73.90 83.44 -40.85
N ALA P 77 74.84 82.57 -41.20
CA ALA P 77 75.76 82.05 -40.21
C ALA P 77 76.67 83.15 -39.69
N ARG P 78 77.19 83.97 -40.60
CA ARG P 78 77.97 85.12 -40.19
C ARG P 78 77.17 86.02 -39.26
N VAL P 79 75.89 86.18 -39.57
CA VAL P 79 75.04 87.04 -38.77
C VAL P 79 74.86 86.47 -37.37
N GLN P 80 74.63 85.17 -37.29
CA GLN P 80 74.49 84.53 -35.99
C GLN P 80 75.77 84.68 -35.18
N THR P 81 76.91 84.52 -35.85
CA THR P 81 78.19 84.74 -35.20
C THR P 81 78.24 86.14 -34.62
N ALA P 82 77.84 87.12 -35.42
CA ALA P 82 77.88 88.50 -34.96
C ALA P 82 76.99 88.71 -33.75
N VAL P 83 75.80 88.11 -33.77
CA VAL P 83 74.85 88.30 -32.69
C VAL P 83 75.38 87.67 -31.41
N THR P 84 75.93 86.48 -31.53
CA THR P 84 76.52 85.82 -30.39
C THR P 84 77.66 86.66 -29.82
N MET P 85 78.49 87.20 -30.70
CA MET P 85 79.58 88.06 -30.23
C MET P 85 79.03 89.28 -29.52
N GLY P 86 77.90 89.80 -29.98
CA GLY P 86 77.31 90.95 -29.31
C GLY P 86 76.81 90.61 -27.92
N LYS P 87 76.12 89.48 -27.81
CA LYS P 87 75.71 89.00 -26.49
C LYS P 87 76.92 88.88 -25.57
N VAL P 88 78.00 88.31 -26.11
CA VAL P 88 79.21 88.13 -25.33
C VAL P 88 79.76 89.47 -24.88
N THR P 89 79.78 90.44 -25.78
CA THR P 89 80.29 91.75 -25.43
C THR P 89 79.45 92.38 -24.33
N LYS P 90 78.13 92.19 -24.41
CA LYS P 90 77.26 92.69 -23.36
C LYS P 90 77.61 92.07 -22.01
N SER P 91 77.62 90.75 -21.97
CA SER P 91 77.96 90.06 -20.73
C SER P 91 79.30 90.53 -20.20
N MET P 92 80.27 90.72 -21.08
CA MET P 92 81.61 91.10 -20.67
C MET P 92 81.63 92.51 -20.11
N ALA P 93 80.87 93.42 -20.72
CA ALA P 93 80.78 94.77 -20.20
C ALA P 93 80.14 94.78 -18.82
N GLY P 94 79.10 93.96 -18.63
CA GLY P 94 78.53 93.83 -17.30
C GLY P 94 79.55 93.34 -16.30
N VAL P 95 80.32 92.34 -16.69
CA VAL P 95 81.35 91.81 -15.81
C VAL P 95 82.37 92.89 -15.49
N VAL P 96 82.69 93.71 -16.48
CA VAL P 96 83.64 94.80 -16.27
C VAL P 96 83.11 95.74 -15.20
N LYS P 97 81.87 96.17 -15.36
CA LYS P 97 81.25 97.05 -14.37
C LYS P 97 81.36 96.43 -12.98
N SER P 98 80.91 95.18 -12.86
CA SER P 98 80.85 94.54 -11.55
C SER P 98 82.24 94.40 -10.94
N MET P 99 83.21 93.96 -11.73
CA MET P 99 84.55 93.73 -11.20
C MET P 99 85.25 95.03 -10.89
N ASP P 100 85.01 96.08 -11.67
CA ASP P 100 85.55 97.38 -11.33
C ASP P 100 84.98 97.87 -10.02
N ALA P 101 83.68 97.67 -9.82
CA ALA P 101 83.08 97.99 -8.53
C ALA P 101 83.76 97.24 -7.40
N THR P 102 83.96 95.93 -7.59
CA THR P 102 84.56 95.12 -6.55
C THR P 102 85.98 95.60 -6.23
N LEU P 103 86.79 95.80 -7.26
CA LEU P 103 88.16 96.27 -7.05
C LEU P 103 88.18 97.65 -6.40
N LYS P 104 87.17 98.47 -6.66
CA LYS P 104 87.09 99.75 -5.99
C LYS P 104 86.76 99.58 -4.52
N THR P 105 85.91 98.61 -4.20
CA THR P 105 85.57 98.35 -2.81
C THR P 105 86.74 97.73 -2.08
N MET P 106 87.23 96.61 -2.58
CA MET P 106 88.30 95.86 -1.94
C MET P 106 89.61 96.07 -2.69
N ASN P 107 90.70 96.07 -1.93
CA ASN P 107 92.03 96.28 -2.46
C ASN P 107 92.96 95.26 -1.83
N LEU P 108 94.24 95.33 -2.20
CA LEU P 108 95.23 94.38 -1.72
C LEU P 108 95.82 94.77 -0.38
N GLU P 109 95.91 96.07 -0.09
CA GLU P 109 96.46 96.49 1.20
C GLU P 109 95.60 95.99 2.35
N LYS P 110 94.29 95.97 2.15
CA LYS P 110 93.41 95.40 3.17
C LYS P 110 93.74 93.93 3.40
N ILE P 111 93.99 93.19 2.32
CA ILE P 111 94.32 91.77 2.44
C ILE P 111 95.62 91.62 3.21
N SER P 112 96.63 92.41 2.86
CA SER P 112 97.92 92.32 3.52
C SER P 112 97.80 92.66 5.00
N ALA P 113 97.02 93.69 5.33
CA ALA P 113 96.83 94.06 6.72
C ALA P 113 96.12 92.94 7.47
N LEU P 114 95.09 92.36 6.87
CA LEU P 114 94.37 91.27 7.52
C LEU P 114 95.29 90.08 7.75
N MET P 115 96.15 89.77 6.79
CA MET P 115 97.03 88.62 6.95
C MET P 115 98.11 88.88 7.98
N ASP P 116 98.65 90.09 8.01
CA ASP P 116 99.64 90.43 9.03
C ASP P 116 99.00 90.36 10.41
N LYS P 117 97.79 90.88 10.54
CA LYS P 117 97.03 90.70 11.78
C LYS P 117 96.93 89.23 12.12
N PHE P 118 96.37 88.44 11.20
CA PHE P 118 96.15 87.02 11.47
C PHE P 118 97.42 86.38 11.99
N GLU P 119 98.55 86.72 11.37
CA GLU P 119 99.83 86.20 11.81
C GLU P 119 100.11 86.60 13.24
N HIS P 120 99.97 87.89 13.56
CA HIS P 120 100.27 88.35 14.91
C HIS P 120 99.32 87.73 15.94
N GLN P 121 98.03 87.66 15.62
CA GLN P 121 97.07 87.08 16.55
C GLN P 121 97.36 85.61 16.78
N PHE P 122 97.69 84.88 15.71
CA PHE P 122 98.00 83.48 15.87
C PHE P 122 99.30 83.28 16.64
N GLU P 123 100.25 84.19 16.47
CA GLU P 123 101.47 84.11 17.24
C GLU P 123 101.20 84.33 18.72
N THR P 124 100.38 85.33 19.04
CA THR P 124 100.00 85.57 20.43
C THR P 124 99.24 84.39 20.99
N LEU P 125 98.37 83.78 20.19
CA LEU P 125 97.63 82.61 20.62
C LEU P 125 98.54 81.43 20.86
N ASP P 126 99.54 81.26 19.99
CA ASP P 126 100.52 80.19 20.20
C ASP P 126 101.28 80.41 21.49
N VAL P 127 101.64 81.66 21.77
CA VAL P 127 102.33 81.97 23.01
C VAL P 127 101.44 81.65 24.20
N GLN P 128 100.16 82.04 24.13
CA GLN P 128 99.25 81.76 25.23
C GLN P 128 99.09 80.26 25.45
N THR P 129 98.98 79.52 24.37
CA THR P 129 98.83 78.07 24.47
C THR P 129 100.09 77.43 25.04
N GLN P 130 101.26 77.93 24.65
CA GLN P 130 102.50 77.42 25.21
C GLN P 130 102.57 77.70 26.70
N GLN P 131 102.17 78.91 27.11
CA GLN P 131 102.12 79.23 28.52
C GLN P 131 101.18 78.31 29.28
N MET P 132 99.99 78.08 28.72
CA MET P 132 99.04 77.18 29.35
C MET P 132 99.60 75.78 29.46
N GLU P 133 100.23 75.29 28.40
CA GLU P 133 100.84 73.97 28.44
C GLU P 133 101.88 73.89 29.54
N ASP P 134 102.77 74.88 29.59
CA ASP P 134 103.82 74.88 30.60
C ASP P 134 103.23 74.88 32.00
N THR P 135 102.24 75.74 32.24
CA THR P 135 101.65 75.85 33.57
C THR P 135 100.95 74.56 33.96
N MET P 136 100.07 74.05 33.10
CA MET P 136 99.32 72.84 33.40
C MET P 136 100.21 71.61 33.50
N SER P 137 101.37 71.62 32.85
CA SER P 137 102.32 70.52 33.01
C SER P 137 103.11 70.66 34.31
N SER P 138 103.42 71.90 34.71
CA SER P 138 104.10 72.11 35.98
C SER P 138 103.20 71.74 37.15
N THR P 139 101.90 71.98 37.02
CA THR P 139 100.97 71.64 38.09
C THR P 139 100.89 70.12 38.27
N THR P 140 100.77 69.39 37.17
CA THR P 140 100.59 67.93 37.20
C THR P 140 101.95 67.27 37.07
N THR P 141 102.63 67.06 38.20
CA THR P 141 103.94 66.42 38.18
C THR P 141 104.08 65.30 39.21
N LEU P 142 103.39 65.43 40.34
CA LEU P 142 103.55 64.44 41.40
C LEU P 142 102.79 63.15 41.10
N THR P 143 101.54 63.29 40.66
CA THR P 143 100.65 62.15 40.49
C THR P 143 100.83 61.46 39.14
N THR P 144 102.00 61.63 38.51
CA THR P 144 102.40 60.81 37.36
C THR P 144 103.90 60.68 37.32
N PRO P 145 104.48 59.85 38.19
CA PRO P 145 105.91 59.55 38.06
C PRO P 145 106.17 58.95 36.69
N GLN P 146 107.44 58.97 36.29
CA GLN P 146 107.79 58.40 35.00
C GLN P 146 108.02 56.90 35.10
N ASN P 147 108.49 56.42 36.24
CA ASN P 147 108.73 54.99 36.41
C ASN P 147 107.43 54.21 36.31
N GLN P 148 106.38 54.70 36.95
CA GLN P 148 105.11 54.00 36.89
C GLN P 148 104.56 53.98 35.48
N VAL P 149 104.69 55.10 34.77
CA VAL P 149 104.21 55.16 33.39
C VAL P 149 105.01 54.20 32.52
N ASP P 150 106.32 54.16 32.73
CA ASP P 150 107.15 53.26 31.93
C ASP P 150 106.79 51.82 32.21
N MET P 151 106.57 51.48 33.48
CA MET P 151 106.20 50.13 33.83
C MET P 151 104.88 49.75 33.20
N LEU P 152 103.91 50.65 33.28
CA LEU P 152 102.59 50.37 32.71
C LEU P 152 102.69 50.23 31.20
N LEU P 153 103.49 51.08 30.57
CA LEU P 153 103.63 51.01 29.12
C LEU P 153 104.25 49.69 28.71
N GLN P 154 105.31 49.29 29.41
CA GLN P 154 105.93 48.00 29.13
C GLN P 154 104.93 46.87 29.34
N GLU P 155 104.14 46.96 30.40
CA GLU P 155 103.18 45.91 30.72
C GLU P 155 102.13 45.79 29.64
N MET P 156 101.55 46.93 29.26
CA MET P 156 100.49 46.92 28.26
C MET P 156 101.02 46.59 26.88
N ALA P 157 102.29 46.91 26.62
CA ALA P 157 102.89 46.55 25.34
C ALA P 157 103.16 45.06 25.28
N ASP P 158 103.56 44.48 26.40
CA ASP P 158 103.70 43.03 26.48
C ASP P 158 102.35 42.34 26.36
N GLU P 159 101.32 42.93 26.95
CA GLU P 159 99.99 42.37 26.85
C GLU P 159 99.50 42.40 25.42
N ALA P 160 99.59 43.56 24.77
CA ALA P 160 99.22 43.67 23.37
C ALA P 160 100.15 42.83 22.50
N GLY P 161 101.45 42.86 22.80
CA GLY P 161 102.41 42.10 22.05
C GLY P 161 103.28 42.96 21.16
N LEU P 162 103.61 44.17 21.63
CA LEU P 162 104.48 45.08 20.91
C LEU P 162 105.58 45.59 21.83
N ASP P 163 106.58 46.23 21.22
CA ASP P 163 107.69 46.81 21.94
C ASP P 163 107.81 48.29 21.59
N LEU P 164 108.31 49.06 22.55
CA LEU P 164 108.50 50.49 22.38
C LEU P 164 109.97 50.86 22.39
N SER Q 2 73.82 90.30 -7.06
CA SER Q 2 74.82 91.29 -7.43
C SER Q 2 75.04 91.30 -8.93
N ASN Q 3 75.74 92.32 -9.42
CA ASN Q 3 76.15 92.30 -10.81
C ASN Q 3 76.95 91.05 -11.12
N MET Q 4 77.72 90.57 -10.14
CA MET Q 4 78.49 89.35 -10.35
C MET Q 4 77.59 88.17 -10.65
N GLU Q 5 76.51 88.04 -9.90
CA GLU Q 5 75.62 86.90 -10.09
C GLU Q 5 74.88 86.99 -11.42
N LYS Q 6 74.38 88.17 -11.74
CA LYS Q 6 73.73 88.37 -13.02
C LYS Q 6 74.67 88.06 -14.17
N HIS Q 7 75.92 88.50 -14.04
CA HIS Q 7 76.89 88.25 -15.09
C HIS Q 7 77.24 86.78 -15.18
N LEU Q 8 77.27 86.09 -14.04
CA LEU Q 8 77.51 84.65 -14.06
C LEU Q 8 76.39 83.93 -14.77
N PHE Q 9 75.16 84.29 -14.46
CA PHE Q 9 74.02 83.73 -15.17
C PHE Q 9 74.13 84.00 -16.66
N ASN Q 10 74.51 85.23 -17.01
CA ASN Q 10 74.66 85.59 -18.42
C ASN Q 10 75.72 84.73 -19.09
N LEU Q 11 76.82 84.50 -18.39
CA LEU Q 11 77.91 83.71 -18.95
C LEU Q 11 77.51 82.26 -19.12
N LYS Q 12 76.79 81.72 -18.14
CA LYS Q 12 76.31 80.36 -18.25
C LYS Q 12 75.35 80.22 -19.41
N PHE Q 13 74.43 81.17 -19.54
CA PHE Q 13 73.53 81.17 -20.68
C PHE Q 13 74.30 81.22 -21.99
N ALA Q 14 75.33 82.06 -22.05
CA ALA Q 14 76.11 82.19 -23.26
C ALA Q 14 76.83 80.89 -23.60
N ALA Q 15 77.41 80.26 -22.59
CA ALA Q 15 78.11 79.00 -22.83
C ALA Q 15 77.15 77.93 -23.30
N LYS Q 16 75.98 77.84 -22.68
CA LYS Q 16 74.99 76.86 -23.10
C LYS Q 16 74.53 77.14 -24.52
N GLU Q 17 74.37 78.41 -24.85
CA GLU Q 17 73.95 78.77 -26.19
C GLU Q 17 75.00 78.40 -27.21
N LEU Q 18 76.27 78.63 -26.88
CA LEU Q 18 77.34 78.25 -27.79
C LEU Q 18 77.38 76.75 -27.98
N SER Q 19 77.21 76.00 -26.89
CA SER Q 19 77.19 74.56 -26.99
C SER Q 19 76.06 74.10 -27.88
N ARG Q 20 74.88 74.69 -27.70
CA ARG Q 20 73.74 74.30 -28.52
C ARG Q 20 73.95 74.68 -29.97
N SER Q 21 74.58 75.82 -30.22
CA SER Q 21 74.86 76.23 -31.59
C SER Q 21 75.84 75.27 -32.24
N ALA Q 22 76.86 74.86 -31.50
CA ALA Q 22 77.78 73.86 -32.01
C ALA Q 22 77.06 72.55 -32.29
N LYS Q 23 76.16 72.16 -31.42
CA LYS Q 23 75.38 70.94 -31.64
C LYS Q 23 74.56 71.05 -32.91
N LYS Q 24 73.93 72.19 -33.11
CA LYS Q 24 73.15 72.40 -34.32
C LYS Q 24 74.03 72.33 -35.54
N CYS Q 25 75.19 72.98 -35.48
CA CYS Q 25 76.11 72.94 -36.61
C CYS Q 25 76.52 71.51 -36.90
N ASP Q 26 76.72 70.71 -35.86
CA ASP Q 26 77.12 69.32 -36.04
C ASP Q 26 76.01 68.51 -36.69
N LYS Q 27 74.80 68.66 -36.19
CA LYS Q 27 73.66 67.96 -36.77
C LYS Q 27 73.49 68.35 -38.23
N GLU Q 28 73.67 69.63 -38.52
CA GLU Q 28 73.55 70.11 -39.89
C GLU Q 28 74.64 69.55 -40.77
N GLU Q 29 75.85 69.44 -40.24
CA GLU Q 29 76.93 68.81 -40.98
C GLU Q 29 76.59 67.37 -41.31
N LYS Q 30 76.07 66.65 -40.32
CA LYS Q 30 75.69 65.26 -40.55
C LYS Q 30 74.63 65.16 -41.62
N ALA Q 31 73.62 66.02 -41.54
CA ALA Q 31 72.55 66.00 -42.53
C ALA Q 31 73.08 66.34 -43.91
N GLU Q 32 74.00 67.29 -43.99
CA GLU Q 32 74.56 67.66 -45.28
C GLU Q 32 75.38 66.53 -45.88
N LYS Q 33 76.15 65.86 -45.04
CA LYS Q 33 76.92 64.72 -45.52
C LYS Q 33 75.99 63.61 -46.00
N ALA Q 34 74.91 63.39 -45.25
CA ALA Q 34 73.91 62.43 -45.69
C ALA Q 34 73.38 62.79 -47.07
N LYS Q 35 72.92 64.04 -47.22
CA LYS Q 35 72.38 64.47 -48.51
C LYS Q 35 73.42 64.39 -49.61
N ILE Q 36 74.68 64.64 -49.28
CA ILE Q 36 75.74 64.47 -50.26
C ILE Q 36 75.78 63.04 -50.74
N GLU Q 37 75.71 62.09 -49.81
CA GLU Q 37 75.69 60.70 -50.19
C GLU Q 37 74.50 60.41 -51.08
N LYS Q 38 73.32 60.87 -50.67
CA LYS Q 38 72.11 60.57 -51.40
C LYS Q 38 72.13 61.18 -52.80
N ALA Q 39 72.82 62.31 -52.96
CA ALA Q 39 72.87 62.97 -54.26
C ALA Q 39 73.92 62.33 -55.16
N ILE Q 40 75.08 62.02 -54.61
CA ILE Q 40 76.13 61.39 -55.40
C ILE Q 40 75.70 60.00 -55.84
N GLN Q 41 74.95 59.32 -54.99
CA GLN Q 41 74.39 58.02 -55.37
C GLN Q 41 73.54 58.14 -56.61
N LYS Q 42 73.12 59.34 -56.97
CA LYS Q 42 72.33 59.57 -58.15
C LYS Q 42 73.11 60.26 -59.26
N GLY Q 43 74.34 60.69 -58.98
CA GLY Q 43 75.17 61.29 -59.99
C GLY Q 43 75.09 62.80 -59.98
N ASN Q 44 75.27 63.41 -58.81
CA ASN Q 44 75.27 64.85 -58.66
C ASN Q 44 76.61 65.27 -58.11
N MET Q 45 77.31 66.11 -58.87
CA MET Q 45 78.57 66.67 -58.42
C MET Q 45 78.37 68.01 -57.74
N GLU Q 46 77.66 68.91 -58.39
CA GLU Q 46 77.54 70.26 -57.87
C GLU Q 46 76.85 70.28 -56.53
N VAL Q 47 75.80 69.47 -56.38
CA VAL Q 47 75.13 69.39 -55.09
C VAL Q 47 76.11 68.92 -54.03
N ALA Q 48 76.93 67.94 -54.39
CA ALA Q 48 77.94 67.46 -53.47
C ALA Q 48 78.90 68.58 -53.07
N ARG Q 49 79.38 69.33 -54.06
CA ARG Q 49 80.28 70.45 -53.75
C ARG Q 49 79.61 71.43 -52.82
N ILE Q 50 78.36 71.77 -53.11
CA ILE Q 50 77.65 72.76 -52.32
C ILE Q 50 77.51 72.31 -50.88
N HIS Q 51 77.01 71.09 -50.70
CA HIS Q 51 76.83 70.57 -49.37
C HIS Q 51 78.15 70.45 -48.64
N ALA Q 52 79.21 70.13 -49.36
CA ALA Q 52 80.53 70.04 -48.75
C ALA Q 52 80.99 71.40 -48.24
N GLU Q 53 80.77 72.43 -49.05
CA GLU Q 53 81.07 73.79 -48.62
C GLU Q 53 80.27 74.14 -47.38
N ASN Q 54 79.01 73.74 -47.37
CA ASN Q 54 78.16 74.00 -46.22
C ASN Q 54 78.71 73.33 -44.98
N ALA Q 55 79.12 72.07 -45.12
CA ALA Q 55 79.66 71.32 -44.00
C ALA Q 55 80.95 71.96 -43.50
N ILE Q 56 81.79 72.42 -44.41
CA ILE Q 56 83.03 73.07 -44.00
C ILE Q 56 82.71 74.33 -43.22
N ARG Q 57 81.76 75.11 -43.71
CA ARG Q 57 81.37 76.32 -43.00
C ARG Q 57 80.87 75.99 -41.60
N GLN Q 58 80.02 74.97 -41.51
CA GLN Q 58 79.46 74.60 -40.23
C GLN Q 58 80.54 74.12 -39.27
N LYS Q 59 81.52 73.40 -39.80
CA LYS Q 59 82.62 72.93 -38.98
C LYS Q 59 83.44 74.09 -38.46
N ASN Q 60 83.80 75.01 -39.35
CA ASN Q 60 84.58 76.16 -38.95
C ASN Q 60 83.84 76.96 -37.89
N GLN Q 61 82.55 77.13 -38.08
CA GLN Q 61 81.74 77.91 -37.15
C GLN Q 61 81.60 77.20 -35.82
N ALA Q 62 81.46 75.88 -35.86
CA ALA Q 62 81.43 75.10 -34.63
C ALA Q 62 82.73 75.26 -33.88
N VAL Q 63 83.85 75.22 -34.60
CA VAL Q 63 85.15 75.38 -33.96
C VAL Q 63 85.26 76.75 -33.32
N ASN Q 64 84.84 77.77 -34.04
CA ASN Q 64 84.92 79.12 -33.51
C ASN Q 64 84.06 79.27 -32.27
N PHE Q 65 82.86 78.70 -32.30
CA PHE Q 65 81.98 78.73 -31.15
C PHE Q 65 82.60 78.00 -29.98
N LEU Q 66 83.28 76.89 -30.26
CA LEU Q 66 83.91 76.14 -29.19
C LEU Q 66 85.03 76.94 -28.56
N ARG Q 67 85.83 77.60 -29.39
CA ARG Q 67 86.91 78.45 -28.87
C ARG Q 67 86.34 79.57 -28.02
N MET Q 68 85.35 80.26 -28.54
CA MET Q 68 84.76 81.37 -27.80
C MET Q 68 84.13 80.89 -26.50
N SER Q 69 83.43 79.77 -26.55
CA SER Q 69 82.82 79.22 -25.36
C SER Q 69 83.87 78.87 -24.32
N ALA Q 70 84.97 78.29 -24.77
CA ALA Q 70 86.05 77.94 -23.85
C ALA Q 70 86.63 79.18 -23.20
N ARG Q 71 86.87 80.21 -23.99
CA ARG Q 71 87.41 81.45 -23.45
C ARG Q 71 86.45 82.04 -22.42
N VAL Q 72 85.17 82.03 -22.75
CA VAL Q 72 84.16 82.56 -21.85
C VAL Q 72 84.12 81.73 -20.58
N ASP Q 73 84.33 80.43 -20.70
CA ASP Q 73 84.34 79.57 -19.54
C ASP Q 73 85.53 79.89 -18.64
N ALA Q 74 86.69 80.13 -19.26
CA ALA Q 74 87.85 80.53 -18.48
C ALA Q 74 87.58 81.82 -17.73
N VAL Q 75 86.97 82.78 -18.41
CA VAL Q 75 86.67 84.06 -17.78
C VAL Q 75 85.72 83.86 -16.61
N ALA Q 76 84.66 83.08 -16.83
CA ALA Q 76 83.69 82.84 -15.78
C ALA Q 76 84.33 82.14 -14.60
N ALA Q 77 85.28 81.26 -14.87
CA ALA Q 77 85.97 80.56 -13.81
C ALA Q 77 86.81 81.52 -12.99
N ARG Q 78 87.53 82.40 -13.66
CA ARG Q 78 88.27 83.44 -12.96
C ARG Q 78 87.33 84.28 -12.10
N VAL Q 79 86.15 84.56 -12.61
CA VAL Q 79 85.19 85.37 -11.87
C VAL Q 79 84.72 84.64 -10.63
N GLN Q 80 84.42 83.36 -10.76
CA GLN Q 80 84.00 82.58 -9.61
C GLN Q 80 85.10 82.54 -8.57
N THR Q 81 86.33 82.38 -9.03
CA THR Q 81 87.46 82.44 -8.12
C THR Q 81 87.47 83.75 -7.36
N ALA Q 82 87.28 84.85 -8.08
CA ALA Q 82 87.29 86.15 -7.44
C ALA Q 82 86.19 86.27 -6.40
N VAL Q 83 85.00 85.76 -6.73
CA VAL Q 83 83.87 85.88 -5.83
C VAL Q 83 84.10 85.07 -4.57
N THR Q 84 84.61 83.87 -4.75
CA THR Q 84 84.94 83.03 -3.61
C THR Q 84 85.97 83.70 -2.72
N MET Q 85 86.99 84.30 -3.34
CA MET Q 85 88.00 85.01 -2.57
C MET Q 85 87.38 86.18 -1.83
N GLY Q 86 86.38 86.83 -2.42
CA GLY Q 86 85.73 87.92 -1.72
C GLY Q 86 84.94 87.45 -0.52
N LYS Q 87 84.19 86.36 -0.69
CA LYS Q 87 83.52 85.75 0.46
C LYS Q 87 84.51 85.44 1.55
N VAL Q 88 85.65 84.87 1.17
CA VAL Q 88 86.67 84.51 2.13
C VAL Q 88 87.17 85.74 2.86
N THR Q 89 87.42 86.81 2.12
CA THR Q 89 87.91 88.03 2.72
C THR Q 89 86.89 88.57 3.71
N LYS Q 90 85.62 88.49 3.38
CA LYS Q 90 84.58 88.92 4.29
C LYS Q 90 84.62 88.12 5.58
N SER Q 91 84.58 86.80 5.45
CA SER Q 91 84.62 85.95 6.63
C SER Q 91 85.84 86.25 7.46
N MET Q 92 86.98 86.48 6.80
CA MET Q 92 88.23 86.71 7.52
C MET Q 92 88.21 88.05 8.26
N ALA Q 93 87.62 89.06 7.64
CA ALA Q 93 87.49 90.34 8.31
C ALA Q 93 86.58 90.23 9.53
N GLY Q 94 85.50 89.48 9.41
CA GLY Q 94 84.67 89.21 10.57
C GLY Q 94 85.45 88.54 11.67
N VAL Q 95 86.24 87.54 11.31
CA VAL Q 95 87.05 86.84 12.30
C VAL Q 95 88.04 87.79 12.93
N VAL Q 96 88.58 88.71 12.14
CA VAL Q 96 89.51 89.69 12.68
C VAL Q 96 88.82 90.53 13.73
N LYS Q 97 87.65 91.06 13.40
CA LYS Q 97 86.91 91.86 14.37
C LYS Q 97 86.70 91.07 15.67
N SER Q 98 86.19 89.85 15.53
CA SER Q 98 85.84 89.06 16.70
C SER Q 98 87.07 88.75 17.54
N MET Q 99 88.16 88.34 16.90
CA MET Q 99 89.36 87.96 17.63
C MET Q 99 90.04 89.17 18.25
N ASP Q 100 90.00 90.31 17.58
CA ASP Q 100 90.52 91.53 18.19
C ASP Q 100 89.72 91.88 19.43
N ALA Q 101 88.40 91.74 19.34
CA ALA Q 101 87.57 91.95 20.52
C ALA Q 101 87.98 91.02 21.65
N THR Q 102 88.17 89.73 21.33
CA THR Q 102 88.52 88.76 22.36
C THR Q 102 89.86 89.09 23.00
N LEU Q 103 90.87 89.37 22.17
CA LEU Q 103 92.18 89.71 22.70
C LEU Q 103 92.14 90.99 23.52
N LYS Q 104 91.23 91.92 23.18
CA LYS Q 104 91.08 93.11 23.99
C LYS Q 104 90.46 92.77 25.34
N THR Q 105 89.52 91.84 25.36
CA THR Q 105 88.90 91.43 26.60
C THR Q 105 89.88 90.65 27.46
N MET Q 106 90.41 89.56 26.91
CA MET Q 106 91.30 88.68 27.64
C MET Q 106 92.74 88.89 27.19
N ASN Q 107 93.66 88.71 28.14
CA ASN Q 107 95.07 88.89 27.89
C ASN Q 107 95.82 87.74 28.56
N LEU Q 108 97.14 87.77 28.44
CA LEU Q 108 97.98 86.70 28.98
C LEU Q 108 98.32 86.89 30.44
N GLU Q 109 98.40 88.13 30.91
CA GLU Q 109 98.70 88.36 32.33
C GLU Q 109 97.62 87.78 33.21
N LYS Q 110 96.35 87.87 32.77
CA LYS Q 110 95.28 87.24 33.52
C LYS Q 110 95.48 85.74 33.61
N ILE Q 111 95.91 85.11 32.50
CA ILE Q 111 96.16 83.68 32.50
C ILE Q 111 97.27 83.34 33.48
N SER Q 112 98.36 84.10 33.43
CA SER Q 112 99.49 83.83 34.31
C SER Q 112 99.09 84.00 35.76
N ALA Q 113 98.32 85.04 36.08
CA ALA Q 113 97.86 85.23 37.44
C ALA Q 113 96.97 84.08 37.89
N LEU Q 114 96.06 83.65 37.03
CA LEU Q 114 95.18 82.55 37.38
C LEU Q 114 95.98 81.29 37.62
N MET Q 115 97.00 81.03 36.80
CA MET Q 115 97.78 79.81 36.97
C MET Q 115 98.65 79.87 38.22
N ASP Q 116 99.23 81.03 38.50
CA ASP Q 116 99.99 81.18 39.74
C ASP Q 116 99.10 80.97 40.95
N LYS Q 117 97.91 81.55 40.92
CA LYS Q 117 96.93 81.28 41.95
C LYS Q 117 96.70 79.78 42.06
N PHE Q 118 96.29 79.15 40.96
CA PHE Q 118 95.96 77.73 40.99
C PHE Q 118 97.07 76.95 41.65
N GLU Q 119 98.32 77.29 41.31
CA GLU Q 119 99.47 76.63 41.91
C GLU Q 119 99.47 76.83 43.41
N HIS Q 120 99.32 78.08 43.87
CA HIS Q 120 99.37 78.35 45.30
C HIS Q 120 98.21 77.68 46.04
N GLN Q 121 97.01 77.73 45.47
CA GLN Q 121 95.86 77.11 46.12
C GLN Q 121 96.03 75.61 46.19
N PHE Q 122 96.53 74.99 45.13
CA PHE Q 122 96.75 73.55 45.16
C PHE Q 122 97.86 73.19 46.11
N GLU Q 123 98.86 74.04 46.25
CA GLU Q 123 99.91 73.79 47.23
C GLU Q 123 99.36 73.84 48.64
N THR Q 124 98.54 74.85 48.94
CA THR Q 124 97.90 74.94 50.24
C THR Q 124 96.99 73.75 50.50
N LEU Q 125 96.29 73.31 49.45
CA LEU Q 125 95.41 72.14 49.58
C LEU Q 125 96.21 70.88 49.83
N ASP Q 126 97.35 70.75 49.16
CA ASP Q 126 98.21 69.60 49.40
C ASP Q 126 98.72 69.61 50.82
N VAL Q 127 99.07 70.79 51.33
CA VAL Q 127 99.51 70.89 52.71
C VAL Q 127 98.39 70.50 53.67
N GLN Q 128 97.18 70.97 53.41
CA GLN Q 128 96.05 70.63 54.26
C GLN Q 128 95.78 69.14 54.24
N THR Q 129 95.86 68.53 53.06
CA THR Q 129 95.64 67.09 52.95
C THR Q 129 96.73 66.30 53.66
N GLN Q 130 97.97 66.77 53.56
CA GLN Q 130 99.05 66.10 54.27
C GLN Q 130 98.84 66.20 55.79
N GLN Q 131 98.41 67.36 56.26
CA GLN Q 131 98.12 67.52 57.68
C GLN Q 131 97.00 66.58 58.10
N MET Q 132 95.93 66.50 57.30
CA MET Q 132 94.84 65.60 57.61
C MET Q 132 95.30 64.16 57.65
N GLU Q 133 96.10 63.77 56.66
CA GLU Q 133 96.64 62.41 56.64
C GLU Q 133 97.44 62.12 57.89
N ASP Q 134 98.34 63.03 58.25
CA ASP Q 134 99.17 62.85 59.43
C ASP Q 134 98.31 62.71 60.68
N THR Q 135 97.33 63.60 60.84
CA THR Q 135 96.50 63.58 62.03
C THR Q 135 95.67 62.30 62.11
N MET Q 136 94.97 61.97 61.03
CA MET Q 136 94.13 60.79 61.02
C MET Q 136 94.93 59.50 61.13
N SER Q 137 96.20 59.51 60.71
CA SER Q 137 97.04 58.33 60.91
C SER Q 137 97.57 58.26 62.34
N SER Q 138 97.84 59.41 62.95
CA SER Q 138 98.27 59.42 64.35
C SER Q 138 97.13 58.98 65.26
N THR Q 139 95.90 59.32 64.92
CA THR Q 139 94.77 58.90 65.74
C THR Q 139 94.59 57.38 65.71
N THR Q 140 94.66 56.81 64.51
CA THR Q 140 94.40 55.38 64.30
C THR Q 140 95.74 54.65 64.34
N THR Q 141 96.16 54.25 65.55
CA THR Q 141 97.42 53.54 65.70
C THR Q 141 97.31 52.29 66.57
N LEU Q 142 96.42 52.32 67.56
CA LEU Q 142 96.32 51.19 68.49
C LEU Q 142 95.57 50.01 67.89
N THR Q 143 94.45 50.27 67.23
CA THR Q 143 93.57 49.24 66.73
C THR Q 143 93.98 48.70 65.37
N THR Q 144 95.26 48.87 65.00
CA THR Q 144 95.83 48.18 63.85
C THR Q 144 97.31 47.95 64.09
N PRO Q 145 97.67 46.99 64.93
CA PRO Q 145 99.08 46.61 65.03
C PRO Q 145 99.58 46.16 63.67
N GLN Q 146 100.90 46.14 63.52
CA GLN Q 146 101.48 45.71 62.26
C GLN Q 146 101.63 44.19 62.20
N ASN Q 147 101.83 43.55 63.33
CA ASN Q 147 101.97 42.11 63.35
C ASN Q 147 100.69 41.42 62.91
N GLN Q 148 99.55 41.91 63.40
CA GLN Q 148 98.29 41.30 63.00
C GLN Q 148 98.04 41.50 61.51
N VAL Q 149 98.35 42.69 61.00
CA VAL Q 149 98.15 42.95 59.58
C VAL Q 149 99.06 42.06 58.75
N ASP Q 150 100.31 41.90 59.20
CA ASP Q 150 101.23 41.05 58.47
C ASP Q 150 100.77 39.60 58.48
N MET Q 151 100.29 39.13 59.63
CA MET Q 151 99.80 37.77 59.71
C MET Q 151 98.61 37.57 58.80
N LEU Q 152 97.68 38.51 58.81
CA LEU Q 152 96.50 38.39 57.96
C LEU Q 152 96.88 38.44 56.50
N LEU Q 153 97.82 39.30 56.14
CA LEU Q 153 98.24 39.40 54.76
C LEU Q 153 98.88 38.11 54.31
N GLN Q 154 99.75 37.54 55.12
CA GLN Q 154 100.36 36.27 54.80
C GLN Q 154 99.30 35.19 54.67
N GLU Q 155 98.31 35.20 55.56
CA GLU Q 155 97.28 34.19 55.55
C GLU Q 155 96.45 34.28 54.28
N MET Q 156 96.01 35.49 53.95
CA MET Q 156 95.16 35.67 52.78
C MET Q 156 95.94 35.47 51.50
N ALA Q 157 97.24 35.75 51.51
CA ALA Q 157 98.07 35.50 50.34
C ALA Q 157 98.28 34.01 50.14
N ASP Q 158 98.43 33.27 51.23
CA ASP Q 158 98.49 31.83 51.13
C ASP Q 158 97.17 31.24 50.67
N GLU Q 159 96.07 31.84 51.13
CA GLU Q 159 94.75 31.38 50.70
C GLU Q 159 94.56 31.62 49.22
N ALA Q 160 94.83 32.83 48.77
CA ALA Q 160 94.74 33.14 47.35
C ALA Q 160 95.78 32.36 46.56
N GLY Q 161 97.00 32.26 47.10
CA GLY Q 161 98.06 31.53 46.45
C GLY Q 161 99.13 32.43 45.89
N LEU Q 162 99.41 33.54 46.56
CA LEU Q 162 100.44 34.48 46.15
C LEU Q 162 101.36 34.80 47.32
N ASP Q 163 102.48 35.43 47.00
CA ASP Q 163 103.46 35.85 47.98
C ASP Q 163 103.71 37.35 47.87
N LEU Q 164 104.04 37.97 49.00
CA LEU Q 164 104.32 39.39 49.07
C LEU Q 164 105.78 39.65 49.40
N SER R 2 -96.31 -57.40 -13.08
CA SER R 2 -97.59 -58.09 -12.98
C SER R 2 -97.65 -58.93 -11.72
N ASN R 3 -98.85 -59.40 -11.40
CA ASN R 3 -98.97 -60.36 -10.30
C ASN R 3 -98.08 -61.56 -10.56
N MET R 4 -97.92 -61.94 -11.83
CA MET R 4 -97.07 -63.07 -12.16
C MET R 4 -95.63 -62.81 -11.71
N GLU R 5 -95.12 -61.62 -11.98
CA GLU R 5 -93.74 -61.32 -11.65
C GLU R 5 -93.54 -61.25 -10.15
N LYS R 6 -94.46 -60.58 -9.45
CA LYS R 6 -94.40 -60.52 -8.00
C LYS R 6 -94.43 -61.92 -7.40
N HIS R 7 -95.29 -62.78 -7.94
CA HIS R 7 -95.40 -64.13 -7.42
C HIS R 7 -94.14 -64.93 -7.74
N LEU R 8 -93.54 -64.69 -8.89
CA LEU R 8 -92.28 -65.35 -9.21
C LEU R 8 -91.18 -64.95 -8.24
N PHE R 9 -91.09 -63.66 -7.97
CA PHE R 9 -90.15 -63.19 -6.96
C PHE R 9 -90.43 -63.84 -5.62
N ASN R 10 -91.70 -63.92 -5.25
CA ASN R 10 -92.06 -64.54 -3.99
C ASN R 10 -91.63 -66.00 -3.95
N LEU R 11 -91.82 -66.70 -5.06
CA LEU R 11 -91.47 -68.11 -5.12
C LEU R 11 -89.97 -68.31 -5.06
N LYS R 12 -89.23 -67.45 -5.74
CA LYS R 12 -87.78 -67.53 -5.68
C LYS R 12 -87.28 -67.27 -4.26
N PHE R 13 -87.85 -66.25 -3.63
CA PHE R 13 -87.50 -65.98 -2.24
C PHE R 13 -87.81 -67.19 -1.36
N ALA R 14 -88.96 -67.81 -1.58
CA ALA R 14 -89.35 -68.95 -0.77
C ALA R 14 -88.39 -70.11 -0.97
N ALA R 15 -88.02 -70.37 -2.22
CA ALA R 15 -87.10 -71.46 -2.50
C ALA R 15 -85.75 -71.20 -1.87
N LYS R 16 -85.25 -69.98 -1.98
CA LYS R 16 -83.97 -69.63 -1.37
C LYS R 16 -84.05 -69.77 0.14
N GLU R 17 -85.18 -69.38 0.72
CA GLU R 17 -85.34 -69.49 2.15
C GLU R 17 -85.36 -70.94 2.60
N LEU R 18 -86.03 -71.80 1.82
CA LEU R 18 -86.05 -73.21 2.16
C LEU R 18 -84.66 -73.81 2.04
N SER R 19 -83.93 -73.42 1.02
CA SER R 19 -82.56 -73.91 0.87
C SER R 19 -81.71 -73.49 2.05
N ARG R 20 -81.84 -72.23 2.46
CA ARG R 20 -81.06 -71.75 3.59
C ARG R 20 -81.47 -72.44 4.87
N SER R 21 -82.76 -72.72 5.03
CA SER R 21 -83.22 -73.42 6.22
C SER R 21 -82.67 -74.83 6.26
N ALA R 22 -82.65 -75.49 5.11
CA ALA R 22 -82.06 -76.82 5.03
C ALA R 22 -80.58 -76.75 5.36
N LYS R 23 -79.89 -75.72 4.87
CA LYS R 23 -78.48 -75.56 5.18
C LYS R 23 -78.26 -75.39 6.66
N LYS R 24 -79.10 -74.57 7.29
CA LYS R 24 -79.00 -74.37 8.72
C LYS R 24 -79.24 -75.67 9.47
N CYS R 25 -80.26 -76.41 9.06
CA CYS R 25 -80.53 -77.70 9.69
C CYS R 25 -79.34 -78.62 9.55
N ASP R 26 -78.68 -78.59 8.39
CA ASP R 26 -77.53 -79.45 8.16
C ASP R 26 -76.37 -79.06 9.06
N LYS R 27 -76.08 -77.76 9.13
CA LYS R 27 -75.01 -77.29 9.99
C LYS R 27 -75.28 -77.65 11.44
N GLU R 28 -76.54 -77.52 11.84
CA GLU R 28 -76.93 -77.85 13.20
C GLU R 28 -76.78 -79.34 13.46
N GLU R 29 -77.12 -80.16 12.48
CA GLU R 29 -76.92 -81.60 12.61
C GLU R 29 -75.45 -81.92 12.79
N LYS R 30 -74.59 -81.28 12.00
CA LYS R 30 -73.16 -81.50 12.12
C LYS R 30 -72.67 -81.10 13.50
N ALA R 31 -73.11 -79.94 13.97
CA ALA R 31 -72.70 -79.47 15.29
C ALA R 31 -73.18 -80.41 16.38
N GLU R 32 -74.40 -80.92 16.24
CA GLU R 32 -74.94 -81.83 17.24
C GLU R 32 -74.17 -83.14 17.26
N LYS R 33 -73.83 -83.64 16.09
CA LYS R 33 -73.03 -84.86 16.02
C LYS R 33 -71.66 -84.64 16.64
N ALA R 34 -71.07 -83.48 16.36
CA ALA R 34 -69.81 -83.13 17.00
C ALA R 34 -69.93 -83.16 18.51
N LYS R 35 -70.93 -82.45 19.03
CA LYS R 35 -71.13 -82.41 20.48
C LYS R 35 -71.40 -83.80 21.04
N ILE R 36 -72.10 -84.63 20.28
CA ILE R 36 -72.32 -86.01 20.71
C ILE R 36 -70.98 -86.70 20.90
N GLU R 37 -70.10 -86.55 19.93
CA GLU R 37 -68.77 -87.13 20.04
C GLU R 37 -68.06 -86.61 21.28
N LYS R 38 -68.07 -85.30 21.44
CA LYS R 38 -67.35 -84.69 22.55
C LYS R 38 -67.91 -85.11 23.89
N ALA R 39 -69.21 -85.40 23.96
CA ALA R 39 -69.83 -85.81 25.21
C ALA R 39 -69.59 -87.27 25.50
N ILE R 40 -69.73 -88.12 24.49
CA ILE R 40 -69.51 -89.54 24.66
C ILE R 40 -68.05 -89.81 25.00
N GLN R 41 -67.15 -89.03 24.42
CA GLN R 41 -65.74 -89.14 24.78
C GLN R 41 -65.52 -88.94 26.26
N LYS R 42 -66.49 -88.34 26.95
CA LYS R 42 -66.41 -88.12 28.37
C LYS R 42 -67.32 -89.04 29.16
N GLY R 43 -68.16 -89.82 28.49
CA GLY R 43 -69.01 -90.77 29.18
C GLY R 43 -70.39 -90.21 29.46
N ASN R 44 -71.03 -89.67 28.43
CA ASN R 44 -72.38 -89.14 28.54
C ASN R 44 -73.26 -89.90 27.57
N MET R 45 -74.28 -90.55 28.12
CA MET R 45 -75.26 -91.23 27.30
C MET R 45 -76.45 -90.35 26.99
N GLU R 46 -77.03 -89.75 28.01
CA GLU R 46 -78.25 -88.99 27.83
C GLU R 46 -78.03 -87.81 26.89
N VAL R 47 -76.90 -87.12 27.04
CA VAL R 47 -76.61 -86.02 26.13
C VAL R 47 -76.53 -86.54 24.71
N ALA R 48 -75.93 -87.70 24.54
CA ALA R 48 -75.85 -88.31 23.23
C ALA R 48 -77.23 -88.58 22.68
N ARG R 49 -78.10 -89.19 23.49
CA ARG R 49 -79.46 -89.45 23.04
C ARG R 49 -80.17 -88.16 22.64
N ILE R 50 -80.02 -87.12 23.46
CA ILE R 50 -80.71 -85.87 23.21
C ILE R 50 -80.25 -85.28 21.89
N HIS R 51 -78.94 -85.16 21.72
CA HIS R 51 -78.40 -84.59 20.49
C HIS R 51 -78.77 -85.43 19.28
N ALA R 52 -78.86 -86.74 19.46
CA ALA R 52 -79.25 -87.61 18.36
C ALA R 52 -80.69 -87.34 17.96
N GLU R 53 -81.56 -87.18 18.95
CA GLU R 53 -82.94 -86.82 18.67
C GLU R 53 -83.00 -85.50 17.93
N ASN R 54 -82.18 -84.55 18.36
CA ASN R 54 -82.13 -83.25 17.70
C ASN R 54 -81.71 -83.39 16.25
N ALA R 55 -80.69 -84.20 16.01
CA ALA R 55 -80.20 -84.41 14.65
C ALA R 55 -81.27 -85.07 13.79
N ILE R 56 -81.98 -86.03 14.36
CA ILE R 56 -83.05 -86.69 13.60
C ILE R 56 -84.11 -85.68 13.23
N ARG R 57 -84.50 -84.84 14.19
CA ARG R 57 -85.49 -83.82 13.91
C ARG R 57 -85.02 -82.90 12.80
N GLN R 58 -83.78 -82.46 12.89
CA GLN R 58 -83.23 -81.56 11.89
C GLN R 58 -83.20 -82.21 10.52
N LYS R 59 -82.86 -83.50 10.48
CA LYS R 59 -82.83 -84.21 9.21
C LYS R 59 -84.22 -84.31 8.61
N ASN R 60 -85.19 -84.70 9.43
CA ASN R 60 -86.55 -84.83 8.96
C ASN R 60 -87.05 -83.48 8.42
N GLN R 61 -86.74 -82.42 9.15
CA GLN R 61 -87.19 -81.09 8.76
C GLN R 61 -86.50 -80.62 7.50
N ALA R 62 -85.22 -80.93 7.37
CA ALA R 62 -84.50 -80.63 6.15
C ALA R 62 -85.12 -81.35 4.97
N VAL R 63 -85.48 -82.61 5.16
CA VAL R 63 -86.10 -83.39 4.10
C VAL R 63 -87.42 -82.77 3.70
N ASN R 64 -88.21 -82.39 4.69
CA ASN R 64 -89.51 -81.80 4.41
C ASN R 64 -89.35 -80.49 3.66
N PHE R 65 -88.39 -79.68 4.08
CA PHE R 65 -88.13 -78.42 3.39
C PHE R 65 -87.68 -78.67 1.97
N LEU R 66 -86.89 -79.72 1.77
CA LEU R 66 -86.43 -80.03 0.43
C LEU R 66 -87.59 -80.44 -0.45
N ARG R 67 -88.48 -81.27 0.08
CA ARG R 67 -89.65 -81.68 -0.67
C ARG R 67 -90.52 -80.48 -1.04
N MET R 68 -90.79 -79.63 -0.04
CA MET R 68 -91.63 -78.47 -0.29
C MET R 68 -90.98 -77.53 -1.28
N SER R 69 -89.67 -77.32 -1.15
CA SER R 69 -88.96 -76.46 -2.07
C SER R 69 -89.03 -77.01 -3.48
N ALA R 70 -88.88 -78.32 -3.62
CA ALA R 70 -88.95 -78.94 -4.93
C ALA R 70 -90.32 -78.76 -5.55
N ARG R 71 -91.36 -78.97 -4.75
CA ARG R 71 -92.72 -78.80 -5.26
C ARG R 71 -92.94 -77.36 -5.70
N VAL R 72 -92.47 -76.42 -4.88
CA VAL R 72 -92.61 -75.00 -5.21
C VAL R 72 -91.85 -74.68 -6.48
N ASP R 73 -90.70 -75.33 -6.67
CA ASP R 73 -89.92 -75.10 -7.86
C ASP R 73 -90.65 -75.61 -9.09
N ALA R 74 -91.29 -76.78 -8.97
CA ALA R 74 -92.09 -77.30 -10.06
C ALA R 74 -93.20 -76.34 -10.42
N VAL R 75 -93.87 -75.81 -9.40
CA VAL R 75 -94.97 -74.88 -9.64
C VAL R 75 -94.45 -73.62 -10.34
N ALA R 76 -93.35 -73.07 -9.84
CA ALA R 76 -92.79 -71.88 -10.45
C ALA R 76 -92.38 -72.13 -11.88
N ALA R 77 -91.90 -73.34 -12.16
CA ALA R 77 -91.50 -73.67 -13.51
C ALA R 77 -92.71 -73.72 -14.42
N ARG R 78 -93.79 -74.33 -13.96
CA ARG R 78 -95.03 -74.32 -14.71
C ARG R 78 -95.48 -72.90 -14.98
N VAL R 79 -95.32 -72.03 -13.99
CA VAL R 79 -95.75 -70.65 -14.13
C VAL R 79 -94.91 -69.93 -15.19
N GLN R 80 -93.60 -70.15 -15.16
CA GLN R 80 -92.74 -69.55 -16.16
C GLN R 80 -93.11 -70.04 -17.55
N THR R 81 -93.40 -71.32 -17.66
CA THR R 81 -93.88 -71.87 -18.92
C THR R 81 -95.11 -71.12 -19.39
N ALA R 82 -96.06 -70.92 -18.48
CA ALA R 82 -97.28 -70.24 -18.84
C ALA R 82 -97.01 -68.82 -19.31
N VAL R 83 -96.10 -68.13 -18.63
CA VAL R 83 -95.82 -66.74 -18.96
C VAL R 83 -95.16 -66.65 -20.32
N THR R 84 -94.22 -67.54 -20.57
CA THR R 84 -93.58 -67.59 -21.87
C THR R 84 -94.60 -67.86 -22.96
N MET R 85 -95.51 -68.80 -22.72
CA MET R 85 -96.55 -69.08 -23.70
C MET R 85 -97.42 -67.87 -23.93
N GLY R 86 -97.66 -67.08 -22.89
CA GLY R 86 -98.45 -65.88 -23.06
C GLY R 86 -97.75 -64.84 -23.91
N LYS R 87 -96.46 -64.64 -23.65
CA LYS R 87 -95.66 -63.76 -24.50
C LYS R 87 -95.74 -64.22 -25.95
N VAL R 88 -95.62 -65.53 -26.14
CA VAL R 88 -95.66 -66.08 -27.49
C VAL R 88 -97.00 -65.80 -28.13
N THR R 89 -98.08 -66.00 -27.39
CA THR R 89 -99.40 -65.75 -27.92
C THR R 89 -99.55 -64.29 -28.32
N LYS R 90 -99.01 -63.39 -27.51
CA LYS R 90 -99.04 -61.97 -27.85
C LYS R 90 -98.35 -61.71 -29.17
N SER R 91 -97.09 -62.15 -29.26
CA SER R 91 -96.33 -61.95 -30.48
C SER R 91 -97.06 -62.53 -31.67
N MET R 92 -97.67 -63.69 -31.49
CA MET R 92 -98.35 -64.35 -32.60
C MET R 92 -99.59 -63.59 -33.02
N ALA R 93 -100.33 -63.05 -32.07
CA ALA R 93 -101.48 -62.23 -32.40
C ALA R 93 -101.07 -60.98 -33.16
N GLY R 94 -99.97 -60.36 -32.74
CA GLY R 94 -99.45 -59.23 -33.49
C GLY R 94 -99.12 -59.63 -34.91
N VAL R 95 -98.46 -60.77 -35.08
CA VAL R 95 -98.11 -61.25 -36.40
C VAL R 95 -99.37 -61.50 -37.21
N VAL R 96 -100.41 -62.01 -36.56
CA VAL R 96 -101.67 -62.25 -37.25
C VAL R 96 -102.21 -60.95 -37.79
N LYS R 97 -102.29 -59.94 -36.93
CA LYS R 97 -102.76 -58.63 -37.37
C LYS R 97 -101.98 -58.15 -38.58
N SER R 98 -100.65 -58.17 -38.46
CA SER R 98 -99.81 -57.61 -39.51
C SER R 98 -99.97 -58.38 -40.81
N MET R 99 -99.98 -59.71 -40.74
CA MET R 99 -100.06 -60.52 -41.94
C MET R 99 -101.44 -60.45 -42.58
N ASP R 100 -102.48 -60.34 -41.76
CA ASP R 100 -103.81 -60.12 -42.31
C ASP R 100 -103.87 -58.81 -43.05
N ALA R 101 -103.27 -57.77 -42.47
CA ALA R 101 -103.18 -56.49 -43.16
C ALA R 101 -102.48 -56.65 -44.50
N THR R 102 -101.34 -57.35 -44.50
CA THR R 102 -100.56 -57.50 -45.74
C THR R 102 -101.38 -58.25 -46.79
N LEU R 103 -101.98 -59.36 -46.40
CA LEU R 103 -102.78 -60.14 -47.34
C LEU R 103 -103.97 -59.34 -47.85
N LYS R 104 -104.51 -58.43 -47.02
CA LYS R 104 -105.57 -57.57 -47.49
C LYS R 104 -105.05 -56.57 -48.52
N THR R 105 -103.84 -56.07 -48.32
CA THR R 105 -103.26 -55.13 -49.26
C THR R 105 -102.89 -55.84 -50.56
N MET R 106 -102.06 -56.86 -50.46
CA MET R 106 -101.57 -57.58 -51.62
C MET R 106 -102.28 -58.93 -51.75
N ASN R 107 -102.46 -59.34 -53.00
CA ASN R 107 -103.13 -60.58 -53.32
C ASN R 107 -102.34 -61.29 -54.41
N LEU R 108 -102.84 -62.45 -54.83
CA LEU R 108 -102.15 -63.26 -55.82
C LEU R 108 -102.46 -62.85 -57.25
N GLU R 109 -103.66 -62.31 -57.50
CA GLU R 109 -103.99 -61.89 -58.85
C GLU R 109 -103.08 -60.77 -59.32
N LYS R 110 -102.70 -59.88 -58.40
CA LYS R 110 -101.74 -58.84 -58.75
C LYS R 110 -100.41 -59.45 -59.16
N ILE R 111 -99.97 -60.49 -58.45
CA ILE R 111 -98.72 -61.15 -58.78
C ILE R 111 -98.81 -61.78 -60.17
N SER R 112 -99.92 -62.47 -60.43
CA SER R 112 -100.08 -63.12 -61.72
C SER R 112 -100.11 -62.11 -62.84
N ALA R 113 -100.81 -60.99 -62.63
CA ALA R 113 -100.85 -59.95 -63.65
C ALA R 113 -99.46 -59.38 -63.89
N LEU R 114 -98.73 -59.11 -62.82
CA LEU R 114 -97.39 -58.58 -62.97
C LEU R 114 -96.49 -59.55 -63.73
N MET R 115 -96.62 -60.84 -63.44
CA MET R 115 -95.76 -61.81 -64.11
C MET R 115 -96.14 -61.98 -65.57
N ASP R 116 -97.44 -61.99 -65.87
CA ASP R 116 -97.87 -62.05 -67.26
C ASP R 116 -97.37 -60.83 -68.03
N LYS R 117 -97.49 -59.65 -67.42
CA LYS R 117 -96.89 -58.47 -68.00
C LYS R 117 -95.41 -58.70 -68.27
N PHE R 118 -94.66 -59.03 -67.21
CA PHE R 118 -93.23 -59.19 -67.35
C PHE R 118 -92.90 -60.10 -68.52
N GLU R 119 -93.66 -61.18 -68.65
CA GLU R 119 -93.46 -62.10 -69.76
C GLU R 119 -93.67 -61.39 -71.09
N HIS R 120 -94.79 -60.67 -71.23
CA HIS R 120 -95.08 -60.00 -72.49
C HIS R 120 -94.04 -58.93 -72.80
N GLN R 121 -93.66 -58.14 -71.80
CA GLN R 121 -92.68 -57.09 -72.03
C GLN R 121 -91.34 -57.68 -72.42
N PHE R 122 -90.93 -58.76 -71.76
CA PHE R 122 -89.66 -59.38 -72.12
C PHE R 122 -89.73 -60.03 -73.49
N GLU R 123 -90.89 -60.53 -73.87
CA GLU R 123 -91.04 -61.07 -75.21
C GLU R 123 -90.91 -59.97 -76.26
N THR R 124 -91.56 -58.83 -76.02
CA THR R 124 -91.44 -57.71 -76.92
C THR R 124 -90.00 -57.21 -76.99
N LEU R 125 -89.33 -57.20 -75.84
CA LEU R 125 -87.93 -56.78 -75.81
C LEU R 125 -87.04 -57.75 -76.56
N ASP R 126 -87.31 -59.05 -76.43
CA ASP R 126 -86.56 -60.04 -77.19
C ASP R 126 -86.77 -59.84 -78.67
N VAL R 127 -88.00 -59.54 -79.07
CA VAL R 127 -88.28 -59.27 -80.48
C VAL R 127 -87.52 -58.04 -80.95
N GLN R 128 -87.52 -56.98 -80.16
CA GLN R 128 -86.80 -55.77 -80.53
C GLN R 128 -85.31 -56.03 -80.66
N THR R 129 -84.76 -56.80 -79.72
CA THR R 129 -83.34 -57.12 -79.78
C THR R 129 -83.01 -57.97 -80.99
N GLN R 130 -83.88 -58.92 -81.32
CA GLN R 130 -83.66 -59.74 -82.51
C GLN R 130 -83.70 -58.87 -83.77
N GLN R 131 -84.65 -57.93 -83.83
CA GLN R 131 -84.70 -57.01 -84.95
C GLN R 131 -83.43 -56.19 -85.05
N MET R 132 -82.96 -55.67 -83.91
CA MET R 132 -81.72 -54.89 -83.90
C MET R 132 -80.55 -55.73 -84.36
N GLU R 133 -80.45 -56.97 -83.86
CA GLU R 133 -79.39 -57.85 -84.28
C GLU R 133 -79.42 -58.07 -85.78
N ASP R 134 -80.60 -58.39 -86.31
CA ASP R 134 -80.74 -58.63 -87.75
C ASP R 134 -80.32 -57.41 -88.55
N THR R 135 -80.80 -56.23 -88.14
CA THR R 135 -80.50 -55.02 -88.90
C THR R 135 -79.01 -54.70 -88.86
N MET R 136 -78.43 -54.68 -87.65
CA MET R 136 -77.03 -54.35 -87.50
C MET R 136 -76.12 -55.39 -88.14
N SER R 137 -76.57 -56.63 -88.27
CA SER R 137 -75.79 -57.63 -88.98
C SER R 137 -75.92 -57.47 -90.49
N SER R 138 -77.11 -57.08 -90.96
CA SER R 138 -77.29 -56.82 -92.38
C SER R 138 -76.48 -55.62 -92.83
N THR R 139 -76.33 -54.62 -91.97
CA THR R 139 -75.56 -53.44 -92.32
C THR R 139 -74.09 -53.78 -92.48
N THR R 140 -73.55 -54.55 -91.52
CA THR R 140 -72.13 -54.88 -91.48
C THR R 140 -71.92 -56.22 -92.18
N THR R 141 -71.73 -56.18 -93.49
CA THR R 141 -71.51 -57.41 -94.26
C THR R 141 -70.32 -57.33 -95.20
N LEU R 142 -70.04 -56.14 -95.73
CA LEU R 142 -68.97 -56.01 -96.72
C LEU R 142 -67.59 -56.03 -96.08
N THR R 143 -67.42 -55.28 -94.99
CA THR R 143 -66.13 -55.08 -94.37
C THR R 143 -65.77 -56.18 -93.39
N THR R 144 -66.38 -57.36 -93.55
CA THR R 144 -65.92 -58.57 -92.86
C THR R 144 -66.24 -59.80 -93.69
N PRO R 145 -65.48 -60.04 -94.76
CA PRO R 145 -65.64 -61.31 -95.48
C PRO R 145 -65.38 -62.46 -94.53
N GLN R 146 -65.84 -63.64 -94.94
CA GLN R 146 -65.62 -64.81 -94.10
C GLN R 146 -64.27 -65.44 -94.35
N ASN R 147 -63.75 -65.32 -95.57
CA ASN R 147 -62.46 -65.90 -95.88
C ASN R 147 -61.35 -65.23 -95.09
N GLN R 148 -61.40 -63.90 -94.99
CA GLN R 148 -60.38 -63.21 -94.22
C GLN R 148 -60.44 -63.58 -92.75
N VAL R 149 -61.66 -63.67 -92.22
CA VAL R 149 -61.81 -64.05 -90.82
C VAL R 149 -61.29 -65.46 -90.59
N ASP R 150 -61.60 -66.37 -91.50
CA ASP R 150 -61.13 -67.74 -91.36
C ASP R 150 -59.62 -67.79 -91.43
N MET R 151 -59.03 -67.05 -92.35
CA MET R 151 -57.58 -67.03 -92.46
C MET R 151 -56.95 -66.48 -91.20
N LEU R 152 -57.49 -65.40 -90.68
CA LEU R 152 -56.95 -64.81 -89.46
C LEU R 152 -57.11 -65.75 -88.29
N LEU R 153 -58.25 -66.42 -88.20
CA LEU R 153 -58.48 -67.35 -87.11
C LEU R 153 -57.48 -68.49 -87.17
N GLN R 154 -57.29 -69.05 -88.35
CA GLN R 154 -56.31 -70.11 -88.52
C GLN R 154 -54.92 -69.62 -88.15
N GLU R 155 -54.59 -68.39 -88.56
CA GLU R 155 -53.27 -67.85 -88.30
C GLU R 155 -53.04 -67.67 -86.82
N MET R 156 -54.00 -67.07 -86.13
CA MET R 156 -53.85 -66.80 -84.71
C MET R 156 -53.94 -68.08 -83.90
N ALA R 157 -54.66 -69.08 -84.40
CA ALA R 157 -54.71 -70.37 -83.72
C ALA R 157 -53.39 -71.11 -83.86
N ASP R 158 -52.77 -70.99 -85.02
CA ASP R 158 -51.43 -71.54 -85.22
C ASP R 158 -50.42 -70.82 -84.36
N GLU R 159 -50.58 -69.49 -84.23
CA GLU R 159 -49.67 -68.72 -83.40
C GLU R 159 -49.80 -69.13 -81.95
N ALA R 160 -51.03 -69.16 -81.44
CA ALA R 160 -51.27 -69.61 -80.08
C ALA R 160 -50.91 -71.08 -79.92
N GLY R 161 -51.25 -71.89 -80.91
CA GLY R 161 -50.94 -73.31 -80.87
C GLY R 161 -52.17 -74.17 -80.64
N LEU R 162 -53.31 -73.75 -81.17
CA LEU R 162 -54.55 -74.51 -81.05
C LEU R 162 -55.20 -74.67 -82.42
N ASP R 163 -56.19 -75.55 -82.48
CA ASP R 163 -56.94 -75.81 -83.69
C ASP R 163 -58.43 -75.60 -83.43
N LEU R 164 -59.13 -75.20 -84.48
CA LEU R 164 -60.57 -74.95 -84.41
C LEU R 164 -61.34 -75.95 -85.26
N SER S 2 77.73 84.50 19.30
CA SER S 2 78.81 85.47 19.25
C SER S 2 79.31 85.64 17.84
N ASN S 3 80.14 86.68 17.64
CA ASN S 3 80.81 86.82 16.36
C ASN S 3 81.60 85.56 16.04
N MET S 4 82.15 84.92 17.08
CA MET S 4 82.92 83.71 16.86
C MET S 4 82.05 82.63 16.22
N GLU S 5 80.84 82.45 16.74
CA GLU S 5 79.97 81.40 16.23
C GLU S 5 79.51 81.70 14.81
N LYS S 6 79.12 82.95 14.56
CA LYS S 6 78.74 83.34 13.22
C LYS S 6 79.88 83.13 12.25
N HIS S 7 81.09 83.47 12.67
CA HIS S 7 82.23 83.30 11.78
C HIS S 7 82.55 81.84 11.57
N LEU S 8 82.34 81.01 12.59
CA LEU S 8 82.54 79.58 12.43
C LEU S 8 81.55 79.01 11.42
N PHE S 9 80.29 79.41 11.54
CA PHE S 9 79.30 79.00 10.56
C PHE S 9 79.71 79.45 9.17
N ASN S 10 80.19 80.69 9.07
CA ASN S 10 80.61 81.22 7.78
C ASN S 10 81.76 80.38 7.21
N LEU S 11 82.70 80.01 8.06
CA LEU S 11 83.84 79.24 7.61
C LEU S 11 83.45 77.84 7.18
N LYS S 12 82.53 77.23 7.92
CA LYS S 12 82.04 75.92 7.54
C LYS S 12 81.32 75.98 6.21
N PHE S 13 80.48 76.99 6.04
CA PHE S 13 79.81 77.19 4.77
C PHE S 13 80.82 77.36 3.64
N ALA S 14 81.87 78.14 3.90
CA ALA S 14 82.88 78.38 2.87
C ALA S 14 83.60 77.10 2.51
N ALA S 15 83.96 76.31 3.51
CA ALA S 15 84.65 75.05 3.26
C ALA S 15 83.77 74.10 2.46
N LYS S 16 82.49 74.00 2.84
CA LYS S 16 81.58 73.14 2.11
C LYS S 16 81.41 73.62 0.68
N GLU S 17 81.36 74.94 0.49
CA GLU S 17 81.22 75.49 -0.84
C GLU S 17 82.44 75.19 -1.68
N LEU S 18 83.62 75.30 -1.09
CA LEU S 18 84.84 74.98 -1.83
C LEU S 18 84.88 73.51 -2.20
N SER S 19 84.47 72.66 -1.27
CA SER S 19 84.42 71.23 -1.57
C SER S 19 83.46 70.95 -2.71
N ARG S 20 82.30 71.58 -2.68
CA ARG S 20 81.32 71.37 -3.74
C ARG S 20 81.82 71.91 -5.07
N SER S 21 82.53 73.03 -5.03
CA SER S 21 83.09 73.59 -6.26
C SER S 21 84.14 72.67 -6.84
N ALA S 22 84.98 72.10 -5.97
CA ALA S 22 85.96 71.14 -6.43
C ALA S 22 85.28 69.92 -7.03
N LYS S 23 84.19 69.47 -6.40
CA LYS S 23 83.45 68.34 -6.92
C LYS S 23 82.88 68.64 -8.29
N LYS S 24 82.34 69.84 -8.46
CA LYS S 24 81.82 70.25 -9.75
C LYS S 24 82.92 70.29 -10.79
N CYS S 25 84.06 70.85 -10.42
CA CYS S 25 85.19 70.90 -11.35
C CYS S 25 85.60 69.50 -11.75
N ASP S 26 85.57 68.57 -10.80
CA ASP S 26 85.95 67.19 -11.09
C ASP S 26 84.97 66.53 -12.05
N LYS S 27 83.68 66.69 -11.76
CA LYS S 27 82.66 66.13 -12.64
C LYS S 27 82.79 66.71 -14.04
N GLU S 28 83.07 68.01 -14.12
CA GLU S 28 83.22 68.67 -15.41
C GLU S 28 84.45 68.14 -16.13
N GLU S 29 85.52 67.90 -15.40
CA GLU S 29 86.72 67.33 -16.01
C GLU S 29 86.41 65.95 -16.58
N LYS S 30 85.68 65.14 -15.82
CA LYS S 30 85.30 63.82 -16.30
C LYS S 30 84.47 63.92 -17.56
N ALA S 31 83.49 64.82 -17.55
CA ALA S 31 82.63 64.99 -18.71
C ALA S 31 83.43 65.46 -19.92
N GLU S 32 84.38 66.36 -19.69
CA GLU S 32 85.19 66.86 -20.79
C GLU S 32 86.07 65.77 -21.37
N LYS S 33 86.65 64.96 -20.50
CA LYS S 33 87.45 63.84 -20.97
C LYS S 33 86.61 62.86 -21.76
N ALA S 34 85.40 62.59 -21.28
CA ALA S 34 84.47 61.77 -22.02
C ALA S 34 84.23 62.33 -23.40
N LYS S 35 83.85 63.60 -23.48
CA LYS S 35 83.58 64.22 -24.77
C LYS S 35 84.81 64.22 -25.65
N ILE S 36 86.00 64.36 -25.07
CA ILE S 36 87.22 64.26 -25.83
C ILE S 36 87.31 62.90 -26.50
N GLU S 37 87.03 61.86 -25.73
CA GLU S 37 87.03 60.51 -26.29
C GLU S 37 86.03 60.41 -27.43
N LYS S 38 84.82 60.88 -27.18
CA LYS S 38 83.76 60.75 -28.16
C LYS S 38 84.07 61.53 -29.44
N ALA S 39 84.81 62.63 -29.31
CA ALA S 39 85.15 63.44 -30.47
C ALA S 39 86.32 62.87 -31.24
N ILE S 40 87.35 62.42 -30.53
CA ILE S 40 88.51 61.84 -31.18
C ILE S 40 88.12 60.54 -31.87
N GLN S 41 87.20 59.80 -31.28
CA GLN S 41 86.70 58.60 -31.93
C GLN S 41 86.11 58.91 -33.29
N LYS S 42 85.81 60.17 -33.55
CA LYS S 42 85.27 60.60 -34.83
C LYS S 42 86.27 61.38 -35.65
N GLY S 43 87.43 61.70 -35.10
CA GLY S 43 88.46 62.37 -35.84
C GLY S 43 88.43 63.88 -35.65
N ASN S 44 88.39 64.31 -34.40
CA ASN S 44 88.41 65.72 -34.06
C ASN S 44 89.64 65.99 -33.21
N MET S 45 90.50 66.88 -33.70
CA MET S 45 91.65 67.30 -32.95
C MET S 45 91.37 68.55 -32.14
N GLU S 46 90.83 69.57 -32.79
CA GLU S 46 90.66 70.85 -32.13
C GLU S 46 89.72 70.73 -30.95
N VAL S 47 88.63 69.97 -31.10
CA VAL S 47 87.72 69.77 -29.99
C VAL S 47 88.45 69.11 -28.84
N ALA S 48 89.31 68.16 -29.17
CA ALA S 48 90.10 67.50 -28.15
C ALA S 48 91.00 68.49 -27.43
N ARG S 49 91.70 69.35 -28.19
CA ARG S 49 92.54 70.36 -27.57
C ARG S 49 91.74 71.26 -26.66
N ILE S 50 90.58 71.70 -27.13
CA ILE S 50 89.76 72.62 -26.37
C ILE S 50 89.33 71.99 -25.06
N HIS S 51 88.77 70.80 -25.14
CA HIS S 51 88.31 70.12 -23.94
C HIS S 51 89.46 69.84 -23.00
N ALA S 52 90.63 69.55 -23.54
CA ALA S 52 91.79 69.31 -22.71
C ALA S 52 92.19 70.57 -21.95
N GLU S 53 92.17 71.70 -22.64
CA GLU S 53 92.42 72.97 -21.98
C GLU S 53 91.41 73.21 -20.88
N ASN S 54 90.16 72.89 -21.16
CA ASN S 54 89.11 73.04 -20.16
C ASN S 54 89.38 72.19 -18.95
N ALA S 55 89.77 70.94 -19.18
CA ALA S 55 90.06 70.03 -18.08
C ALA S 55 91.25 70.52 -17.26
N ILE S 56 92.27 71.05 -17.93
CA ILE S 56 93.41 71.57 -17.21
C ILE S 56 92.99 72.73 -16.33
N ARG S 57 92.18 73.62 -16.89
CA ARG S 57 91.69 74.75 -16.12
C ARG S 57 90.93 74.28 -14.90
N GLN S 58 90.03 73.32 -15.11
CA GLN S 58 89.22 72.81 -14.01
C GLN S 58 90.09 72.16 -12.94
N LYS S 59 91.13 71.45 -13.37
CA LYS S 59 92.03 70.81 -12.42
C LYS S 59 92.78 71.85 -11.61
N ASN S 60 93.33 72.86 -12.28
CA ASN S 60 94.05 73.90 -11.60
C ASN S 60 93.15 74.60 -10.59
N GLN S 61 91.91 74.86 -11.00
CA GLN S 61 90.97 75.57 -10.14
C GLN S 61 90.56 74.71 -8.97
N ALA S 62 90.37 73.41 -9.21
CA ALA S 62 90.09 72.48 -8.13
C ALA S 62 91.22 72.48 -7.12
N VAL S 63 92.45 72.47 -7.62
CA VAL S 63 93.61 72.47 -6.74
C VAL S 63 93.64 73.73 -5.90
N ASN S 64 93.39 74.87 -6.54
CA ASN S 64 93.41 76.12 -5.83
C ASN S 64 92.33 76.17 -4.77
N PHE S 65 91.15 75.67 -5.11
CA PHE S 65 90.06 75.61 -4.14
C PHE S 65 90.41 74.70 -2.99
N LEU S 66 91.10 73.61 -3.29
CA LEU S 66 91.49 72.69 -2.23
C LEU S 66 92.49 73.34 -1.30
N ARG S 67 93.47 74.05 -1.86
CA ARG S 67 94.44 74.76 -1.04
C ARG S 67 93.75 75.79 -0.16
N MET S 68 92.89 76.60 -0.77
CA MET S 68 92.21 77.65 -0.01
C MET S 68 91.33 77.05 1.07
N SER S 69 90.62 75.97 0.73
CA SER S 69 89.76 75.32 1.71
C SER S 69 90.58 74.79 2.87
N ALA S 70 91.74 74.20 2.56
CA ALA S 70 92.60 73.67 3.61
C ALA S 70 93.09 74.78 4.52
N ARG S 71 93.50 75.90 3.93
CA ARG S 71 93.97 77.02 4.74
C ARG S 71 92.85 77.53 5.62
N VAL S 72 91.66 77.64 5.07
CA VAL S 72 90.50 78.10 5.82
C VAL S 72 90.19 77.13 6.95
N ASP S 73 90.38 75.84 6.68
CA ASP S 73 90.14 74.84 7.71
C ASP S 73 91.14 74.98 8.84
N ALA S 74 92.40 75.22 8.50
CA ALA S 74 93.40 75.47 9.53
C ALA S 74 93.03 76.65 10.38
N VAL S 75 92.59 77.73 9.74
CA VAL S 75 92.22 78.93 10.47
C VAL S 75 91.05 78.64 11.40
N ALA S 76 90.03 77.96 10.88
CA ALA S 76 88.86 77.64 11.69
C ALA S 76 89.24 76.76 12.86
N ALA S 77 90.20 75.87 12.64
CA ALA S 77 90.65 75.01 13.71
C ALA S 77 91.33 75.81 14.80
N ARG S 78 92.20 76.73 14.40
CA ARG S 78 92.82 77.62 15.37
C ARG S 78 91.76 78.39 16.14
N VAL S 79 90.71 78.81 15.45
CA VAL S 79 89.66 79.57 16.11
C VAL S 79 88.93 78.72 17.12
N GLN S 80 88.61 77.48 16.77
CA GLN S 80 87.96 76.59 17.70
C GLN S 80 88.83 76.36 18.91
N THR S 81 90.12 76.18 18.69
CA THR S 81 91.06 76.06 19.79
C THR S 81 90.96 77.26 20.71
N ALA S 82 90.94 78.45 20.13
CA ALA S 82 90.87 79.66 20.92
C ALA S 82 89.59 79.71 21.73
N VAL S 83 88.48 79.32 21.12
CA VAL S 83 87.19 79.39 21.79
C VAL S 83 87.15 78.41 22.96
N THR S 84 87.65 77.21 22.72
CA THR S 84 87.72 76.22 23.78
C THR S 84 88.58 76.72 24.92
N MET S 85 89.72 77.33 24.59
CA MET S 85 90.58 77.88 25.63
C MET S 85 89.86 78.98 26.40
N GLY S 86 89.03 79.75 25.73
CA GLY S 86 88.27 80.79 26.42
C GLY S 86 87.26 80.21 27.38
N LYS S 87 86.53 79.19 26.93
CA LYS S 87 85.63 78.49 27.83
C LYS S 87 86.37 77.97 29.05
N VAL S 88 87.55 77.41 28.81
CA VAL S 88 88.35 76.87 29.89
C VAL S 88 88.74 77.97 30.86
N THR S 89 89.16 79.10 30.32
CA THR S 89 89.55 80.21 31.17
C THR S 89 88.39 80.68 32.02
N LYS S 90 87.19 80.70 31.43
CA LYS S 90 86.00 81.08 32.19
C LYS S 90 85.78 80.12 33.34
N SER S 91 85.72 78.83 33.03
CA SER S 91 85.51 77.84 34.06
C SER S 91 86.55 77.96 35.16
N MET S 92 87.80 78.21 34.77
CA MET S 92 88.89 78.28 35.73
C MET S 92 88.77 79.51 36.60
N ALA S 93 88.35 80.63 36.03
CA ALA S 93 88.12 81.82 36.84
C ALA S 93 87.00 81.60 37.84
N GLY S 94 85.93 80.93 37.41
CA GLY S 94 84.89 80.57 38.35
C GLY S 94 85.42 79.72 39.49
N VAL S 95 86.23 78.73 39.14
CA VAL S 95 86.81 77.86 40.16
C VAL S 95 87.68 78.68 41.10
N VAL S 96 88.39 79.65 40.55
CA VAL S 96 89.23 80.51 41.38
C VAL S 96 88.39 81.24 42.40
N LYS S 97 87.32 81.88 41.93
CA LYS S 97 86.41 82.58 42.84
C LYS S 97 85.94 81.65 43.94
N SER S 98 85.43 80.49 43.55
CA SER S 98 84.83 79.58 44.52
C SER S 98 85.86 79.09 45.52
N MET S 99 87.04 78.71 45.05
CA MET S 99 88.06 78.17 45.93
C MET S 99 88.65 79.25 46.83
N ASP S 100 88.78 80.47 46.33
CA ASP S 100 89.21 81.56 47.17
C ASP S 100 88.20 81.80 48.28
N ALA S 101 86.91 81.76 47.93
CA ALA S 101 85.88 81.86 48.95
C ALA S 101 86.03 80.77 50.00
N THR S 102 86.23 79.53 49.55
CA THR S 102 86.34 78.41 50.48
C THR S 102 87.54 78.59 51.41
N LEU S 103 88.70 78.92 50.83
CA LEU S 103 89.90 79.11 51.64
C LEU S 103 89.73 80.28 52.60
N LYS S 104 88.95 81.28 52.22
CA LYS S 104 88.67 82.37 53.15
C LYS S 104 87.79 81.91 54.29
N THR S 105 86.84 81.03 54.00
CA THR S 105 85.97 80.51 55.06
C THR S 105 86.74 79.56 55.96
N MET S 106 87.33 78.52 55.38
CA MET S 106 88.04 77.51 56.14
C MET S 106 89.54 77.68 56.00
N ASN S 107 90.25 77.34 57.07
CA ASN S 107 91.69 77.47 57.13
C ASN S 107 92.26 76.20 57.76
N LEU S 108 93.58 76.17 57.91
CA LEU S 108 94.26 75.00 58.43
C LEU S 108 94.32 74.98 59.95
N GLU S 109 94.33 76.15 60.60
CA GLU S 109 94.37 76.17 62.05
C GLU S 109 93.11 75.55 62.64
N LYS S 110 91.97 75.76 61.98
CA LYS S 110 90.74 75.11 62.41
C LYS S 110 90.88 73.61 62.34
N ILE S 111 91.49 73.10 61.26
CA ILE S 111 91.69 71.67 61.11
C ILE S 111 92.59 71.14 62.22
N SER S 112 93.68 71.84 62.49
CA SER S 112 94.60 71.40 63.52
C SER S 112 93.94 71.40 64.88
N ALA S 113 93.15 72.43 65.17
CA ALA S 113 92.44 72.49 66.45
C ALA S 113 91.46 71.34 66.57
N LEU S 114 90.71 71.08 65.49
CA LEU S 114 89.75 69.99 65.51
C LEU S 114 90.44 68.66 65.74
N MET S 115 91.59 68.45 65.10
CA MET S 115 92.28 67.18 65.25
C MET S 115 92.89 67.03 66.63
N ASP S 116 93.45 68.12 67.18
CA ASP S 116 93.96 68.06 68.54
C ASP S 116 92.85 67.75 69.53
N LYS S 117 91.70 68.40 69.34
CA LYS S 117 90.53 68.06 70.13
C LYS S 117 90.23 66.57 69.99
N PHE S 118 90.03 66.11 68.76
CA PHE S 118 89.65 64.72 68.54
C PHE S 118 90.59 63.80 69.28
N GLU S 119 91.88 64.10 69.23
CA GLU S 119 92.87 63.31 69.94
C GLU S 119 92.59 63.31 71.43
N HIS S 120 92.40 64.50 72.01
CA HIS S 120 92.17 64.59 73.45
C HIS S 120 90.87 63.89 73.86
N GLN S 121 89.81 64.09 73.08
CA GLN S 121 88.54 63.46 73.41
C GLN S 121 88.65 61.95 73.32
N PHE S 122 89.32 61.45 72.29
CA PHE S 122 89.48 60.01 72.16
C PHE S 122 90.37 59.46 73.26
N GLU S 123 91.35 60.23 73.71
CA GLU S 123 92.19 59.80 74.83
C GLU S 123 91.37 59.70 76.10
N THR S 124 90.54 60.71 76.36
CA THR S 124 89.66 60.67 77.52
C THR S 124 88.69 59.51 77.44
N LEU S 125 88.18 59.25 76.23
CA LEU S 125 87.27 58.14 76.03
C LEU S 125 87.96 56.80 76.25
N ASP S 126 89.20 56.69 75.80
CA ASP S 126 89.96 55.47 76.04
C ASP S 126 90.19 55.27 77.53
N VAL S 127 90.46 56.36 78.24
CA VAL S 127 90.62 56.27 79.69
C VAL S 127 89.33 55.81 80.35
N GLN S 128 88.21 56.39 79.93
CA GLN S 128 86.92 56.00 80.50
C GLN S 128 86.63 54.54 80.24
N THR S 129 86.91 54.08 79.02
CA THR S 129 86.66 52.69 78.67
C THR S 129 87.57 51.76 79.46
N GLN S 130 88.82 52.16 79.66
CA GLN S 130 89.72 51.35 80.48
C GLN S 130 89.23 51.27 81.91
N GLN S 131 88.75 52.38 82.45
CA GLN S 131 88.18 52.37 83.79
C GLN S 131 86.97 51.45 83.86
N MET S 132 86.09 51.54 82.88
CA MET S 132 84.92 50.67 82.85
C MET S 132 85.32 49.21 82.78
N GLU S 133 86.29 48.89 81.92
CA GLU S 133 86.78 47.54 81.81
C GLU S 133 87.31 47.04 83.15
N ASP S 134 88.15 47.84 83.78
CA ASP S 134 88.73 47.46 85.07
C ASP S 134 87.64 47.22 86.11
N THR S 135 86.68 48.14 86.19
CA THR S 135 85.63 48.02 87.20
C THR S 135 84.76 46.79 86.94
N MET S 136 84.28 46.63 85.72
CA MET S 136 83.41 45.52 85.39
C MET S 136 84.13 44.18 85.47
N SER S 137 85.46 44.17 85.30
CA SER S 137 86.21 42.94 85.50
C SER S 137 86.44 42.65 86.98
N SER S 138 86.63 43.69 87.78
CA SER S 138 86.77 43.50 89.22
C SER S 138 85.47 43.01 89.84
N THR S 139 84.34 43.46 89.31
CA THR S 139 83.05 43.01 89.84
C THR S 139 82.85 41.53 89.57
N THR S 140 83.12 41.10 88.34
CA THR S 140 82.87 39.72 87.91
C THR S 140 84.14 38.92 88.10
N THR S 141 84.32 38.35 89.29
CA THR S 141 85.50 37.55 89.58
C THR S 141 85.18 36.22 90.24
N LEU S 142 84.11 36.16 91.04
CA LEU S 142 83.80 34.95 91.78
C LEU S 142 83.15 33.89 90.88
N THR S 143 82.19 34.30 90.07
CA THR S 143 81.38 33.39 89.28
C THR S 143 82.04 33.01 87.96
N THR S 144 83.36 33.14 87.87
CA THR S 144 84.13 32.57 86.76
C THR S 144 85.53 32.24 87.24
N PRO S 145 85.68 31.15 88.00
CA PRO S 145 87.04 30.69 88.31
C PRO S 145 87.78 30.38 87.02
N GLN S 146 89.10 30.31 87.13
CA GLN S 146 89.90 30.00 85.96
C GLN S 146 90.01 28.50 85.71
N ASN S 147 89.97 27.71 86.78
CA ASN S 147 90.06 26.27 86.62
C ASN S 147 88.87 25.72 85.86
N GLN S 148 87.66 26.20 86.18
CA GLN S 148 86.48 25.73 85.47
C GLN S 148 86.54 26.12 84.00
N VAL S 149 86.97 27.34 83.73
CA VAL S 149 87.07 27.79 82.34
C VAL S 149 88.10 26.97 81.59
N ASP S 150 89.22 26.67 82.23
CA ASP S 150 90.25 25.88 81.58
C ASP S 150 89.74 24.48 81.31
N MET S 151 89.04 23.89 82.28
CA MET S 151 88.50 22.56 82.09
C MET S 151 87.51 22.54 80.95
N LEU S 152 86.61 23.53 80.91
CA LEU S 152 85.62 23.58 79.84
C LEU S 152 86.28 23.79 78.50
N LEU S 153 87.30 24.64 78.45
CA LEU S 153 87.99 24.89 77.19
C LEU S 153 88.66 23.62 76.69
N GLN S 154 89.34 22.92 77.59
CA GLN S 154 89.95 21.66 77.22
C GLN S 154 88.91 20.67 76.74
N GLU S 155 87.77 20.63 77.42
CA GLU S 155 86.72 19.68 77.07
C GLU S 155 86.16 19.98 75.69
N MET S 156 85.83 21.24 75.45
CA MET S 156 85.24 21.62 74.18
C MET S 156 86.26 21.55 73.05
N ALA S 157 87.54 21.74 73.35
CA ALA S 157 88.57 21.59 72.34
C ALA S 157 88.77 20.14 71.97
N ASP S 158 88.66 19.25 72.97
CA ASP S 158 88.70 17.82 72.70
C ASP S 158 87.47 17.38 71.91
N GLU S 159 86.32 17.98 72.22
CA GLU S 159 85.09 17.66 71.50
C GLU S 159 85.21 18.09 70.05
N ALA S 160 85.60 19.34 69.83
CA ALA S 160 85.81 19.82 68.47
C ALA S 160 86.96 19.09 67.80
N GLY S 161 88.04 18.85 68.55
CA GLY S 161 89.18 18.14 68.02
C GLY S 161 90.37 19.06 67.78
N LEU S 162 90.55 20.06 68.65
CA LEU S 162 91.67 20.98 68.57
C LEU S 162 92.35 21.09 69.92
N ASP S 163 93.54 21.70 69.91
CA ASP S 163 94.31 21.93 71.11
C ASP S 163 94.63 23.41 71.24
N LEU S 164 94.76 23.86 72.49
CA LEU S 164 95.06 25.25 72.80
C LEU S 164 96.44 25.38 73.44
N SER T 2 -92.49 -50.97 -39.26
CA SER T 2 -93.78 -51.60 -39.50
C SER T 2 -94.12 -52.58 -38.40
N ASN T 3 -95.37 -53.03 -38.39
CA ASN T 3 -95.73 -54.10 -37.49
C ASN T 3 -94.86 -55.31 -37.73
N MET T 4 -94.47 -55.53 -38.98
CA MET T 4 -93.60 -56.66 -39.30
C MET T 4 -92.28 -56.56 -38.55
N GLU T 5 -91.68 -55.37 -38.54
CA GLU T 5 -90.39 -55.20 -37.91
C GLU T 5 -90.50 -55.34 -36.40
N LYS T 6 -91.51 -54.72 -35.82
CA LYS T 6 -91.74 -54.84 -34.39
C LYS T 6 -91.94 -56.29 -34.01
N HIS T 7 -92.69 -57.02 -34.81
CA HIS T 7 -92.95 -58.43 -34.52
C HIS T 7 -91.70 -59.26 -34.69
N LEU T 8 -90.86 -58.90 -35.66
CA LEU T 8 -89.58 -59.59 -35.82
C LEU T 8 -88.70 -59.39 -34.61
N PHE T 9 -88.61 -58.15 -34.15
CA PHE T 9 -87.87 -57.88 -32.92
C PHE T 9 -88.43 -58.68 -31.77
N ASN T 10 -89.76 -58.73 -31.66
CA ASN T 10 -90.39 -59.49 -30.59
C ASN T 10 -90.02 -60.96 -30.68
N LEU T 11 -90.02 -61.50 -31.89
CA LEU T 11 -89.71 -62.90 -32.08
C LEU T 11 -88.26 -63.20 -31.75
N LYS T 12 -87.37 -62.31 -32.14
CA LYS T 12 -85.96 -62.49 -31.82
C LYS T 12 -85.76 -62.44 -30.31
N PHE T 13 -86.39 -61.49 -29.66
CA PHE T 13 -86.33 -61.41 -28.21
C PHE T 13 -86.84 -62.70 -27.59
N ALA T 14 -87.95 -63.22 -28.11
CA ALA T 14 -88.53 -64.44 -27.56
C ALA T 14 -87.59 -65.62 -27.73
N ALA T 15 -86.99 -65.73 -28.91
CA ALA T 15 -86.06 -66.82 -29.15
C ALA T 15 -84.86 -66.74 -28.23
N LYS T 16 -84.31 -65.54 -28.08
CA LYS T 16 -83.18 -65.36 -27.20
C LYS T 16 -83.56 -65.69 -25.77
N GLU T 17 -84.76 -65.31 -25.37
CA GLU T 17 -85.22 -65.59 -24.02
C GLU T 17 -85.37 -67.07 -23.79
N LEU T 18 -85.90 -67.78 -24.79
CA LEU T 18 -86.03 -69.22 -24.67
C LEU T 18 -84.67 -69.89 -24.58
N SER T 19 -83.73 -69.42 -25.39
CA SER T 19 -82.40 -69.97 -25.34
C SER T 19 -81.78 -69.75 -23.97
N ARG T 20 -81.94 -68.55 -23.42
CA ARG T 20 -81.39 -68.26 -22.11
C ARG T 20 -82.07 -69.09 -21.03
N SER T 21 -83.37 -69.31 -21.17
CA SER T 21 -84.08 -70.14 -20.20
C SER T 21 -83.61 -71.56 -20.26
N ALA T 22 -83.39 -72.08 -21.46
CA ALA T 22 -82.83 -73.41 -21.60
C ALA T 22 -81.44 -73.49 -20.99
N LYS T 23 -80.64 -72.44 -21.19
CA LYS T 23 -79.30 -72.41 -20.60
C LYS T 23 -79.38 -72.44 -19.09
N LYS T 24 -80.30 -71.67 -18.52
CA LYS T 24 -80.48 -71.66 -17.08
C LYS T 24 -80.91 -73.02 -16.59
N CYS T 25 -81.85 -73.64 -17.28
CA CYS T 25 -82.30 -74.98 -16.91
C CYS T 25 -81.14 -75.95 -16.94
N ASP T 26 -80.27 -75.81 -17.93
CA ASP T 26 -79.11 -76.71 -18.05
C ASP T 26 -78.14 -76.51 -16.90
N LYS T 27 -77.83 -75.25 -16.60
CA LYS T 27 -76.94 -74.96 -15.48
C LYS T 27 -77.51 -75.49 -14.20
N GLU T 28 -78.82 -75.33 -14.01
CA GLU T 28 -79.48 -75.82 -12.82
C GLU T 28 -79.44 -77.33 -12.75
N GLU T 29 -79.60 -77.99 -13.88
CA GLU T 29 -79.49 -79.44 -13.91
C GLU T 29 -78.09 -79.87 -13.50
N LYS T 30 -77.08 -79.19 -14.02
CA LYS T 30 -75.70 -79.52 -13.65
C LYS T 30 -75.49 -79.33 -12.16
N ALA T 31 -75.98 -78.21 -11.63
CA ALA T 31 -75.81 -77.95 -10.20
C ALA T 31 -76.54 -78.99 -9.37
N GLU T 32 -77.72 -79.40 -9.80
CA GLU T 32 -78.48 -80.39 -9.06
C GLU T 32 -77.77 -81.73 -9.07
N LYS T 33 -77.22 -82.11 -10.23
CA LYS T 33 -76.47 -83.36 -10.30
C LYS T 33 -75.25 -83.29 -9.41
N ALA T 34 -74.57 -82.15 -9.40
CA ALA T 34 -73.45 -81.96 -8.49
C ALA T 34 -73.88 -82.18 -7.06
N LYS T 35 -74.93 -81.49 -6.63
CA LYS T 35 -75.41 -81.63 -5.26
C LYS T 35 -75.85 -83.05 -4.96
N ILE T 36 -76.40 -83.74 -5.94
CA ILE T 36 -76.75 -85.14 -5.77
C ILE T 36 -75.51 -85.94 -5.42
N GLU T 37 -74.44 -85.70 -6.17
CA GLU T 37 -73.18 -86.39 -5.88
C GLU T 37 -72.73 -86.07 -4.48
N LYS T 38 -72.72 -84.79 -4.13
CA LYS T 38 -72.22 -84.37 -2.84
C LYS T 38 -73.04 -84.94 -1.69
N ALA T 39 -74.34 -85.15 -1.93
CA ALA T 39 -75.21 -85.67 -0.89
C ALA T 39 -75.08 -87.18 -0.76
N ILE T 40 -75.05 -87.88 -1.89
CA ILE T 40 -74.92 -89.33 -1.88
C ILE T 40 -73.57 -89.72 -1.30
N GLN T 41 -72.54 -88.93 -1.58
CA GLN T 41 -71.24 -89.17 -0.99
C GLN T 41 -71.31 -89.18 0.53
N LYS T 42 -72.38 -88.62 1.09
CA LYS T 42 -72.57 -88.59 2.52
C LYS T 42 -73.66 -89.53 2.99
N GLY T 43 -74.38 -90.17 2.07
CA GLY T 43 -75.37 -91.14 2.44
C GLY T 43 -76.76 -90.56 2.52
N ASN T 44 -77.16 -89.84 1.47
CA ASN T 44 -78.49 -89.25 1.39
C ASN T 44 -79.19 -89.83 0.17
N MET T 45 -80.32 -90.47 0.41
CA MET T 45 -81.14 -90.99 -0.66
C MET T 45 -82.21 -89.98 -1.08
N GLU T 46 -82.96 -89.49 -0.10
CA GLU T 46 -84.10 -88.64 -0.41
C GLU T 46 -83.65 -87.38 -1.13
N VAL T 47 -82.56 -86.78 -0.67
CA VAL T 47 -82.04 -85.59 -1.34
C VAL T 47 -81.71 -85.92 -2.77
N ALA T 48 -81.12 -87.08 -2.98
CA ALA T 48 -80.79 -87.52 -4.33
C ALA T 48 -82.05 -87.64 -5.17
N ARG T 49 -83.09 -88.29 -4.63
CA ARG T 49 -84.34 -88.41 -5.36
C ARG T 49 -84.90 -87.05 -5.71
N ILE T 50 -84.88 -86.13 -4.75
CA ILE T 50 -85.46 -84.80 -4.95
C ILE T 50 -84.73 -84.08 -6.06
N HIS T 51 -83.41 -84.02 -5.96
CA HIS T 51 -82.62 -83.33 -6.96
C HIS T 51 -82.77 -83.99 -8.32
N ALA T 52 -82.93 -85.30 -8.35
CA ALA T 52 -83.12 -85.99 -9.61
C ALA T 52 -84.45 -85.59 -10.25
N GLU T 53 -85.49 -85.50 -9.43
CA GLU T 53 -86.78 -85.02 -9.92
C GLU T 53 -86.64 -83.61 -10.46
N ASN T 54 -85.88 -82.79 -9.75
CA ASN T 54 -85.66 -81.42 -10.21
C ASN T 54 -84.96 -81.40 -11.56
N ALA T 55 -83.94 -82.23 -11.71
CA ALA T 55 -83.21 -82.29 -12.96
C ALA T 55 -84.10 -82.77 -14.08
N ILE T 56 -84.95 -83.75 -13.81
CA ILE T 56 -85.85 -84.23 -14.85
C ILE T 56 -86.79 -83.12 -15.27
N ARG T 57 -87.33 -82.39 -14.30
CA ARG T 57 -88.21 -81.28 -14.62
C ARG T 57 -87.50 -80.27 -15.48
N GLN T 58 -86.27 -79.91 -15.09
CA GLN T 58 -85.52 -78.92 -15.83
C GLN T 58 -85.23 -79.39 -17.24
N LYS T 59 -84.94 -80.68 -17.40
CA LYS T 59 -84.69 -81.23 -18.72
C LYS T 59 -85.93 -81.16 -19.59
N ASN T 60 -87.05 -81.60 -19.03
CA ASN T 60 -88.30 -81.57 -19.78
C ASN T 60 -88.62 -80.15 -20.21
N GLN T 61 -88.42 -79.20 -19.29
CA GLN T 61 -88.75 -77.82 -19.57
C GLN T 61 -87.80 -77.22 -20.59
N ALA T 62 -86.52 -77.60 -20.52
CA ALA T 62 -85.57 -77.19 -21.53
C ALA T 62 -85.97 -77.71 -22.89
N VAL T 63 -86.41 -78.95 -22.94
CA VAL T 63 -86.83 -79.54 -24.20
C VAL T 63 -88.03 -78.80 -24.77
N ASN T 64 -88.99 -78.50 -23.90
CA ASN T 64 -90.17 -77.81 -24.35
C ASN T 64 -89.82 -76.42 -24.86
N PHE T 65 -88.93 -75.73 -24.15
CA PHE T 65 -88.50 -74.42 -24.60
C PHE T 65 -87.78 -74.51 -25.92
N LEU T 66 -87.00 -75.56 -26.11
CA LEU T 66 -86.31 -75.73 -27.37
C LEU T 66 -87.27 -75.95 -28.51
N ARG T 67 -88.28 -76.78 -28.28
CA ARG T 67 -89.30 -77.02 -29.29
C ARG T 67 -90.02 -75.73 -29.64
N MET T 68 -90.47 -75.01 -28.62
CA MET T 68 -91.20 -73.78 -28.86
C MET T 68 -90.33 -72.75 -29.56
N SER T 69 -89.06 -72.65 -29.16
CA SER T 69 -88.15 -71.71 -29.79
C SER T 69 -87.95 -72.08 -31.24
N ALA T 70 -87.83 -73.36 -31.54
CA ALA T 70 -87.65 -73.79 -32.91
C ALA T 70 -88.87 -73.46 -33.75
N ARG T 71 -90.05 -73.71 -33.21
CA ARG T 71 -91.27 -73.38 -33.93
C ARG T 71 -91.35 -71.89 -34.20
N VAL T 72 -91.02 -71.09 -33.19
CA VAL T 72 -91.04 -69.65 -33.34
C VAL T 72 -90.03 -69.21 -34.38
N ASP T 73 -88.89 -69.89 -34.43
CA ASP T 73 -87.88 -69.57 -35.42
C ASP T 73 -88.38 -69.86 -36.82
N ALA T 74 -89.05 -70.99 -36.98
CA ALA T 74 -89.64 -71.32 -38.27
C ALA T 74 -90.63 -70.25 -38.69
N VAL T 75 -91.47 -69.82 -37.76
CA VAL T 75 -92.45 -68.80 -38.07
C VAL T 75 -91.77 -67.51 -38.49
N ALA T 76 -90.77 -67.09 -37.72
CA ALA T 76 -90.05 -65.86 -38.03
C ALA T 76 -89.39 -65.96 -39.38
N ALA T 77 -88.90 -67.14 -39.72
CA ALA T 77 -88.25 -67.32 -41.00
C ALA T 77 -89.26 -67.18 -42.14
N ARG T 78 -90.42 -67.77 -41.97
CA ARG T 78 -91.49 -67.59 -42.95
C ARG T 78 -91.83 -66.11 -43.09
N VAL T 79 -91.83 -65.40 -41.98
CA VAL T 79 -92.18 -63.99 -42.01
C VAL T 79 -91.12 -63.20 -42.78
N GLN T 80 -89.85 -63.49 -42.53
CA GLN T 80 -88.79 -62.82 -43.25
C GLN T 80 -88.89 -63.09 -44.73
N THR T 81 -89.20 -64.35 -45.07
CA THR T 81 -89.42 -64.69 -46.47
C THR T 81 -90.51 -63.81 -47.06
N ALA T 82 -91.62 -63.68 -46.33
CA ALA T 82 -92.72 -62.88 -46.82
C ALA T 82 -92.31 -61.44 -47.03
N VAL T 83 -91.54 -60.89 -46.10
CA VAL T 83 -91.15 -59.49 -46.17
C VAL T 83 -90.23 -59.26 -47.35
N THR T 84 -89.29 -60.17 -47.53
CA THR T 84 -88.39 -60.09 -48.68
C THR T 84 -89.19 -60.16 -49.97
N MET T 85 -90.16 -61.06 -50.04
CA MET T 85 -90.99 -61.16 -51.23
C MET T 85 -91.75 -59.86 -51.46
N GLY T 86 -92.17 -59.20 -50.39
CA GLY T 86 -92.87 -57.94 -50.54
C GLY T 86 -91.97 -56.85 -51.09
N LYS T 87 -90.76 -56.76 -50.55
CA LYS T 87 -89.78 -55.83 -51.11
C LYS T 87 -89.59 -56.10 -52.59
N VAL T 88 -89.47 -57.37 -52.94
CA VAL T 88 -89.26 -57.75 -54.33
C VAL T 88 -90.43 -57.30 -55.18
N THR T 89 -91.64 -57.53 -54.69
CA THR T 89 -92.82 -57.13 -55.43
C THR T 89 -92.84 -55.62 -55.64
N LYS T 90 -92.44 -54.86 -54.63
CA LYS T 90 -92.36 -53.42 -54.77
C LYS T 90 -91.39 -53.04 -55.87
N SER T 91 -90.17 -53.53 -55.77
CA SER T 91 -89.17 -53.23 -56.78
C SER T 91 -89.67 -53.59 -58.17
N MET T 92 -90.35 -54.73 -58.27
CA MET T 92 -90.82 -55.20 -59.57
C MET T 92 -91.91 -54.32 -60.12
N ALA T 93 -92.81 -53.86 -59.25
CA ALA T 93 -93.85 -52.94 -59.69
C ALA T 93 -93.24 -51.63 -60.17
N GLY T 94 -92.23 -51.13 -59.46
CA GLY T 94 -91.53 -49.96 -59.94
C GLY T 94 -90.93 -50.18 -61.32
N VAL T 95 -90.30 -51.34 -61.49
CA VAL T 95 -89.70 -51.65 -62.79
C VAL T 95 -90.78 -51.73 -63.85
N VAL T 96 -91.94 -52.25 -63.49
CA VAL T 96 -93.05 -52.32 -64.44
C VAL T 96 -93.44 -50.92 -64.89
N LYS T 97 -93.64 -50.03 -63.93
CA LYS T 97 -93.98 -48.65 -64.27
C LYS T 97 -92.95 -48.07 -65.23
N SER T 98 -91.67 -48.18 -64.85
CA SER T 98 -90.62 -47.54 -65.63
C SER T 98 -90.55 -48.13 -67.03
N MET T 99 -90.61 -49.45 -67.14
CA MET T 99 -90.48 -50.10 -68.45
C MET T 99 -91.70 -49.86 -69.31
N ASP T 100 -92.88 -49.79 -68.71
CA ASP T 100 -94.07 -49.44 -69.48
C ASP T 100 -93.93 -48.03 -70.03
N ALA T 101 -93.42 -47.11 -69.20
CA ALA T 101 -93.15 -45.76 -69.67
C ALA T 101 -92.19 -45.79 -70.86
N THR T 102 -91.11 -46.55 -70.73
CA THR T 102 -90.11 -46.59 -71.80
C THR T 102 -90.71 -47.14 -73.09
N LEU T 103 -91.43 -48.27 -72.98
CA LEU T 103 -92.05 -48.86 -74.17
C LEU T 103 -93.09 -47.92 -74.77
N LYS T 104 -93.74 -47.10 -73.96
CA LYS T 104 -94.66 -46.12 -74.50
C LYS T 104 -93.92 -45.03 -75.24
N THR T 105 -92.75 -44.64 -74.74
CA THR T 105 -91.96 -43.62 -75.43
C THR T 105 -91.36 -44.17 -76.71
N MET T 106 -90.60 -45.26 -76.59
CA MET T 106 -89.91 -45.85 -77.72
C MET T 106 -90.63 -47.11 -78.18
N ASN T 107 -90.57 -47.35 -79.48
CA ASN T 107 -91.20 -48.50 -80.10
C ASN T 107 -90.23 -49.11 -81.10
N LEU T 108 -90.68 -50.16 -81.77
CA LEU T 108 -89.84 -50.89 -82.71
C LEU T 108 -89.85 -50.27 -84.10
N GLU T 109 -90.94 -49.63 -84.50
CA GLU T 109 -91.00 -49.02 -85.82
C GLU T 109 -89.96 -47.91 -85.93
N LYS T 110 -89.74 -47.17 -84.85
CA LYS T 110 -88.70 -46.16 -84.86
C LYS T 110 -87.34 -46.80 -85.08
N ILE T 111 -87.08 -47.93 -84.45
CA ILE T 111 -85.82 -48.63 -84.62
C ILE T 111 -85.65 -49.07 -86.07
N SER T 112 -86.70 -49.65 -86.64
CA SER T 112 -86.62 -50.12 -88.02
C SER T 112 -86.40 -48.97 -88.97
N ALA T 113 -87.08 -47.84 -88.75
CA ALA T 113 -86.88 -46.68 -89.61
C ALA T 113 -85.46 -46.16 -89.49
N LEU T 114 -84.94 -46.09 -88.27
CA LEU T 114 -83.58 -45.62 -88.07
C LEU T 114 -82.58 -46.54 -88.77
N MET T 115 -82.81 -47.84 -88.70
CA MET T 115 -81.87 -48.78 -89.32
C MET T 115 -81.96 -48.73 -90.83
N ASP T 116 -83.17 -48.61 -91.37
CA ASP T 116 -83.31 -48.47 -92.82
C ASP T 116 -82.63 -47.20 -93.29
N LYS T 117 -82.83 -46.11 -92.57
CA LYS T 117 -82.08 -44.89 -92.85
C LYS T 117 -80.60 -45.17 -92.85
N PHE T 118 -80.08 -45.69 -91.73
CA PHE T 118 -78.65 -45.92 -91.61
C PHE T 118 -78.13 -46.69 -92.81
N GLU T 119 -78.88 -47.70 -93.23
CA GLU T 119 -78.51 -48.47 -94.40
C GLU T 119 -78.41 -47.58 -95.64
N HIS T 120 -79.46 -46.78 -95.89
CA HIS T 120 -79.46 -45.94 -97.07
C HIS T 120 -78.36 -44.89 -97.03
N GLN T 121 -78.14 -44.27 -95.87
CA GLN T 121 -77.10 -43.27 -95.75
C GLN T 121 -75.73 -43.88 -95.96
N PHE T 122 -75.50 -45.06 -95.39
CA PHE T 122 -74.21 -45.71 -95.57
C PHE T 122 -74.02 -46.16 -97.00
N GLU T 123 -75.11 -46.54 -97.68
CA GLU T 123 -75.00 -46.89 -99.09
C GLU T 123 -74.63 -45.68 -99.93
N THR T 124 -75.27 -44.55 -99.66
CA THR T 124 -74.93 -43.32 -100.35
C THR T 124 -73.50 -42.91 -100.07
N LEU T 125 -73.06 -43.09 -98.83
CA LEU T 125 -71.69 -42.77 -98.46
C LEU T 125 -70.70 -43.68 -99.16
N ASP T 126 -71.04 -44.97 -99.27
CA ASP T 126 -70.18 -45.89 -99.98
C ASP T 126 -70.08 -45.49 -101.45
N VAL T 127 -71.20 -45.07 -102.03
CA VAL T 127 -71.19 -44.60 -103.42
C VAL T 127 -70.30 -43.37 -103.56
N GLN T 128 -70.42 -42.42 -102.64
CA GLN T 128 -69.61 -41.22 -102.69
C GLN T 128 -68.13 -41.56 -102.57
N THR T 129 -67.80 -42.47 -101.66
CA THR T 129 -66.41 -42.87 -101.47
C THR T 129 -65.87 -43.58 -102.70
N GLN T 130 -66.69 -44.42 -103.33
CA GLN T 130 -66.28 -45.08 -104.55
C GLN T 130 -66.02 -44.07 -105.66
N GLN T 131 -66.91 -43.07 -105.78
CA GLN T 131 -66.70 -42.01 -106.75
C GLN T 131 -65.41 -41.26 -106.48
N MET T 132 -65.16 -40.92 -105.21
CA MET T 132 -63.92 -40.23 -104.86
C MET T 132 -62.71 -41.07 -105.20
N GLU T 133 -62.76 -42.36 -104.87
CA GLU T 133 -61.66 -43.26 -105.19
C GLU T 133 -61.40 -43.27 -106.69
N ASP T 134 -62.46 -43.45 -107.47
CA ASP T 134 -62.32 -43.50 -108.92
C ASP T 134 -61.71 -42.21 -109.45
N THR T 135 -62.22 -41.06 -108.99
CA THR T 135 -61.74 -39.79 -109.49
C THR T 135 -60.28 -39.56 -109.12
N MET T 136 -59.95 -39.73 -107.83
CA MET T 136 -58.59 -39.51 -107.38
C MET T 136 -57.60 -40.51 -107.96
N SER T 137 -58.06 -41.70 -108.35
CA SER T 137 -57.19 -42.65 -109.02
C SER T 137 -57.02 -42.29 -110.49
N SER T 138 -58.07 -41.77 -111.12
CA SER T 138 -57.95 -41.33 -112.50
C SER T 138 -57.02 -40.12 -112.62
N THR T 139 -57.03 -39.24 -111.61
CA THR T 139 -56.15 -38.08 -111.64
C THR T 139 -54.69 -38.50 -111.55
N THR T 140 -54.38 -39.41 -110.62
CA THR T 140 -53.01 -39.83 -110.36
C THR T 140 -52.72 -41.08 -111.17
N THR T 141 -52.26 -40.88 -112.42
CA THR T 141 -51.94 -42.01 -113.28
C THR T 141 -50.58 -41.89 -113.96
N LEU T 142 -50.16 -40.65 -114.26
CA LEU T 142 -48.91 -40.46 -115.00
C LEU T 142 -47.70 -40.65 -114.10
N THR T 143 -47.72 -40.05 -112.92
CA THR T 143 -46.56 -40.02 -112.03
C THR T 143 -46.45 -41.27 -111.16
N THR T 144 -47.05 -42.38 -111.59
CA THR T 144 -46.79 -43.69 -111.00
C THR T 144 -46.97 -44.77 -112.05
N PRO T 145 -46.02 -44.92 -112.97
CA PRO T 145 -46.08 -46.06 -113.88
C PRO T 145 -46.06 -47.35 -113.07
N GLN T 146 -46.47 -48.44 -113.71
CA GLN T 146 -46.47 -49.72 -113.02
C GLN T 146 -45.11 -50.40 -113.10
N ASN T 147 -44.36 -50.16 -114.16
CA ASN T 147 -43.04 -50.76 -114.29
C ASN T 147 -42.10 -50.27 -113.21
N GLN T 148 -42.12 -48.97 -112.93
CA GLN T 148 -41.25 -48.43 -111.90
C GLN T 148 -41.61 -48.99 -110.54
N VAL T 149 -42.92 -49.08 -110.27
CA VAL T 149 -43.36 -49.62 -108.99
C VAL T 149 -42.96 -51.08 -108.86
N ASP T 150 -43.10 -51.84 -109.94
CA ASP T 150 -42.72 -53.24 -109.90
C ASP T 150 -41.22 -53.39 -109.68
N MET T 151 -40.43 -52.56 -110.36
CA MET T 151 -38.99 -52.62 -110.18
C MET T 151 -38.60 -52.29 -108.76
N LEU T 152 -39.21 -51.24 -108.21
CA LEU T 152 -38.90 -50.85 -106.84
C LEU T 152 -39.32 -51.92 -105.86
N LEU T 153 -40.48 -52.53 -106.09
CA LEU T 153 -40.95 -53.58 -105.20
C LEU T 153 -40.01 -54.76 -105.22
N GLN T 154 -39.60 -55.17 -106.42
CA GLN T 154 -38.65 -56.26 -106.54
C GLN T 154 -37.34 -55.90 -105.84
N GLU T 155 -36.89 -54.66 -106.00
CA GLU T 155 -35.64 -54.24 -105.42
C GLU T 155 -35.71 -54.27 -103.90
N MET T 156 -36.76 -53.69 -103.34
CA MET T 156 -36.89 -53.63 -101.90
C MET T 156 -37.18 -55.00 -101.30
N ALA T 157 -37.82 -55.88 -102.07
CA ALA T 157 -38.05 -57.23 -101.60
C ALA T 157 -36.76 -58.03 -101.58
N ASP T 158 -35.91 -57.79 -102.58
CA ASP T 158 -34.59 -58.41 -102.58
C ASP T 158 -33.74 -57.86 -101.45
N GLU T 159 -33.88 -56.56 -101.18
CA GLU T 159 -33.12 -55.95 -100.08
C GLU T 159 -33.56 -56.54 -98.75
N ALA T 160 -34.86 -56.56 -98.50
CA ALA T 160 -35.39 -57.17 -97.29
C ALA T 160 -35.11 -58.66 -97.28
N GLY T 161 -35.29 -59.32 -98.41
CA GLY T 161 -35.04 -60.75 -98.51
C GLY T 161 -36.32 -61.55 -98.63
N LEU T 162 -37.31 -61.00 -99.32
CA LEU T 162 -38.57 -61.69 -99.55
C LEU T 162 -38.93 -61.63 -101.03
N ASP T 163 -39.93 -62.43 -101.41
CA ASP T 163 -40.43 -62.49 -102.76
C ASP T 163 -41.93 -62.22 -102.77
N LEU T 164 -42.40 -61.65 -103.86
CA LEU T 164 -43.80 -61.31 -104.05
C LEU T 164 -44.43 -62.15 -105.15
N SER U 2 76.21 75.22 44.75
CA SER U 2 77.32 76.12 45.05
C SER U 2 78.10 76.45 43.80
N ASN U 3 78.97 77.45 43.91
CA ASN U 3 79.89 77.72 42.80
C ASN U 3 80.69 76.47 42.48
N MET U 4 81.00 75.66 43.50
CA MET U 4 81.75 74.44 43.26
C MET U 4 80.99 73.51 42.34
N GLU U 5 79.70 73.35 42.58
CA GLU U 5 78.91 72.42 41.76
C GLU U 5 78.75 72.93 40.34
N LYS U 6 78.46 74.23 40.21
CA LYS U 6 78.36 74.81 38.87
C LYS U 6 79.66 74.66 38.12
N HIS U 7 80.78 74.86 38.80
CA HIS U 7 82.07 74.75 38.15
C HIS U 7 82.37 73.31 37.80
N LEU U 8 81.93 72.37 38.63
CA LEU U 8 82.11 70.96 38.30
C LEU U 8 81.33 70.59 37.07
N PHE U 9 80.09 71.04 36.99
CA PHE U 9 79.29 70.82 35.79
C PHE U 9 79.99 71.43 34.59
N ASN U 10 80.51 72.63 34.74
CA ASN U 10 81.21 73.30 33.65
C ASN U 10 82.40 72.49 33.20
N LEU U 11 83.15 71.94 34.16
CA LEU U 11 84.34 71.16 33.83
C LEU U 11 83.98 69.87 33.14
N LYS U 12 82.92 69.21 33.61
CA LYS U 12 82.47 67.99 32.96
C LYS U 12 82.03 68.28 31.54
N PHE U 13 81.27 69.35 31.35
CA PHE U 13 80.87 69.76 30.01
C PHE U 13 82.09 70.01 29.14
N ALA U 14 83.10 70.68 29.69
CA ALA U 14 84.29 70.99 28.92
C ALA U 14 85.03 69.73 28.52
N ALA U 15 85.16 68.79 29.45
CA ALA U 15 85.85 67.54 29.16
C ALA U 15 85.11 66.76 28.09
N LYS U 16 83.79 66.69 28.20
CA LYS U 16 83.00 65.99 27.20
C LYS U 16 83.13 66.66 25.85
N GLU U 17 83.17 67.99 25.85
CA GLU U 17 83.30 68.72 24.60
C GLU U 17 84.66 68.46 23.97
N LEU U 18 85.71 68.42 24.78
CA LEU U 18 87.03 68.13 24.26
C LEU U 18 87.09 66.71 23.70
N SER U 19 86.48 65.77 24.40
CA SER U 19 86.45 64.41 23.91
C SER U 19 85.72 64.33 22.57
N ARG U 20 84.59 65.03 22.47
CA ARG U 20 83.84 65.01 21.23
C ARG U 20 84.62 65.69 20.11
N SER U 21 85.34 66.76 20.43
CA SER U 21 86.15 67.43 19.42
C SER U 21 87.26 66.54 18.93
N ALA U 22 87.90 65.82 19.85
CA ALA U 22 88.91 64.85 19.47
C ALA U 22 88.31 63.77 18.59
N LYS U 23 87.11 63.31 18.92
CA LYS U 23 86.45 62.30 18.11
C LYS U 23 86.18 62.81 16.71
N LYS U 24 85.72 64.05 16.62
CA LYS U 24 85.48 64.65 15.31
C LYS U 24 86.76 64.77 14.53
N CYS U 25 87.83 65.21 15.18
CA CYS U 25 89.11 65.30 14.51
C CYS U 25 89.55 63.95 13.99
N ASP U 26 89.30 62.90 14.78
CA ASP U 26 89.69 61.55 14.38
C ASP U 26 88.89 61.09 13.17
N LYS U 27 87.58 61.29 13.22
CA LYS U 27 86.73 60.91 12.10
C LYS U 27 87.16 61.65 10.84
N GLU U 28 87.49 62.93 11.00
CA GLU U 28 87.91 63.74 9.87
C GLU U 28 89.24 63.25 9.33
N GLU U 29 90.15 62.85 10.21
CA GLU U 29 91.41 62.28 9.77
C GLU U 29 91.18 61.02 8.97
N LYS U 30 90.29 60.16 9.45
CA LYS U 30 89.97 58.93 8.73
C LYS U 30 89.40 59.25 7.35
N ALA U 31 88.47 60.19 7.30
CA ALA U 31 87.87 60.56 6.03
C ALA U 31 88.90 61.14 5.08
N GLU U 32 89.82 61.94 5.60
CA GLU U 32 90.85 62.54 4.77
C GLU U 32 91.78 61.48 4.22
N LYS U 33 92.15 60.52 5.07
CA LYS U 33 93.00 59.43 4.60
C LYS U 33 92.29 58.61 3.53
N ALA U 34 91.00 58.37 3.73
CA ALA U 34 90.21 57.69 2.72
C ALA U 34 90.27 58.45 1.40
N LYS U 35 89.95 59.74 1.44
CA LYS U 35 89.97 60.54 0.22
C LYS U 35 91.35 60.58 -0.41
N ILE U 36 92.39 60.57 0.41
CA ILE U 36 93.74 60.50 -0.11
C ILE U 36 93.91 59.24 -0.93
N GLU U 37 93.45 58.11 -0.38
CA GLU U 37 93.52 56.86 -1.12
C GLU U 37 92.77 56.97 -2.42
N LYS U 38 91.53 57.47 -2.34
CA LYS U 38 90.69 57.54 -3.53
C LYS U 38 91.28 58.45 -4.59
N ALA U 39 92.01 59.48 -4.18
CA ALA U 39 92.60 60.42 -5.12
C ALA U 39 93.88 59.88 -5.73
N ILE U 40 94.72 59.28 -4.90
CA ILE U 40 95.97 58.71 -5.39
C ILE U 40 95.69 57.55 -6.33
N GLN U 41 94.65 56.79 -6.03
CA GLN U 41 94.24 55.72 -6.93
C GLN U 41 93.94 56.24 -8.31
N LYS U 42 93.74 57.54 -8.45
CA LYS U 42 93.48 58.16 -9.73
C LYS U 42 94.65 58.98 -10.24
N GLY U 43 95.68 59.15 -9.42
CA GLY U 43 96.87 59.86 -9.87
C GLY U 43 96.85 61.32 -9.47
N ASN U 44 96.58 61.59 -8.19
CA ASN U 44 96.58 62.95 -7.67
C ASN U 44 97.62 63.03 -6.57
N MET U 45 98.59 63.91 -6.77
CA MET U 45 99.59 64.17 -5.75
C MET U 45 99.19 65.31 -4.84
N GLU U 46 98.83 66.45 -5.44
CA GLU U 46 98.57 67.63 -4.66
C GLU U 46 97.41 67.42 -3.70
N VAL U 47 96.36 66.75 -4.16
CA VAL U 47 95.23 66.46 -3.28
C VAL U 47 95.70 65.61 -2.11
N ALA U 48 96.57 64.66 -2.41
CA ALA U 48 97.13 63.84 -1.36
C ALA U 48 97.90 64.67 -0.35
N ARG U 49 98.76 65.56 -0.84
CA ARG U 49 99.50 66.43 0.07
C ARG U 49 98.56 67.25 0.93
N ILE U 50 97.54 67.82 0.30
CA ILE U 50 96.61 68.69 1.02
C ILE U 50 95.91 67.93 2.13
N HIS U 51 95.33 66.79 1.77
CA HIS U 51 94.62 65.99 2.76
C HIS U 51 95.56 65.51 3.85
N ALA U 52 96.81 65.23 3.51
CA ALA U 52 97.77 64.81 4.51
C ALA U 52 98.05 65.94 5.48
N GLU U 53 98.20 67.15 4.97
CA GLU U 53 98.37 68.31 5.84
C GLU U 53 97.16 68.45 6.75
N ASN U 54 95.98 68.25 6.19
CA ASN U 54 94.76 68.33 6.99
C ASN U 54 94.76 67.32 8.10
N ALA U 55 95.15 66.09 7.78
CA ALA U 55 95.18 65.03 8.77
C ALA U 55 96.20 65.34 9.86
N ILE U 56 97.34 65.88 9.47
CA ILE U 56 98.35 66.24 10.47
C ILE U 56 97.80 67.31 11.40
N ARG U 57 97.15 68.31 10.83
CA ARG U 57 96.55 69.36 11.65
C ARG U 57 95.55 68.76 12.62
N GLN U 58 94.69 67.89 12.11
CA GLN U 58 93.66 67.30 12.96
C GLN U 58 94.28 66.46 14.06
N LYS U 59 95.35 65.76 13.75
CA LYS U 59 96.02 64.96 14.75
C LYS U 59 96.63 65.82 15.84
N ASN U 60 97.33 66.86 15.42
CA ASN U 60 97.94 67.78 16.37
C ASN U 60 96.89 68.39 17.27
N GLN U 61 95.76 68.78 16.68
CA GLN U 61 94.70 69.42 17.43
C GLN U 61 94.03 68.44 18.36
N ALA U 62 93.86 67.20 17.92
CA ALA U 62 93.33 66.16 18.78
C ALA U 62 94.25 65.96 19.97
N VAL U 63 95.55 65.93 19.73
CA VAL U 63 96.51 65.76 20.81
C VAL U 63 96.41 66.90 21.80
N ASN U 64 96.33 68.11 21.29
CA ASN U 64 96.26 69.26 22.16
C ASN U 64 94.99 69.23 22.99
N PHE U 65 93.88 68.85 22.37
CA PHE U 65 92.62 68.74 23.09
C PHE U 65 92.72 67.66 24.15
N LEU U 66 93.40 66.58 23.85
CA LEU U 66 93.55 65.52 24.82
C LEU U 66 94.37 65.97 26.00
N ARG U 67 95.45 66.69 25.74
CA ARG U 67 96.26 67.23 26.82
C ARG U 67 95.46 68.18 27.70
N MET U 68 94.76 69.11 27.05
CA MET U 68 93.98 70.08 27.80
C MET U 68 92.89 69.40 28.60
N SER U 69 92.22 68.43 27.99
CA SER U 69 91.16 67.70 28.68
C SER U 69 91.73 66.97 29.88
N ALA U 70 92.90 66.37 29.72
CA ALA U 70 93.51 65.66 30.84
C ALA U 70 93.86 66.61 31.97
N ARG U 71 94.41 67.76 31.64
CA ARG U 71 94.74 68.74 32.66
C ARG U 71 93.50 69.20 33.38
N VAL U 72 92.43 69.46 32.63
CA VAL U 72 91.18 69.88 33.21
C VAL U 72 90.61 68.79 34.11
N ASP U 73 90.80 67.54 33.70
CA ASP U 73 90.34 66.43 34.51
C ASP U 73 91.09 66.36 35.83
N ALA U 74 92.40 66.57 35.77
CA ALA U 74 93.19 66.60 36.99
C ALA U 74 92.70 67.70 37.91
N VAL U 75 92.44 68.87 37.36
CA VAL U 75 91.97 69.99 38.16
C VAL U 75 90.62 69.66 38.80
N ALA U 76 89.71 69.12 38.00
CA ALA U 76 88.40 68.76 38.53
C ALA U 76 88.51 67.72 39.61
N ALA U 77 89.46 66.80 39.47
CA ALA U 77 89.65 65.78 40.47
C ALA U 77 90.14 66.39 41.77
N ARG U 78 91.10 67.30 41.67
CA ARG U 78 91.54 68.02 42.85
C ARG U 78 90.38 68.74 43.51
N VAL U 79 89.51 69.31 42.71
CA VAL U 79 88.37 70.04 43.24
C VAL U 79 87.42 69.11 43.98
N GLN U 80 87.15 67.95 43.39
CA GLN U 80 86.29 66.99 44.05
C GLN U 80 86.89 66.55 45.37
N THR U 81 88.20 66.33 45.37
CA THR U 81 88.89 66.01 46.60
C THR U 81 88.65 67.08 47.64
N ALA U 82 88.81 68.33 47.24
CA ALA U 82 88.61 69.44 48.17
C ALA U 82 87.20 69.46 48.72
N VAL U 83 86.21 69.21 47.85
CA VAL U 83 84.83 69.27 48.27
C VAL U 83 84.53 68.16 49.26
N THR U 84 85.01 66.97 48.95
CA THR U 84 84.84 65.85 49.86
C THR U 84 85.48 66.15 51.21
N MET U 85 86.68 66.72 51.19
CA MET U 85 87.34 67.08 52.44
C MET U 85 86.52 68.11 53.20
N GLY U 86 85.86 69.01 52.49
CA GLY U 86 85.03 69.99 53.16
C GLY U 86 83.82 69.35 53.83
N LYS U 87 83.16 68.45 53.11
CA LYS U 87 82.06 67.69 53.72
C LYS U 87 82.54 66.98 54.96
N VAL U 88 83.71 66.38 54.88
CA VAL U 88 84.28 65.65 56.00
C VAL U 88 84.50 66.59 57.17
N THR U 89 85.06 67.76 56.90
CA THR U 89 85.31 68.73 57.95
C THR U 89 84.02 69.15 58.62
N LYS U 90 82.97 69.33 57.82
CA LYS U 90 81.66 69.66 58.38
C LYS U 90 81.19 68.58 59.33
N SER U 91 81.14 67.35 58.83
CA SER U 91 80.70 66.24 59.66
C SER U 91 81.51 66.16 60.93
N MET U 92 82.82 66.38 60.82
CA MET U 92 83.71 66.26 61.98
C MET U 92 83.46 67.37 62.98
N ALA U 93 83.19 68.58 62.51
CA ALA U 93 82.85 69.67 63.41
C ALA U 93 81.55 69.38 64.14
N GLY U 94 80.56 68.84 63.43
CA GLY U 94 79.34 68.43 64.09
C GLY U 94 79.61 67.41 65.17
N VAL U 95 80.43 66.42 64.85
CA VAL U 95 80.77 65.40 65.84
C VAL U 95 81.47 66.02 67.02
N VAL U 96 82.31 67.02 66.77
CA VAL U 96 83.00 67.71 67.85
C VAL U 96 81.98 68.35 68.78
N LYS U 97 81.06 69.11 68.20
CA LYS U 97 80.02 69.74 69.01
C LYS U 97 79.31 68.71 69.86
N SER U 98 78.84 67.63 69.22
CA SER U 98 78.04 66.64 69.93
C SER U 98 78.83 65.97 71.04
N MET U 99 80.07 65.59 70.75
CA MET U 99 80.88 64.88 71.73
C MET U 99 81.31 65.79 72.86
N ASP U 100 81.58 67.05 72.57
CA ASP U 100 81.87 68.00 73.63
C ASP U 100 80.66 68.15 74.54
N ALA U 101 79.48 68.24 73.95
CA ALA U 101 78.26 68.27 74.75
C ALA U 101 78.18 67.04 75.65
N THR U 102 78.41 65.86 75.08
CA THR U 102 78.30 64.63 75.85
C THR U 102 79.29 64.61 77.00
N LEU U 103 80.55 64.93 76.71
CA LEU U 103 81.58 64.95 77.75
C LEU U 103 81.27 65.99 78.81
N LYS U 104 80.61 67.08 78.44
CA LYS U 104 80.20 68.05 79.44
C LYS U 104 79.08 67.50 80.31
N THR U 105 78.18 66.72 79.73
CA THR U 105 77.11 66.12 80.51
C THR U 105 77.65 65.02 81.41
N MET U 106 78.31 64.04 80.81
CA MET U 106 78.82 62.90 81.54
C MET U 106 80.32 63.00 81.72
N ASN U 107 80.79 62.48 82.85
CA ASN U 107 82.20 62.51 83.20
C ASN U 107 82.59 61.14 83.74
N LEU U 108 83.85 61.01 84.13
CA LEU U 108 84.38 59.74 84.61
C LEU U 108 84.13 59.52 86.09
N GLU U 109 84.06 60.59 86.89
CA GLU U 109 83.81 60.42 88.31
C GLU U 109 82.43 59.81 88.55
N LYS U 110 81.46 60.17 87.72
CA LYS U 110 80.15 59.54 87.82
C LYS U 110 80.25 58.05 87.56
N ILE U 111 81.05 57.66 86.57
CA ILE U 111 81.22 56.24 86.26
C ILE U 111 81.86 55.53 87.44
N SER U 112 82.90 56.12 87.99
CA SER U 112 83.59 55.49 89.11
C SER U 112 82.67 55.35 90.32
N ALA U 113 81.87 56.39 90.59
CA ALA U 113 80.93 56.31 91.70
C ALA U 113 79.91 55.23 91.46
N LEU U 114 79.37 55.15 90.25
CA LEU U 114 78.39 54.13 89.92
C LEU U 114 78.98 52.74 90.09
N MET U 115 80.23 52.55 89.67
CA MET U 115 80.83 51.23 89.76
C MET U 115 81.16 50.87 91.21
N ASP U 116 81.62 51.83 91.99
CA ASP U 116 81.86 51.57 93.41
C ASP U 116 80.56 51.21 94.11
N LYS U 117 79.50 51.94 93.80
CA LYS U 117 78.18 51.57 94.29
C LYS U 117 77.87 50.13 93.89
N PHE U 118 77.88 49.85 92.59
CA PHE U 118 77.52 48.53 92.11
C PHE U 118 78.27 47.46 92.88
N GLU U 119 79.55 47.69 93.12
CA GLU U 119 80.35 46.75 93.89
C GLU U 119 79.79 46.58 95.29
N HIS U 120 79.52 47.70 95.98
CA HIS U 120 79.02 47.60 97.35
C HIS U 120 77.65 46.94 97.40
N GLN U 121 76.76 47.30 96.48
CA GLN U 121 75.43 46.71 96.46
C GLN U 121 75.50 45.23 96.18
N PHE U 122 76.35 44.82 95.24
CA PHE U 122 76.49 43.40 94.96
C PHE U 122 77.12 42.65 96.11
N GLU U 123 78.02 43.30 96.84
CA GLU U 123 78.60 42.68 98.02
C GLU U 123 77.54 42.47 99.09
N THR U 124 76.71 43.49 99.33
CA THR U 124 75.63 43.35 100.28
C THR U 124 74.65 42.27 99.84
N LEU U 125 74.38 42.19 98.54
CA LEU U 125 73.48 41.18 98.02
C LEU U 125 74.07 39.79 98.19
N ASP U 126 75.38 39.65 97.96
CA ASP U 126 76.04 38.38 98.17
C ASP U 126 75.95 37.98 99.63
N VAL U 127 76.12 38.94 100.53
CA VAL U 127 75.99 38.65 101.95
C VAL U 127 74.58 38.19 102.29
N GLN U 128 73.58 38.88 101.74
CA GLN U 128 72.20 38.50 102.00
C GLN U 128 71.91 37.12 101.48
N THR U 129 72.41 36.80 100.28
CA THR U 129 72.19 35.47 99.71
C THR U 129 72.89 34.40 100.52
N GLN U 130 74.09 34.70 101.02
CA GLN U 130 74.79 33.73 101.86
C GLN U 130 74.02 33.49 103.15
N GLN U 131 73.48 34.56 103.74
CA GLN U 131 72.66 34.41 104.94
C GLN U 131 71.43 33.56 104.65
N MET U 132 70.76 33.83 103.53
CA MET U 132 69.60 33.05 103.16
C MET U 132 69.95 31.58 102.96
N GLU U 133 71.07 31.32 102.27
CA GLU U 133 71.51 29.96 102.07
C GLU U 133 71.75 29.27 103.40
N ASP U 134 72.48 29.93 104.29
CA ASP U 134 72.78 29.35 105.60
C ASP U 134 71.50 29.04 106.36
N THR U 135 70.57 30.00 106.39
CA THR U 135 69.35 29.81 107.15
C THR U 135 68.51 28.67 106.57
N MET U 136 68.26 28.71 105.26
CA MET U 136 67.43 27.70 104.62
C MET U 136 68.09 26.33 104.65
N SER U 137 69.42 26.25 104.74
CA SER U 137 70.08 24.96 104.90
C SER U 137 70.00 24.47 106.34
N SER U 138 70.07 25.40 107.30
CA SER U 138 69.91 25.02 108.70
C SER U 138 68.51 24.52 108.98
N THR U 139 67.51 25.10 108.32
CA THR U 139 66.13 24.67 108.53
C THR U 139 65.92 23.25 108.01
N THR U 140 66.43 22.96 106.81
CA THR U 140 66.22 21.68 106.15
C THR U 140 67.41 20.77 106.47
N THR U 141 67.33 20.05 107.58
CA THR U 141 68.40 19.15 107.98
C THR U 141 67.91 17.76 108.37
N LEU U 142 66.70 17.67 108.93
CA LEU U 142 66.21 16.38 109.42
C LEU U 142 65.72 15.50 108.28
N THR U 143 64.94 16.06 107.37
CA THR U 143 64.28 15.31 106.32
C THR U 143 65.17 15.08 105.12
N THR U 144 66.49 15.14 105.29
CA THR U 144 67.44 14.67 104.28
C THR U 144 68.71 14.18 104.96
N PRO U 145 68.68 13.00 105.58
CA PRO U 145 69.92 12.42 106.08
C PRO U 145 70.90 12.25 104.93
N GLN U 146 72.17 12.08 105.28
CA GLN U 146 73.17 11.89 104.24
C GLN U 146 73.27 10.43 103.81
N ASN U 147 73.00 9.51 104.73
CA ASN U 147 73.07 8.10 104.40
C ASN U 147 72.03 7.73 103.36
N GLN U 148 70.81 8.24 103.50
CA GLN U 148 69.78 7.92 102.52
C GLN U 148 70.13 8.50 101.16
N VAL U 149 70.65 9.72 101.15
CA VAL U 149 71.04 10.34 99.89
C VAL U 149 72.16 9.56 99.24
N ASP U 150 73.13 9.12 100.04
CA ASP U 150 74.24 8.35 99.49
C ASP U 150 73.75 7.03 98.93
N MET U 151 72.84 6.36 99.66
CA MET U 151 72.31 5.11 99.18
C MET U 151 71.56 5.30 97.88
N LEU U 152 70.73 6.33 97.81
CA LEU U 152 69.97 6.58 96.59
C LEU U 152 70.89 6.93 95.45
N LEU U 153 71.92 7.71 95.70
CA LEU U 153 72.85 8.08 94.66
C LEU U 153 73.57 6.85 94.12
N GLN U 154 74.04 6.00 95.02
CA GLN U 154 74.67 4.76 94.60
C GLN U 154 73.70 3.91 93.79
N GLU U 155 72.45 3.84 94.24
CA GLU U 155 71.45 3.02 93.57
C GLU U 155 71.20 3.53 92.16
N MET U 156 70.96 4.83 92.04
CA MET U 156 70.64 5.40 90.74
C MET U 156 71.85 5.41 89.83
N ALA U 157 73.06 5.49 90.39
CA ALA U 157 74.26 5.41 89.58
C ALA U 157 74.48 4.00 89.06
N ASP U 158 74.16 3.01 89.88
CA ASP U 158 74.21 1.63 89.43
C ASP U 158 73.14 1.37 88.38
N GLU U 159 71.97 1.98 88.54
CA GLU U 159 70.91 1.84 87.57
C GLU U 159 71.32 2.44 86.24
N ALA U 160 71.78 3.68 86.27
CA ALA U 160 72.27 4.33 85.06
C ALA U 160 73.50 3.62 84.52
N GLY U 161 74.41 3.23 85.42
CA GLY U 161 75.61 2.53 85.03
C GLY U 161 76.84 3.40 85.15
N LEU U 162 76.88 4.25 86.17
CA LEU U 162 78.03 5.11 86.42
C LEU U 162 78.44 5.00 87.89
N ASP U 163 79.61 5.53 88.19
CA ASP U 163 80.15 5.57 89.54
C ASP U 163 80.48 7.00 89.93
N LEU U 164 80.38 7.26 91.23
CA LEU U 164 80.66 8.58 91.78
C LEU U 164 81.88 8.54 92.68
N SER V 2 -83.53 -41.65 -63.21
CA SER V 2 -84.77 -42.18 -63.78
C SER V 2 -85.35 -43.27 -62.91
N ASN V 3 -86.59 -43.65 -63.19
CA ASN V 3 -87.15 -44.81 -62.53
C ASN V 3 -86.28 -46.02 -62.76
N MET V 4 -85.65 -46.10 -63.93
CA MET V 4 -84.77 -47.22 -64.22
C MET V 4 -83.62 -47.28 -63.23
N GLU V 5 -83.01 -46.13 -62.96
CA GLU V 5 -81.85 -46.12 -62.06
C GLU V 5 -82.26 -46.43 -60.64
N LYS V 6 -83.36 -45.84 -60.18
CA LYS V 6 -83.86 -46.14 -58.84
C LYS V 6 -84.17 -47.63 -58.70
N HIS V 7 -84.77 -48.20 -59.74
CA HIS V 7 -85.12 -49.61 -59.69
C HIS V 7 -83.88 -50.47 -59.73
N LEU V 8 -82.86 -50.04 -60.46
CA LEU V 8 -81.59 -50.78 -60.47
C LEU V 8 -80.96 -50.77 -59.10
N PHE V 9 -80.94 -49.61 -58.45
CA PHE V 9 -80.44 -49.53 -57.10
C PHE V 9 -81.24 -50.45 -56.19
N ASN V 10 -82.56 -50.44 -56.34
CA ASN V 10 -83.41 -51.29 -55.53
C ASN V 10 -83.08 -52.75 -55.73
N LEU V 11 -82.84 -53.14 -56.98
CA LEU V 11 -82.54 -54.53 -57.30
C LEU V 11 -81.19 -54.94 -56.74
N LYS V 12 -80.21 -54.05 -56.84
CA LYS V 12 -78.90 -54.34 -56.28
C LYS V 12 -79.00 -54.50 -54.77
N PHE V 13 -79.72 -53.59 -54.12
CA PHE V 13 -79.95 -53.71 -52.69
C PHE V 13 -80.61 -55.04 -52.36
N ALA V 14 -81.60 -55.43 -53.15
CA ALA V 14 -82.31 -56.67 -52.89
C ALA V 14 -81.39 -57.87 -53.03
N ALA V 15 -80.57 -57.87 -54.07
CA ALA V 15 -79.64 -58.97 -54.29
C ALA V 15 -78.64 -59.06 -53.15
N LYS V 16 -78.10 -57.92 -52.74
CA LYS V 16 -77.15 -57.91 -51.63
C LYS V 16 -77.82 -58.40 -50.36
N GLU V 17 -79.07 -58.01 -50.15
CA GLU V 17 -79.79 -58.44 -48.96
C GLU V 17 -80.02 -59.94 -48.98
N LEU V 18 -80.36 -60.48 -50.14
CA LEU V 18 -80.55 -61.91 -50.25
C LEU V 18 -79.26 -62.66 -50.00
N SER V 19 -78.16 -62.14 -50.54
CA SER V 19 -76.87 -62.75 -50.30
C SER V 19 -76.53 -62.75 -48.82
N ARG V 20 -76.77 -61.62 -48.17
CA ARG V 20 -76.48 -61.53 -46.74
C ARG V 20 -77.39 -62.46 -45.93
N SER V 21 -78.64 -62.58 -46.34
CA SER V 21 -79.54 -63.49 -45.65
C SER V 21 -79.10 -64.92 -45.80
N ALA V 22 -78.67 -65.29 -47.01
CA ALA V 22 -78.12 -66.62 -47.21
C ALA V 22 -76.88 -66.84 -46.36
N LYS V 23 -76.03 -65.82 -46.26
CA LYS V 23 -74.84 -65.94 -45.43
C LYS V 23 -75.22 -66.15 -43.98
N LYS V 24 -76.21 -65.41 -43.50
CA LYS V 24 -76.67 -65.58 -42.14
C LYS V 24 -77.23 -66.98 -41.92
N CYS V 25 -78.03 -67.45 -42.87
CA CYS V 25 -78.57 -68.79 -42.76
C CYS V 25 -77.46 -69.82 -42.70
N ASP V 26 -76.39 -69.60 -43.48
CA ASP V 26 -75.27 -70.53 -43.49
C ASP V 26 -74.54 -70.52 -42.16
N LYS V 27 -74.25 -69.33 -41.64
CA LYS V 27 -73.60 -69.23 -40.35
C LYS V 27 -74.43 -69.89 -39.27
N GLU V 28 -75.74 -69.69 -39.34
CA GLU V 28 -76.64 -70.29 -38.36
C GLU V 28 -76.65 -71.80 -38.49
N GLU V 29 -76.60 -72.31 -39.71
CA GLU V 29 -76.52 -73.74 -39.90
C GLU V 29 -75.24 -74.30 -39.30
N LYS V 30 -74.13 -73.61 -39.51
CA LYS V 30 -72.87 -74.04 -38.94
C LYS V 30 -72.93 -74.05 -37.42
N ALA V 31 -73.49 -73.00 -36.85
CA ALA V 31 -73.60 -72.92 -35.40
C ALA V 31 -74.51 -74.01 -34.87
N GLU V 32 -75.59 -74.31 -35.57
CA GLU V 32 -76.51 -75.35 -35.13
C GLU V 32 -75.85 -76.72 -35.19
N LYS V 33 -75.09 -76.97 -36.25
CA LYS V 33 -74.37 -78.23 -36.36
C LYS V 33 -73.35 -78.35 -35.24
N ALA V 34 -72.65 -77.25 -34.94
CA ALA V 34 -71.73 -77.24 -33.82
C ALA V 34 -72.45 -77.61 -32.54
N LYS V 35 -73.54 -76.93 -32.23
CA LYS V 35 -74.29 -77.22 -31.01
C LYS V 35 -74.80 -78.64 -30.99
N ILE V 36 -75.17 -79.17 -32.16
CA ILE V 36 -75.59 -80.56 -32.24
C ILE V 36 -74.46 -81.46 -31.77
N GLU V 37 -73.25 -81.18 -32.26
CA GLU V 37 -72.11 -81.96 -31.84
C GLU V 37 -71.91 -81.86 -30.34
N LYS V 38 -71.95 -80.63 -29.83
CA LYS V 38 -71.70 -80.41 -28.41
C LYS V 38 -72.74 -81.07 -27.54
N ALA V 39 -73.97 -81.19 -28.04
CA ALA V 39 -75.05 -81.79 -27.27
C ALA V 39 -74.99 -83.31 -27.33
N ILE V 40 -74.75 -83.85 -28.51
CA ILE V 40 -74.66 -85.30 -28.66
C ILE V 40 -73.47 -85.83 -27.90
N GLN V 41 -72.38 -85.07 -27.87
CA GLN V 41 -71.23 -85.45 -27.08
C GLN V 41 -71.60 -85.63 -25.62
N LYS V 42 -72.74 -85.11 -25.21
CA LYS V 42 -73.20 -85.25 -23.85
C LYS V 42 -74.39 -86.19 -23.73
N GLY V 43 -74.93 -86.66 -24.84
CA GLY V 43 -76.00 -87.63 -24.80
C GLY V 43 -77.37 -86.98 -24.92
N ASN V 44 -77.54 -86.12 -25.91
CA ASN V 44 -78.81 -85.46 -26.17
C ASN V 44 -79.26 -85.83 -27.56
N MET V 45 -80.44 -86.45 -27.63
CA MET V 45 -81.04 -86.78 -28.90
C MET V 45 -81.98 -85.68 -29.38
N GLU V 46 -82.90 -85.28 -28.51
CA GLU V 46 -83.93 -84.33 -28.92
C GLU V 46 -83.32 -83.02 -29.34
N VAL V 47 -82.32 -82.53 -28.61
CA VAL V 47 -81.66 -81.31 -29.00
C VAL V 47 -81.05 -81.46 -30.38
N ALA V 48 -80.46 -82.63 -30.63
CA ALA V 48 -79.90 -82.90 -31.93
C ALA V 48 -80.96 -82.84 -33.00
N ARG V 49 -82.10 -83.49 -32.77
CA ARG V 49 -83.19 -83.46 -33.74
C ARG V 49 -83.63 -82.03 -34.00
N ILE V 50 -83.77 -81.25 -32.93
CA ILE V 50 -84.27 -79.88 -33.06
C ILE V 50 -83.32 -79.06 -33.91
N HIS V 51 -82.05 -79.09 -33.55
CA HIS V 51 -81.06 -78.32 -34.27
C HIS V 51 -80.96 -78.78 -35.72
N ALA V 52 -81.14 -80.07 -35.95
CA ALA V 52 -81.10 -80.59 -37.31
C ALA V 52 -82.26 -80.05 -38.13
N GLU V 53 -83.44 -80.01 -37.52
CA GLU V 53 -84.58 -79.40 -38.18
C GLU V 53 -84.31 -77.95 -38.49
N ASN V 54 -83.69 -77.25 -37.55
CA ASN V 54 -83.35 -75.86 -37.76
C ASN V 54 -82.40 -75.70 -38.93
N ALA V 55 -81.38 -76.56 -38.99
CA ALA V 55 -80.42 -76.49 -40.08
C ALA V 55 -81.09 -76.78 -41.42
N ILE V 56 -82.00 -77.73 -41.44
CA ILE V 56 -82.70 -78.03 -42.69
C ILE V 56 -83.51 -76.83 -43.13
N ARG V 57 -84.21 -76.21 -42.19
CA ARG V 57 -84.98 -75.02 -42.51
C ARG V 57 -84.08 -73.95 -43.08
N GLN V 58 -82.95 -73.71 -42.42
CA GLN V 58 -82.04 -72.67 -42.87
C GLN V 58 -81.49 -72.97 -44.24
N LYS V 59 -81.21 -74.24 -44.51
CA LYS V 59 -80.71 -74.63 -45.82
C LYS V 59 -81.76 -74.39 -46.89
N ASN V 60 -82.97 -74.83 -46.63
CA ASN V 60 -84.05 -74.65 -47.59
C ASN V 60 -84.26 -73.18 -47.87
N GLN V 61 -84.21 -72.36 -46.83
CA GLN V 61 -84.44 -70.93 -46.96
C GLN V 61 -83.29 -70.27 -47.70
N ALA V 62 -82.07 -70.71 -47.44
CA ALA V 62 -80.93 -70.22 -48.18
C ALA V 62 -81.06 -70.54 -49.65
N VAL V 63 -81.51 -71.76 -49.95
CA VAL V 63 -81.69 -72.15 -51.33
C VAL V 63 -82.73 -71.29 -52.01
N ASN V 64 -83.84 -71.06 -51.32
CA ASN V 64 -84.90 -70.24 -51.88
C ASN V 64 -84.42 -68.83 -52.12
N PHE V 65 -83.67 -68.27 -51.18
CA PHE V 65 -83.12 -66.94 -51.35
C PHE V 65 -82.16 -66.90 -52.51
N LEU V 66 -81.38 -67.96 -52.69
CA LEU V 66 -80.45 -68.00 -53.80
C LEU V 66 -81.18 -68.03 -55.12
N ARG V 67 -82.24 -68.82 -55.20
CA ARG V 67 -83.05 -68.87 -56.41
C ARG V 67 -83.65 -67.52 -56.72
N MET V 68 -84.27 -66.91 -55.72
CA MET V 68 -84.90 -65.62 -55.92
C MET V 68 -83.89 -64.57 -56.30
N SER V 69 -82.74 -64.58 -55.64
CA SER V 69 -81.68 -63.63 -55.97
C SER V 69 -81.21 -63.80 -57.39
N ALA V 70 -81.07 -65.05 -57.82
CA ALA V 70 -80.63 -65.31 -59.18
C ALA V 70 -81.65 -64.81 -60.19
N ARG V 71 -82.92 -65.06 -59.92
CA ARG V 71 -83.97 -64.58 -60.81
C ARG V 71 -83.96 -63.07 -60.90
N VAL V 72 -83.81 -62.42 -59.74
CA VAL V 72 -83.77 -60.97 -59.70
C VAL V 72 -82.56 -60.45 -60.45
N ASP V 73 -81.46 -61.19 -60.37
CA ASP V 73 -80.26 -60.80 -61.09
C ASP V 73 -80.47 -60.88 -62.59
N ALA V 74 -81.14 -61.95 -63.04
CA ALA V 74 -81.47 -62.08 -64.45
C ALA V 74 -82.32 -60.91 -64.90
N VAL V 75 -83.32 -60.56 -64.10
CA VAL V 75 -84.21 -59.46 -64.45
C VAL V 75 -83.42 -58.16 -64.55
N ALA V 76 -82.58 -57.89 -63.55
CA ALA V 76 -81.79 -56.68 -63.55
C ALA V 76 -80.86 -56.63 -64.75
N ALA V 77 -80.34 -57.79 -65.14
CA ALA V 77 -79.46 -57.84 -66.29
C ALA V 77 -80.22 -57.50 -67.56
N ARG V 78 -81.41 -58.05 -67.71
CA ARG V 78 -82.26 -57.69 -68.84
C ARG V 78 -82.52 -56.19 -68.84
N VAL V 79 -82.73 -55.63 -67.67
CA VAL V 79 -83.02 -54.21 -67.58
C VAL V 79 -81.82 -53.38 -68.01
N GLN V 80 -80.63 -53.77 -67.56
CA GLN V 80 -79.43 -53.07 -67.97
C GLN V 80 -79.25 -53.15 -69.47
N THR V 81 -79.51 -54.33 -70.03
CA THR V 81 -79.47 -54.48 -71.47
C THR V 81 -80.40 -53.48 -72.14
N ALA V 82 -81.62 -53.37 -71.63
CA ALA V 82 -82.59 -52.47 -72.21
C ALA V 82 -82.10 -51.03 -72.13
N VAL V 83 -81.52 -50.65 -71.00
CA VAL V 83 -81.09 -49.28 -70.82
C VAL V 83 -79.95 -48.95 -71.76
N THR V 84 -79.01 -49.87 -71.88
CA THR V 84 -77.91 -49.69 -72.81
C THR V 84 -78.43 -49.55 -74.23
N MET V 85 -79.39 -50.40 -74.60
CA MET V 85 -79.97 -50.29 -75.93
C MET V 85 -80.65 -48.94 -76.13
N GLY V 86 -81.25 -48.40 -75.07
CA GLY V 86 -81.87 -47.10 -75.18
C GLY V 86 -80.86 -45.99 -75.40
N LYS V 87 -79.77 -46.03 -74.64
CA LYS V 87 -78.68 -45.09 -74.87
C LYS V 87 -78.20 -45.18 -76.30
N VAL V 88 -78.06 -46.40 -76.79
CA VAL V 88 -77.59 -46.61 -78.15
C VAL V 88 -78.55 -46.00 -79.14
N THR V 89 -79.84 -46.21 -78.93
CA THR V 89 -80.84 -45.67 -79.82
C THR V 89 -80.78 -44.15 -79.83
N LYS V 90 -80.57 -43.55 -78.66
CA LYS V 90 -80.42 -42.11 -78.59
C LYS V 90 -79.25 -41.64 -79.43
N SER V 91 -78.08 -42.21 -79.16
CA SER V 91 -76.90 -41.83 -79.91
C SER V 91 -77.12 -41.98 -81.40
N MET V 92 -77.80 -43.07 -81.79
CA MET V 92 -78.01 -43.35 -83.21
C MET V 92 -78.96 -42.34 -83.83
N ALA V 93 -79.99 -41.95 -83.09
CA ALA V 93 -80.90 -40.92 -83.60
C ALA V 93 -80.18 -39.60 -83.77
N GLY V 94 -79.32 -39.25 -82.82
CA GLY V 94 -78.50 -38.06 -82.99
C GLY V 94 -77.65 -38.14 -84.25
N VAL V 95 -77.02 -39.29 -84.45
CA VAL V 95 -76.20 -39.48 -85.64
C VAL V 95 -77.04 -39.35 -86.88
N VAL V 96 -78.28 -39.85 -86.83
CA VAL V 96 -79.17 -39.75 -87.97
C VAL V 96 -79.42 -38.28 -88.29
N LYS V 97 -79.79 -37.51 -87.29
CA LYS V 97 -80.02 -36.09 -87.50
C LYS V 97 -78.80 -35.44 -88.15
N SER V 98 -77.63 -35.67 -87.55
CA SER V 98 -76.43 -34.99 -88.02
C SER V 98 -76.09 -35.40 -89.45
N MET V 99 -76.17 -36.70 -89.75
CA MET V 99 -75.80 -37.18 -91.08
C MET V 99 -76.82 -36.76 -92.13
N ASP V 100 -78.10 -36.72 -91.75
CA ASP V 100 -79.10 -36.20 -92.68
C ASP V 100 -78.82 -34.74 -92.99
N ALA V 101 -78.47 -33.97 -91.97
CA ALA V 101 -78.07 -32.58 -92.20
C ALA V 101 -76.90 -32.51 -93.17
N THR V 102 -75.88 -33.33 -92.95
CA THR V 102 -74.69 -33.29 -93.80
C THR V 102 -75.05 -33.65 -95.24
N LEU V 103 -75.79 -34.73 -95.43
CA LEU V 103 -76.18 -35.13 -96.77
C LEU V 103 -77.06 -34.08 -97.44
N LYS V 104 -77.83 -33.34 -96.66
CA LYS V 104 -78.61 -32.25 -97.22
C LYS V 104 -77.70 -31.11 -97.67
N THR V 105 -76.65 -30.85 -96.91
CA THR V 105 -75.71 -29.79 -97.27
C THR V 105 -74.89 -30.21 -98.48
N MET V 106 -74.20 -31.33 -98.37
CA MET V 106 -73.31 -31.82 -99.41
C MET V 106 -73.96 -32.97 -100.17
N ASN V 107 -73.64 -33.04 -101.46
CA ASN V 107 -74.18 -34.07 -102.33
C ASN V 107 -73.04 -34.59 -103.20
N LEU V 108 -73.38 -35.54 -104.07
CA LEU V 108 -72.38 -36.17 -104.93
C LEU V 108 -72.11 -35.39 -106.20
N GLU V 109 -73.09 -34.64 -106.72
CA GLU V 109 -72.86 -33.87 -107.93
C GLU V 109 -71.80 -32.80 -107.69
N LYS V 110 -71.77 -32.22 -106.49
CA LYS V 110 -70.72 -31.27 -106.15
C LYS V 110 -69.36 -31.94 -106.21
N ILE V 111 -69.27 -33.17 -105.69
CA ILE V 111 -68.01 -33.91 -105.71
C ILE V 111 -67.58 -34.16 -107.15
N SER V 112 -68.51 -34.61 -107.98
CA SER V 112 -68.18 -34.90 -109.37
C SER V 112 -67.73 -33.65 -110.10
N ALA V 113 -68.42 -32.53 -109.86
CA ALA V 113 -68.03 -31.28 -110.49
C ALA V 113 -66.64 -30.86 -110.04
N LEU V 114 -66.37 -30.97 -108.74
CA LEU V 114 -65.06 -30.60 -108.23
C LEU V 114 -63.97 -31.47 -108.84
N MET V 115 -64.24 -32.76 -108.99
CA MET V 115 -63.23 -33.65 -109.54
C MET V 115 -63.01 -33.41 -111.03
N ASP V 116 -64.09 -33.16 -111.77
CA ASP V 116 -63.94 -32.82 -113.17
C ASP V 116 -63.15 -31.54 -113.35
N LYS V 117 -63.45 -30.54 -112.53
CA LYS V 117 -62.64 -29.34 -112.49
C LYS V 117 -61.19 -29.70 -112.25
N PHE V 118 -60.92 -30.38 -111.13
CA PHE V 118 -59.54 -30.70 -110.77
C PHE V 118 -58.82 -31.33 -111.94
N GLU V 119 -59.49 -32.23 -112.63
CA GLU V 119 -58.91 -32.87 -113.80
C GLU V 119 -58.57 -31.84 -114.87
N HIS V 120 -59.51 -30.97 -115.19
CA HIS V 120 -59.27 -29.98 -116.24
C HIS V 120 -58.15 -29.01 -115.84
N GLN V 121 -58.17 -28.54 -114.59
CA GLN V 121 -57.14 -27.62 -114.14
C GLN V 121 -55.78 -28.27 -114.16
N PHE V 122 -55.68 -29.53 -113.72
CA PHE V 122 -54.41 -30.21 -113.74
C PHE V 122 -53.95 -30.48 -115.17
N GLU V 123 -54.88 -30.73 -116.07
CA GLU V 123 -54.52 -30.89 -117.47
C GLU V 123 -53.97 -29.61 -118.05
N THR V 124 -54.61 -28.49 -117.76
CA THR V 124 -54.11 -27.20 -118.21
C THR V 124 -52.74 -26.90 -117.59
N LEU V 125 -52.57 -27.27 -116.33
CA LEU V 125 -51.29 -27.06 -115.67
C LEU V 125 -50.21 -27.93 -116.28
N ASP V 126 -50.55 -29.16 -116.63
CA ASP V 126 -49.60 -30.04 -117.29
C ASP V 126 -49.20 -29.46 -118.63
N VAL V 127 -50.17 -28.90 -119.36
CA VAL V 127 -49.86 -28.28 -120.63
C VAL V 127 -48.94 -27.08 -120.44
N GLN V 128 -49.23 -26.26 -119.44
CA GLN V 128 -48.38 -25.09 -119.18
C GLN V 128 -46.97 -25.52 -118.82
N THR V 129 -46.85 -26.56 -117.99
CA THR V 129 -45.52 -27.05 -117.60
C THR V 129 -44.77 -27.63 -118.79
N GLN V 130 -45.48 -28.33 -119.67
CA GLN V 130 -44.84 -28.86 -120.87
C GLN V 130 -44.36 -27.73 -121.76
N GLN V 131 -45.17 -26.68 -121.90
CA GLN V 131 -44.74 -25.52 -122.66
C GLN V 131 -43.52 -24.87 -122.06
N MET V 132 -43.52 -24.70 -120.74
CA MET V 132 -42.36 -24.13 -120.07
C MET V 132 -41.12 -24.98 -120.27
N GLU V 133 -41.27 -26.30 -120.13
CA GLU V 133 -40.15 -27.21 -120.35
C GLU V 133 -39.60 -27.05 -121.76
N ASP V 134 -40.50 -27.06 -122.75
CA ASP V 134 -40.07 -26.94 -124.14
C ASP V 134 -39.33 -25.63 -124.37
N THR V 135 -39.89 -24.52 -123.86
CA THR V 135 -39.28 -23.21 -124.08
C THR V 135 -37.92 -23.13 -123.40
N MET V 136 -37.86 -23.47 -122.12
CA MET V 136 -36.61 -23.37 -121.39
C MET V 136 -35.56 -24.35 -121.90
N SER V 137 -35.97 -25.45 -122.52
CA SER V 137 -35.01 -26.35 -123.14
C SER V 137 -34.53 -25.82 -124.49
N SER V 138 -35.43 -25.16 -125.24
CA SER V 138 -35.02 -24.54 -126.49
C SER V 138 -34.06 -23.39 -126.26
N THR V 139 -34.25 -22.66 -125.17
CA THR V 139 -33.35 -21.54 -124.87
C THR V 139 -31.95 -22.05 -124.56
N THR V 140 -31.85 -23.08 -123.73
CA THR V 140 -30.56 -23.60 -123.26
C THR V 140 -30.15 -24.75 -124.16
N THR V 141 -29.46 -24.41 -125.25
CA THR V 141 -29.00 -25.44 -126.19
C THR V 141 -27.53 -25.30 -126.58
N LEU V 142 -27.02 -24.07 -126.61
CA LEU V 142 -25.66 -23.85 -127.06
C LEU V 142 -24.64 -24.20 -125.99
N THR V 143 -24.89 -23.77 -124.76
CA THR V 143 -23.93 -23.91 -123.67
C THR V 143 -24.01 -25.25 -122.97
N THR V 144 -24.55 -26.28 -123.66
CA THR V 144 -24.44 -27.67 -123.21
C THR V 144 -24.45 -28.58 -124.41
N PRO V 145 -23.34 -28.66 -125.15
CA PRO V 145 -23.24 -29.68 -126.19
C PRO V 145 -23.41 -31.06 -125.57
N GLN V 146 -23.72 -32.03 -126.42
CA GLN V 146 -23.87 -33.39 -125.93
C GLN V 146 -22.55 -34.12 -125.82
N ASN V 147 -21.61 -33.78 -126.69
CA ASN V 147 -20.31 -34.44 -126.64
C ASN V 147 -19.58 -34.13 -125.34
N GLN V 148 -19.62 -32.88 -124.91
CA GLN V 148 -18.95 -32.53 -123.66
C GLN V 148 -19.60 -33.23 -122.49
N VAL V 149 -20.93 -33.30 -122.48
CA VAL V 149 -21.63 -33.97 -121.40
C VAL V 149 -21.30 -35.45 -121.39
N ASP V 150 -21.24 -36.06 -122.56
CA ASP V 150 -20.91 -37.47 -122.65
C ASP V 150 -19.49 -37.72 -122.17
N MET V 151 -18.56 -36.86 -122.56
CA MET V 151 -17.19 -37.01 -122.12
C MET V 151 -17.09 -36.88 -120.62
N LEU V 152 -17.76 -35.88 -120.06
CA LEU V 152 -17.71 -35.69 -118.62
C LEU V 152 -18.35 -36.85 -117.89
N LEU V 153 -19.45 -37.36 -118.42
CA LEU V 153 -20.11 -38.49 -117.78
C LEU V 153 -19.22 -39.71 -117.79
N GLN V 154 -18.60 -39.98 -118.92
CA GLN V 154 -17.65 -41.10 -119.01
C GLN V 154 -16.51 -40.90 -118.03
N GLU V 155 -16.01 -39.67 -117.94
CA GLU V 155 -14.88 -39.39 -117.07
C GLU V 155 -15.24 -39.61 -115.61
N MET V 156 -16.37 -39.06 -115.19
CA MET V 156 -16.78 -39.17 -113.82
C MET V 156 -17.22 -40.58 -113.47
N ALA V 157 -17.72 -41.33 -114.45
CA ALA V 157 -18.08 -42.73 -114.22
C ALA V 157 -16.83 -43.57 -114.07
N ASP V 158 -15.80 -43.26 -114.84
CA ASP V 158 -14.52 -43.94 -114.68
C ASP V 158 -13.89 -43.58 -113.33
N GLU V 159 -14.05 -42.32 -112.92
CA GLU V 159 -13.52 -41.89 -111.63
C GLU V 159 -14.22 -42.63 -110.51
N ALA V 160 -15.54 -42.61 -110.51
CA ALA V 160 -16.31 -43.34 -109.52
C ALA V 160 -16.08 -44.84 -109.65
N GLY V 161 -16.04 -45.34 -110.88
CA GLY V 161 -15.82 -46.75 -111.12
C GLY V 161 -17.07 -47.46 -111.59
N LEU V 162 -17.90 -46.78 -112.38
CA LEU V 162 -19.10 -47.36 -112.93
C LEU V 162 -19.16 -47.10 -114.43
N ASP V 163 -20.09 -47.79 -115.09
CA ASP V 163 -20.32 -47.66 -116.52
C ASP V 163 -21.77 -47.31 -116.78
N LEU V 164 -22.00 -46.58 -117.86
CA LEU V 164 -23.34 -46.15 -118.25
C LEU V 164 -23.76 -46.81 -119.56
N SER W 2 69.30 62.75 68.20
CA SER W 2 70.36 63.52 68.83
C SER W 2 71.38 63.97 67.80
N ASN W 3 72.25 64.89 68.21
CA ASN W 3 73.37 65.23 67.36
C ASN W 3 74.18 64.00 67.02
N MET W 4 74.26 63.06 67.96
CA MET W 4 75.00 61.83 67.70
C MET W 4 74.41 61.07 66.53
N GLU W 5 73.08 60.96 66.49
CA GLU W 5 72.44 60.19 65.43
C GLU W 5 72.58 60.89 64.09
N LYS W 6 72.37 62.21 64.07
CA LYS W 6 72.54 62.97 62.84
C LYS W 6 73.97 62.83 62.33
N HIS W 7 74.94 62.89 63.23
CA HIS W 7 76.33 62.78 62.84
C HIS W 7 76.64 61.38 62.34
N LEU W 8 76.02 60.37 62.94
CA LEU W 8 76.21 59.00 62.47
C LEU W 8 75.67 58.85 61.06
N PHE W 9 74.48 59.38 60.82
CA PHE W 9 73.93 59.37 59.47
C PHE W 9 74.87 60.08 58.51
N ASN W 10 75.40 61.22 58.93
CA ASN W 10 76.30 61.98 58.09
C ASN W 10 77.55 61.17 57.77
N LEU W 11 78.07 60.45 58.76
CA LEU W 11 79.27 59.66 58.57
C LEU W 11 79.01 58.48 57.65
N LYS W 12 77.86 57.84 57.81
CA LYS W 12 77.50 56.75 56.93
C LYS W 12 77.36 57.23 55.50
N PHE W 13 76.69 58.37 55.32
CA PHE W 13 76.58 58.97 54.01
C PHE W 13 77.95 59.26 53.43
N ALA W 14 78.85 59.80 54.24
CA ALA W 14 80.19 60.12 53.77
C ALA W 14 80.94 58.88 53.35
N ALA W 15 80.85 57.82 54.14
CA ALA W 15 81.53 56.59 53.82
C ALA W 15 81.00 56.00 52.52
N LYS W 16 79.68 55.99 52.37
CA LYS W 16 79.08 55.47 51.15
C LYS W 16 79.50 56.31 49.96
N GLU W 17 79.58 57.62 50.14
CA GLU W 17 79.98 58.49 49.06
C GLU W 17 81.42 58.24 48.67
N LEU W 18 82.29 58.02 49.65
CA LEU W 18 83.69 57.72 49.35
C LEU W 18 83.80 56.40 48.62
N SER W 19 83.03 55.41 49.05
CA SER W 19 83.05 54.13 48.38
C SER W 19 82.60 54.27 46.94
N ARG W 20 81.54 55.03 46.71
CA ARG W 20 81.04 55.23 45.37
C ARG W 20 82.05 56.00 44.52
N SER W 21 82.73 56.97 45.12
CA SER W 21 83.74 57.71 44.39
C SER W 21 84.90 56.82 44.00
N ALA W 22 85.31 55.96 44.91
CA ALA W 22 86.35 54.99 44.59
C ALA W 22 85.91 54.07 43.47
N LYS W 23 84.64 53.65 43.52
CA LYS W 23 84.12 52.79 42.46
C LYS W 23 84.15 53.49 41.11
N LYS W 24 83.75 54.77 41.11
CA LYS W 24 83.80 55.54 39.88
C LYS W 24 85.21 55.68 39.37
N CYS W 25 86.14 55.96 40.28
CA CYS W 25 87.54 56.08 39.87
C CYS W 25 88.02 54.77 39.28
N ASP W 26 87.59 53.65 39.85
CA ASP W 26 88.00 52.34 39.35
C ASP W 26 87.44 52.08 37.95
N LYS W 27 86.15 52.35 37.77
CA LYS W 27 85.53 52.18 36.47
C LYS W 27 86.22 53.05 35.44
N GLU W 28 86.55 54.28 35.83
CA GLU W 28 87.22 55.19 34.93
C GLU W 28 88.61 54.70 34.58
N GLU W 29 89.31 54.14 35.56
CA GLU W 29 90.62 53.56 35.29
C GLU W 29 90.50 52.42 34.28
N LYS W 30 89.50 51.57 34.47
CA LYS W 30 89.29 50.46 33.54
C LYS W 30 89.01 50.98 32.14
N ALA W 31 88.15 51.98 32.04
CA ALA W 31 87.82 52.55 30.75
C ALA W 31 89.03 53.19 30.10
N GLU W 32 89.86 53.86 30.89
CA GLU W 32 91.05 54.50 30.35
C GLU W 32 92.04 53.46 29.86
N LYS W 33 92.20 52.38 30.61
CA LYS W 33 93.09 51.32 30.16
C LYS W 33 92.57 50.69 28.88
N ALA W 34 91.27 50.49 28.80
CA ALA W 34 90.66 50.01 27.57
C ALA W 34 91.00 50.92 26.41
N LYS W 35 90.73 52.21 26.57
CA LYS W 35 91.01 53.17 25.50
C LYS W 35 92.48 53.20 25.15
N ILE W 36 93.35 53.02 26.14
CA ILE W 36 94.78 52.93 25.87
C ILE W 36 95.06 51.78 24.93
N GLU W 37 94.46 50.63 25.23
CA GLU W 37 94.64 49.48 24.36
C GLU W 37 94.15 49.80 22.95
N LYS W 38 92.95 50.36 22.87
CA LYS W 38 92.35 50.63 21.57
C LYS W 38 93.16 51.63 20.77
N ALA W 39 93.85 52.56 21.45
CA ALA W 39 94.63 53.58 20.77
C ALA W 39 95.99 53.04 20.35
N ILE W 40 96.64 52.29 21.23
CA ILE W 40 97.94 51.73 20.92
C ILE W 40 97.81 50.71 19.81
N GLN W 41 96.70 49.98 19.78
CA GLN W 41 96.43 49.06 18.69
C GLN W 41 96.44 49.77 17.35
N LYS W 42 96.30 51.10 17.36
CA LYS W 42 96.32 51.89 16.15
C LYS W 42 97.60 52.69 16.00
N GLY W 43 98.46 52.70 17.01
CA GLY W 43 99.73 53.38 16.90
C GLY W 43 99.69 54.78 17.49
N ASN W 44 99.19 54.89 18.71
CA ASN W 44 99.12 56.16 19.41
C ASN W 44 99.93 56.04 20.68
N MET W 45 100.95 56.89 20.81
CA MET W 45 101.73 56.95 22.02
C MET W 45 101.20 57.99 22.98
N GLU W 46 101.01 59.21 22.49
CA GLU W 46 100.64 60.29 23.37
C GLU W 46 99.31 60.02 24.05
N VAL W 47 98.34 59.50 23.30
CA VAL W 47 97.05 59.16 23.91
C VAL W 47 97.27 58.15 25.02
N ALA W 48 98.14 57.19 24.76
CA ALA W 48 98.45 56.19 25.77
C ALA W 48 99.04 56.85 27.01
N ARG W 49 100.01 57.74 26.83
CA ARG W 49 100.58 58.44 27.97
C ARG W 49 99.53 59.20 28.74
N ILE W 50 98.65 59.89 28.02
CA ILE W 50 97.64 60.73 28.65
C ILE W 50 96.72 59.86 29.49
N HIS W 51 96.18 58.82 28.89
CA HIS W 51 95.27 57.94 29.60
C HIS W 51 95.95 57.27 30.77
N ALA W 52 97.24 56.96 30.63
CA ALA W 52 97.96 56.37 31.73
C ALA W 52 98.09 57.33 32.90
N GLU W 53 98.38 58.59 32.59
CA GLU W 53 98.40 59.60 33.63
C GLU W 53 97.05 59.72 34.30
N ASN W 54 96.00 59.66 33.51
CA ASN W 54 94.65 59.72 34.06
C ASN W 54 94.40 58.56 35.00
N ALA W 55 94.80 57.36 34.59
CA ALA W 55 94.61 56.18 35.41
C ALA W 55 95.39 56.28 36.71
N ILE W 56 96.62 56.81 36.63
CA ILE W 56 97.42 56.97 37.83
C ILE W 56 96.73 57.93 38.79
N ARG W 57 96.24 59.04 38.25
CA ARG W 57 95.53 60.00 39.08
C ARG W 57 94.34 59.36 39.75
N GLN W 58 93.55 58.61 38.97
CA GLN W 58 92.36 57.97 39.50
C GLN W 58 92.72 56.97 40.58
N LYS W 59 93.81 56.24 40.39
CA LYS W 59 94.26 55.28 41.39
C LYS W 59 94.67 55.97 42.66
N ASN W 60 95.47 57.02 42.54
CA ASN W 60 95.91 57.75 43.71
C ASN W 60 94.72 58.30 44.47
N GLN W 61 93.75 58.84 43.73
CA GLN W 61 92.58 59.43 44.34
C GLN W 61 91.70 58.38 44.99
N ALA W 62 91.58 57.23 44.36
CA ALA W 62 90.87 56.12 44.96
C ALA W 62 91.52 55.70 46.26
N VAL W 63 92.85 55.63 46.26
CA VAL W 63 93.57 55.26 47.47
C VAL W 63 93.32 56.26 48.57
N ASN W 64 93.39 57.54 48.23
CA ASN W 64 93.18 58.58 49.22
C ASN W 64 91.77 58.51 49.78
N PHE W 65 90.78 58.28 48.91
CA PHE W 65 89.41 58.15 49.36
C PHE W 65 89.26 56.94 50.26
N LEU W 66 89.96 55.87 49.94
CA LEU W 66 89.87 54.67 50.77
C LEU W 66 90.45 54.93 52.14
N ARG W 67 91.60 55.61 52.19
CA ARG W 67 92.20 55.95 53.47
C ARG W 67 91.27 56.82 54.29
N MET W 68 90.75 57.87 53.68
CA MET W 68 89.87 58.79 54.38
C MET W 68 88.62 58.08 54.86
N SER W 69 88.05 57.23 54.00
CA SER W 69 86.86 56.48 54.37
C SER W 69 87.14 55.58 55.55
N ALA W 70 88.30 54.92 55.53
CA ALA W 70 88.65 54.04 56.63
C ALA W 70 88.81 54.81 57.93
N ARG W 71 89.46 55.97 57.87
CA ARG W 71 89.62 56.78 59.07
C ARG W 71 88.27 57.21 59.60
N VAL W 72 87.38 57.63 58.69
CA VAL W 72 86.05 58.06 59.08
C VAL W 72 85.28 56.89 59.69
N ASP W 73 85.51 55.70 59.17
CA ASP W 73 84.86 54.52 59.71
C ASP W 73 85.33 54.24 61.12
N ALA W 74 86.64 54.36 61.34
CA ALA W 74 87.17 54.20 62.68
C ALA W 74 86.54 55.19 63.65
N VAL W 75 86.43 56.45 63.21
CA VAL W 75 85.86 57.47 64.06
C VAL W 75 84.41 57.14 64.38
N ALA W 76 83.64 56.76 63.36
CA ALA W 76 82.24 56.42 63.57
C ALA W 76 82.11 55.24 64.50
N ALA W 77 83.04 54.30 64.41
CA ALA W 77 82.99 53.14 65.28
C ALA W 77 83.24 53.54 66.72
N ARG W 78 84.22 54.40 66.94
CA ARG W 78 84.45 54.94 68.27
C ARG W 78 83.22 55.64 68.79
N VAL W 79 82.53 56.36 67.91
CA VAL W 79 81.34 57.09 68.32
C VAL W 79 80.24 56.13 68.73
N GLN W 80 80.04 55.06 67.95
CA GLN W 80 79.04 54.08 68.29
C GLN W 80 79.35 53.43 69.62
N THR W 81 80.63 53.14 69.84
CA THR W 81 81.06 52.62 71.12
C THR W 81 80.66 53.56 72.24
N ALA W 82 80.92 54.84 72.05
CA ALA W 82 80.59 55.83 73.07
C ALA W 82 79.10 55.85 73.34
N VAL W 83 78.29 55.79 72.28
CA VAL W 83 76.85 55.88 72.43
C VAL W 83 76.33 54.66 73.18
N THR W 84 76.83 53.50 72.81
CA THR W 84 76.45 52.29 73.51
C THR W 84 76.81 52.36 74.98
N MET W 85 78.01 52.86 75.27
CA MET W 85 78.42 53.02 76.66
C MET W 85 77.51 53.98 77.38
N GLY W 86 77.03 55.01 76.69
CA GLY W 86 76.12 55.94 77.33
C GLY W 86 74.78 55.30 77.66
N LYS W 87 74.23 54.54 76.70
CA LYS W 87 73.03 53.77 76.98
C LYS W 87 73.22 52.88 78.19
N VAL W 88 74.37 52.23 78.24
CA VAL W 88 74.67 51.32 79.34
C VAL W 88 74.70 52.09 80.65
N THR W 89 75.34 53.25 80.65
CA THR W 89 75.41 54.05 81.86
C THR W 89 74.03 54.46 82.31
N LYS W 90 73.16 54.81 81.37
CA LYS W 90 71.79 55.14 81.72
C LYS W 90 71.09 53.97 82.39
N SER W 91 71.11 52.83 81.73
CA SER W 91 70.47 51.66 82.30
C SER W 91 71.02 51.36 83.68
N MET W 92 72.33 51.51 83.85
CA MET W 92 72.97 51.19 85.13
C MET W 92 72.56 52.16 86.21
N ALA W 93 72.43 53.44 85.86
CA ALA W 93 71.96 54.43 86.83
C ALA W 93 70.53 54.13 87.25
N GLY W 94 69.69 53.74 86.29
CA GLY W 94 68.35 53.32 86.65
C GLY W 94 68.36 52.15 87.61
N VAL W 95 69.21 51.17 87.32
CA VAL W 95 69.31 50.01 88.20
C VAL W 95 69.78 50.43 89.57
N VAL W 96 70.69 51.41 89.62
CA VAL W 96 71.17 51.90 90.90
C VAL W 96 70.02 52.48 91.70
N LYS W 97 69.24 53.36 91.07
CA LYS W 97 68.10 53.94 91.75
C LYS W 97 67.19 52.85 92.29
N SER W 98 66.83 51.90 91.44
CA SER W 98 65.86 50.88 91.83
C SER W 98 66.40 50.02 92.96
N MET W 99 67.65 49.60 92.86
CA MET W 99 68.23 48.73 93.87
C MET W 99 68.47 49.45 95.18
N ASP W 100 68.83 50.73 95.12
CA ASP W 100 68.94 51.51 96.34
C ASP W 100 67.59 51.62 97.02
N ALA W 101 66.54 51.85 96.23
CA ALA W 101 65.19 51.84 96.79
C ALA W 101 64.90 50.51 97.48
N THR W 102 65.19 49.40 96.80
CA THR W 102 64.90 48.09 97.36
C THR W 102 65.65 47.87 98.66
N LEU W 103 66.95 48.15 98.67
CA LEU W 103 67.75 47.97 99.87
C LEU W 103 67.27 48.88 100.99
N LYS W 104 66.73 50.05 100.65
CA LYS W 104 66.16 50.91 101.67
C LYS W 104 64.89 50.31 102.24
N THR W 105 64.08 49.67 101.39
CA THR W 105 62.86 49.04 101.87
C THR W 105 63.18 47.81 102.69
N MET W 106 63.91 46.87 102.10
CA MET W 106 64.23 45.61 102.75
C MET W 106 65.66 45.60 103.22
N ASN W 107 65.89 44.92 104.34
CA ASN W 107 67.20 44.81 104.95
C ASN W 107 67.42 43.36 105.35
N LEU W 108 68.59 43.11 105.95
CA LEU W 108 68.97 41.76 106.35
C LEU W 108 68.43 41.36 107.71
N GLU W 109 68.24 42.32 108.62
CA GLU W 109 67.70 41.99 109.93
C GLU W 109 66.29 41.43 109.82
N LYS W 110 65.50 41.96 108.88
CA LYS W 110 64.18 41.40 108.64
C LYS W 110 64.28 39.95 108.20
N ILE W 111 65.25 39.65 107.32
CA ILE W 111 65.43 38.28 106.86
C ILE W 111 65.80 37.37 108.03
N SER W 112 66.74 37.82 108.86
CA SER W 112 67.17 37.01 109.99
C SER W 112 66.03 36.78 110.96
N ALA W 113 65.23 37.82 111.22
CA ALA W 113 64.08 37.65 112.11
C ALA W 113 63.08 36.67 111.53
N LEU W 114 62.81 36.79 110.24
CA LEU W 114 61.87 35.87 109.61
C LEU W 114 62.36 34.44 109.68
N MET W 115 63.66 34.24 109.48
CA MET W 115 64.20 32.89 109.50
C MET W 115 64.22 32.31 110.92
N ASP W 116 64.55 33.14 111.91
CA ASP W 116 64.50 32.68 113.29
C ASP W 116 63.08 32.31 113.67
N LYS W 117 62.11 33.14 113.28
CA LYS W 117 60.72 32.79 113.45
C LYS W 117 60.44 31.44 112.80
N PHE W 118 60.71 31.33 111.51
CA PHE W 118 60.40 30.10 110.79
C PHE W 118 60.94 28.90 111.53
N GLU W 119 62.16 29.02 112.04
CA GLU W 119 62.76 27.94 112.80
C GLU W 119 61.92 27.62 114.04
N HIS W 120 61.56 28.65 114.81
CA HIS W 120 60.80 28.41 116.03
C HIS W 120 59.43 27.83 115.74
N GLN W 121 58.76 28.36 114.72
CA GLN W 121 57.43 27.87 114.36
C GLN W 121 57.50 26.42 113.89
N PHE W 122 58.51 26.10 113.10
CA PHE W 122 58.65 24.72 112.63
C PHE W 122 59.02 23.79 113.77
N GLU W 123 59.78 24.29 114.74
CA GLU W 123 60.10 23.48 115.91
C GLU W 123 58.84 23.20 116.72
N THR W 124 58.02 24.23 116.93
CA THR W 124 56.75 24.03 117.65
C THR W 124 55.85 23.08 116.89
N LEU W 125 55.85 23.19 115.56
CA LEU W 125 55.03 22.30 114.74
C LEU W 125 55.53 20.87 114.82
N ASP W 126 56.85 20.69 114.83
CA ASP W 126 57.42 19.36 114.98
C ASP W 126 57.02 18.78 116.33
N VAL W 127 57.05 19.60 117.37
CA VAL W 127 56.63 19.14 118.69
C VAL W 127 55.17 18.72 118.68
N GLN W 128 54.32 19.54 118.06
CA GLN W 128 52.90 19.22 118.00
C GLN W 128 52.67 17.92 117.23
N THR W 129 53.38 17.74 116.14
CA THR W 129 53.25 16.52 115.34
C THR W 129 53.73 15.31 116.12
N GLN W 130 54.82 15.46 116.87
CA GLN W 130 55.30 14.36 117.69
C GLN W 130 54.29 13.99 118.76
N GLN W 131 53.68 15.01 119.39
CA GLN W 131 52.64 14.76 120.37
C GLN W 131 51.46 14.03 119.73
N MET W 132 51.03 14.47 118.56
CA MET W 132 49.94 13.82 117.87
C MET W 132 50.28 12.37 117.54
N GLU W 133 51.49 12.15 117.04
CA GLU W 133 51.93 10.79 116.74
C GLU W 133 51.88 9.92 117.99
N ASP W 134 52.44 10.41 119.08
CA ASP W 134 52.46 9.65 120.33
C ASP W 134 51.04 9.33 120.79
N THR W 135 50.16 10.33 120.77
CA THR W 135 48.80 10.11 121.25
C THR W 135 48.05 9.12 120.37
N MET W 136 48.07 9.34 119.05
CA MET W 136 47.35 8.47 118.14
C MET W 136 47.94 7.07 118.10
N SER W 137 49.22 6.90 118.43
CA SER W 137 49.79 5.57 118.53
C SER W 137 49.41 4.90 119.85
N SER W 138 49.32 5.68 120.93
CA SER W 138 48.89 5.13 122.20
C SER W 138 47.44 4.69 122.14
N THR W 139 46.61 5.41 121.39
CA THR W 139 45.21 5.04 121.27
C THR W 139 45.06 3.71 120.53
N THR W 140 45.77 3.56 119.42
CA THR W 140 45.66 2.39 118.56
C THR W 140 46.73 1.37 118.97
N THR W 141 46.40 0.52 119.94
CA THR W 141 47.34 -0.49 120.39
C THR W 141 46.74 -1.88 120.50
N LEU W 142 45.45 -1.97 120.79
CA LEU W 142 44.83 -3.28 121.00
C LEU W 142 44.53 -3.97 119.68
N THR W 143 43.97 -3.25 118.72
CA THR W 143 43.50 -3.82 117.47
C THR W 143 44.61 -3.96 116.43
N THR W 144 45.87 -4.00 116.87
CA THR W 144 46.99 -4.39 116.01
C THR W 144 48.07 -5.03 116.84
N PRO W 145 47.87 -6.27 117.27
CA PRO W 145 48.98 -6.99 117.91
C PRO W 145 50.16 -7.07 116.94
N GLN W 146 51.32 -7.36 117.50
CA GLN W 146 52.51 -7.47 116.66
C GLN W 146 52.64 -8.87 116.07
N ASN W 147 52.16 -9.88 116.77
CA ASN W 147 52.25 -11.24 116.27
C ASN W 147 51.42 -11.41 115.01
N GLN W 148 50.22 -10.86 114.99
CA GLN W 148 49.38 -10.97 113.80
C GLN W 148 50.02 -10.25 112.62
N VAL W 149 50.57 -9.07 112.87
CA VAL W 149 51.22 -8.32 111.81
C VAL W 149 52.42 -9.07 111.28
N ASP W 150 53.20 -9.66 112.18
CA ASP W 150 54.36 -10.42 111.76
C ASP W 150 53.95 -11.63 110.93
N MET W 151 52.91 -12.32 111.38
CA MET W 151 52.43 -13.48 110.64
C MET W 151 51.96 -13.08 109.26
N LEU W 152 51.19 -11.99 109.18
CA LEU W 152 50.70 -11.54 107.89
C LEU W 152 51.83 -11.11 106.99
N LEU W 153 52.82 -10.43 107.55
CA LEU W 153 53.95 -9.98 106.75
C LEU W 153 54.72 -11.17 106.20
N GLN W 154 54.97 -12.16 107.04
CA GLN W 154 55.62 -13.37 106.58
C GLN W 154 54.81 -14.05 105.50
N GLU W 155 53.49 -14.10 105.69
CA GLU W 155 52.62 -14.77 104.73
C GLU W 155 52.65 -14.06 103.39
N MET W 156 52.50 -12.75 103.40
CA MET W 156 52.46 -11.99 102.17
C MET W 156 53.83 -11.93 101.50
N ALA W 157 54.89 -12.01 102.30
CA ALA W 157 56.24 -12.05 101.72
C ALA W 157 56.50 -13.38 101.07
N ASP W 158 55.99 -14.47 101.67
CA ASP W 158 56.07 -15.77 101.04
C ASP W 158 55.23 -15.82 99.78
N GLU W 159 54.07 -15.16 99.80
CA GLU W 159 53.21 -15.12 98.63
C GLU W 159 53.90 -14.38 97.50
N ALA W 160 54.40 -13.18 97.79
CA ALA W 160 55.12 -12.42 96.79
C ALA W 160 56.41 -13.13 96.42
N GLY W 161 57.12 -13.67 97.40
CA GLY W 161 58.35 -14.39 97.15
C GLY W 161 59.56 -13.63 97.63
N LEU W 162 59.44 -12.91 98.73
CA LEU W 162 60.53 -12.17 99.33
C LEU W 162 60.64 -12.48 100.81
N ASP W 163 61.76 -12.07 101.40
CA ASP W 163 62.02 -12.25 102.82
C ASP W 163 62.32 -10.90 103.46
N LEU W 164 61.96 -10.79 104.74
CA LEU W 164 62.18 -9.59 105.52
C LEU W 164 63.20 -9.81 106.62
N SER X 2 -69.61 -29.60 -83.51
CA SER X 2 -70.74 -29.98 -84.37
C SER X 2 -71.50 -31.13 -83.78
N ASN X 3 -72.68 -31.40 -84.35
CA ASN X 3 -73.40 -32.61 -83.97
C ASN X 3 -72.54 -33.82 -84.20
N MET X 4 -71.69 -33.79 -85.23
CA MET X 4 -70.81 -34.92 -85.50
C MET X 4 -69.87 -35.17 -84.33
N GLU X 5 -69.29 -34.10 -83.78
CA GLU X 5 -68.34 -34.27 -82.69
C GLU X 5 -69.02 -34.75 -81.42
N LYS X 6 -70.17 -34.16 -81.11
CA LYS X 6 -70.93 -34.59 -79.95
C LYS X 6 -71.31 -36.05 -80.08
N HIS X 7 -71.72 -36.46 -81.28
CA HIS X 7 -72.11 -37.84 -81.48
C HIS X 7 -70.92 -38.76 -81.41
N LEU X 8 -69.76 -38.30 -81.86
CA LEU X 8 -68.55 -39.11 -81.74
C LEU X 8 -68.19 -39.31 -80.28
N PHE X 9 -68.25 -38.25 -79.50
CA PHE X 9 -68.03 -38.37 -78.06
C PHE X 9 -69.02 -39.35 -77.46
N ASN X 10 -70.28 -39.25 -77.87
CA ASN X 10 -71.31 -40.14 -77.35
C ASN X 10 -70.99 -41.59 -77.69
N LEU X 11 -70.53 -41.82 -78.91
CA LEU X 11 -70.22 -43.17 -79.36
C LEU X 11 -69.01 -43.73 -78.61
N LYS X 12 -68.00 -42.89 -78.40
CA LYS X 12 -66.84 -43.33 -77.64
C LYS X 12 -67.24 -43.67 -76.21
N PHE X 13 -68.04 -42.82 -75.61
CA PHE X 13 -68.55 -43.11 -74.27
C PHE X 13 -69.30 -44.42 -74.25
N ALA X 14 -70.14 -44.65 -75.26
CA ALA X 14 -70.92 -45.88 -75.32
C ALA X 14 -70.04 -47.09 -75.45
N ALA X 15 -69.02 -47.01 -76.30
CA ALA X 15 -68.11 -48.12 -76.49
C ALA X 15 -67.35 -48.42 -75.21
N LYS X 16 -66.87 -47.38 -74.54
CA LYS X 16 -66.16 -47.56 -73.29
C LYS X 16 -67.07 -48.18 -72.24
N GLU X 17 -68.33 -47.74 -72.23
CA GLU X 17 -69.28 -48.28 -71.26
C GLU X 17 -69.55 -49.74 -71.53
N LEU X 18 -69.67 -50.11 -72.80
CA LEU X 18 -69.89 -51.51 -73.13
C LEU X 18 -68.69 -52.35 -72.75
N SER X 19 -67.50 -51.83 -73.00
CA SER X 19 -66.30 -52.55 -72.60
C SER X 19 -66.26 -52.75 -71.10
N ARG X 20 -66.59 -51.71 -70.35
CA ARG X 20 -66.57 -51.82 -68.91
C ARG X 20 -67.64 -52.78 -68.41
N SER X 21 -68.80 -52.78 -69.07
CA SER X 21 -69.85 -53.71 -68.69
C SER X 21 -69.43 -55.14 -68.96
N ALA X 22 -68.78 -55.38 -70.09
CA ALA X 22 -68.25 -56.70 -70.38
C ALA X 22 -67.22 -57.09 -69.34
N LYS X 23 -66.37 -56.16 -68.94
CA LYS X 23 -65.37 -56.45 -67.92
C LYS X 23 -66.02 -56.82 -66.61
N LYS X 24 -67.06 -56.09 -66.24
CA LYS X 24 -67.79 -56.41 -65.02
C LYS X 24 -68.42 -57.78 -65.11
N CYS X 25 -69.04 -58.09 -66.24
CA CYS X 25 -69.64 -59.40 -66.43
C CYS X 25 -68.58 -60.48 -66.30
N ASP X 26 -67.39 -60.23 -66.82
CA ASP X 26 -66.31 -61.21 -66.75
C ASP X 26 -65.86 -61.42 -65.32
N LYS X 27 -65.64 -60.33 -64.59
CA LYS X 27 -65.24 -60.43 -63.21
C LYS X 27 -66.29 -61.17 -62.40
N GLU X 28 -67.55 -60.89 -62.68
CA GLU X 28 -68.64 -61.55 -61.99
C GLU X 28 -68.68 -63.03 -62.32
N GLU X 29 -68.41 -63.39 -63.57
CA GLU X 29 -68.35 -64.78 -63.95
C GLU X 29 -67.23 -65.49 -63.19
N LYS X 30 -66.07 -64.84 -63.09
CA LYS X 30 -64.95 -65.42 -62.35
C LYS X 30 -65.33 -65.63 -60.90
N ALA X 31 -65.95 -64.62 -60.29
CA ALA X 31 -66.34 -64.72 -58.90
C ALA X 31 -67.36 -65.83 -58.70
N GLU X 32 -68.30 -65.97 -59.64
CA GLU X 32 -69.32 -67.00 -59.53
C GLU X 32 -68.71 -68.37 -59.64
N LYS X 33 -67.77 -68.53 -60.57
CA LYS X 33 -67.07 -69.81 -60.70
C LYS X 33 -66.30 -70.13 -59.45
N ALA X 34 -65.64 -69.12 -58.87
CA ALA X 34 -64.96 -69.31 -57.61
C ALA X 34 -65.92 -69.81 -56.54
N LYS X 35 -67.04 -69.10 -56.36
CA LYS X 35 -68.00 -69.51 -55.35
C LYS X 35 -68.56 -70.87 -55.63
N ILE X 36 -68.71 -71.24 -56.90
CA ILE X 36 -69.14 -72.58 -57.25
C ILE X 36 -68.16 -73.60 -56.71
N GLU X 37 -66.88 -73.33 -56.92
CA GLU X 37 -65.85 -74.22 -56.40
C GLU X 37 -65.97 -74.32 -54.89
N LYS X 38 -66.06 -73.17 -54.23
CA LYS X 38 -66.08 -73.14 -52.78
C LYS X 38 -67.30 -73.85 -52.22
N ALA X 39 -68.41 -73.84 -52.95
CA ALA X 39 -69.64 -74.47 -52.49
C ALA X 39 -69.62 -75.97 -52.74
N ILE X 40 -69.17 -76.37 -53.93
CA ILE X 40 -69.10 -77.78 -54.26
C ILE X 40 -68.09 -78.48 -53.37
N GLN X 41 -67.01 -77.78 -53.02
CA GLN X 41 -66.05 -78.34 -52.08
C GLN X 41 -66.70 -78.68 -50.76
N LYS X 42 -67.88 -78.15 -50.50
CA LYS X 42 -68.61 -78.44 -49.28
C LYS X 42 -69.83 -79.32 -49.53
N GLY X 43 -70.15 -79.61 -50.78
CA GLY X 43 -71.25 -80.50 -51.07
C GLY X 43 -72.54 -79.77 -51.36
N ASN X 44 -72.47 -78.78 -52.24
CA ASN X 44 -73.65 -78.01 -52.64
C ASN X 44 -73.84 -78.18 -54.13
N MET X 45 -75.00 -78.71 -54.50
CA MET X 45 -75.35 -78.84 -55.90
C MET X 45 -76.14 -77.64 -56.39
N GLU X 46 -77.20 -77.30 -55.66
CA GLU X 46 -78.10 -76.25 -56.13
C GLU X 46 -77.37 -74.92 -56.25
N VAL X 47 -76.52 -74.60 -55.27
CA VAL X 47 -75.76 -73.37 -55.36
C VAL X 47 -74.90 -73.38 -56.60
N ALA X 48 -74.31 -74.55 -56.90
CA ALA X 48 -73.50 -74.67 -58.09
C ALA X 48 -74.35 -74.42 -59.33
N ARG X 49 -75.53 -75.03 -59.40
CA ARG X 49 -76.40 -74.81 -60.55
C ARG X 49 -76.73 -73.34 -60.70
N ILE X 50 -77.07 -72.69 -59.58
CA ILE X 50 -77.48 -71.29 -59.61
C ILE X 50 -76.36 -70.43 -60.13
N HIS X 51 -75.17 -70.58 -59.55
CA HIS X 51 -74.04 -69.78 -59.96
C HIS X 51 -73.67 -70.05 -61.40
N ALA X 52 -73.84 -71.29 -61.84
CA ALA X 52 -73.57 -71.63 -63.24
C ALA X 52 -74.52 -70.92 -64.16
N GLU X 53 -75.80 -70.89 -63.81
CA GLU X 53 -76.78 -70.14 -64.58
C GLU X 53 -76.39 -68.68 -64.63
N ASN X 54 -75.95 -68.14 -63.49
CA ASN X 54 -75.52 -66.76 -63.44
C ASN X 54 -74.35 -66.50 -64.39
N ALA X 55 -73.38 -67.39 -64.37
CA ALA X 55 -72.23 -67.25 -65.23
C ALA X 55 -72.62 -67.32 -66.70
N ILE X 56 -73.54 -68.22 -67.03
CA ILE X 56 -74.00 -68.31 -68.41
C ILE X 56 -74.66 -67.02 -68.83
N ARG X 57 -75.51 -66.49 -67.96
CA ARG X 57 -76.16 -65.22 -68.26
C ARG X 57 -75.13 -64.13 -68.50
N GLN X 58 -74.15 -64.05 -67.61
CA GLN X 58 -73.14 -63.02 -67.72
C GLN X 58 -72.34 -63.17 -69.00
N LYS X 59 -72.05 -64.41 -69.38
CA LYS X 59 -71.32 -64.65 -70.62
C LYS X 59 -72.13 -64.23 -71.82
N ASN X 60 -73.39 -64.62 -71.86
CA ASN X 60 -74.25 -64.25 -72.97
C ASN X 60 -74.34 -62.74 -73.08
N GLN X 61 -74.49 -62.08 -71.94
CA GLN X 61 -74.63 -60.62 -71.92
C GLN X 61 -73.35 -59.94 -72.33
N ALA X 62 -72.21 -60.49 -71.89
CA ALA X 62 -70.92 -59.98 -72.33
C ALA X 62 -70.79 -60.10 -73.84
N VAL X 63 -71.20 -61.23 -74.39
CA VAL X 63 -71.13 -61.43 -75.82
C VAL X 63 -71.98 -60.43 -76.55
N ASN X 64 -73.19 -60.23 -76.06
CA ASN X 64 -74.10 -59.29 -76.69
C ASN X 64 -73.53 -57.88 -76.65
N PHE X 65 -72.96 -57.50 -75.51
CA PHE X 65 -72.35 -56.19 -75.39
C PHE X 65 -71.17 -56.05 -76.32
N LEU X 66 -70.42 -57.12 -76.50
CA LEU X 66 -69.30 -57.08 -77.40
C LEU X 66 -69.75 -56.89 -78.83
N ARG X 67 -70.80 -57.61 -79.23
CA ARG X 67 -71.35 -57.46 -80.56
C ARG X 67 -71.84 -56.05 -80.79
N MET X 68 -72.62 -55.53 -79.85
CA MET X 68 -73.16 -54.19 -79.98
C MET X 68 -72.06 -53.15 -80.02
N SER X 69 -71.06 -53.32 -79.16
CA SER X 69 -69.94 -52.39 -79.14
C SER X 69 -69.20 -52.42 -80.47
N ALA X 70 -69.01 -53.60 -81.03
CA ALA X 70 -68.33 -53.71 -82.31
C ALA X 70 -69.12 -53.02 -83.41
N ARG X 71 -70.42 -53.24 -83.43
CA ARG X 71 -71.26 -52.59 -84.43
C ARG X 71 -71.18 -51.07 -84.30
N VAL X 72 -71.24 -50.60 -83.06
CA VAL X 72 -71.16 -49.17 -82.80
C VAL X 72 -69.81 -48.63 -83.24
N ASP X 73 -68.77 -49.43 -83.05
CA ASP X 73 -67.44 -49.01 -83.47
C ASP X 73 -67.36 -48.91 -84.98
N ALA X 74 -67.96 -49.86 -85.68
CA ALA X 74 -68.02 -49.78 -87.13
C ALA X 74 -68.72 -48.52 -87.59
N VAL X 75 -69.84 -48.21 -86.94
CA VAL X 75 -70.61 -47.04 -87.30
C VAL X 75 -69.78 -45.78 -87.07
N ALA X 76 -69.14 -45.70 -85.90
CA ALA X 76 -68.32 -44.54 -85.58
C ALA X 76 -67.18 -44.40 -86.56
N ALA X 77 -66.64 -45.51 -87.01
CA ALA X 77 -65.55 -45.47 -87.97
C ALA X 77 -66.04 -44.92 -89.30
N ARG X 78 -67.19 -45.39 -89.75
CA ARG X 78 -67.79 -44.83 -90.95
C ARG X 78 -67.99 -43.33 -90.81
N VAL X 79 -68.41 -42.91 -89.62
CA VAL X 79 -68.67 -41.50 -89.39
C VAL X 79 -67.38 -40.70 -89.47
N GLN X 80 -66.32 -41.21 -88.86
CA GLN X 80 -65.03 -40.54 -88.94
C GLN X 80 -64.57 -40.44 -90.37
N THR X 81 -64.75 -41.50 -91.13
CA THR X 81 -64.43 -41.47 -92.55
C THR X 81 -65.19 -40.35 -93.23
N ALA X 82 -66.47 -40.24 -92.95
CA ALA X 82 -67.28 -39.21 -93.57
C ALA X 82 -66.77 -37.82 -93.21
N VAL X 83 -66.41 -37.63 -91.95
CA VAL X 83 -65.98 -36.32 -91.49
C VAL X 83 -64.66 -35.94 -92.15
N THR X 84 -63.75 -36.89 -92.22
CA THR X 84 -62.49 -36.66 -92.89
C THR X 84 -62.71 -36.31 -94.35
N MET X 85 -63.61 -37.03 -95.01
CA MET X 85 -63.92 -36.73 -96.39
C MET X 85 -64.50 -35.32 -96.53
N GLY X 86 -65.28 -34.89 -95.54
CA GLY X 86 -65.82 -33.55 -95.59
C GLY X 86 -64.76 -32.49 -95.45
N LYS X 87 -63.84 -32.69 -94.51
CA LYS X 87 -62.69 -31.80 -94.40
C LYS X 87 -61.94 -31.72 -95.71
N VAL X 88 -61.74 -32.88 -96.33
CA VAL X 88 -61.03 -32.94 -97.60
C VAL X 88 -61.76 -32.14 -98.66
N THR X 89 -63.08 -32.32 -98.72
CA THR X 89 -63.86 -31.60 -99.71
C THR X 89 -63.75 -30.10 -99.49
N LYS X 90 -63.75 -29.68 -98.24
CA LYS X 90 -63.58 -28.26 -97.94
C LYS X 90 -62.24 -27.75 -98.47
N SER X 91 -61.17 -28.41 -98.06
CA SER X 91 -59.85 -28.02 -98.52
C SER X 91 -59.79 -27.96 -100.03
N MET X 92 -60.40 -28.94 -100.68
CA MET X 92 -60.35 -29.03 -102.13
C MET X 92 -61.12 -27.90 -102.78
N ALA X 93 -62.26 -27.55 -102.21
CA ALA X 93 -63.02 -26.42 -102.73
C ALA X 93 -62.24 -25.12 -102.58
N GLY X 94 -61.56 -24.95 -101.45
CA GLY X 94 -60.69 -23.80 -101.30
C GLY X 94 -59.62 -23.76 -102.36
N VAL X 95 -59.00 -24.92 -102.60
CA VAL X 95 -57.97 -24.99 -103.63
C VAL X 95 -58.55 -24.66 -104.98
N VAL X 96 -59.78 -25.09 -105.24
CA VAL X 96 -60.43 -24.78 -106.50
C VAL X 96 -60.57 -23.28 -106.67
N LYS X 97 -61.10 -22.63 -105.64
CA LYS X 97 -61.23 -21.17 -105.69
C LYS X 97 -59.89 -20.52 -106.00
N SER X 98 -58.88 -20.89 -105.24
CA SER X 98 -57.59 -20.23 -105.37
C SER X 98 -56.99 -20.48 -106.75
N MET X 99 -57.04 -21.71 -107.24
CA MET X 99 -56.44 -22.04 -108.52
C MET X 99 -57.22 -21.43 -109.67
N ASP X 100 -58.54 -21.35 -109.55
CA ASP X 100 -59.33 -20.67 -110.57
C ASP X 100 -58.95 -19.21 -110.62
N ALA X 101 -58.77 -18.59 -109.45
CA ALA X 101 -58.30 -17.21 -109.41
C ALA X 101 -56.95 -17.08 -110.13
N THR X 102 -56.03 -17.99 -109.82
CA THR X 102 -54.69 -17.91 -110.42
C THR X 102 -54.77 -18.04 -111.93
N LEU X 103 -55.50 -19.05 -112.42
CA LEU X 103 -55.63 -19.25 -113.85
C LEU X 103 -56.33 -18.08 -114.51
N LYS X 104 -57.22 -17.40 -113.80
CA LYS X 104 -57.82 -16.20 -114.36
C LYS X 104 -56.82 -15.07 -114.45
N THR X 105 -55.93 -14.97 -113.47
CA THR X 105 -54.90 -13.93 -113.51
C THR X 105 -53.87 -14.25 -114.59
N MET X 106 -53.25 -15.41 -114.50
CA MET X 106 -52.20 -15.80 -115.42
C MET X 106 -52.72 -16.81 -116.43
N ASN X 107 -52.16 -16.73 -117.64
CA ASN X 107 -52.55 -17.60 -118.72
C ASN X 107 -51.28 -18.08 -119.43
N LEU X 108 -51.47 -18.88 -120.48
CA LEU X 108 -50.35 -19.46 -121.20
C LEU X 108 -49.80 -18.54 -122.28
N GLU X 109 -50.64 -17.68 -122.86
CA GLU X 109 -50.15 -16.76 -123.89
C GLU X 109 -49.12 -15.81 -123.32
N LYS X 110 -49.32 -15.38 -122.07
CA LYS X 110 -48.32 -14.55 -121.41
C LYS X 110 -46.99 -15.29 -121.30
N ILE X 111 -47.05 -16.57 -120.94
CA ILE X 111 -45.84 -17.37 -120.83
C ILE X 111 -45.14 -17.46 -122.17
N SER X 112 -45.90 -17.74 -123.22
CA SER X 112 -45.31 -17.88 -124.55
C SER X 112 -44.70 -16.56 -125.01
N ALA X 113 -45.38 -15.45 -124.75
CA ALA X 113 -44.83 -14.16 -125.11
C ALA X 113 -43.55 -13.87 -124.36
N LEU X 114 -43.54 -14.17 -123.06
CA LEU X 114 -42.34 -13.94 -122.26
C LEU X 114 -41.19 -14.78 -122.77
N MET X 115 -41.46 -16.03 -123.14
CA MET X 115 -40.38 -16.90 -123.60
C MET X 115 -39.87 -16.49 -124.97
N ASP X 116 -40.78 -16.08 -125.86
CA ASP X 116 -40.35 -15.58 -127.17
C ASP X 116 -39.49 -14.34 -127.00
N LYS X 117 -39.92 -13.43 -126.12
CA LYS X 117 -39.09 -12.29 -125.77
C LYS X 117 -37.73 -12.76 -125.30
N PHE X 118 -37.71 -13.60 -124.26
CA PHE X 118 -36.44 -14.03 -123.70
C PHE X 118 -35.52 -14.56 -124.78
N GLU X 119 -36.09 -15.32 -125.71
CA GLU X 119 -35.31 -15.84 -126.82
C GLU X 119 -34.72 -14.71 -127.65
N HIS X 120 -35.55 -13.74 -128.02
CA HIS X 120 -35.07 -12.64 -128.85
C HIS X 120 -34.04 -11.79 -128.13
N GLN X 121 -34.27 -11.50 -126.85
CA GLN X 121 -33.33 -10.69 -126.10
C GLN X 121 -32.01 -11.43 -125.94
N PHE X 122 -32.05 -12.73 -125.68
CA PHE X 122 -30.81 -13.48 -125.55
C PHE X 122 -30.10 -13.59 -126.87
N GLU X 123 -30.85 -13.65 -127.96
CA GLU X 123 -30.22 -13.67 -129.29
C GLU X 123 -29.51 -12.35 -129.57
N THR X 124 -30.18 -11.24 -129.24
CA THR X 124 -29.54 -9.93 -129.41
C THR X 124 -28.33 -9.80 -128.52
N LEU X 125 -28.40 -10.34 -127.30
CA LEU X 125 -27.28 -10.29 -126.39
C LEU X 125 -26.12 -11.13 -126.90
N ASP X 126 -26.43 -12.30 -127.47
CA ASP X 126 -25.39 -13.13 -128.06
C ASP X 126 -24.73 -12.41 -129.21
N VAL X 127 -25.52 -11.71 -130.01
CA VAL X 127 -24.96 -10.93 -131.12
C VAL X 127 -24.04 -9.84 -130.58
N GLN X 128 -24.49 -9.13 -129.56
CA GLN X 128 -23.67 -8.07 -128.98
C GLN X 128 -22.38 -8.61 -128.42
N THR X 129 -22.44 -9.76 -127.74
CA THR X 129 -21.25 -10.36 -127.17
C THR X 129 -20.30 -10.83 -128.26
N GLN X 130 -20.84 -11.37 -129.35
CA GLN X 130 -20.00 -11.78 -130.47
C GLN X 130 -19.31 -10.57 -131.08
N GLN X 131 -20.04 -9.47 -131.24
CA GLN X 131 -19.44 -8.24 -131.74
C GLN X 131 -18.33 -7.75 -130.83
N MET X 132 -18.58 -7.76 -129.52
CA MET X 132 -17.57 -7.35 -128.57
C MET X 132 -16.34 -8.24 -128.65
N GLU X 133 -16.55 -9.55 -128.72
CA GLU X 133 -15.45 -10.48 -128.85
C GLU X 133 -14.63 -10.17 -130.10
N ASP X 134 -15.30 -10.02 -131.23
CA ASP X 134 -14.62 -9.74 -132.48
C ASP X 134 -13.81 -8.45 -132.38
N THR X 135 -14.42 -7.39 -131.84
CA THR X 135 -13.74 -6.11 -131.77
C THR X 135 -12.53 -6.17 -130.84
N MET X 136 -12.73 -6.69 -129.63
CA MET X 136 -11.65 -6.77 -128.65
C MET X 136 -10.54 -7.72 -129.09
N SER X 137 -10.86 -8.71 -129.93
CA SER X 137 -9.83 -9.58 -130.47
C SER X 137 -9.08 -8.90 -131.62
N SER X 138 -9.80 -8.10 -132.42
CA SER X 138 -9.14 -7.37 -133.48
C SER X 138 -8.20 -6.31 -132.92
N THR X 139 -8.57 -5.70 -131.79
CA THR X 139 -7.71 -4.69 -131.18
C THR X 139 -6.42 -5.31 -130.67
N THR X 140 -6.51 -6.45 -129.99
CA THR X 140 -5.37 -7.10 -129.36
C THR X 140 -4.81 -8.14 -130.33
N THR X 141 -3.91 -7.71 -131.21
CA THR X 141 -3.31 -8.63 -132.17
C THR X 141 -1.79 -8.53 -132.25
N LEU X 142 -1.26 -7.34 -132.01
CA LEU X 142 0.18 -7.15 -132.16
C LEU X 142 0.96 -7.69 -130.98
N THR X 143 0.49 -7.41 -129.76
CA THR X 143 1.21 -7.74 -128.54
C THR X 143 0.95 -9.16 -128.07
N THR X 144 0.53 -10.05 -128.98
CA THR X 144 0.50 -11.49 -128.71
C THR X 144 0.69 -12.24 -130.01
N PRO X 145 1.92 -12.29 -130.52
CA PRO X 145 2.19 -13.17 -131.67
C PRO X 145 1.85 -14.61 -131.28
N GLN X 146 1.69 -15.44 -132.29
CA GLN X 146 1.39 -16.84 -132.03
C GLN X 146 2.64 -17.65 -131.78
N ASN X 147 3.76 -17.26 -132.40
CA ASN X 147 5.00 -18.00 -132.20
C ASN X 147 5.46 -17.90 -130.75
N GLN X 148 5.38 -16.72 -130.16
CA GLN X 148 5.80 -16.56 -128.78
C GLN X 148 4.92 -17.37 -127.86
N VAL X 149 3.61 -17.36 -128.11
CA VAL X 149 2.69 -18.12 -127.29
C VAL X 149 2.97 -19.62 -127.42
N ASP X 150 3.23 -20.07 -128.64
CA ASP X 150 3.53 -21.47 -128.85
C ASP X 150 4.81 -21.87 -128.14
N MET X 151 5.83 -21.02 -128.23
CA MET X 151 7.09 -21.31 -127.57
C MET X 151 6.89 -21.38 -126.07
N LEU X 152 6.17 -20.42 -125.51
CA LEU X 152 5.93 -20.42 -124.08
C LEU X 152 5.13 -21.63 -123.66
N LEU X 153 4.13 -22.00 -124.44
CA LEU X 153 3.33 -23.16 -124.11
C LEU X 153 4.16 -24.42 -124.11
N GLN X 154 4.98 -24.58 -125.14
CA GLN X 154 5.88 -25.72 -125.19
C GLN X 154 6.82 -25.73 -124.00
N GLU X 155 7.33 -24.55 -123.65
CA GLU X 155 8.28 -24.44 -122.54
C GLU X 155 7.63 -24.83 -121.23
N MET X 156 6.46 -24.27 -120.96
CA MET X 156 5.78 -24.53 -119.71
C MET X 156 5.24 -25.96 -119.66
N ALA X 157 4.93 -26.54 -120.81
CA ALA X 157 4.48 -27.92 -120.84
C ALA X 157 5.64 -28.86 -120.57
N ASP X 158 6.82 -28.51 -121.09
CA ASP X 158 8.03 -29.28 -120.77
C ASP X 158 8.38 -29.13 -119.30
N GLU X 159 8.19 -27.94 -118.75
CA GLU X 159 8.47 -27.71 -117.35
C GLU X 159 7.55 -28.53 -116.48
N ALA X 160 6.24 -28.44 -116.75
CA ALA X 160 5.28 -29.25 -116.01
C ALA X 160 5.48 -30.73 -116.31
N GLY X 161 5.74 -31.06 -117.57
CA GLY X 161 5.95 -32.44 -117.96
C GLY X 161 4.81 -33.01 -118.75
N LEU X 162 4.16 -32.19 -119.58
CA LEU X 162 3.08 -32.63 -120.43
C LEU X 162 3.32 -32.17 -121.86
N ASP X 163 2.52 -32.72 -122.77
CA ASP X 163 2.58 -32.38 -124.18
C ASP X 163 1.21 -31.93 -124.65
N LEU X 164 1.22 -31.04 -125.65
CA LEU X 164 0.00 -30.50 -126.23
C LEU X 164 -0.17 -30.95 -127.67
N SER Y 2 57.55 47.77 87.66
CA SER Y 2 58.48 48.41 88.58
C SER Y 2 59.70 48.93 87.84
N ASN Y 3 60.51 49.74 88.53
CA ASN Y 3 61.78 50.13 87.97
C ASN Y 3 62.61 48.90 87.62
N MET Y 4 62.47 47.84 88.41
CA MET Y 4 63.21 46.62 88.14
C MET Y 4 62.84 46.05 86.79
N GLU Y 5 61.55 46.01 86.48
CA GLU Y 5 61.10 45.43 85.22
C GLU Y 5 61.53 46.28 84.04
N LYS Y 6 61.35 47.60 84.17
CA LYS Y 6 61.79 48.50 83.11
C LYS Y 6 63.28 48.36 82.87
N HIS Y 7 64.06 48.23 83.94
CA HIS Y 7 65.50 48.11 83.80
C HIS Y 7 65.85 46.76 83.20
N LEU Y 8 65.10 45.73 83.52
CA LEU Y 8 65.34 44.42 82.91
C LEU Y 8 65.08 44.47 81.41
N PHE Y 9 63.98 45.09 81.02
CA PHE Y 9 63.71 45.28 79.61
C PHE Y 9 64.84 46.06 78.95
N ASN Y 10 65.31 47.11 79.62
CA ASN Y 10 66.39 47.92 79.08
C ASN Y 10 67.64 47.08 78.89
N LEU Y 11 67.93 46.22 79.87
CA LEU Y 11 69.13 45.40 79.79
C LEU Y 11 69.03 44.36 78.69
N LYS Y 12 67.85 43.77 78.54
CA LYS Y 12 67.63 42.82 77.46
C LYS Y 12 67.79 43.49 76.11
N PHE Y 13 67.21 44.67 75.97
CA PHE Y 13 67.37 45.44 74.74
C PHE Y 13 68.85 45.72 74.48
N ALA Y 14 69.57 46.10 75.52
CA ALA Y 14 70.99 46.42 75.37
C ALA Y 14 71.78 45.20 74.93
N ALA Y 15 71.50 44.06 75.54
CA ALA Y 15 72.20 42.83 75.19
C ALA Y 15 71.91 42.44 73.75
N LYS Y 16 70.65 42.53 73.35
CA LYS Y 16 70.29 42.20 71.98
C LYS Y 16 70.96 43.16 71.01
N GLU Y 17 71.04 44.43 71.38
CA GLU Y 17 71.68 45.41 70.53
C GLU Y 17 73.16 45.13 70.39
N LEU Y 18 73.80 44.75 71.48
CA LEU Y 18 75.22 44.40 71.42
C LEU Y 18 75.44 43.18 70.55
N SER Y 19 74.57 42.19 70.69
CA SER Y 19 74.68 41.00 69.86
C SER Y 19 74.54 41.35 68.39
N ARG Y 20 73.57 42.20 68.08
CA ARG Y 20 73.35 42.60 66.70
C ARG Y 20 74.52 43.41 66.17
N SER Y 21 75.10 44.25 67.02
CA SER Y 21 76.25 45.03 66.61
C SER Y 21 77.44 44.14 66.33
N ALA Y 22 77.64 43.14 67.18
CA ALA Y 22 78.70 42.17 66.93
C ALA Y 22 78.44 41.42 65.63
N LYS Y 23 77.19 41.06 65.37
CA LYS Y 23 76.86 40.37 64.13
C LYS Y 23 77.17 41.25 62.93
N LYS Y 24 76.83 42.52 63.03
CA LYS Y 24 77.13 43.45 61.94
C LYS Y 24 78.63 43.56 61.74
N CYS Y 25 79.37 43.69 62.83
CA CYS Y 25 80.82 43.76 62.72
C CYS Y 25 81.37 42.52 62.06
N ASP Y 26 80.81 41.37 62.38
CA ASP Y 26 81.27 40.12 61.79
C ASP Y 26 80.98 40.07 60.29
N LYS Y 27 79.77 40.43 59.92
CA LYS Y 27 79.41 40.46 58.50
C LYS Y 27 80.31 41.41 57.75
N GLU Y 28 80.60 42.56 58.36
CA GLU Y 28 81.45 43.55 57.74
C GLU Y 28 82.88 43.02 57.60
N GLU Y 29 83.35 42.30 58.60
CA GLU Y 29 84.66 41.69 58.52
C GLU Y 29 84.72 40.70 57.37
N LYS Y 30 83.68 39.88 57.24
CA LYS Y 30 83.62 38.92 56.14
C LYS Y 30 83.64 39.63 54.80
N ALA Y 31 82.85 40.68 54.68
CA ALA Y 31 82.79 41.43 53.43
C ALA Y 31 84.13 42.08 53.12
N GLU Y 32 84.80 42.59 54.14
CA GLU Y 32 86.10 43.23 53.93
C GLU Y 32 87.14 42.21 53.50
N LYS Y 33 87.12 41.03 54.11
CA LYS Y 33 88.04 39.98 53.71
C LYS Y 33 87.77 39.56 52.28
N ALA Y 34 86.49 39.44 51.92
CA ALA Y 34 86.13 39.16 50.55
C ALA Y 34 86.72 40.19 49.60
N LYS Y 35 86.46 41.47 49.87
CA LYS Y 35 86.98 42.53 49.02
C LYS Y 35 88.50 42.52 48.98
N ILE Y 36 89.14 42.16 50.08
CA ILE Y 36 90.59 42.04 50.09
C ILE Y 36 91.01 41.00 49.07
N GLU Y 37 90.34 39.86 49.08
CA GLU Y 37 90.64 38.82 48.11
C GLU Y 37 90.45 39.34 46.70
N LYS Y 38 89.32 39.98 46.46
CA LYS Y 38 89.00 40.44 45.11
C LYS Y 38 89.98 41.50 44.63
N ALA Y 39 90.53 42.28 45.55
CA ALA Y 39 91.48 43.33 45.18
C ALA Y 39 92.87 42.78 44.96
N ILE Y 40 93.31 41.89 45.85
CA ILE Y 40 94.63 41.29 45.71
C ILE Y 40 94.69 40.44 44.46
N GLN Y 41 93.58 39.78 44.13
CA GLN Y 41 93.51 39.02 42.89
C GLN Y 41 93.81 39.90 41.69
N LYS Y 42 93.71 41.22 41.85
CA LYS Y 42 93.99 42.15 40.79
C LYS Y 42 95.30 42.90 41.00
N GLY Y 43 95.94 42.73 42.14
CA GLY Y 43 97.23 43.35 42.37
C GLY Y 43 97.11 44.65 43.12
N ASN Y 44 96.38 44.65 44.23
CA ASN Y 44 96.22 45.82 45.07
C ASN Y 44 96.76 45.49 46.45
N MET Y 45 97.75 46.25 46.88
CA MET Y 45 98.28 46.11 48.22
C MET Y 45 97.61 47.06 49.19
N GLU Y 46 97.55 48.33 48.84
CA GLU Y 46 97.04 49.32 49.77
C GLU Y 46 95.60 49.05 50.14
N VAL Y 47 94.79 48.67 49.16
CA VAL Y 47 93.40 48.32 49.46
C VAL Y 47 93.35 47.17 50.43
N ALA Y 48 94.23 46.20 50.22
CA ALA Y 48 94.30 45.07 51.14
C ALA Y 48 94.66 45.53 52.54
N ARG Y 49 95.66 46.39 52.66
CA ARG Y 49 96.04 46.90 53.98
C ARG Y 49 94.86 47.62 54.63
N ILE Y 50 94.17 48.45 53.86
CA ILE Y 50 93.08 49.24 54.40
C ILE Y 50 91.98 48.34 54.92
N HIS Y 51 91.54 47.40 54.08
CA HIS Y 51 90.49 46.50 54.47
C HIS Y 51 90.90 45.65 55.65
N ALA Y 52 92.17 45.29 55.73
CA ALA Y 52 92.66 44.51 56.85
C ALA Y 52 92.58 45.32 58.14
N GLU Y 53 92.96 46.58 58.07
CA GLU Y 53 92.81 47.46 59.22
C GLU Y 53 91.36 47.56 59.63
N ASN Y 54 90.48 47.66 58.65
CA ASN Y 54 89.05 47.71 58.93
C ASN Y 54 88.58 46.46 59.65
N ALA Y 55 89.02 45.31 59.15
CA ALA Y 55 88.63 44.04 59.76
C ALA Y 55 89.15 43.94 61.18
N ILE Y 56 90.38 44.40 61.41
CA ILE Y 56 90.93 44.36 62.77
C ILE Y 56 90.11 45.23 63.69
N ARG Y 57 89.76 46.42 63.22
CA ARG Y 57 88.93 47.31 64.02
C ARG Y 57 87.61 46.66 64.35
N GLN Y 58 86.97 46.06 63.35
CA GLN Y 58 85.68 45.43 63.56
C GLN Y 58 85.79 44.28 64.53
N LYS Y 59 86.87 43.52 64.45
CA LYS Y 59 87.08 42.41 65.37
C LYS Y 59 87.25 42.90 66.79
N ASN Y 60 88.10 43.91 66.97
CA ASN Y 60 88.32 44.47 68.29
C ASN Y 60 87.02 44.99 68.88
N GLN Y 61 86.23 45.67 68.05
CA GLN Y 61 84.98 46.24 68.50
C GLN Y 61 83.96 45.17 68.82
N ALA Y 62 83.93 44.12 68.02
CA ALA Y 62 83.07 42.98 68.31
C ALA Y 62 83.45 42.36 69.65
N VAL Y 63 84.74 42.22 69.89
CA VAL Y 63 85.21 41.66 71.15
C VAL Y 63 84.77 42.52 72.31
N ASN Y 64 84.94 43.82 72.16
CA ASN Y 64 84.57 44.74 73.23
C ASN Y 64 83.08 44.67 73.50
N PHE Y 65 82.29 44.62 72.44
CA PHE Y 65 80.84 44.51 72.60
C PHE Y 65 80.47 43.21 73.27
N LEU Y 66 81.19 42.14 72.95
CA LEU Y 66 80.91 40.87 73.57
C LEU Y 66 81.22 40.90 75.05
N ARG Y 67 82.35 41.51 75.41
CA ARG Y 67 82.70 41.65 76.81
C ARG Y 67 81.65 42.46 77.56
N MET Y 68 81.29 43.61 77.00
CA MET Y 68 80.32 44.47 77.64
C MET Y 68 78.98 43.78 77.76
N SER Y 69 78.56 43.08 76.71
CA SER Y 69 77.31 42.36 76.75
C SER Y 69 77.32 41.29 77.82
N ALA Y 70 78.43 40.59 77.94
CA ALA Y 70 78.55 39.55 78.95
C ALA Y 70 78.46 40.14 80.35
N ARG Y 71 79.14 41.26 80.58
CA ARG Y 71 79.08 41.91 81.87
C ARG Y 71 77.67 42.34 82.19
N VAL Y 72 77.00 42.91 81.20
CA VAL Y 72 75.62 43.36 81.38
C VAL Y 72 74.73 42.17 81.67
N ASP Y 73 75.01 41.04 81.04
CA ASP Y 73 74.23 39.84 81.27
C ASP Y 73 74.40 39.36 82.70
N ALA Y 74 75.65 39.39 83.18
CA ALA Y 74 75.90 39.03 84.57
C ALA Y 74 75.13 39.92 85.51
N VAL Y 75 75.14 41.22 85.25
CA VAL Y 75 74.43 42.16 86.09
C VAL Y 75 72.95 41.87 86.08
N ALA Y 76 72.39 41.67 84.89
CA ALA Y 76 70.96 41.38 84.78
C ALA Y 76 70.60 40.10 85.50
N ALA Y 77 71.50 39.13 85.46
CA ALA Y 77 71.26 37.88 86.15
C ALA Y 77 71.22 38.07 87.65
N ARG Y 78 72.18 38.85 88.17
CA ARG Y 78 72.15 39.19 89.57
C ARG Y 78 70.86 39.88 89.93
N VAL Y 79 70.38 40.75 89.05
CA VAL Y 79 69.16 41.49 89.32
C VAL Y 79 67.97 40.55 89.37
N GLN Y 80 67.90 39.61 88.44
CA GLN Y 80 66.82 38.64 88.44
C GLN Y 80 66.85 37.81 89.71
N THR Y 81 68.04 37.42 90.12
CA THR Y 81 68.19 36.72 91.38
C THR Y 81 67.61 37.53 92.52
N ALA Y 82 67.94 38.81 92.56
CA ALA Y 82 67.45 39.67 93.62
C ALA Y 82 65.93 39.76 93.60
N VAL Y 83 65.35 39.87 92.41
CA VAL Y 83 63.90 40.01 92.30
C VAL Y 83 63.21 38.75 92.74
N THR Y 84 63.73 37.62 92.33
CA THR Y 84 63.19 36.34 92.77
C THR Y 84 63.26 36.21 94.28
N MET Y 85 64.40 36.60 94.85
CA MET Y 85 64.53 36.56 96.30
C MET Y 85 63.51 37.47 96.97
N GLY Y 86 63.22 38.60 96.35
CA GLY Y 86 62.22 39.49 96.91
C GLY Y 86 60.83 38.90 96.88
N LYS Y 87 60.47 38.29 95.76
CA LYS Y 87 59.21 37.56 95.69
C LYS Y 87 59.13 36.52 96.78
N VAL Y 88 60.22 35.79 96.96
CA VAL Y 88 60.27 34.75 97.97
C VAL Y 88 60.06 35.33 99.35
N THR Y 89 60.73 36.44 99.63
CA THR Y 89 60.58 37.08 100.93
C THR Y 89 59.15 37.51 101.17
N LYS Y 90 58.49 38.02 100.12
CA LYS Y 90 57.09 38.39 100.24
C LYS Y 90 56.25 37.19 100.61
N SER Y 91 56.35 36.13 99.81
CA SER Y 91 55.59 34.92 100.08
C SER Y 91 55.84 34.43 101.49
N MET Y 92 57.09 34.48 101.93
CA MET Y 92 57.45 33.97 103.24
C MET Y 92 56.87 34.82 104.34
N ALA Y 93 56.86 36.14 104.16
CA ALA Y 93 56.23 37.01 105.14
C ALA Y 93 54.74 36.74 105.24
N GLY Y 94 54.08 36.53 104.09
CA GLY Y 94 52.69 36.15 104.13
C GLY Y 94 52.48 34.87 104.91
N VAL Y 95 53.33 33.89 104.65
CA VAL Y 95 53.23 32.61 105.36
C VAL Y 95 53.43 32.84 106.85
N VAL Y 96 54.34 33.74 107.20
CA VAL Y 96 54.58 34.04 108.61
C VAL Y 96 53.31 34.58 109.25
N LYS Y 97 52.70 35.57 108.60
CA LYS Y 97 51.46 36.12 109.12
C LYS Y 97 50.43 35.02 109.33
N SER Y 98 50.21 34.20 108.29
CA SER Y 98 49.16 33.21 108.36
C SER Y 98 49.44 32.18 109.44
N MET Y 99 50.68 31.70 109.53
CA MET Y 99 51.02 30.67 110.50
C MET Y 99 51.01 31.22 111.91
N ASP Y 100 51.41 32.46 112.10
CA ASP Y 100 51.30 33.08 113.41
C ASP Y 100 49.85 33.17 113.83
N ALA Y 101 48.98 33.56 112.89
CA ALA Y 101 47.55 33.56 113.18
C ALA Y 101 47.08 32.18 113.59
N THR Y 102 47.48 31.15 112.86
CA THR Y 102 47.03 29.80 113.16
C THR Y 102 47.51 29.37 114.54
N LEU Y 103 48.80 29.57 114.83
CA LEU Y 103 49.33 29.20 116.13
C LEU Y 103 48.67 29.98 117.26
N LYS Y 104 48.24 31.21 116.98
CA LYS Y 104 47.51 31.97 117.98
C LYS Y 104 46.13 31.37 118.21
N THR Y 105 45.49 30.89 117.14
CA THR Y 105 44.18 30.28 117.28
C THR Y 105 44.29 28.92 117.97
N MET Y 106 45.09 28.03 117.41
CA MET Y 106 45.24 26.69 117.93
C MET Y 106 46.56 26.53 118.67
N ASN Y 107 46.54 25.70 119.70
CA ASN Y 107 47.70 25.44 120.53
C ASN Y 107 47.79 23.95 120.78
N LEU Y 108 48.80 23.55 121.55
CA LEU Y 108 49.06 22.15 121.81
C LEU Y 108 48.24 21.61 122.98
N GLU Y 109 47.92 22.47 123.95
CA GLU Y 109 47.12 21.99 125.09
C GLU Y 109 45.75 21.52 124.63
N LYS Y 110 45.18 22.22 123.64
CA LYS Y 110 43.91 21.77 123.08
C LYS Y 110 44.05 20.38 122.47
N ILE Y 111 45.15 20.14 121.77
CA ILE Y 111 45.39 18.83 121.16
C ILE Y 111 45.49 17.76 122.24
N SER Y 112 46.26 18.05 123.29
CA SER Y 112 46.44 17.08 124.36
C SER Y 112 45.12 16.79 125.06
N ALA Y 113 44.31 17.82 125.30
CA ALA Y 113 43.02 17.63 125.92
C ALA Y 113 42.12 16.77 125.03
N LEU Y 114 42.10 17.07 123.74
CA LEU Y 114 41.29 16.30 122.82
C LEU Y 114 41.72 14.84 122.79
N MET Y 115 43.02 14.59 122.82
CA MET Y 115 43.50 13.22 122.76
C MET Y 115 43.22 12.48 124.05
N ASP Y 116 43.39 13.14 125.20
CA ASP Y 116 43.04 12.52 126.47
C ASP Y 116 41.56 12.19 126.51
N LYS Y 117 40.72 13.11 126.05
CA LYS Y 117 39.31 12.82 125.91
C LYS Y 117 39.12 11.58 125.05
N PHE Y 118 39.64 11.62 123.82
CA PHE Y 118 39.44 10.51 122.90
C PHE Y 118 39.79 9.20 123.55
N GLU Y 119 40.89 9.19 124.30
CA GLU Y 119 41.30 7.99 125.03
C GLU Y 119 40.22 7.56 126.02
N HIS Y 120 39.75 8.50 126.83
CA HIS Y 120 38.75 8.15 127.84
C HIS Y 120 37.44 7.70 127.21
N GLN Y 121 37.01 8.38 126.16
CA GLN Y 121 35.76 8.00 125.50
C GLN Y 121 35.88 6.64 124.87
N PHE Y 122 37.01 6.36 124.23
CA PHE Y 122 37.20 5.04 123.63
C PHE Y 122 37.32 3.96 124.68
N GLU Y 123 37.88 4.28 125.84
CA GLU Y 123 37.93 3.32 126.92
C GLU Y 123 36.54 3.01 127.43
N THR Y 124 35.72 4.04 127.61
CA THR Y 124 34.34 3.83 128.04
C THR Y 124 33.57 3.03 127.00
N LEU Y 125 33.83 3.31 125.72
CA LEU Y 125 33.17 2.59 124.65
C LEU Y 125 33.61 1.13 124.63
N ASP Y 126 34.89 0.88 124.87
CA ASP Y 126 35.37 -0.49 124.94
C ASP Y 126 34.71 -1.23 126.09
N VAL Y 127 34.54 -0.54 127.22
CA VAL Y 127 33.87 -1.14 128.36
C VAL Y 127 32.42 -1.47 128.02
N GLN Y 128 31.73 -0.52 127.36
CA GLN Y 128 30.35 -0.76 126.99
C GLN Y 128 30.23 -1.94 126.03
N THR Y 129 31.15 -2.02 125.06
CA THR Y 129 31.12 -3.12 124.11
C THR Y 129 31.41 -4.44 124.78
N GLN Y 130 32.34 -4.45 125.74
CA GLN Y 130 32.62 -5.67 126.48
C GLN Y 130 31.40 -6.11 127.28
N GLN Y 131 30.71 -5.15 127.91
CA GLN Y 131 29.49 -5.46 128.63
C GLN Y 131 28.44 -6.04 127.69
N MET Y 132 28.26 -5.42 126.53
CA MET Y 132 27.31 -5.93 125.56
C MET Y 132 27.66 -7.33 125.11
N GLU Y 133 28.95 -7.57 124.82
CA GLU Y 133 29.40 -8.90 124.44
C GLU Y 133 29.07 -9.91 125.52
N ASP Y 134 29.42 -9.59 126.76
CA ASP Y 134 29.17 -10.51 127.86
C ASP Y 134 27.68 -10.81 127.99
N THR Y 135 26.85 -9.78 127.94
CA THR Y 135 25.41 -9.97 128.12
C THR Y 135 24.82 -10.80 126.98
N MET Y 136 25.11 -10.41 125.74
CA MET Y 136 24.57 -11.12 124.59
C MET Y 136 25.11 -12.54 124.47
N SER Y 137 26.29 -12.81 125.03
CA SER Y 137 26.79 -14.18 125.05
C SER Y 137 26.15 -14.99 126.16
N SER Y 138 25.86 -14.35 127.30
CA SER Y 138 25.17 -15.03 128.38
C SER Y 138 23.74 -15.37 127.98
N THR Y 139 23.10 -14.51 127.19
CA THR Y 139 21.74 -14.79 126.76
C THR Y 139 21.70 -16.00 125.84
N THR Y 140 22.62 -16.06 124.86
CA THR Y 140 22.64 -17.11 123.85
C THR Y 140 23.58 -18.21 124.31
N THR Y 141 23.03 -19.16 125.07
CA THR Y 141 23.84 -20.27 125.56
C THR Y 141 23.19 -21.64 125.36
N LEU Y 142 21.86 -21.70 125.40
CA LEU Y 142 21.18 -22.97 125.29
C LEU Y 142 21.13 -23.48 123.86
N THR Y 143 20.79 -22.61 122.92
CA THR Y 143 20.56 -22.99 121.53
C THR Y 143 21.84 -23.06 120.71
N THR Y 144 22.99 -23.22 121.37
CA THR Y 144 24.24 -23.55 120.70
C THR Y 144 25.13 -24.36 121.63
N PRO Y 145 24.81 -25.64 121.85
CA PRO Y 145 25.75 -26.48 122.58
C PRO Y 145 27.09 -26.51 121.86
N GLN Y 146 28.11 -26.94 122.58
CA GLN Y 146 29.43 -27.01 121.98
C GLN Y 146 29.64 -28.32 121.24
N ASN Y 147 29.00 -29.39 121.70
CA ASN Y 147 29.15 -30.67 121.03
C ASN Y 147 28.59 -30.63 119.62
N GLN Y 148 27.42 -30.01 119.45
CA GLN Y 148 26.83 -29.93 118.12
C GLN Y 148 27.71 -29.10 117.20
N VAL Y 149 28.24 -27.99 117.72
CA VAL Y 149 29.10 -27.15 116.91
C VAL Y 149 30.36 -27.90 116.51
N ASP Y 150 30.93 -28.64 117.46
CA ASP Y 150 32.14 -29.41 117.16
C ASP Y 150 31.86 -30.47 116.12
N MET Y 151 30.73 -31.15 116.25
CA MET Y 151 30.37 -32.18 115.29
C MET Y 151 30.19 -31.57 113.91
N LEU Y 152 29.48 -30.46 113.84
CA LEU Y 152 29.27 -29.81 112.55
C LEU Y 152 30.57 -29.33 111.96
N LEU Y 153 31.46 -28.78 112.78
CA LEU Y 153 32.73 -28.31 112.29
C LEU Y 153 33.55 -29.45 111.73
N GLN Y 154 33.60 -30.56 112.47
CA GLN Y 154 34.30 -31.73 111.98
C GLN Y 154 33.70 -32.22 110.67
N GLU Y 155 32.37 -32.22 110.59
CA GLU Y 155 31.69 -32.71 109.41
C GLU Y 155 32.01 -31.85 108.21
N MET Y 156 31.88 -30.54 108.37
CA MET Y 156 32.12 -29.63 107.26
C MET Y 156 33.59 -29.56 106.90
N ALA Y 157 34.48 -29.80 107.86
CA ALA Y 157 35.90 -29.84 107.56
C ALA Y 157 36.25 -31.09 106.78
N ASP Y 158 35.60 -32.20 107.13
CA ASP Y 158 35.77 -33.43 106.35
C ASP Y 158 35.19 -33.27 104.96
N GLU Y 159 34.08 -32.56 104.85
CA GLU Y 159 33.46 -32.32 103.55
C GLU Y 159 34.38 -31.47 102.69
N ALA Y 160 34.84 -30.35 103.22
CA ALA Y 160 35.77 -29.51 102.50
C ALA Y 160 37.09 -30.23 102.28
N GLY Y 161 37.56 -30.95 103.30
CA GLY Y 161 38.81 -31.69 103.19
C GLY Y 161 39.93 -31.06 104.00
N LEU Y 162 39.60 -30.49 105.15
CA LEU Y 162 40.59 -29.89 106.04
C LEU Y 162 40.38 -30.40 107.46
N ASP Y 163 41.37 -30.13 108.30
CA ASP Y 163 41.35 -30.49 109.70
C ASP Y 163 41.55 -29.26 110.56
N LEU Y 164 40.96 -29.30 111.75
CA LEU Y 164 41.05 -28.21 112.71
C LEU Y 164 41.82 -28.64 113.95
N SER Z 2 -51.91 -16.10 -98.76
CA SER Z 2 -52.84 -16.29 -99.86
C SER Z 2 -53.75 -17.48 -99.60
N ASN Z 3 -54.79 -17.60 -100.41
CA ASN Z 3 -55.61 -18.81 -100.34
C ASN Z 3 -54.75 -20.03 -100.57
N MET Z 4 -53.72 -19.91 -101.40
CA MET Z 4 -52.83 -21.03 -101.64
C MET Z 4 -52.16 -21.49 -100.36
N GLU Z 5 -51.67 -20.54 -99.58
CA GLU Z 5 -50.95 -20.89 -98.36
C GLU Z 5 -51.89 -21.49 -97.32
N LYS Z 6 -53.06 -20.88 -97.15
CA LYS Z 6 -54.05 -21.43 -96.24
C LYS Z 6 -54.44 -22.83 -96.64
N HIS Z 7 -54.61 -23.06 -97.93
CA HIS Z 7 -54.99 -24.39 -98.41
C HIS Z 7 -53.87 -25.37 -98.22
N LEU Z 8 -52.62 -24.92 -98.37
CA LEU Z 8 -51.49 -25.80 -98.13
C LEU Z 8 -51.43 -26.21 -96.68
N PHE Z 9 -51.62 -25.25 -95.78
CA PHE Z 9 -51.70 -25.57 -94.36
C PHE Z 9 -52.81 -26.56 -94.10
N ASN Z 10 -53.96 -26.34 -94.72
CA ASN Z 10 -55.09 -27.23 -94.54
C ASN Z 10 -54.75 -28.64 -95.01
N LEU Z 11 -54.06 -28.74 -96.14
CA LEU Z 11 -53.71 -30.03 -96.69
C LEU Z 11 -52.70 -30.75 -95.81
N LYS Z 12 -51.72 -30.00 -95.30
CA LYS Z 12 -50.75 -30.60 -94.39
C LYS Z 12 -51.43 -31.10 -93.13
N PHE Z 13 -52.32 -30.28 -92.57
CA PHE Z 13 -53.09 -30.72 -91.42
C PHE Z 13 -53.87 -31.99 -91.73
N ALA Z 14 -54.49 -32.03 -92.90
CA ALA Z 14 -55.29 -33.20 -93.28
C ALA Z 14 -54.41 -34.43 -93.39
N ALA Z 15 -53.26 -34.30 -94.02
CA ALA Z 15 -52.36 -35.42 -94.17
C ALA Z 15 -51.88 -35.92 -92.82
N LYS Z 16 -51.50 -35.00 -91.94
CA LYS Z 16 -51.07 -35.39 -90.61
C LYS Z 16 -52.19 -36.07 -89.86
N GLU Z 17 -53.40 -35.59 -90.02
CA GLU Z 17 -54.55 -36.18 -89.35
C GLU Z 17 -54.80 -37.59 -89.86
N LEU Z 18 -54.68 -37.78 -91.17
CA LEU Z 18 -54.86 -39.11 -91.73
C LEU Z 18 -53.79 -40.06 -91.24
N SER Z 19 -52.56 -39.57 -91.17
CA SER Z 19 -51.48 -40.41 -90.66
C SER Z 19 -51.75 -40.80 -89.22
N ARG Z 20 -52.19 -39.85 -88.41
CA ARG Z 20 -52.47 -40.14 -87.02
C ARG Z 20 -53.64 -41.10 -86.88
N SER Z 21 -54.64 -40.96 -87.74
CA SER Z 21 -55.78 -41.86 -87.71
C SER Z 21 -55.35 -43.28 -88.08
N ALA Z 22 -54.49 -43.39 -89.08
CA ALA Z 22 -53.95 -44.69 -89.44
C ALA Z 22 -53.16 -45.27 -88.29
N LYS Z 23 -52.38 -44.44 -87.61
CA LYS Z 23 -51.61 -44.92 -86.46
C LYS Z 23 -52.53 -45.42 -85.37
N LYS Z 24 -53.60 -44.69 -85.11
CA LYS Z 24 -54.56 -45.12 -84.10
C LYS Z 24 -55.20 -46.44 -84.50
N CYS Z 25 -55.58 -46.55 -85.77
CA CYS Z 25 -56.17 -47.80 -86.24
C CYS Z 25 -55.20 -48.95 -86.07
N ASP Z 26 -53.91 -48.69 -86.31
CA ASP Z 26 -52.90 -49.73 -86.16
C ASP Z 26 -52.74 -50.15 -84.71
N LYS Z 27 -52.65 -49.18 -83.82
CA LYS Z 27 -52.54 -49.48 -82.40
C LYS Z 27 -53.75 -50.26 -81.93
N GLU Z 28 -54.92 -49.87 -82.40
CA GLU Z 28 -56.15 -50.56 -82.04
C GLU Z 28 -56.16 -51.99 -82.56
N GLU Z 29 -55.65 -52.18 -83.78
CA GLU Z 29 -55.55 -53.53 -84.32
C GLU Z 29 -54.63 -54.38 -83.46
N LYS Z 30 -53.50 -53.81 -83.06
CA LYS Z 30 -52.57 -54.54 -82.20
C LYS Z 30 -53.23 -54.91 -80.88
N ALA Z 31 -53.93 -53.96 -80.28
CA ALA Z 31 -54.60 -54.22 -79.02
C ALA Z 31 -55.67 -55.28 -79.17
N GLU Z 32 -56.41 -55.24 -80.29
CA GLU Z 32 -57.45 -56.23 -80.52
C GLU Z 32 -56.86 -57.61 -80.70
N LYS Z 33 -55.76 -57.69 -81.44
CA LYS Z 33 -55.10 -58.98 -81.61
C LYS Z 33 -54.59 -59.51 -80.28
N ALA Z 34 -54.03 -58.62 -79.46
CA ALA Z 34 -53.63 -59.00 -78.13
C ALA Z 34 -54.80 -59.58 -77.35
N LYS Z 35 -55.90 -58.84 -77.28
CA LYS Z 35 -57.06 -59.32 -76.55
C LYS Z 35 -57.60 -60.61 -77.12
N ILE Z 36 -57.51 -60.79 -78.43
CA ILE Z 36 -57.90 -62.06 -79.04
C ILE Z 36 -57.07 -63.19 -78.46
N GLU Z 37 -55.76 -62.96 -78.38
CA GLU Z 37 -54.89 -63.97 -77.80
C GLU Z 37 -55.30 -64.26 -76.36
N LYS Z 38 -55.49 -63.20 -75.58
CA LYS Z 38 -55.79 -63.36 -74.17
C LYS Z 38 -57.13 -64.07 -73.96
N ALA Z 39 -58.07 -63.89 -74.89
CA ALA Z 39 -59.38 -64.52 -74.76
C ALA Z 39 -59.35 -65.96 -75.21
N ILE Z 40 -58.68 -66.24 -76.33
CA ILE Z 40 -58.59 -67.60 -76.83
C ILE Z 40 -57.81 -68.46 -75.86
N GLN Z 41 -56.80 -67.87 -75.22
CA GLN Z 41 -56.05 -68.59 -74.20
C GLN Z 41 -56.96 -69.07 -73.10
N LYS Z 42 -58.16 -68.51 -72.99
CA LYS Z 42 -59.12 -68.91 -71.99
C LYS Z 42 -60.29 -69.69 -72.59
N GLY Z 43 -60.37 -69.80 -73.91
CA GLY Z 43 -61.41 -70.58 -74.54
C GLY Z 43 -62.59 -69.75 -74.95
N ASN Z 44 -62.33 -68.66 -75.67
CA ASN Z 44 -63.38 -67.78 -76.17
C ASN Z 44 -63.28 -67.75 -77.68
N MET Z 45 -64.35 -68.16 -78.34
CA MET Z 45 -64.41 -68.09 -79.78
C MET Z 45 -65.06 -66.80 -80.25
N GLU Z 46 -66.23 -66.50 -79.70
CA GLU Z 46 -66.99 -65.35 -80.18
C GLU Z 46 -66.22 -64.06 -79.98
N VAL Z 47 -65.57 -63.92 -78.83
CA VAL Z 47 -64.76 -62.72 -78.59
C VAL Z 47 -63.68 -62.63 -79.64
N ALA Z 48 -63.08 -63.76 -79.97
CA ALA Z 48 -62.05 -63.79 -80.99
C ALA Z 48 -62.62 -63.33 -82.32
N ARG Z 49 -63.78 -63.86 -82.71
CA ARG Z 49 -64.40 -63.44 -83.96
C ARG Z 49 -64.66 -61.94 -83.96
N ILE Z 50 -65.19 -61.43 -82.85
CA ILE Z 50 -65.55 -60.02 -82.78
C ILE Z 50 -64.31 -59.16 -82.94
N HIS Z 51 -63.29 -59.45 -82.16
CA HIS Z 51 -62.07 -58.67 -82.24
C HIS Z 51 -61.43 -58.77 -83.61
N ALA Z 52 -61.54 -59.94 -84.24
CA ALA Z 52 -61.00 -60.11 -85.58
C ALA Z 52 -61.73 -59.23 -86.58
N GLU Z 53 -63.06 -59.18 -86.46
CA GLU Z 53 -63.83 -58.28 -87.30
C GLU Z 53 -63.41 -56.85 -87.08
N ASN Z 54 -63.19 -56.49 -85.82
CA ASN Z 54 -62.74 -55.15 -85.49
C ASN Z 54 -61.41 -54.83 -86.15
N ALA Z 55 -60.48 -55.78 -86.07
CA ALA Z 55 -59.17 -55.60 -86.66
C ALA Z 55 -59.26 -55.44 -88.17
N ILE Z 56 -60.13 -56.24 -88.79
CA ILE Z 56 -60.30 -56.13 -90.23
C ILE Z 56 -60.83 -54.77 -90.60
N ARG Z 57 -61.82 -54.29 -89.84
CA ARG Z 57 -62.36 -52.98 -90.09
C ARG Z 57 -61.29 -51.92 -89.96
N GLN Z 58 -60.49 -52.00 -88.90
CA GLN Z 58 -59.44 -51.03 -88.67
C GLN Z 58 -58.42 -51.07 -89.78
N LYS Z 59 -58.09 -52.25 -90.27
CA LYS Z 59 -57.13 -52.37 -91.36
C LYS Z 59 -57.67 -51.75 -92.62
N ASN Z 60 -58.91 -52.06 -92.96
CA ASN Z 60 -59.52 -51.51 -94.16
C ASN Z 60 -59.55 -49.99 -94.08
N GLN Z 61 -59.90 -49.47 -92.91
CA GLN Z 61 -60.01 -48.04 -92.72
C GLN Z 61 -58.65 -47.38 -92.77
N ALA Z 62 -57.64 -48.03 -92.21
CA ALA Z 62 -56.28 -47.55 -92.31
C ALA Z 62 -55.84 -47.48 -93.76
N VAL Z 63 -56.17 -48.50 -94.53
CA VAL Z 63 -55.82 -48.54 -95.93
C VAL Z 63 -56.49 -47.39 -96.67
N ASN Z 64 -57.76 -47.18 -96.40
CA ASN Z 64 -58.49 -46.12 -97.07
C ASN Z 64 -57.91 -44.76 -96.72
N PHE Z 65 -57.57 -44.58 -95.45
CA PHE Z 65 -56.95 -43.32 -95.03
C PHE Z 65 -55.61 -43.13 -95.69
N LEU Z 66 -54.87 -44.21 -95.86
CA LEU Z 66 -53.58 -44.11 -96.52
C LEU Z 66 -53.74 -43.72 -97.98
N ARG Z 67 -54.71 -44.32 -98.66
CA ARG Z 67 -54.98 -43.96 -100.04
C ARG Z 67 -55.36 -42.51 -100.16
N MET Z 68 -56.31 -42.08 -99.33
CA MET Z 68 -56.78 -40.71 -99.38
C MET Z 68 -55.66 -39.74 -99.06
N SER Z 69 -54.85 -40.06 -98.05
CA SER Z 69 -53.73 -39.21 -97.70
C SER Z 69 -52.75 -39.10 -98.84
N ALA Z 70 -52.48 -40.22 -99.51
CA ALA Z 70 -51.57 -40.19 -100.64
C ALA Z 70 -52.10 -39.33 -101.77
N ARG Z 71 -53.39 -39.47 -102.07
CA ARG Z 71 -53.97 -38.65 -103.11
C ARG Z 71 -53.88 -37.18 -102.76
N VAL Z 72 -54.18 -36.86 -101.50
CA VAL Z 72 -54.11 -35.47 -101.04
C VAL Z 72 -52.69 -34.97 -101.13
N ASP Z 73 -51.73 -35.84 -100.86
CA ASP Z 73 -50.33 -35.45 -100.95
C ASP Z 73 -49.96 -35.14 -102.39
N ALA Z 74 -50.43 -35.97 -103.32
CA ALA Z 74 -50.19 -35.70 -104.72
C ALA Z 74 -50.75 -34.35 -105.13
N VAL Z 75 -51.97 -34.08 -104.68
CA VAL Z 75 -52.61 -32.81 -105.01
C VAL Z 75 -51.81 -31.65 -104.45
N ALA Z 76 -51.41 -31.76 -103.19
CA ALA Z 76 -50.65 -30.70 -102.56
C ALA Z 76 -49.33 -30.48 -103.27
N ALA Z 77 -48.74 -31.57 -103.76
CA ALA Z 77 -47.48 -31.46 -104.48
C ALA Z 77 -47.67 -30.72 -105.78
N ARG Z 78 -48.73 -31.06 -106.51
CA ARG Z 78 -49.06 -30.32 -107.71
C ARG Z 78 -49.25 -28.84 -107.41
N VAL Z 79 -49.89 -28.56 -106.28
CA VAL Z 79 -50.14 -27.17 -105.91
C VAL Z 79 -48.84 -26.44 -105.64
N GLN Z 80 -47.94 -27.09 -104.91
CA GLN Z 80 -46.64 -26.48 -104.63
C GLN Z 80 -45.89 -26.22 -105.92
N THR Z 81 -45.96 -27.17 -106.84
CA THR Z 81 -45.36 -26.98 -108.15
C THR Z 81 -45.93 -25.73 -108.81
N ALA Z 82 -47.25 -25.59 -108.77
CA ALA Z 82 -47.88 -24.44 -109.39
C ALA Z 82 -47.42 -23.14 -108.76
N VAL Z 83 -47.32 -23.14 -107.43
CA VAL Z 83 -46.94 -21.91 -106.72
C VAL Z 83 -45.52 -21.53 -107.05
N THR Z 84 -44.64 -22.51 -107.07
CA THR Z 84 -43.26 -22.27 -107.45
C THR Z 84 -43.17 -21.72 -108.86
N MET Z 85 -43.94 -22.30 -109.78
CA MET Z 85 -43.96 -21.80 -111.15
C MET Z 85 -44.46 -20.37 -111.19
N GLY Z 86 -45.41 -20.03 -110.32
CA GLY Z 86 -45.90 -18.66 -110.30
C GLY Z 86 -44.84 -17.69 -109.81
N LYS Z 87 -44.14 -18.05 -108.74
CA LYS Z 87 -43.01 -17.25 -108.29
C LYS Z 87 -42.02 -17.04 -109.41
N VAL Z 88 -41.73 -18.12 -110.13
CA VAL Z 88 -40.78 -18.05 -111.23
C VAL Z 88 -41.26 -17.10 -112.29
N THR Z 89 -42.54 -17.18 -112.64
CA THR Z 89 -43.10 -16.30 -113.65
C THR Z 89 -42.99 -14.86 -113.22
N LYS Z 90 -43.23 -14.59 -111.93
CA LYS Z 90 -43.08 -13.24 -111.42
C LYS Z 90 -41.66 -12.75 -111.61
N SER Z 91 -40.70 -13.52 -111.09
CA SER Z 91 -39.31 -13.13 -111.22
C SER Z 91 -38.93 -12.89 -112.68
N MET Z 92 -39.44 -13.74 -113.56
CA MET Z 92 -39.10 -13.64 -114.98
C MET Z 92 -39.70 -12.40 -115.60
N ALA Z 93 -40.92 -12.05 -115.22
CA ALA Z 93 -41.53 -10.83 -115.71
C ALA Z 93 -40.75 -9.61 -115.24
N GLY Z 94 -40.31 -9.63 -113.99
CA GLY Z 94 -39.46 -8.54 -113.51
C GLY Z 94 -38.19 -8.43 -114.34
N VAL Z 95 -37.57 -9.58 -114.61
CA VAL Z 95 -36.36 -9.58 -115.41
C VAL Z 95 -36.65 -9.03 -116.79
N VAL Z 96 -37.81 -9.38 -117.34
CA VAL Z 96 -38.19 -8.88 -118.65
C VAL Z 96 -38.24 -7.36 -118.63
N LYS Z 97 -38.96 -6.81 -117.65
CA LYS Z 97 -39.04 -5.36 -117.52
C LYS Z 97 -37.65 -4.75 -117.48
N SER Z 98 -36.81 -5.26 -116.59
CA SER Z 98 -35.49 -4.67 -116.38
C SER Z 98 -34.64 -4.75 -117.64
N MET Z 99 -34.64 -5.92 -118.29
CA MET Z 99 -33.81 -6.10 -119.47
C MET Z 99 -34.32 -5.31 -120.65
N ASP Z 100 -35.64 -5.19 -120.78
CA ASP Z 100 -36.18 -4.33 -121.82
C ASP Z 100 -35.76 -2.90 -121.60
N ALA Z 101 -35.80 -2.45 -120.35
CA ALA Z 101 -35.30 -1.11 -120.03
C ALA Z 101 -33.84 -0.97 -120.45
N THR Z 102 -33.02 -1.95 -120.10
CA THR Z 102 -31.60 -1.87 -120.41
C THR Z 102 -31.38 -1.81 -121.91
N LEU Z 103 -32.02 -2.71 -122.65
CA LEU Z 103 -31.88 -2.72 -124.11
C LEU Z 103 -32.38 -1.43 -124.73
N LYS Z 104 -33.38 -0.79 -124.11
CA LYS Z 104 -33.84 0.50 -124.60
C LYS Z 104 -32.80 1.57 -124.34
N THR Z 105 -32.11 1.50 -123.21
CA THR Z 105 -31.07 2.47 -122.91
C THR Z 105 -29.85 2.25 -123.79
N MET Z 106 -29.30 1.05 -123.75
CA MET Z 106 -28.09 0.73 -124.49
C MET Z 106 -28.43 -0.12 -125.71
N ASN Z 107 -27.64 0.08 -126.76
CA ASN Z 107 -27.83 -0.62 -128.02
C ASN Z 107 -26.46 -1.07 -128.51
N LEU Z 108 -26.46 -1.71 -129.68
CA LEU Z 108 -25.23 -2.26 -130.25
C LEU Z 108 -24.46 -1.24 -131.06
N GLU Z 109 -25.13 -0.26 -131.67
CA GLU Z 109 -24.42 0.74 -132.45
C GLU Z 109 -23.51 1.57 -131.56
N LYS Z 110 -23.94 1.84 -130.32
CA LYS Z 110 -23.07 2.53 -129.38
C LYS Z 110 -21.82 1.71 -129.12
N ILE Z 111 -21.97 0.39 -128.96
CA ILE Z 111 -20.82 -0.48 -128.72
C ILE Z 111 -19.87 -0.44 -129.90
N SER Z 112 -20.42 -0.54 -131.11
CA SER Z 112 -19.58 -0.53 -132.31
C SER Z 112 -18.85 0.79 -132.45
N ALA Z 113 -19.54 1.90 -132.18
CA ALA Z 113 -18.90 3.20 -132.26
C ALA Z 113 -17.78 3.30 -131.22
N LEU Z 114 -18.04 2.86 -130.01
CA LEU Z 114 -17.02 2.91 -128.97
C LEU Z 114 -15.81 2.08 -129.35
N MET Z 115 -16.05 0.90 -129.93
CA MET Z 115 -14.92 0.04 -130.29
C MET Z 115 -14.15 0.60 -131.47
N ASP Z 116 -14.84 1.17 -132.46
CA ASP Z 116 -14.14 1.81 -133.57
C ASP Z 116 -13.30 2.97 -133.07
N LYS Z 117 -13.87 3.78 -132.17
CA LYS Z 117 -13.09 4.81 -131.52
C LYS Z 117 -11.86 4.22 -130.87
N PHE Z 118 -12.07 3.25 -129.96
CA PHE Z 118 -10.96 2.67 -129.23
C PHE Z 118 -9.85 2.25 -130.17
N GLU Z 119 -10.24 1.64 -131.29
CA GLU Z 119 -9.27 1.23 -132.29
C GLU Z 119 -8.50 2.43 -132.82
N HIS Z 120 -9.22 3.48 -133.23
CA HIS Z 120 -8.56 4.65 -133.79
C HIS Z 120 -7.65 5.34 -132.76
N GLN Z 121 -8.13 5.47 -131.53
CA GLN Z 121 -7.33 6.12 -130.50
C GLN Z 121 -6.09 5.31 -130.20
N PHE Z 122 -6.23 3.99 -130.12
CA PHE Z 122 -5.06 3.16 -129.86
C PHE Z 122 -4.10 3.18 -131.03
N GLU Z 123 -4.61 3.29 -132.25
CA GLU Z 123 -3.74 3.42 -133.41
C GLU Z 123 -2.95 4.72 -133.36
N THR Z 124 -3.63 5.82 -133.02
CA THR Z 124 -2.95 7.09 -132.89
C THR Z 124 -1.92 7.05 -131.77
N LEU Z 125 -2.27 6.37 -130.67
CA LEU Z 125 -1.34 6.23 -129.56
C LEU Z 125 -0.13 5.40 -129.95
N ASP Z 126 -0.35 4.33 -130.72
CA ASP Z 126 0.76 3.53 -131.20
C ASP Z 126 1.66 4.36 -132.09
N VAL Z 127 1.07 5.20 -132.94
CA VAL Z 127 1.86 6.08 -133.78
C VAL Z 127 2.68 7.05 -132.95
N GLN Z 128 2.06 7.63 -131.93
CA GLN Z 128 2.77 8.58 -131.07
C GLN Z 128 3.91 7.88 -130.35
N THR Z 129 3.67 6.67 -129.86
CA THR Z 129 4.72 5.92 -129.16
C THR Z 129 5.86 5.56 -130.10
N GLN Z 130 5.52 5.19 -131.33
CA GLN Z 130 6.56 4.89 -132.31
C GLN Z 130 7.40 6.12 -132.61
N GLN Z 131 6.73 7.28 -132.75
CA GLN Z 131 7.46 8.52 -132.96
C GLN Z 131 8.37 8.83 -131.79
N MET Z 132 7.87 8.67 -130.56
CA MET Z 132 8.69 8.89 -129.38
C MET Z 132 9.88 7.95 -129.35
N GLU Z 133 9.65 6.67 -129.65
CA GLU Z 133 10.74 5.71 -129.68
C GLU Z 133 11.79 6.13 -130.70
N ASP Z 134 11.36 6.47 -131.90
CA ASP Z 134 12.29 6.88 -132.95
C ASP Z 134 13.10 8.09 -132.51
N THR Z 135 12.43 9.10 -131.97
CA THR Z 135 13.11 10.33 -131.58
C THR Z 135 14.11 10.08 -130.46
N MET Z 136 13.65 9.42 -129.39
CA MET Z 136 14.51 9.16 -128.25
C MET Z 136 15.66 8.21 -128.59
N SER Z 137 15.49 7.35 -129.60
CA SER Z 137 16.59 6.51 -130.05
C SER Z 137 17.56 7.28 -130.91
N SER Z 138 17.05 8.22 -131.72
CA SER Z 138 17.92 9.06 -132.53
C SER Z 138 18.76 9.98 -131.66
N THR Z 139 18.19 10.45 -130.55
CA THR Z 139 18.94 11.32 -129.65
C THR Z 139 20.09 10.58 -129.00
N THR Z 140 19.82 9.37 -128.50
CA THR Z 140 20.81 8.58 -127.76
C THR Z 140 21.51 7.63 -128.73
N THR Z 141 22.58 8.12 -129.36
CA THR Z 141 23.33 7.31 -130.30
C THR Z 141 24.84 7.34 -130.06
N LEU Z 142 25.36 8.46 -129.58
CA LEU Z 142 26.80 8.59 -129.41
C LEU Z 142 27.31 7.85 -128.19
N THR Z 143 26.62 8.00 -127.07
CA THR Z 143 27.07 7.48 -125.78
C THR Z 143 26.68 6.03 -125.57
N THR Z 144 26.42 5.29 -126.66
CA THR Z 144 26.30 3.83 -126.59
C THR Z 144 26.73 3.23 -127.92
N PRO Z 145 28.03 3.19 -128.19
CA PRO Z 145 28.49 2.45 -129.36
C PRO Z 145 28.06 1.00 -129.26
N GLN Z 146 28.07 0.31 -130.39
CA GLN Z 146 27.69 -1.09 -130.39
C GLN Z 146 28.84 -2.00 -130.01
N ASN Z 147 30.06 -1.60 -130.33
CA ASN Z 147 31.22 -2.41 -130.00
C ASN Z 147 31.39 -2.53 -128.50
N GLN Z 148 31.23 -1.43 -127.78
CA GLN Z 148 31.36 -1.49 -126.33
C GLN Z 148 30.29 -2.36 -125.71
N VAL Z 149 29.07 -2.24 -126.22
CA VAL Z 149 27.97 -3.05 -125.70
C VAL Z 149 28.24 -4.52 -125.97
N ASP Z 150 28.72 -4.83 -127.16
CA ASP Z 150 29.02 -6.21 -127.51
C ASP Z 150 30.12 -6.76 -126.63
N MET Z 151 31.16 -5.96 -126.41
CA MET Z 151 32.25 -6.40 -125.55
C MET Z 151 31.76 -6.66 -124.14
N LEU Z 152 30.95 -5.74 -123.61
CA LEU Z 152 30.45 -5.90 -122.27
C LEU Z 152 29.55 -7.11 -122.17
N LEU Z 153 28.71 -7.33 -123.19
CA LEU Z 153 27.82 -8.48 -123.17
C LEU Z 153 28.60 -9.76 -123.18
N GLN Z 154 29.61 -9.84 -124.04
CA GLN Z 154 30.47 -11.01 -124.08
C GLN Z 154 31.15 -11.22 -122.74
N GLU Z 155 31.62 -10.13 -122.13
CA GLU Z 155 32.33 -10.22 -120.87
C GLU Z 155 31.42 -10.73 -119.77
N MET Z 156 30.24 -10.15 -119.66
CA MET Z 156 29.32 -10.54 -118.61
C MET Z 156 28.74 -11.92 -118.86
N ALA Z 157 28.63 -12.33 -120.12
CA ALA Z 157 28.17 -13.67 -120.42
C ALA Z 157 29.23 -14.70 -120.07
N ASP Z 158 30.50 -14.36 -120.29
CA ASP Z 158 31.59 -15.22 -119.86
C ASP Z 158 31.65 -15.28 -118.34
N GLU Z 159 31.39 -14.16 -117.68
CA GLU Z 159 31.39 -14.13 -116.23
C GLU Z 159 30.28 -15.01 -115.68
N ALA Z 160 29.06 -14.81 -116.17
CA ALA Z 160 27.95 -15.65 -115.76
C ALA Z 160 28.17 -17.09 -116.21
N GLY Z 161 28.66 -17.28 -117.43
CA GLY Z 161 28.91 -18.60 -117.95
C GLY Z 161 27.93 -19.00 -119.03
N LEU Z 162 27.49 -18.05 -119.85
CA LEU Z 162 26.57 -18.31 -120.94
C LEU Z 162 27.11 -17.69 -122.22
N ASP Z 163 26.50 -18.07 -123.33
CA ASP Z 163 26.84 -17.56 -124.65
C ASP Z 163 25.62 -16.97 -125.32
N LEU Z 164 25.85 -15.97 -126.16
CA LEU Z 164 24.79 -15.28 -126.88
C LEU Z 164 24.89 -15.54 -128.38
#